data_8FC0
#
_entry.id   8FC0
#
_cell.length_a   97.559
_cell.length_b   97.823
_cell.length_c   100.198
_cell.angle_alpha   66.05
_cell.angle_beta   69.68
_cell.angle_gamma   70.02
#
_symmetry.space_group_name_H-M   'P 1'
#
loop_
_entity.id
_entity.type
_entity.pdbx_description
1 polymer 'CelE2 (Fragment)'
2 non-polymer 'BROMIDE ION'
3 water water
#
_entity_poly.entity_id   1
_entity_poly.type   'polypeptide(L)'
_entity_poly.pdbx_seq_one_letter_code
;LSISDASATEPGSGGIAPGFLRTSGNQILDSQGKPVQLTGVNWFGAQSSNGVPDGLWTRNYKDMIDQMAGQGFNTIRIPY
ASALLHTNAAPSGINYNANPDLQGLTRMQVLDKIIDYAGQAGMRVILDHHRSTEGAGTSENGLWYDSQYTEDAWVSDWQT
LATRYKNNPTVIGFDLHNEPYNGTWGGGGANDWARAAERAGNAALAINPNLLIIVEGVGSYKGDNYWWGGQLQGVKDRPI
QLNVANRVVYSPHDYPNSVWQQPWFQGDNFGAGLPAKFRSEWGYIYEQNIAPIYIGEFGTKLIDPKDAVWLEALTSYLSG
DFDNNGTIDIPAGTEDMSWTFWSWNPNSGDTGGILADDWRTINQNKMVYLKPIQYTGGNGT
;
_entity_poly.pdbx_strand_id   A,B,C,D,E,F,G,H
#
loop_
_chem_comp.id
_chem_comp.type
_chem_comp.name
_chem_comp.formula
BR non-polymer 'BROMIDE ION' 'Br -1'
#
# COMPACT_ATOMS: atom_id res chain seq x y z
N ILE A 16 -13.56 44.98 -25.90
CA ILE A 16 -13.34 45.25 -27.32
C ILE A 16 -14.68 45.37 -28.04
N ALA A 17 -14.77 46.34 -28.94
CA ALA A 17 -16.00 46.57 -29.69
C ALA A 17 -16.39 45.31 -30.46
N PRO A 18 -17.70 45.00 -30.54
CA PRO A 18 -18.11 43.77 -31.23
C PRO A 18 -17.73 43.79 -32.69
N GLY A 19 -17.48 42.59 -33.22
CA GLY A 19 -17.04 42.41 -34.59
C GLY A 19 -15.61 41.94 -34.66
N PHE A 20 -15.21 41.57 -35.88
CA PHE A 20 -13.87 41.06 -36.11
C PHE A 20 -12.84 42.19 -36.02
N LEU A 21 -11.56 41.79 -36.05
CA LEU A 21 -10.44 42.69 -35.90
C LEU A 21 -9.66 42.80 -37.21
N ARG A 22 -8.72 43.73 -37.22
CA ARG A 22 -7.84 43.93 -38.36
C ARG A 22 -6.51 44.48 -37.87
N THR A 23 -5.52 44.49 -38.75
CA THR A 23 -4.21 45.05 -38.44
C THR A 23 -3.98 46.33 -39.23
N SER A 24 -3.14 47.20 -38.68
CA SER A 24 -2.71 48.42 -39.36
C SER A 24 -1.34 48.77 -38.80
N GLY A 25 -0.29 48.55 -39.58
CA GLY A 25 1.04 48.63 -39.02
C GLY A 25 1.21 47.57 -37.95
N ASN A 26 1.77 47.97 -36.81
CA ASN A 26 1.96 47.06 -35.68
C ASN A 26 0.78 47.02 -34.74
N GLN A 27 -0.38 47.53 -35.16
CA GLN A 27 -1.56 47.66 -34.31
C GLN A 27 -2.65 46.70 -34.74
N ILE A 28 -3.40 46.22 -33.75
CA ILE A 28 -4.63 45.47 -33.98
C ILE A 28 -5.80 46.41 -33.73
N LEU A 29 -6.70 46.53 -34.70
CA LEU A 29 -7.81 47.46 -34.64
C LEU A 29 -9.14 46.71 -34.51
N ASP A 30 -10.08 47.31 -33.78
CA ASP A 30 -11.41 46.75 -33.65
C ASP A 30 -12.28 47.23 -34.81
N SER A 31 -13.58 46.92 -34.76
CA SER A 31 -14.48 47.22 -35.87
C SER A 31 -14.72 48.71 -36.07
N GLN A 32 -14.30 49.57 -35.14
CA GLN A 32 -14.44 51.00 -35.28
C GLN A 32 -13.12 51.70 -35.55
N GLY A 33 -12.08 50.94 -35.88
CA GLY A 33 -10.77 51.52 -36.15
C GLY A 33 -9.96 51.86 -34.92
N LYS A 34 -10.37 51.40 -33.74
CA LYS A 34 -9.65 51.73 -32.51
C LYS A 34 -8.61 50.65 -32.22
N PRO A 35 -7.38 51.03 -31.89
CA PRO A 35 -6.37 50.03 -31.51
C PRO A 35 -6.76 49.34 -30.20
N VAL A 36 -6.69 48.01 -30.21
CA VAL A 36 -6.98 47.22 -29.02
C VAL A 36 -5.78 46.36 -28.69
N GLN A 37 -5.87 45.57 -27.63
CA GLN A 37 -4.77 44.73 -27.18
C GLN A 37 -5.33 43.42 -26.64
N LEU A 38 -4.72 42.31 -27.07
CA LEU A 38 -5.11 40.98 -26.65
C LEU A 38 -4.17 40.56 -25.52
N THR A 39 -4.70 40.47 -24.31
CA THR A 39 -3.93 40.09 -23.13
C THR A 39 -4.68 38.96 -22.43
N GLY A 40 -4.29 37.72 -22.70
CA GLY A 40 -5.00 36.59 -22.15
C GLY A 40 -4.14 35.44 -21.65
N VAL A 41 -4.70 34.23 -21.70
CA VAL A 41 -4.05 33.04 -21.16
C VAL A 41 -4.25 31.88 -22.13
N ASN A 42 -3.40 30.87 -21.97
CA ASN A 42 -3.55 29.60 -22.67
C ASN A 42 -4.39 28.66 -21.82
N TRP A 43 -5.43 28.08 -22.41
CA TRP A 43 -6.23 27.05 -21.77
C TRP A 43 -6.13 25.79 -22.63
N PHE A 44 -5.13 24.95 -22.34
CA PHE A 44 -4.88 23.77 -23.15
C PHE A 44 -5.63 22.57 -22.60
N GLY A 45 -5.69 21.51 -23.43
CA GLY A 45 -6.40 20.30 -23.08
C GLY A 45 -7.14 19.70 -24.25
N ALA A 46 -7.67 20.54 -25.13
CA ALA A 46 -8.42 20.06 -26.30
C ALA A 46 -7.54 19.37 -27.33
N GLN A 47 -6.22 19.48 -27.21
CA GLN A 47 -5.31 18.72 -28.06
C GLN A 47 -4.98 17.35 -27.48
N SER A 48 -5.41 17.07 -26.24
CA SER A 48 -5.13 15.81 -25.58
C SER A 48 -6.17 14.77 -25.94
N SER A 49 -6.02 13.56 -25.37
CA SER A 49 -6.94 12.47 -25.69
C SER A 49 -8.35 12.71 -25.15
N ASN A 50 -8.50 13.59 -24.16
CA ASN A 50 -9.82 13.90 -23.64
C ASN A 50 -10.64 14.73 -24.63
N GLY A 51 -9.98 15.52 -25.47
CA GLY A 51 -10.67 16.31 -26.47
C GLY A 51 -11.34 17.56 -25.97
N VAL A 52 -11.11 17.94 -24.72
CA VAL A 52 -11.66 19.17 -24.15
C VAL A 52 -10.60 19.83 -23.29
N PRO A 53 -10.70 21.16 -23.13
CA PRO A 53 -9.76 21.85 -22.23
C PRO A 53 -9.78 21.26 -20.83
N ASP A 54 -8.61 21.28 -20.19
CA ASP A 54 -8.41 20.63 -18.90
C ASP A 54 -9.15 21.36 -17.78
N GLY A 55 -9.29 20.66 -16.65
CA GLY A 55 -9.80 21.25 -15.43
C GLY A 55 -11.28 21.05 -15.19
N LEU A 56 -12.02 20.60 -16.20
CA LEU A 56 -13.45 20.38 -16.02
C LEU A 56 -13.76 19.13 -15.21
N TRP A 57 -12.74 18.38 -14.79
CA TRP A 57 -12.95 17.29 -13.83
C TRP A 57 -13.17 17.81 -12.41
N THR A 58 -12.87 19.09 -12.16
CA THR A 58 -13.07 19.68 -10.84
C THR A 58 -13.72 21.06 -10.88
N ARG A 59 -13.53 21.84 -11.94
CA ARG A 59 -14.12 23.16 -12.07
C ARG A 59 -15.27 23.15 -13.08
N ASN A 60 -16.12 24.16 -13.00
CA ASN A 60 -17.16 24.40 -14.00
C ASN A 60 -16.62 25.36 -15.05
N TYR A 61 -16.99 25.13 -16.31
CA TYR A 61 -16.36 25.87 -17.40
C TYR A 61 -16.73 27.34 -17.41
N LYS A 62 -17.94 27.67 -16.94
CA LYS A 62 -18.31 29.08 -16.85
C LYS A 62 -17.58 29.77 -15.70
N ASP A 63 -17.41 29.05 -14.58
CA ASP A 63 -16.67 29.61 -13.45
C ASP A 63 -15.22 29.93 -13.85
N MET A 64 -14.62 29.07 -14.69
CA MET A 64 -13.25 29.31 -15.11
C MET A 64 -13.14 30.53 -16.01
N ILE A 65 -14.07 30.68 -16.96
CA ILE A 65 -14.03 31.82 -17.86
C ILE A 65 -14.28 33.11 -17.10
N ASP A 66 -15.28 33.12 -16.20
CA ASP A 66 -15.52 34.28 -15.36
C ASP A 66 -14.28 34.64 -14.56
N GLN A 67 -13.59 33.64 -14.02
CA GLN A 67 -12.39 33.90 -13.22
C GLN A 67 -11.27 34.48 -14.08
N MET A 68 -11.13 34.01 -15.31
CA MET A 68 -10.19 34.61 -16.25
C MET A 68 -10.49 36.10 -16.44
N ALA A 69 -11.75 36.42 -16.76
CA ALA A 69 -12.13 37.81 -16.99
C ALA A 69 -11.99 38.63 -15.72
N GLY A 70 -12.28 38.03 -14.56
CA GLY A 70 -12.11 38.72 -13.30
C GLY A 70 -10.68 39.01 -12.94
N GLN A 71 -9.73 38.30 -13.55
CA GLN A 71 -8.31 38.57 -13.34
C GLN A 71 -7.74 39.55 -14.35
N GLY A 72 -8.57 40.11 -15.25
CA GLY A 72 -8.12 41.10 -16.20
C GLY A 72 -7.74 40.58 -17.57
N PHE A 73 -7.93 39.29 -17.83
CA PHE A 73 -7.60 38.72 -19.13
C PHE A 73 -8.80 38.86 -20.07
N ASN A 74 -8.50 38.98 -21.37
CA ASN A 74 -9.54 39.18 -22.38
C ASN A 74 -9.42 38.24 -23.57
N THR A 75 -8.50 37.29 -23.53
CA THR A 75 -8.29 36.39 -24.66
C THR A 75 -7.95 35.00 -24.15
N ILE A 76 -8.49 33.97 -24.82
CA ILE A 76 -8.13 32.58 -24.54
C ILE A 76 -7.52 31.99 -25.80
N ARG A 77 -6.26 31.59 -25.71
CA ARG A 77 -5.66 30.76 -26.74
C ARG A 77 -5.98 29.31 -26.45
N ILE A 78 -6.70 28.66 -27.36
CA ILE A 78 -7.17 27.29 -27.14
C ILE A 78 -6.44 26.34 -28.07
N PRO A 79 -5.45 25.60 -27.59
CA PRO A 79 -4.83 24.56 -28.42
C PRO A 79 -5.81 23.43 -28.71
N TYR A 80 -5.69 22.88 -29.92
CA TYR A 80 -6.42 21.68 -30.32
C TYR A 80 -5.50 20.82 -31.15
N ALA A 81 -5.91 19.57 -31.35
CA ALA A 81 -5.20 18.63 -32.21
C ALA A 81 -6.03 18.36 -33.45
N SER A 82 -5.35 18.03 -34.55
CA SER A 82 -6.05 17.65 -35.78
C SER A 82 -7.03 16.50 -35.53
N ALA A 83 -6.64 15.56 -34.65
CA ALA A 83 -7.50 14.42 -34.35
C ALA A 83 -8.85 14.84 -33.77
N LEU A 84 -8.93 16.02 -33.14
CA LEU A 84 -10.20 16.49 -32.60
C LEU A 84 -11.26 16.63 -33.67
N LEU A 85 -10.87 17.01 -34.88
CA LEU A 85 -11.80 17.33 -35.94
C LEU A 85 -12.35 16.09 -36.65
N HIS A 86 -11.88 14.90 -36.28
CA HIS A 86 -12.28 13.67 -36.97
C HIS A 86 -12.66 12.53 -36.04
N THR A 87 -12.63 12.75 -34.73
CA THR A 87 -12.97 11.69 -33.79
C THR A 87 -14.45 11.74 -33.44
N ASN A 88 -15.03 10.56 -33.22
CA ASN A 88 -16.39 10.43 -32.75
C ASN A 88 -16.45 10.06 -31.27
N ALA A 89 -15.30 9.86 -30.64
CA ALA A 89 -15.26 9.53 -29.22
C ALA A 89 -15.88 10.66 -28.41
N ALA A 90 -16.63 10.29 -27.38
CA ALA A 90 -17.15 11.28 -26.46
C ALA A 90 -16.00 11.91 -25.67
N PRO A 91 -16.17 13.14 -25.20
CA PRO A 91 -15.15 13.72 -24.31
C PRO A 91 -15.03 12.89 -23.04
N SER A 92 -13.86 13.00 -22.40
CA SER A 92 -13.58 12.28 -21.17
C SER A 92 -13.08 13.22 -20.09
N GLY A 93 -13.35 12.86 -18.84
CA GLY A 93 -12.86 13.59 -17.70
C GLY A 93 -13.82 14.61 -17.12
N ILE A 94 -14.80 15.08 -17.90
CA ILE A 94 -15.66 16.16 -17.44
C ILE A 94 -16.49 15.68 -16.25
N ASN A 95 -16.54 16.51 -15.21
CA ASN A 95 -17.41 16.29 -14.06
C ASN A 95 -18.78 16.88 -14.41
N TYR A 96 -19.72 16.00 -14.74
CA TYR A 96 -21.05 16.46 -15.19
C TYR A 96 -21.96 16.87 -14.04
N ASN A 97 -21.59 16.56 -12.79
CA ASN A 97 -22.30 17.16 -11.66
C ASN A 97 -22.03 18.65 -11.58
N ALA A 98 -20.77 19.05 -11.86
CA ALA A 98 -20.38 20.46 -11.85
C ALA A 98 -20.57 21.13 -13.20
N ASN A 99 -20.61 20.36 -14.29
CA ASN A 99 -20.85 20.87 -15.64
C ASN A 99 -22.07 20.20 -16.25
N PRO A 100 -23.26 20.38 -15.65
CA PRO A 100 -24.43 19.64 -16.15
C PRO A 100 -24.84 20.04 -17.56
N ASP A 101 -24.58 21.28 -17.98
CA ASP A 101 -24.94 21.70 -19.32
C ASP A 101 -24.06 21.07 -20.41
N LEU A 102 -22.99 20.39 -20.03
CA LEU A 102 -22.12 19.73 -20.99
C LEU A 102 -22.43 18.24 -21.13
N GLN A 103 -23.44 17.75 -20.42
CA GLN A 103 -23.80 16.33 -20.50
C GLN A 103 -24.23 15.98 -21.91
N GLY A 104 -23.72 14.85 -22.41
CA GLY A 104 -24.11 14.34 -23.71
C GLY A 104 -23.64 15.14 -24.90
N LEU A 105 -22.78 16.14 -24.69
CA LEU A 105 -22.27 16.95 -25.78
C LEU A 105 -21.01 16.31 -26.36
N THR A 106 -20.83 16.47 -27.67
CA THR A 106 -19.60 16.02 -28.31
C THR A 106 -18.44 16.95 -27.94
N ARG A 107 -17.23 16.53 -28.33
CA ARG A 107 -16.05 17.33 -28.04
C ARG A 107 -16.14 18.70 -28.71
N MET A 108 -16.56 18.74 -29.97
CA MET A 108 -16.71 20.01 -30.66
C MET A 108 -17.83 20.85 -30.06
N GLN A 109 -18.89 20.19 -29.60
CA GLN A 109 -19.99 20.93 -28.98
C GLN A 109 -19.57 21.56 -27.66
N VAL A 110 -18.65 20.92 -26.94
CA VAL A 110 -18.11 21.53 -25.72
C VAL A 110 -17.26 22.74 -26.07
N LEU A 111 -16.47 22.63 -27.14
CA LEU A 111 -15.72 23.79 -27.63
C LEU A 111 -16.67 24.93 -27.99
N ASP A 112 -17.76 24.61 -28.68
CA ASP A 112 -18.79 25.62 -28.99
C ASP A 112 -19.31 26.28 -27.72
N LYS A 113 -19.58 25.48 -26.69
CA LYS A 113 -20.09 26.04 -25.44
C LYS A 113 -19.06 26.97 -24.80
N ILE A 114 -17.79 26.58 -24.82
CA ILE A 114 -16.74 27.39 -24.20
C ILE A 114 -16.58 28.70 -24.96
N ILE A 115 -16.52 28.63 -26.30
CA ILE A 115 -16.38 29.83 -27.11
C ILE A 115 -17.58 30.76 -26.90
N ASP A 116 -18.78 30.19 -26.90
CA ASP A 116 -20.00 30.99 -26.72
C ASP A 116 -19.96 31.75 -25.41
N TYR A 117 -19.67 31.07 -24.30
CA TYR A 117 -19.66 31.74 -23.01
C TYR A 117 -18.54 32.76 -22.90
N ALA A 118 -17.38 32.47 -23.53
CA ALA A 118 -16.28 33.42 -23.49
C ALA A 118 -16.66 34.75 -24.16
N GLY A 119 -17.40 34.68 -25.26
CA GLY A 119 -17.87 35.90 -25.89
C GLY A 119 -18.88 36.63 -25.03
N GLN A 120 -19.72 35.89 -24.31
CA GLN A 120 -20.65 36.51 -23.38
C GLN A 120 -19.93 37.21 -22.24
N ALA A 121 -18.76 36.70 -21.85
CA ALA A 121 -17.98 37.27 -20.76
C ALA A 121 -17.01 38.35 -21.22
N GLY A 122 -17.14 38.81 -22.47
CA GLY A 122 -16.28 39.87 -22.97
C GLY A 122 -14.88 39.42 -23.33
N MET A 123 -14.72 38.16 -23.77
CA MET A 123 -13.42 37.61 -24.12
C MET A 123 -13.42 37.17 -25.57
N ARG A 124 -12.23 37.10 -26.16
CA ARG A 124 -12.03 36.60 -27.51
C ARG A 124 -11.22 35.31 -27.45
N VAL A 125 -11.26 34.56 -28.56
CA VAL A 125 -10.68 33.22 -28.61
C VAL A 125 -9.77 33.13 -29.82
N ILE A 126 -8.58 32.55 -29.60
CA ILE A 126 -7.65 32.22 -30.68
C ILE A 126 -7.51 30.71 -30.71
N LEU A 127 -7.78 30.11 -31.88
CA LEU A 127 -7.61 28.67 -32.05
C LEU A 127 -6.20 28.38 -32.54
N ASP A 128 -5.57 27.37 -31.94
CA ASP A 128 -4.18 27.05 -32.21
C ASP A 128 -4.06 25.58 -32.54
N HIS A 129 -3.66 25.28 -33.78
CA HIS A 129 -3.36 23.91 -34.17
C HIS A 129 -2.07 23.48 -33.49
N HIS A 130 -2.20 22.84 -32.33
CA HIS A 130 -1.05 22.53 -31.49
C HIS A 130 -0.26 21.33 -31.99
N ARG A 131 -0.95 20.33 -32.55
CA ARG A 131 -0.32 19.09 -32.95
C ARG A 131 -1.30 18.32 -33.83
N SER A 132 -0.81 17.25 -34.44
CA SER A 132 -1.63 16.43 -35.34
C SER A 132 -2.40 15.38 -34.53
N THR A 133 -1.69 14.43 -33.94
CA THR A 133 -2.32 13.43 -33.10
C THR A 133 -2.69 14.03 -31.75
N GLU A 134 -3.50 13.29 -31.00
CA GLU A 134 -3.79 13.66 -29.63
C GLU A 134 -2.55 13.45 -28.77
N GLY A 135 -2.16 14.50 -28.05
CA GLY A 135 -0.99 14.41 -27.20
C GLY A 135 -0.95 15.55 -26.22
N ALA A 136 0.17 15.66 -25.51
CA ALA A 136 0.33 16.70 -24.51
C ALA A 136 0.79 18.02 -25.16
N GLY A 137 2.05 18.09 -25.56
CA GLY A 137 2.60 19.35 -26.02
C GLY A 137 2.96 19.43 -27.49
N THR A 138 4.05 20.13 -27.78
CA THR A 138 4.49 20.35 -29.15
C THR A 138 4.68 19.03 -29.88
N SER A 139 4.35 19.02 -31.17
CA SER A 139 4.49 17.81 -31.97
C SER A 139 5.92 17.33 -31.94
N GLU A 140 6.09 16.01 -31.72
CA GLU A 140 7.40 15.39 -31.74
C GLU A 140 8.10 15.58 -33.07
N ASN A 141 7.34 15.88 -34.12
CA ASN A 141 7.87 16.09 -35.45
C ASN A 141 8.61 17.42 -35.58
N GLY A 142 8.19 18.42 -34.81
CA GLY A 142 8.58 19.78 -35.13
C GLY A 142 7.92 20.32 -36.37
N LEU A 143 6.91 19.64 -36.89
CA LEU A 143 6.24 20.01 -38.12
C LEU A 143 4.72 20.04 -37.90
N TRP A 144 4.03 20.66 -38.85
CA TRP A 144 2.58 20.79 -38.84
C TRP A 144 1.89 19.59 -39.47
N TYR A 145 2.64 18.55 -39.82
CA TYR A 145 2.10 17.36 -40.45
C TYR A 145 2.96 16.16 -40.07
N ASP A 146 2.50 14.98 -40.43
CA ASP A 146 3.32 13.78 -40.34
C ASP A 146 2.90 12.84 -41.46
N SER A 147 3.31 11.57 -41.35
CA SER A 147 3.05 10.61 -42.43
C SER A 147 1.57 10.25 -42.54
N GLN A 148 0.76 10.53 -41.53
CA GLN A 148 -0.66 10.24 -41.57
C GLN A 148 -1.54 11.49 -41.58
N TYR A 149 -1.14 12.54 -40.86
CA TYR A 149 -1.84 13.82 -40.88
C TYR A 149 -1.11 14.71 -41.87
N THR A 150 -1.68 14.86 -43.06
CA THR A 150 -1.02 15.55 -44.15
C THR A 150 -1.19 17.06 -44.02
N GLU A 151 -0.35 17.79 -44.77
CA GLU A 151 -0.54 19.23 -44.90
C GLU A 151 -1.85 19.54 -45.62
N ASP A 152 -2.23 18.69 -46.58
CA ASP A 152 -3.52 18.85 -47.26
C ASP A 152 -4.66 18.86 -46.26
N ALA A 153 -4.70 17.86 -45.38
CA ALA A 153 -5.77 17.78 -44.38
C ALA A 153 -5.66 18.91 -43.36
N TRP A 154 -4.44 19.33 -43.03
CA TRP A 154 -4.24 20.46 -42.13
C TRP A 154 -4.85 21.74 -42.71
N VAL A 155 -4.65 21.95 -44.02
CA VAL A 155 -5.23 23.12 -44.67
C VAL A 155 -6.76 23.00 -44.73
N SER A 156 -7.24 21.84 -45.16
CA SER A 156 -8.69 21.63 -45.24
C SER A 156 -9.35 21.72 -43.87
N ASP A 157 -8.63 21.30 -42.81
CA ASP A 157 -9.19 21.38 -41.47
C ASP A 157 -9.33 22.83 -41.01
N TRP A 158 -8.37 23.69 -41.38
CA TRP A 158 -8.52 25.11 -41.07
C TRP A 158 -9.70 25.71 -41.81
N GLN A 159 -10.02 25.19 -43.00
CA GLN A 159 -11.20 25.64 -43.72
C GLN A 159 -12.47 25.19 -43.02
N THR A 160 -12.47 23.97 -42.46
CA THR A 160 -13.63 23.49 -41.73
C THR A 160 -13.87 24.34 -40.47
N LEU A 161 -12.81 24.68 -39.76
CA LEU A 161 -12.95 25.52 -38.58
C LEU A 161 -13.43 26.92 -38.93
N ALA A 162 -12.86 27.50 -39.99
CA ALA A 162 -13.29 28.83 -40.42
C ALA A 162 -14.77 28.85 -40.77
N THR A 163 -15.25 27.81 -41.43
CA THR A 163 -16.69 27.71 -41.74
C THR A 163 -17.51 27.64 -40.46
N ARG A 164 -17.06 26.86 -39.48
CA ARG A 164 -17.84 26.63 -38.27
C ARG A 164 -18.04 27.92 -37.48
N TYR A 165 -17.01 28.75 -37.40
CA TYR A 165 -17.06 30.00 -36.64
C TYR A 165 -17.06 31.23 -37.54
N LYS A 166 -17.49 31.07 -38.79
CA LYS A 166 -17.53 32.16 -39.74
C LYS A 166 -18.39 33.32 -39.24
N ASN A 167 -19.50 33.01 -38.57
CA ASN A 167 -20.43 34.02 -38.09
C ASN A 167 -20.25 34.34 -36.61
N ASN A 168 -19.11 33.96 -36.03
CA ASN A 168 -18.84 34.16 -34.61
C ASN A 168 -17.59 35.02 -34.45
N PRO A 169 -17.73 36.33 -34.24
CA PRO A 169 -16.55 37.19 -34.06
C PRO A 169 -15.85 37.00 -32.73
N THR A 170 -16.33 36.11 -31.85
CA THR A 170 -15.55 35.75 -30.67
C THR A 170 -14.24 35.07 -31.07
N VAL A 171 -14.28 34.25 -32.12
CA VAL A 171 -13.09 33.61 -32.66
C VAL A 171 -12.43 34.61 -33.60
N ILE A 172 -11.37 35.26 -33.11
CA ILE A 172 -10.78 36.39 -33.83
C ILE A 172 -9.58 36.00 -34.69
N GLY A 173 -8.93 34.87 -34.41
CA GLY A 173 -7.69 34.56 -35.09
C GLY A 173 -7.39 33.08 -35.09
N PHE A 174 -6.64 32.65 -36.11
CA PHE A 174 -6.18 31.28 -36.24
C PHE A 174 -4.68 31.26 -36.08
N ASP A 175 -4.20 30.57 -35.04
CA ASP A 175 -2.77 30.32 -34.86
C ASP A 175 -2.44 29.07 -35.66
N LEU A 176 -1.88 29.26 -36.86
CA LEU A 176 -1.89 28.21 -37.89
C LEU A 176 -1.19 26.94 -37.41
N HIS A 177 -0.08 27.07 -36.69
CA HIS A 177 0.56 25.90 -36.11
C HIS A 177 1.46 26.31 -34.96
N ASN A 178 1.48 25.48 -33.92
CA ASN A 178 2.29 25.74 -32.74
C ASN A 178 3.74 25.28 -32.97
N GLU A 179 4.67 26.22 -32.84
CA GLU A 179 6.11 25.97 -32.83
C GLU A 179 6.56 25.01 -33.93
N PRO A 180 6.56 25.44 -35.20
CA PRO A 180 7.11 24.60 -36.28
C PRO A 180 8.64 24.67 -36.33
N TYR A 181 9.27 24.21 -35.27
CA TYR A 181 10.70 24.45 -35.09
C TYR A 181 11.58 23.65 -36.06
N ASN A 182 11.02 22.66 -36.75
CA ASN A 182 11.76 21.95 -37.78
C ASN A 182 11.45 22.45 -39.18
N GLY A 183 10.60 23.47 -39.31
CA GLY A 183 10.41 24.13 -40.57
C GLY A 183 11.47 25.19 -40.81
N THR A 184 11.54 25.65 -42.06
CA THR A 184 12.44 26.74 -42.43
C THR A 184 11.63 27.91 -42.94
N TRP A 185 12.17 29.11 -42.77
CA TRP A 185 11.52 30.32 -43.25
C TRP A 185 11.99 30.59 -44.67
N GLY A 186 11.28 30.01 -45.63
CA GLY A 186 11.67 30.08 -47.03
C GLY A 186 12.23 28.76 -47.51
N GLY A 187 12.54 28.72 -48.80
CA GLY A 187 13.09 27.56 -49.46
C GLY A 187 12.13 26.86 -50.41
N GLY A 188 10.83 27.01 -50.21
CA GLY A 188 9.84 26.49 -51.12
C GLY A 188 9.53 25.01 -50.99
N GLY A 189 10.28 24.27 -50.19
CA GLY A 189 10.08 22.84 -50.05
C GLY A 189 8.92 22.50 -49.14
N ALA A 190 8.79 21.19 -48.87
CA ALA A 190 7.70 20.68 -48.05
C ALA A 190 7.78 21.17 -46.60
N ASN A 191 8.97 21.56 -46.14
CA ASN A 191 9.14 22.03 -44.77
C ASN A 191 9.31 23.54 -44.67
N ASP A 192 9.04 24.27 -45.75
CA ASP A 192 9.00 25.73 -45.71
C ASP A 192 7.77 26.17 -44.93
N TRP A 193 7.98 26.67 -43.71
CA TRP A 193 6.85 27.08 -42.89
C TRP A 193 6.18 28.34 -43.43
N ALA A 194 6.95 29.24 -44.04
CA ALA A 194 6.35 30.46 -44.59
C ALA A 194 5.40 30.13 -45.73
N ARG A 195 5.80 29.20 -46.61
CA ARG A 195 4.90 28.74 -47.67
C ARG A 195 3.65 28.08 -47.09
N ALA A 196 3.85 27.17 -46.13
CA ALA A 196 2.71 26.46 -45.54
C ALA A 196 1.76 27.41 -44.85
N ALA A 197 2.30 28.41 -44.13
CA ALA A 197 1.45 29.36 -43.44
C ALA A 197 0.66 30.21 -44.42
N GLU A 198 1.30 30.64 -45.52
CA GLU A 198 0.59 31.40 -46.53
C GLU A 198 -0.51 30.57 -47.20
N ARG A 199 -0.28 29.26 -47.35
CA ARG A 199 -1.31 28.39 -47.93
C ARG A 199 -2.49 28.24 -46.99
N ALA A 200 -2.23 27.98 -45.72
CA ALA A 200 -3.33 27.80 -44.76
C ALA A 200 -4.03 29.13 -44.47
N GLY A 201 -3.26 30.22 -44.44
CA GLY A 201 -3.86 31.52 -44.21
C GLY A 201 -4.84 31.90 -45.30
N ASN A 202 -4.43 31.75 -46.56
CA ASN A 202 -5.32 32.08 -47.67
C ASN A 202 -6.53 31.15 -47.71
N ALA A 203 -6.33 29.88 -47.39
CA ALA A 203 -7.45 28.93 -47.38
C ALA A 203 -8.48 29.32 -46.33
N ALA A 204 -8.02 29.73 -45.14
CA ALA A 204 -8.94 30.16 -44.10
C ALA A 204 -9.60 31.49 -44.46
N LEU A 205 -8.82 32.41 -45.04
CA LEU A 205 -9.35 33.73 -45.37
C LEU A 205 -10.34 33.70 -46.52
N ALA A 206 -10.28 32.69 -47.38
CA ALA A 206 -11.27 32.55 -48.44
C ALA A 206 -12.66 32.24 -47.91
N ILE A 207 -12.74 31.65 -46.71
CA ILE A 207 -14.04 31.39 -46.08
C ILE A 207 -14.43 32.53 -45.16
N ASN A 208 -13.50 33.02 -44.34
CA ASN A 208 -13.73 34.14 -43.44
C ASN A 208 -12.62 35.16 -43.64
N PRO A 209 -12.85 36.19 -44.46
CA PRO A 209 -11.80 37.18 -44.71
C PRO A 209 -11.57 38.15 -43.55
N ASN A 210 -12.30 38.01 -42.46
CA ASN A 210 -12.16 38.89 -41.31
C ASN A 210 -11.31 38.29 -40.21
N LEU A 211 -10.74 37.12 -40.43
CA LEU A 211 -9.91 36.46 -39.42
C LEU A 211 -8.54 37.09 -39.36
N LEU A 212 -8.01 37.24 -38.14
CA LEU A 212 -6.57 37.45 -37.99
C LEU A 212 -5.87 36.13 -38.24
N ILE A 213 -4.76 36.19 -38.98
CA ILE A 213 -3.97 35.01 -39.30
C ILE A 213 -2.68 35.11 -38.50
N ILE A 214 -2.54 34.23 -37.51
CA ILE A 214 -1.46 34.29 -36.54
C ILE A 214 -0.37 33.31 -36.96
N VAL A 215 0.82 33.84 -37.24
CA VAL A 215 1.93 33.07 -37.80
C VAL A 215 3.08 33.10 -36.80
N GLU A 216 3.37 31.95 -36.20
CA GLU A 216 4.51 31.84 -35.30
C GLU A 216 5.81 31.73 -36.10
N GLY A 217 6.93 31.86 -35.40
CA GLY A 217 8.23 31.68 -36.00
C GLY A 217 8.66 30.22 -36.01
N VAL A 218 9.84 29.98 -36.57
CA VAL A 218 10.42 28.66 -36.61
C VAL A 218 11.39 28.51 -35.43
N GLY A 219 12.42 27.69 -35.58
CA GLY A 219 13.38 27.48 -34.51
C GLY A 219 14.75 28.07 -34.80
N SER A 220 15.22 27.92 -36.03
CA SER A 220 16.51 28.45 -36.44
C SER A 220 16.38 29.10 -37.81
N TYR A 221 17.26 30.06 -38.07
CA TYR A 221 17.24 30.81 -39.33
C TYR A 221 18.64 31.34 -39.59
N LYS A 222 19.28 30.82 -40.64
CA LYS A 222 20.63 31.24 -41.03
C LYS A 222 21.62 31.09 -39.86
N GLY A 223 21.49 29.99 -39.12
CA GLY A 223 22.42 29.66 -38.06
C GLY A 223 22.04 30.15 -36.68
N ASP A 224 21.02 30.99 -36.55
CA ASP A 224 20.64 31.58 -35.27
C ASP A 224 19.47 30.78 -34.69
N ASN A 225 19.74 30.09 -33.58
CA ASN A 225 18.73 29.30 -32.89
C ASN A 225 18.11 30.11 -31.76
N TYR A 226 16.79 30.04 -31.65
CA TYR A 226 16.06 30.71 -30.58
C TYR A 226 14.98 29.75 -30.08
N TRP A 227 14.18 30.24 -29.14
CA TRP A 227 13.03 29.47 -28.66
C TRP A 227 12.17 29.01 -29.82
N TRP A 228 11.64 27.79 -29.73
CA TRP A 228 10.74 27.27 -30.75
C TRP A 228 9.54 28.21 -30.89
N GLY A 229 9.30 28.67 -32.11
CA GLY A 229 8.25 29.63 -32.37
C GLY A 229 8.67 31.09 -32.26
N GLY A 230 9.79 31.36 -31.60
CA GLY A 230 10.27 32.71 -31.42
C GLY A 230 11.26 33.20 -32.43
N GLN A 231 11.69 32.37 -33.38
CA GLN A 231 12.64 32.77 -34.41
C GLN A 231 11.87 33.40 -35.56
N LEU A 232 11.68 34.72 -35.48
CA LEU A 232 10.97 35.47 -36.50
C LEU A 232 11.91 36.36 -37.30
N GLN A 233 13.20 36.01 -37.38
CA GLN A 233 14.16 36.83 -38.09
C GLN A 233 13.93 36.82 -39.59
N GLY A 234 13.28 35.77 -40.12
CA GLY A 234 13.06 35.68 -41.56
C GLY A 234 12.01 36.64 -42.10
N VAL A 235 11.22 37.27 -41.23
CA VAL A 235 10.17 38.18 -41.69
C VAL A 235 10.75 39.38 -42.42
N LYS A 236 11.94 39.83 -42.00
CA LYS A 236 12.52 41.05 -42.54
C LYS A 236 12.69 40.98 -44.05
N ASP A 237 13.23 39.87 -44.56
CA ASP A 237 13.50 39.73 -45.98
C ASP A 237 12.45 38.92 -46.73
N ARG A 238 11.63 38.14 -46.03
CA ARG A 238 10.61 37.30 -46.67
C ARG A 238 9.37 37.26 -45.78
N PRO A 239 8.61 38.34 -45.74
CA PRO A 239 7.43 38.38 -44.87
C PRO A 239 6.29 37.54 -45.44
N ILE A 240 5.35 37.21 -44.56
CA ILE A 240 4.12 36.55 -44.99
C ILE A 240 3.32 37.51 -45.85
N GLN A 241 2.84 37.03 -46.99
CA GLN A 241 1.97 37.80 -47.88
C GLN A 241 0.73 36.97 -48.16
N LEU A 242 -0.42 37.45 -47.70
CA LEU A 242 -1.69 36.78 -47.89
C LEU A 242 -2.52 37.51 -48.93
N ASN A 243 -3.56 36.84 -49.42
CA ASN A 243 -4.40 37.38 -50.46
C ASN A 243 -5.47 38.34 -49.93
N VAL A 244 -5.51 38.56 -48.62
CA VAL A 244 -6.31 39.60 -48.00
C VAL A 244 -5.40 40.44 -47.12
N ALA A 245 -5.39 41.74 -47.33
CA ALA A 245 -4.46 42.62 -46.63
C ALA A 245 -4.91 42.86 -45.19
N ASN A 246 -3.93 43.18 -44.35
CA ASN A 246 -4.16 43.62 -42.96
C ASN A 246 -4.71 42.49 -42.09
N ARG A 247 -4.18 41.29 -42.24
CA ARG A 247 -4.62 40.13 -41.47
C ARG A 247 -3.52 39.41 -40.72
N VAL A 248 -2.26 39.70 -41.00
CA VAL A 248 -1.14 38.90 -40.50
C VAL A 248 -0.70 39.43 -39.15
N VAL A 249 -0.67 38.55 -38.15
CA VAL A 249 -0.11 38.83 -36.83
C VAL A 249 0.96 37.79 -36.56
N TYR A 250 2.16 38.26 -36.23
CA TYR A 250 3.28 37.37 -35.94
C TYR A 250 3.31 37.05 -34.45
N SER A 251 3.63 35.79 -34.13
CA SER A 251 3.51 35.28 -32.77
C SER A 251 4.76 34.54 -32.32
N PRO A 252 5.67 35.20 -31.62
CA PRO A 252 6.81 34.49 -31.05
C PRO A 252 6.45 33.80 -29.75
N HIS A 253 7.28 32.83 -29.37
CA HIS A 253 7.25 32.23 -28.04
C HIS A 253 8.57 32.53 -27.35
N ASP A 254 8.52 32.78 -26.04
CA ASP A 254 9.71 33.12 -25.28
C ASP A 254 9.57 32.55 -23.88
N TYR A 255 10.67 32.00 -23.36
CA TYR A 255 10.63 31.29 -22.09
C TYR A 255 11.89 31.61 -21.27
N PRO A 256 11.94 31.26 -19.97
CA PRO A 256 13.10 31.64 -19.15
C PRO A 256 14.12 30.52 -19.00
N ASN A 257 15.10 30.77 -18.11
CA ASN A 257 16.20 29.82 -17.90
C ASN A 257 15.70 28.49 -17.34
N SER A 258 14.66 28.51 -16.51
CA SER A 258 14.17 27.28 -15.90
C SER A 258 13.60 26.32 -16.95
N VAL A 259 13.14 26.84 -18.09
CA VAL A 259 12.66 25.98 -19.16
C VAL A 259 13.82 25.42 -19.96
N TRP A 260 14.83 26.26 -20.23
CA TRP A 260 16.05 25.81 -20.89
C TRP A 260 17.15 26.82 -20.59
N GLN A 261 18.36 26.32 -20.34
CA GLN A 261 19.50 27.16 -20.01
C GLN A 261 20.16 27.64 -21.29
N GLN A 262 19.50 28.61 -21.93
CA GLN A 262 19.97 29.13 -23.20
C GLN A 262 21.25 29.94 -23.02
N PRO A 263 22.07 30.05 -24.07
CA PRO A 263 23.33 30.80 -23.93
C PRO A 263 23.14 32.27 -23.62
N TRP A 264 22.02 32.87 -24.01
CA TRP A 264 21.78 34.27 -23.71
C TRP A 264 21.28 34.49 -22.29
N PHE A 265 21.16 33.44 -21.47
CA PHE A 265 20.93 33.58 -20.04
C PHE A 265 22.20 33.41 -19.22
N GLN A 266 23.30 32.98 -19.84
CA GLN A 266 24.50 32.62 -19.11
C GLN A 266 25.39 33.84 -18.90
N GLY A 267 26.10 33.84 -17.77
CA GLY A 267 26.97 34.93 -17.41
C GLY A 267 26.23 36.10 -16.82
N ASP A 268 26.82 36.76 -15.82
CA ASP A 268 26.22 37.94 -15.23
C ASP A 268 26.07 39.03 -16.29
N ASN A 269 25.20 40.00 -15.98
CA ASN A 269 24.79 41.06 -16.92
C ASN A 269 24.08 40.49 -18.15
N PHE A 270 23.50 39.30 -18.04
CA PHE A 270 22.72 38.77 -19.14
C PHE A 270 21.40 39.53 -19.30
N GLY A 271 20.84 40.02 -18.20
CA GLY A 271 19.57 40.72 -18.27
C GLY A 271 19.66 42.03 -19.04
N ALA A 272 20.85 42.66 -19.04
CA ALA A 272 21.01 43.91 -19.77
C ALA A 272 20.91 43.71 -21.27
N GLY A 273 21.27 42.53 -21.77
CA GLY A 273 21.22 42.22 -23.18
C GLY A 273 19.96 41.53 -23.65
N LEU A 274 19.01 41.28 -22.75
CA LEU A 274 17.75 40.64 -23.12
C LEU A 274 16.88 41.52 -24.02
N PRO A 275 16.76 42.84 -23.78
CA PRO A 275 15.99 43.67 -24.72
C PRO A 275 16.49 43.59 -26.15
N ALA A 276 17.80 43.71 -26.35
CA ALA A 276 18.35 43.57 -27.70
C ALA A 276 18.11 42.17 -28.26
N LYS A 277 18.06 41.16 -27.39
CA LYS A 277 17.80 39.80 -27.84
C LYS A 277 16.35 39.64 -28.29
N PHE A 278 15.41 40.17 -27.50
CA PHE A 278 14.01 40.15 -27.90
C PHE A 278 13.81 40.85 -29.24
N ARG A 279 14.45 42.02 -29.40
CA ARG A 279 14.31 42.79 -30.63
C ARG A 279 14.93 42.05 -31.81
N SER A 280 16.03 41.33 -31.58
CA SER A 280 16.74 40.68 -32.67
C SER A 280 15.93 39.54 -33.28
N GLU A 281 15.16 38.82 -32.45
CA GLU A 281 14.47 37.62 -32.91
C GLU A 281 13.05 37.89 -33.38
N TRP A 282 12.35 38.85 -32.77
CA TRP A 282 10.96 39.09 -33.14
C TRP A 282 10.52 40.53 -32.86
N GLY A 283 11.13 41.17 -31.86
CA GLY A 283 10.66 42.48 -31.44
C GLY A 283 10.80 43.55 -32.50
N TYR A 284 11.74 43.37 -33.44
CA TYR A 284 11.94 44.35 -34.49
C TYR A 284 10.69 44.53 -35.34
N ILE A 285 9.86 43.48 -35.44
CA ILE A 285 8.67 43.55 -36.27
C ILE A 285 7.71 44.62 -35.75
N TYR A 286 7.56 44.70 -34.42
CA TYR A 286 6.73 45.76 -33.84
C TYR A 286 7.43 47.11 -33.91
N GLU A 287 8.71 47.16 -33.52
CA GLU A 287 9.41 48.43 -33.45
C GLU A 287 9.50 49.12 -34.80
N GLN A 288 9.63 48.34 -35.88
CA GLN A 288 9.70 48.88 -37.23
C GLN A 288 8.33 49.04 -37.87
N ASN A 289 7.25 48.87 -37.09
CA ASN A 289 5.87 49.04 -37.57
C ASN A 289 5.57 48.14 -38.77
N ILE A 290 6.19 46.96 -38.81
CA ILE A 290 5.95 46.03 -39.91
C ILE A 290 4.61 45.34 -39.75
N ALA A 291 4.36 44.76 -38.58
CA ALA A 291 3.15 44.02 -38.31
C ALA A 291 2.96 43.91 -36.81
N PRO A 292 1.76 43.56 -36.34
CA PRO A 292 1.56 43.38 -34.90
C PRO A 292 2.34 42.20 -34.36
N ILE A 293 2.68 42.27 -33.08
CA ILE A 293 3.35 41.18 -32.37
C ILE A 293 2.41 40.70 -31.27
N TYR A 294 2.18 39.39 -31.22
CA TYR A 294 1.37 38.78 -30.18
C TYR A 294 2.10 37.52 -29.72
N ILE A 295 2.78 37.61 -28.57
CA ILE A 295 3.54 36.47 -28.08
C ILE A 295 2.55 35.44 -27.54
N GLY A 296 2.45 34.30 -28.22
CA GLY A 296 1.44 33.30 -27.89
C GLY A 296 1.71 32.50 -26.63
N GLU A 297 2.97 32.38 -26.23
CA GLU A 297 3.32 31.61 -25.03
C GLU A 297 4.48 32.27 -24.31
N PHE A 298 4.38 32.31 -22.99
CA PHE A 298 5.48 32.64 -22.08
C PHE A 298 5.00 32.34 -20.67
N GLY A 299 5.88 31.75 -19.86
CA GLY A 299 5.49 31.35 -18.51
C GLY A 299 6.71 31.02 -17.67
N THR A 300 6.48 30.94 -16.37
CA THR A 300 7.54 30.68 -15.41
C THR A 300 6.93 30.39 -14.05
N LYS A 301 7.65 29.58 -13.26
CA LYS A 301 7.28 29.31 -11.88
C LYS A 301 7.85 30.34 -10.91
N LEU A 302 8.73 31.22 -11.39
CA LEU A 302 9.35 32.26 -10.57
C LEU A 302 10.10 31.66 -9.38
N ILE A 303 10.84 30.58 -9.63
CA ILE A 303 11.70 29.96 -8.63
C ILE A 303 13.17 30.22 -8.96
N ASP A 304 13.59 29.90 -10.18
CA ASP A 304 14.92 30.23 -10.66
C ASP A 304 15.07 31.76 -10.67
N PRO A 305 16.07 32.33 -9.99
CA PRO A 305 16.20 33.79 -9.98
C PRO A 305 16.36 34.41 -11.35
N LYS A 306 16.97 33.68 -12.31
CA LYS A 306 17.09 34.20 -13.66
C LYS A 306 15.73 34.34 -14.34
N ASP A 307 14.73 33.57 -13.90
CA ASP A 307 13.38 33.70 -14.48
C ASP A 307 12.83 35.10 -14.25
N ALA A 308 13.02 35.65 -13.05
CA ALA A 308 12.49 36.97 -12.73
C ALA A 308 13.17 38.04 -13.57
N VAL A 309 14.48 37.92 -13.79
CA VAL A 309 15.19 38.88 -14.63
C VAL A 309 14.63 38.85 -16.05
N TRP A 310 14.30 37.67 -16.54
CA TRP A 310 13.74 37.54 -17.89
C TRP A 310 12.34 38.14 -17.96
N LEU A 311 11.46 37.76 -17.02
CA LEU A 311 10.09 38.26 -17.06
C LEU A 311 10.03 39.76 -16.85
N GLU A 312 10.90 40.29 -15.98
CA GLU A 312 10.96 41.73 -15.79
C GLU A 312 11.32 42.44 -17.09
N ALA A 313 12.32 41.92 -17.81
CA ALA A 313 12.71 42.51 -19.08
C ALA A 313 11.65 42.30 -20.15
N LEU A 314 11.05 41.11 -20.19
CA LEU A 314 10.05 40.82 -21.21
C LEU A 314 8.84 41.72 -21.05
N THR A 315 8.24 41.75 -19.86
CA THR A 315 7.05 42.58 -19.64
C THR A 315 7.34 44.04 -19.94
N SER A 316 8.53 44.52 -19.60
CA SER A 316 8.89 45.90 -19.94
C SER A 316 9.00 46.08 -21.45
N TYR A 317 9.60 45.12 -22.15
CA TYR A 317 9.72 45.21 -23.60
C TYR A 317 8.35 45.20 -24.26
N LEU A 318 7.48 44.28 -23.84
CA LEU A 318 6.13 44.21 -24.40
C LEU A 318 5.37 45.52 -24.21
N SER A 319 5.62 46.22 -23.10
CA SER A 319 4.92 47.46 -22.81
C SER A 319 5.35 48.61 -23.72
N GLY A 320 6.45 48.45 -24.46
CA GLY A 320 6.97 49.51 -25.30
C GLY A 320 8.23 50.16 -24.79
N ASP A 321 8.80 49.67 -23.69
CA ASP A 321 10.09 50.14 -23.20
C ASP A 321 11.16 49.22 -23.79
N PHE A 322 11.52 49.52 -25.05
CA PHE A 322 12.35 48.62 -25.83
C PHE A 322 13.77 48.50 -25.31
N ASP A 323 14.25 49.46 -24.53
CA ASP A 323 15.57 49.39 -23.94
C ASP A 323 15.54 49.10 -22.45
N ASN A 324 14.34 48.93 -21.87
CA ASN A 324 14.16 48.56 -20.47
C ASN A 324 14.79 49.58 -19.52
N ASN A 325 14.57 50.86 -19.81
CA ASN A 325 15.05 51.93 -18.94
C ASN A 325 13.97 52.53 -18.06
N GLY A 326 12.72 52.50 -18.52
CA GLY A 326 11.63 53.12 -17.79
C GLY A 326 10.78 54.02 -18.68
N THR A 327 11.36 54.48 -19.78
CA THR A 327 10.65 55.31 -20.75
C THR A 327 10.00 54.43 -21.81
N ILE A 328 8.79 54.81 -22.22
CA ILE A 328 8.06 54.07 -23.24
C ILE A 328 7.86 54.95 -24.48
N GLY A 333 -1.17 57.33 -29.78
CA GLY A 333 -2.34 56.67 -29.23
C GLY A 333 -2.43 55.20 -29.62
N THR A 334 -1.31 54.51 -29.55
CA THR A 334 -1.23 53.10 -29.92
C THR A 334 -1.21 52.22 -28.68
N GLU A 335 -1.42 50.93 -28.90
CA GLU A 335 -1.37 49.94 -27.84
C GLU A 335 -0.07 49.15 -27.91
N ASP A 336 0.36 48.62 -26.77
CA ASP A 336 1.58 47.84 -26.70
C ASP A 336 1.32 46.44 -27.26
N MET A 337 2.31 45.56 -27.13
CA MET A 337 2.23 44.24 -27.74
C MET A 337 1.18 43.38 -27.06
N SER A 338 0.57 42.49 -27.85
CA SER A 338 -0.41 41.53 -27.34
C SER A 338 0.29 40.27 -26.85
N TRP A 339 -0.41 39.51 -26.02
CA TRP A 339 0.22 38.34 -25.40
C TRP A 339 -0.83 37.43 -24.78
N THR A 340 -0.49 36.14 -24.72
CA THR A 340 -1.22 35.17 -23.92
C THR A 340 -0.23 34.36 -23.09
N PHE A 341 -0.50 34.25 -21.80
CA PHE A 341 0.41 33.62 -20.85
C PHE A 341 0.24 32.11 -20.86
N TRP A 342 1.35 31.40 -20.65
CA TRP A 342 1.34 29.93 -20.53
C TRP A 342 1.61 29.57 -19.07
N SER A 343 0.59 29.07 -18.38
CA SER A 343 -0.74 28.85 -18.94
C SER A 343 -1.80 29.19 -17.89
N TRP A 344 -3.07 29.15 -18.30
CA TRP A 344 -4.13 29.16 -17.30
C TRP A 344 -4.10 27.89 -16.47
N ASN A 345 -3.86 26.76 -17.13
CA ASN A 345 -3.75 25.49 -16.45
C ASN A 345 -2.60 25.50 -15.44
N PRO A 346 -2.74 24.76 -14.35
CA PRO A 346 -1.57 24.52 -13.49
C PRO A 346 -0.73 23.34 -13.97
N ASN A 347 -1.37 22.40 -14.68
CA ASN A 347 -0.72 21.13 -14.98
C ASN A 347 0.26 21.23 -16.14
N SER A 348 1.16 22.20 -16.08
CA SER A 348 2.29 22.29 -16.99
C SER A 348 3.56 22.10 -16.17
N GLY A 349 4.37 21.10 -16.54
CA GLY A 349 5.41 20.62 -15.65
C GLY A 349 6.51 21.64 -15.39
N ASP A 350 6.92 22.38 -16.42
CA ASP A 350 8.07 23.28 -16.30
C ASP A 350 7.69 24.68 -15.85
N THR A 351 6.53 25.18 -16.27
CA THR A 351 6.15 26.57 -16.02
C THR A 351 5.07 26.75 -14.97
N GLY A 352 4.29 25.71 -14.67
CA GLY A 352 3.10 25.95 -13.89
C GLY A 352 2.15 26.84 -14.67
N GLY A 353 1.31 27.55 -13.95
CA GLY A 353 0.36 28.41 -14.60
C GLY A 353 -0.11 29.54 -13.72
N ILE A 354 -1.24 30.14 -14.12
CA ILE A 354 -1.86 31.18 -13.31
C ILE A 354 -2.57 30.57 -12.12
N LEU A 355 -3.35 29.51 -12.36
CA LEU A 355 -3.99 28.78 -11.28
C LEU A 355 -3.00 27.86 -10.59
N ALA A 356 -3.17 27.69 -9.28
CA ALA A 356 -2.37 26.74 -8.54
C ALA A 356 -2.84 25.31 -8.82
N ASP A 357 -2.20 24.33 -8.19
CA ASP A 357 -2.50 22.93 -8.47
C ASP A 357 -3.94 22.57 -8.12
N ASP A 358 -4.56 23.28 -7.18
CA ASP A 358 -5.95 23.02 -6.84
C ASP A 358 -6.94 23.53 -7.89
N TRP A 359 -6.44 24.10 -8.99
CA TRP A 359 -7.27 24.58 -10.10
C TRP A 359 -8.22 25.69 -9.66
N ARG A 360 -7.85 26.46 -8.64
CA ARG A 360 -8.71 27.54 -8.17
C ARG A 360 -7.90 28.72 -7.63
N THR A 361 -6.85 28.43 -6.85
CA THR A 361 -6.08 29.48 -6.22
C THR A 361 -5.21 30.20 -7.24
N ILE A 362 -5.20 31.53 -7.19
CA ILE A 362 -4.44 32.36 -8.12
C ILE A 362 -3.03 32.55 -7.58
N ASN A 363 -2.03 32.41 -8.45
CA ASN A 363 -0.64 32.69 -8.11
C ASN A 363 -0.41 34.19 -8.25
N GLN A 364 -0.51 34.91 -7.13
CA GLN A 364 -0.45 36.37 -7.18
C GLN A 364 0.91 36.87 -7.62
N ASN A 365 1.98 36.11 -7.35
CA ASN A 365 3.32 36.59 -7.71
C ASN A 365 3.50 36.68 -9.21
N LYS A 366 2.77 35.89 -9.98
CA LYS A 366 2.79 36.03 -11.43
C LYS A 366 1.88 37.15 -11.89
N MET A 367 0.74 37.34 -11.22
CA MET A 367 -0.19 38.39 -11.62
C MET A 367 0.42 39.78 -11.45
N VAL A 368 1.32 39.96 -10.48
CA VAL A 368 1.97 41.26 -10.29
C VAL A 368 2.72 41.66 -11.55
N TYR A 369 3.32 40.69 -12.25
CA TYR A 369 4.02 41.00 -13.49
C TYR A 369 3.05 41.30 -14.63
N LEU A 370 1.90 40.62 -14.65
CA LEU A 370 1.01 40.67 -15.82
C LEU A 370 0.02 41.82 -15.77
N LYS A 371 -0.48 42.16 -14.58
CA LYS A 371 -1.50 43.21 -14.48
C LYS A 371 -1.11 44.54 -15.13
N PRO A 372 0.13 45.04 -15.01
CA PRO A 372 0.45 46.33 -15.66
C PRO A 372 0.46 46.29 -17.18
N ILE A 373 0.47 45.12 -17.82
CA ILE A 373 0.47 45.04 -19.28
C ILE A 373 -0.81 44.43 -19.82
N GLN A 374 -1.84 44.29 -19.00
CA GLN A 374 -3.14 43.86 -19.48
C GLN A 374 -3.87 45.02 -20.15
N TYR A 375 -4.77 44.69 -21.07
CA TYR A 375 -5.56 45.70 -21.75
C TYR A 375 -6.66 46.21 -20.83
N THR A 376 -6.77 47.52 -20.70
CA THR A 376 -7.73 48.13 -19.77
C THR A 376 -8.74 49.03 -20.50
N GLY B 15 -3.20 10.20 23.46
CA GLY B 15 -4.64 9.99 23.42
C GLY B 15 -5.42 11.20 22.93
N ILE B 16 -5.44 11.38 21.61
CA ILE B 16 -5.91 12.61 20.98
C ILE B 16 -7.06 12.28 20.03
N ALA B 17 -8.03 13.19 19.96
CA ALA B 17 -9.18 12.99 19.11
C ALA B 17 -8.76 12.88 17.64
N PRO B 18 -9.45 12.08 16.85
CA PRO B 18 -9.07 11.90 15.44
C PRO B 18 -9.13 13.20 14.67
N GLY B 19 -8.14 13.40 13.81
CA GLY B 19 -8.05 14.59 12.99
C GLY B 19 -6.79 15.39 13.29
N PHE B 20 -6.60 16.42 12.47
CA PHE B 20 -5.42 17.26 12.57
C PHE B 20 -5.53 18.18 13.79
N LEU B 21 -4.43 18.86 14.09
CA LEU B 21 -4.29 19.70 15.27
C LEU B 21 -4.17 21.17 14.90
N ARG B 22 -4.27 22.02 15.92
CA ARG B 22 -4.13 23.46 15.75
C ARG B 22 -3.57 24.03 17.05
N THR B 23 -3.15 25.29 16.98
CA THR B 23 -2.62 25.97 18.16
C THR B 23 -3.56 27.08 18.60
N SER B 24 -3.40 27.48 19.86
CA SER B 24 -4.14 28.62 20.42
C SER B 24 -3.36 29.07 21.64
N GLY B 25 -2.67 30.21 21.52
CA GLY B 25 -1.76 30.59 22.59
C GLY B 25 -0.63 29.57 22.67
N ASN B 26 -0.33 29.14 23.90
CA ASN B 26 0.71 28.13 24.12
C ASN B 26 0.15 26.71 24.16
N GLN B 27 -1.03 26.48 23.59
CA GLN B 27 -1.70 25.20 23.65
C GLN B 27 -1.82 24.59 22.26
N ILE B 28 -1.63 23.27 22.18
CA ILE B 28 -1.99 22.49 21.01
C ILE B 28 -3.37 21.89 21.26
N LEU B 29 -4.30 22.17 20.37
CA LEU B 29 -5.68 21.72 20.51
C LEU B 29 -6.00 20.66 19.47
N ASP B 30 -6.87 19.73 19.84
CA ASP B 30 -7.34 18.73 18.89
C ASP B 30 -8.59 19.25 18.17
N SER B 31 -9.13 18.42 17.27
CA SER B 31 -10.24 18.86 16.43
C SER B 31 -11.49 19.18 17.24
N GLN B 32 -11.58 18.71 18.49
CA GLN B 32 -12.71 19.06 19.35
C GLN B 32 -12.44 20.30 20.20
N GLY B 33 -11.28 20.93 20.05
CA GLY B 33 -10.95 22.11 20.83
C GLY B 33 -10.38 21.84 22.20
N LYS B 34 -10.12 20.58 22.54
CA LYS B 34 -9.53 20.22 23.82
C LYS B 34 -8.01 20.31 23.76
N PRO B 35 -7.37 20.93 24.73
CA PRO B 35 -5.90 20.99 24.76
C PRO B 35 -5.33 19.59 24.93
N VAL B 36 -4.32 19.29 24.14
CA VAL B 36 -3.65 18.01 24.16
C VAL B 36 -2.15 18.25 24.33
N GLN B 37 -1.41 17.16 24.46
CA GLN B 37 0.02 17.24 24.70
C GLN B 37 0.73 16.11 23.98
N LEU B 38 1.82 16.45 23.30
CA LEU B 38 2.66 15.46 22.63
C LEU B 38 3.78 15.05 23.58
N THR B 39 3.86 13.76 23.89
CA THR B 39 4.90 13.23 24.77
C THR B 39 5.43 11.94 24.14
N GLY B 40 6.56 12.05 23.45
CA GLY B 40 7.03 10.91 22.69
C GLY B 40 8.53 10.69 22.63
N VAL B 41 8.99 10.02 21.58
CA VAL B 41 10.38 9.62 21.44
C VAL B 41 10.84 9.88 20.01
N ASN B 42 12.16 10.01 19.85
CA ASN B 42 12.80 10.05 18.55
C ASN B 42 13.18 8.63 18.14
N TRP B 43 12.73 8.21 16.95
CA TRP B 43 13.12 6.93 16.36
C TRP B 43 13.92 7.27 15.09
N PHE B 44 15.23 7.41 15.24
CA PHE B 44 16.05 7.82 14.11
C PHE B 44 16.57 6.60 13.34
N GLY B 45 17.12 6.87 12.16
CA GLY B 45 17.61 5.82 11.29
C GLY B 45 17.28 6.08 9.83
N ALA B 46 16.10 6.64 9.57
CA ALA B 46 15.68 6.91 8.20
C ALA B 46 16.48 8.03 7.54
N GLN B 47 17.33 8.73 8.30
CA GLN B 47 18.24 9.70 7.71
C GLN B 47 19.59 9.11 7.37
N SER B 48 19.80 7.82 7.65
CA SER B 48 21.07 7.15 7.41
C SER B 48 21.07 6.46 6.04
N SER B 49 22.18 5.81 5.72
CA SER B 49 22.31 5.11 4.45
C SER B 49 21.36 3.93 4.33
N ASN B 50 20.82 3.44 5.46
CA ASN B 50 19.82 2.38 5.40
C ASN B 50 18.49 2.90 4.89
N GLY B 51 18.16 4.16 5.17
CA GLY B 51 16.92 4.75 4.71
C GLY B 51 15.69 4.34 5.49
N VAL B 52 15.85 3.63 6.59
CA VAL B 52 14.74 3.22 7.44
C VAL B 52 15.14 3.38 8.90
N PRO B 53 14.14 3.57 9.77
CA PRO B 53 14.46 3.69 11.20
C PRO B 53 15.18 2.45 11.72
N ASP B 54 16.04 2.66 12.71
CA ASP B 54 16.97 1.64 13.17
C ASP B 54 16.24 0.55 13.97
N GLY B 55 16.96 -0.54 14.23
CA GLY B 55 16.49 -1.59 15.11
C GLY B 55 15.77 -2.73 14.43
N LEU B 56 15.31 -2.55 13.18
CA LEU B 56 14.60 -3.60 12.49
C LEU B 56 15.49 -4.74 12.05
N TRP B 57 16.80 -4.66 12.31
CA TRP B 57 17.67 -5.82 12.13
C TRP B 57 17.51 -6.85 13.23
N THR B 58 16.81 -6.50 14.31
CA THR B 58 16.56 -7.44 15.41
C THR B 58 15.14 -7.38 15.95
N ARG B 59 14.47 -6.24 15.92
CA ARG B 59 13.10 -6.09 16.41
C ARG B 59 12.11 -6.05 15.25
N ASN B 60 10.86 -6.39 15.56
CA ASN B 60 9.76 -6.21 14.64
C ASN B 60 9.16 -4.83 14.85
N TYR B 61 8.84 -4.14 13.74
CA TYR B 61 8.46 -2.74 13.84
C TYR B 61 7.15 -2.54 14.59
N LYS B 62 6.22 -3.51 14.48
CA LYS B 62 4.99 -3.42 15.25
C LYS B 62 5.25 -3.63 16.74
N ASP B 63 6.18 -4.53 17.07
CA ASP B 63 6.54 -4.76 18.47
C ASP B 63 7.06 -3.48 19.12
N MET B 64 7.93 -2.75 18.42
CA MET B 64 8.54 -1.57 19.03
C MET B 64 7.53 -0.45 19.18
N ILE B 65 6.68 -0.24 18.16
CA ILE B 65 5.65 0.79 18.26
C ILE B 65 4.69 0.45 19.39
N ASP B 66 4.33 -0.83 19.55
CA ASP B 66 3.49 -1.25 20.67
C ASP B 66 4.20 -1.00 21.99
N GLN B 67 5.50 -1.30 22.06
CA GLN B 67 6.27 -1.04 23.28
C GLN B 67 6.32 0.45 23.58
N MET B 68 6.45 1.27 22.54
CA MET B 68 6.42 2.73 22.70
C MET B 68 5.14 3.17 23.40
N ALA B 69 3.99 2.77 22.86
CA ALA B 69 2.71 3.18 23.43
C ALA B 69 2.51 2.58 24.82
N GLY B 70 2.92 1.32 25.01
CA GLY B 70 2.82 0.71 26.32
C GLY B 70 3.63 1.43 27.38
N GLN B 71 4.74 2.05 26.97
CA GLN B 71 5.55 2.84 27.89
C GLN B 71 4.96 4.21 28.17
N GLY B 72 3.84 4.56 27.57
CA GLY B 72 3.18 5.83 27.81
C GLY B 72 3.51 6.93 26.82
N PHE B 73 4.13 6.61 25.69
CA PHE B 73 4.44 7.60 24.68
C PHE B 73 3.31 7.64 23.64
N ASN B 74 3.09 8.83 23.06
CA ASN B 74 2.05 8.99 22.05
C ASN B 74 2.54 9.68 20.79
N THR B 75 3.83 9.91 20.65
CA THR B 75 4.35 10.65 19.49
C THR B 75 5.71 10.08 19.08
N ILE B 76 5.91 9.95 17.77
CA ILE B 76 7.20 9.55 17.22
C ILE B 76 7.72 10.68 16.34
N ARG B 77 8.88 11.23 16.70
CA ARG B 77 9.62 12.12 15.83
C ARG B 77 10.55 11.28 14.98
N ILE B 78 10.40 11.34 13.65
CA ILE B 78 11.12 10.48 12.74
C ILE B 78 12.07 11.35 11.90
N PRO B 79 13.37 11.28 12.14
CA PRO B 79 14.31 11.99 11.25
C PRO B 79 14.44 11.30 9.91
N TYR B 80 14.53 12.10 8.85
CA TYR B 80 14.85 11.61 7.52
C TYR B 80 15.89 12.54 6.91
N ALA B 81 16.51 12.07 5.82
CA ALA B 81 17.41 12.89 5.01
C ALA B 81 16.77 13.16 3.67
N SER B 82 17.14 14.29 3.06
CA SER B 82 16.61 14.64 1.74
C SER B 82 16.87 13.53 0.73
N ALA B 83 18.01 12.84 0.85
CA ALA B 83 18.33 11.76 -0.07
C ALA B 83 17.29 10.65 -0.04
N LEU B 84 16.57 10.51 1.07
CA LEU B 84 15.54 9.48 1.17
C LEU B 84 14.46 9.64 0.12
N LEU B 85 14.16 10.88 -0.26
CA LEU B 85 13.09 11.15 -1.23
C LEU B 85 13.55 11.04 -2.67
N HIS B 86 14.84 10.78 -2.92
CA HIS B 86 15.36 10.73 -4.28
C HIS B 86 16.14 9.47 -4.59
N THR B 87 16.37 8.60 -3.61
CA THR B 87 17.10 7.36 -3.85
C THR B 87 16.15 6.28 -4.33
N ASN B 88 16.68 5.39 -5.17
CA ASN B 88 15.95 4.21 -5.62
C ASN B 88 16.50 2.94 -5.00
N ALA B 89 17.49 3.04 -4.12
CA ALA B 89 18.07 1.88 -3.50
C ALA B 89 17.09 1.22 -2.52
N ALA B 90 17.07 -0.10 -2.53
CA ALA B 90 16.26 -0.82 -1.57
C ALA B 90 16.71 -0.48 -0.16
N PRO B 91 15.83 -0.59 0.83
CA PRO B 91 16.27 -0.47 2.23
C PRO B 91 17.31 -1.52 2.55
N SER B 92 18.12 -1.25 3.56
CA SER B 92 19.15 -2.18 3.99
C SER B 92 19.07 -2.38 5.49
N GLY B 93 19.45 -3.58 5.93
CA GLY B 93 19.56 -3.90 7.34
C GLY B 93 18.35 -4.58 7.94
N ILE B 94 17.16 -4.41 7.35
CA ILE B 94 15.96 -5.01 7.94
C ILE B 94 16.07 -6.53 7.94
N ASN B 95 15.71 -7.14 9.07
CA ASN B 95 15.57 -8.59 9.17
C ASN B 95 14.15 -8.95 8.76
N TYR B 96 14.01 -9.59 7.60
CA TYR B 96 12.69 -9.84 7.05
C TYR B 96 12.03 -11.10 7.61
N ASN B 97 12.77 -11.95 8.31
CA ASN B 97 12.11 -13.02 9.07
C ASN B 97 11.31 -12.44 10.23
N ALA B 98 11.87 -11.43 10.90
CA ALA B 98 11.16 -10.76 11.99
C ALA B 98 10.19 -9.70 11.50
N ASN B 99 10.39 -9.18 10.28
CA ASN B 99 9.52 -8.16 9.71
C ASN B 99 9.02 -8.61 8.34
N PRO B 100 8.25 -9.70 8.28
CA PRO B 100 7.84 -10.22 6.96
C PRO B 100 7.01 -9.24 6.15
N ASP B 101 6.18 -8.43 6.80
CA ASP B 101 5.32 -7.49 6.07
C ASP B 101 6.09 -6.37 5.41
N LEU B 102 7.40 -6.26 5.64
CA LEU B 102 8.19 -5.20 5.06
C LEU B 102 8.99 -5.63 3.83
N GLN B 103 9.11 -6.93 3.56
CA GLN B 103 9.94 -7.37 2.45
C GLN B 103 9.37 -6.90 1.12
N GLY B 104 10.26 -6.50 0.22
CA GLY B 104 9.89 -5.95 -1.05
C GLY B 104 9.50 -4.49 -1.03
N LEU B 105 9.39 -3.88 0.14
CA LEU B 105 8.94 -2.50 0.25
C LEU B 105 10.10 -1.54 0.04
N THR B 106 9.82 -0.42 -0.63
CA THR B 106 10.79 0.65 -0.75
C THR B 106 10.99 1.34 0.58
N ARG B 107 11.99 2.21 0.64
CA ARG B 107 12.26 2.97 1.86
C ARG B 107 11.05 3.80 2.28
N MET B 108 10.41 4.47 1.31
CA MET B 108 9.26 5.29 1.63
C MET B 108 8.04 4.44 1.98
N GLN B 109 7.90 3.26 1.37
CA GLN B 109 6.80 2.37 1.75
C GLN B 109 6.99 1.83 3.16
N VAL B 110 8.24 1.63 3.59
CA VAL B 110 8.49 1.22 4.96
C VAL B 110 8.10 2.32 5.93
N LEU B 111 8.43 3.57 5.58
CA LEU B 111 7.98 4.70 6.38
C LEU B 111 6.46 4.78 6.41
N ASP B 112 5.82 4.57 5.25
CA ASP B 112 4.36 4.52 5.20
C ASP B 112 3.80 3.49 6.18
N LYS B 113 4.39 2.29 6.19
CA LYS B 113 3.90 1.24 7.06
C LYS B 113 4.05 1.62 8.53
N ILE B 114 5.18 2.22 8.88
CA ILE B 114 5.42 2.63 10.26
C ILE B 114 4.39 3.67 10.70
N ILE B 115 4.16 4.67 9.85
CA ILE B 115 3.17 5.70 10.18
C ILE B 115 1.79 5.10 10.35
N ASP B 116 1.44 4.14 9.48
CA ASP B 116 0.10 3.55 9.54
C ASP B 116 -0.11 2.75 10.82
N TYR B 117 0.89 1.96 11.23
CA TYR B 117 0.72 1.20 12.46
C TYR B 117 0.79 2.09 13.69
N ALA B 118 1.60 3.15 13.65
CA ALA B 118 1.62 4.11 14.75
C ALA B 118 0.25 4.75 14.95
N GLY B 119 -0.40 5.15 13.85
CA GLY B 119 -1.75 5.68 13.95
C GLY B 119 -2.73 4.68 14.54
N GLN B 120 -2.62 3.42 14.12
CA GLN B 120 -3.48 2.38 14.68
C GLN B 120 -3.15 2.11 16.15
N ALA B 121 -1.91 2.37 16.56
CA ALA B 121 -1.51 2.22 17.95
C ALA B 121 -1.82 3.44 18.80
N GLY B 122 -2.54 4.41 18.26
CA GLY B 122 -2.89 5.60 19.01
C GLY B 122 -1.79 6.62 19.16
N MET B 123 -0.81 6.60 18.26
CA MET B 123 0.31 7.54 18.28
C MET B 123 0.21 8.49 17.10
N ARG B 124 0.87 9.63 17.24
CA ARG B 124 1.03 10.60 16.15
C ARG B 124 2.49 10.63 15.73
N VAL B 125 2.75 11.25 14.58
CA VAL B 125 4.07 11.23 13.96
C VAL B 125 4.45 12.63 13.53
N ILE B 126 5.69 13.02 13.82
CA ILE B 126 6.29 14.25 13.33
C ILE B 126 7.46 13.87 12.43
N LEU B 127 7.45 14.38 11.20
CA LEU B 127 8.57 14.19 10.29
C LEU B 127 9.60 15.28 10.51
N ASP B 128 10.87 14.90 10.52
CA ASP B 128 11.96 15.82 10.80
C ASP B 128 13.00 15.73 9.70
N HIS B 129 13.19 16.83 8.98
CA HIS B 129 14.28 16.91 8.02
C HIS B 129 15.61 17.04 8.76
N HIS B 130 16.26 15.92 9.02
CA HIS B 130 17.46 15.95 9.86
C HIS B 130 18.70 16.44 9.12
N ARG B 131 18.79 16.19 7.82
CA ARG B 131 20.02 16.45 7.08
C ARG B 131 19.74 16.28 5.59
N SER B 132 20.75 16.55 4.78
CA SER B 132 20.63 16.48 3.31
C SER B 132 21.10 15.12 2.81
N THR B 133 22.39 14.82 2.96
CA THR B 133 22.91 13.53 2.57
C THR B 133 22.53 12.47 3.61
N GLU B 134 22.67 11.21 3.23
CA GLU B 134 22.50 10.12 4.18
C GLU B 134 23.63 10.16 5.21
N GLY B 135 23.28 10.06 6.48
CA GLY B 135 24.30 10.13 7.52
C GLY B 135 23.69 9.93 8.89
N ALA B 136 24.52 10.21 9.91
CA ALA B 136 24.17 9.92 11.29
C ALA B 136 23.46 11.09 11.98
N GLY B 137 24.13 12.22 12.10
CA GLY B 137 23.61 13.29 12.92
C GLY B 137 23.28 14.58 12.18
N THR B 138 23.51 15.70 12.86
CA THR B 138 23.21 17.02 12.30
C THR B 138 24.03 17.26 11.03
N SER B 139 23.45 18.04 10.12
CA SER B 139 24.14 18.39 8.88
C SER B 139 25.51 19.00 9.19
N GLU B 140 26.49 18.62 8.39
CA GLU B 140 27.87 19.00 8.67
C GLU B 140 28.08 20.51 8.57
N ASN B 141 27.34 21.18 7.69
CA ASN B 141 27.48 22.62 7.51
C ASN B 141 26.52 23.42 8.38
N GLY B 142 25.72 22.76 9.22
CA GLY B 142 24.78 23.47 10.07
C GLY B 142 23.69 24.19 9.35
N LEU B 143 23.42 23.83 8.09
CA LEU B 143 22.40 24.48 7.28
C LEU B 143 21.42 23.43 6.77
N TRP B 144 20.29 23.92 6.25
CA TRP B 144 19.25 23.07 5.68
C TRP B 144 19.47 22.77 4.21
N TYR B 145 20.67 23.04 3.69
CA TYR B 145 20.98 22.87 2.28
C TYR B 145 22.49 22.81 2.13
N ASP B 146 22.93 22.32 0.97
CA ASP B 146 24.33 22.40 0.59
C ASP B 146 24.38 22.61 -0.92
N SER B 147 25.56 22.39 -1.53
CA SER B 147 25.70 22.63 -2.96
C SER B 147 24.86 21.64 -3.77
N GLN B 148 24.75 20.39 -3.29
CA GLN B 148 24.00 19.38 -4.02
C GLN B 148 22.51 19.45 -3.69
N TYR B 149 22.17 19.62 -2.42
CA TYR B 149 20.78 19.68 -1.98
C TYR B 149 20.45 21.13 -1.69
N THR B 150 19.76 21.78 -2.62
CA THR B 150 19.46 23.20 -2.51
C THR B 150 18.25 23.44 -1.63
N GLU B 151 18.01 24.72 -1.30
CA GLU B 151 16.83 25.08 -0.54
C GLU B 151 15.56 24.90 -1.36
N ASP B 152 15.66 25.18 -2.67
CA ASP B 152 14.52 24.93 -3.56
C ASP B 152 14.06 23.48 -3.48
N ALA B 153 15.02 22.55 -3.49
CA ALA B 153 14.67 21.13 -3.41
C ALA B 153 14.17 20.77 -2.01
N TRP B 154 14.76 21.39 -0.98
CA TRP B 154 14.28 21.19 0.39
C TRP B 154 12.81 21.61 0.52
N VAL B 155 12.44 22.70 -0.15
CA VAL B 155 11.05 23.16 -0.13
C VAL B 155 10.16 22.19 -0.91
N SER B 156 10.60 21.82 -2.13
CA SER B 156 9.78 20.94 -2.95
C SER B 156 9.68 19.54 -2.36
N ASP B 157 10.68 19.13 -1.58
CA ASP B 157 10.56 17.86 -0.87
C ASP B 157 9.50 17.93 0.21
N TRP B 158 9.43 19.05 0.93
CA TRP B 158 8.37 19.22 1.93
C TRP B 158 7.00 19.24 1.27
N GLN B 159 6.90 19.84 0.09
CA GLN B 159 5.64 19.80 -0.66
C GLN B 159 5.28 18.36 -1.02
N THR B 160 6.26 17.57 -1.45
CA THR B 160 6.02 16.16 -1.73
C THR B 160 5.48 15.44 -0.51
N LEU B 161 6.08 15.69 0.66
CA LEU B 161 5.63 15.04 1.88
C LEU B 161 4.27 15.56 2.33
N ALA B 162 3.99 16.84 2.12
CA ALA B 162 2.68 17.38 2.45
C ALA B 162 1.59 16.74 1.60
N THR B 163 1.87 16.54 0.31
CA THR B 163 0.89 15.90 -0.56
C THR B 163 0.70 14.43 -0.20
N ARG B 164 1.78 13.74 0.15
CA ARG B 164 1.72 12.31 0.41
C ARG B 164 0.83 12.00 1.61
N TYR B 165 0.95 12.79 2.68
CA TYR B 165 0.21 12.55 3.91
C TYR B 165 -0.90 13.56 4.12
N LYS B 166 -1.38 14.18 3.04
CA LYS B 166 -2.44 15.18 3.14
C LYS B 166 -3.70 14.60 3.77
N ASN B 167 -4.03 13.36 3.45
CA ASN B 167 -5.22 12.69 3.98
C ASN B 167 -4.90 11.78 5.16
N ASN B 168 -3.80 12.02 5.86
CA ASN B 168 -3.34 11.15 6.95
C ASN B 168 -3.08 12.00 8.19
N PRO B 169 -4.09 12.20 9.04
CA PRO B 169 -3.91 13.03 10.24
C PRO B 169 -2.97 12.43 11.28
N THR B 170 -2.45 11.21 11.07
CA THR B 170 -1.44 10.68 11.96
C THR B 170 -0.17 11.53 11.90
N VAL B 171 0.17 12.02 10.71
CA VAL B 171 1.29 12.93 10.53
C VAL B 171 0.80 14.34 10.86
N ILE B 172 1.13 14.81 12.07
CA ILE B 172 0.53 16.03 12.60
C ILE B 172 1.37 17.28 12.35
N GLY B 173 2.68 17.14 12.13
CA GLY B 173 3.54 18.30 12.09
C GLY B 173 4.81 18.04 11.31
N PHE B 174 5.36 19.10 10.73
CA PHE B 174 6.59 19.05 9.95
C PHE B 174 7.67 19.84 10.70
N ASP B 175 8.65 19.13 11.23
CA ASP B 175 9.84 19.74 11.84
C ASP B 175 10.75 20.17 10.70
N LEU B 176 10.71 21.46 10.36
CA LEU B 176 11.20 21.93 9.06
C LEU B 176 12.68 21.59 8.86
N HIS B 177 13.53 21.86 9.86
CA HIS B 177 14.92 21.46 9.76
C HIS B 177 15.52 21.28 11.14
N ASN B 178 16.39 20.28 11.27
CA ASN B 178 17.00 19.93 12.55
C ASN B 178 18.22 20.81 12.81
N GLU B 179 18.16 21.61 13.87
CA GLU B 179 19.29 22.33 14.41
C GLU B 179 20.04 23.16 13.37
N PRO B 180 19.40 24.20 12.81
CA PRO B 180 20.10 25.06 11.84
C PRO B 180 20.99 26.08 12.53
N TYR B 181 22.03 25.60 13.20
CA TYR B 181 22.84 26.46 14.05
C TYR B 181 23.76 27.38 13.27
N ASN B 182 23.97 27.14 11.98
CA ASN B 182 24.72 28.08 11.15
C ASN B 182 23.84 29.08 10.44
N GLY B 183 22.53 29.03 10.67
CA GLY B 183 21.66 30.07 10.18
C GLY B 183 21.42 31.14 11.23
N THR B 184 20.97 32.31 10.76
CA THR B 184 20.61 33.40 11.65
C THR B 184 19.09 33.51 11.73
N TRP B 185 18.63 34.15 12.80
CA TRP B 185 17.20 34.38 12.99
C TRP B 185 16.89 35.79 12.50
N GLY B 186 16.66 35.92 11.19
CA GLY B 186 16.35 37.20 10.60
C GLY B 186 17.51 37.80 9.85
N GLY B 187 17.37 39.08 9.55
CA GLY B 187 18.34 39.77 8.73
C GLY B 187 18.22 39.50 7.24
N GLY B 188 17.28 38.65 6.83
CA GLY B 188 17.14 38.29 5.43
C GLY B 188 18.36 37.50 4.97
N GLY B 189 18.38 37.13 3.70
CA GLY B 189 19.52 36.46 3.13
C GLY B 189 19.35 34.95 3.05
N ALA B 190 20.34 34.31 2.42
CA ALA B 190 20.26 32.88 2.14
C ALA B 190 20.37 32.05 3.42
N ASN B 191 21.04 32.57 4.45
CA ASN B 191 21.20 31.86 5.71
C ASN B 191 20.24 32.35 6.78
N ASP B 192 19.20 33.08 6.39
CA ASP B 192 18.14 33.48 7.32
C ASP B 192 17.24 32.28 7.54
N TRP B 193 17.36 31.64 8.70
CA TRP B 193 16.55 30.48 9.00
C TRP B 193 15.08 30.84 9.18
N ALA B 194 14.80 32.02 9.74
CA ALA B 194 13.41 32.46 9.86
C ALA B 194 12.76 32.60 8.50
N ARG B 195 13.48 33.18 7.53
CA ARG B 195 12.97 33.28 6.17
C ARG B 195 12.77 31.91 5.56
N ALA B 196 13.75 31.01 5.73
CA ALA B 196 13.63 29.67 5.17
C ALA B 196 12.46 28.92 5.81
N ALA B 197 12.31 29.02 7.12
CA ALA B 197 11.20 28.34 7.81
C ALA B 197 9.86 28.87 7.29
N GLU B 198 9.73 30.19 7.15
CA GLU B 198 8.50 30.75 6.64
C GLU B 198 8.23 30.31 5.21
N ARG B 199 9.30 30.18 4.41
CA ARG B 199 9.12 29.73 3.03
C ARG B 199 8.61 28.30 2.97
N ALA B 200 9.28 27.39 3.67
CA ALA B 200 8.86 25.99 3.65
C ALA B 200 7.52 25.79 4.35
N GLY B 201 7.29 26.51 5.46
CA GLY B 201 6.03 26.38 6.17
C GLY B 201 4.84 26.77 5.31
N ASN B 202 4.97 27.86 4.56
CA ASN B 202 3.88 28.30 3.69
C ASN B 202 3.64 27.32 2.55
N ALA B 203 4.72 26.78 1.97
CA ALA B 203 4.58 25.81 0.90
C ALA B 203 3.83 24.57 1.37
N ALA B 204 4.15 24.09 2.58
CA ALA B 204 3.45 22.94 3.12
C ALA B 204 2.01 23.27 3.47
N LEU B 205 1.76 24.48 3.96
CA LEU B 205 0.40 24.84 4.38
C LEU B 205 -0.50 25.08 3.19
N ALA B 206 0.06 25.49 2.04
CA ALA B 206 -0.74 25.64 0.83
C ALA B 206 -1.25 24.31 0.30
N ILE B 207 -0.60 23.21 0.67
CA ILE B 207 -1.08 21.89 0.30
C ILE B 207 -1.94 21.29 1.40
N ASN B 208 -1.49 21.39 2.65
CA ASN B 208 -2.25 20.93 3.81
C ASN B 208 -2.25 22.03 4.85
N PRO B 209 -3.32 22.83 4.93
CA PRO B 209 -3.36 23.93 5.90
C PRO B 209 -3.63 23.50 7.34
N ASN B 210 -3.75 22.21 7.62
CA ASN B 210 -3.96 21.71 8.97
C ASN B 210 -2.70 21.13 9.58
N LEU B 211 -1.57 21.19 8.88
CA LEU B 211 -0.31 20.75 9.44
C LEU B 211 0.15 21.70 10.53
N LEU B 212 0.74 21.14 11.59
CA LEU B 212 1.51 21.95 12.52
C LEU B 212 2.89 22.19 11.93
N ILE B 213 3.32 23.45 11.91
CA ILE B 213 4.60 23.82 11.35
C ILE B 213 5.57 24.01 12.52
N ILE B 214 6.49 23.07 12.69
CA ILE B 214 7.37 23.00 13.84
C ILE B 214 8.70 23.65 13.46
N VAL B 215 9.04 24.74 14.16
CA VAL B 215 10.17 25.57 13.80
C VAL B 215 11.18 25.55 14.94
N GLU B 216 12.37 25.04 14.67
CA GLU B 216 13.43 25.01 15.66
C GLU B 216 14.16 26.35 15.72
N GLY B 217 14.82 26.59 16.85
CA GLY B 217 15.68 27.74 16.97
C GLY B 217 16.98 27.56 16.22
N VAL B 218 17.85 28.56 16.35
CA VAL B 218 19.17 28.50 15.74
C VAL B 218 20.20 28.20 16.83
N GLY B 219 21.43 28.67 16.63
CA GLY B 219 22.49 28.41 17.60
C GLY B 219 22.93 29.66 18.34
N SER B 220 22.90 30.81 17.66
CA SER B 220 23.38 32.06 18.23
C SER B 220 22.48 33.20 17.79
N TYR B 221 22.30 34.17 18.69
CA TYR B 221 21.49 35.35 18.40
C TYR B 221 21.94 36.48 19.32
N LYS B 222 22.36 37.59 18.74
CA LYS B 222 22.79 38.77 19.49
C LYS B 222 23.92 38.43 20.45
N GLY B 223 24.84 37.58 20.01
CA GLY B 223 25.97 37.19 20.83
C GLY B 223 25.68 36.17 21.90
N ASP B 224 24.48 35.60 21.91
CA ASP B 224 24.06 34.64 22.92
C ASP B 224 24.05 33.25 22.28
N ASN B 225 24.84 32.34 22.84
CA ASN B 225 24.98 30.99 22.31
C ASN B 225 24.24 30.00 23.22
N TYR B 226 23.58 29.03 22.59
CA TYR B 226 22.86 27.99 23.33
C TYR B 226 22.96 26.69 22.54
N TRP B 227 22.31 25.65 23.06
CA TRP B 227 22.23 24.38 22.36
C TRP B 227 21.69 24.59 20.95
N TRP B 228 22.27 23.88 19.98
CA TRP B 228 21.81 23.95 18.61
C TRP B 228 20.32 23.64 18.55
N GLY B 229 19.55 24.58 17.99
CA GLY B 229 18.12 24.45 17.89
C GLY B 229 17.34 24.97 19.08
N GLY B 230 18.01 25.20 20.21
CA GLY B 230 17.36 25.73 21.39
C GLY B 230 17.40 27.22 21.52
N GLN B 231 18.09 27.91 20.63
CA GLN B 231 18.18 29.37 20.67
C GLN B 231 16.94 29.93 19.97
N LEU B 232 15.94 30.33 20.75
CA LEU B 232 14.70 30.86 20.20
C LEU B 232 14.43 32.26 20.73
N GLN B 233 15.48 32.99 21.12
CA GLN B 233 15.30 34.34 21.62
C GLN B 233 14.85 35.32 20.53
N GLY B 234 15.00 34.95 19.26
CA GLY B 234 14.61 35.84 18.19
C GLY B 234 13.12 35.95 17.96
N VAL B 235 12.33 35.02 18.52
CA VAL B 235 10.89 35.03 18.31
C VAL B 235 10.26 36.29 18.90
N LYS B 236 10.84 36.81 19.99
CA LYS B 236 10.25 37.96 20.67
C LYS B 236 10.06 39.13 19.71
N ASP B 237 11.09 39.44 18.93
CA ASP B 237 11.06 40.60 18.03
C ASP B 237 10.66 40.24 16.60
N ARG B 238 10.94 39.02 16.15
CA ARG B 238 10.64 38.60 14.78
C ARG B 238 10.07 37.19 14.80
N PRO B 239 8.81 37.03 15.17
CA PRO B 239 8.21 35.70 15.20
C PRO B 239 7.95 35.19 13.79
N ILE B 240 7.85 33.86 13.69
CA ILE B 240 7.47 33.24 12.43
C ILE B 240 6.03 33.62 12.11
N GLN B 241 5.80 34.12 10.90
CA GLN B 241 4.47 34.49 10.44
C GLN B 241 4.16 33.69 9.18
N LEU B 242 3.04 32.96 9.21
CA LEU B 242 2.67 32.07 8.12
C LEU B 242 1.33 32.50 7.52
N ASN B 243 1.09 32.02 6.30
CA ASN B 243 -0.14 32.38 5.58
C ASN B 243 -1.38 31.87 6.32
N VAL B 244 -1.28 30.71 6.94
CA VAL B 244 -2.35 30.15 7.76
C VAL B 244 -1.98 30.34 9.22
N ALA B 245 -2.88 30.95 9.99
CA ALA B 245 -2.58 31.29 11.37
C ALA B 245 -2.80 30.09 12.28
N ASN B 246 -2.20 30.18 13.48
CA ASN B 246 -2.38 29.20 14.55
C ASN B 246 -1.87 27.81 14.14
N ARG B 247 -0.69 27.78 13.51
CA ARG B 247 -0.05 26.54 13.14
C ARG B 247 1.41 26.44 13.57
N VAL B 248 1.99 27.52 14.10
CA VAL B 248 3.42 27.53 14.43
C VAL B 248 3.63 26.91 15.81
N VAL B 249 4.57 25.98 15.89
CA VAL B 249 5.00 25.39 17.15
C VAL B 249 6.52 25.50 17.19
N TYR B 250 7.03 26.25 18.16
CA TYR B 250 8.48 26.40 18.30
C TYR B 250 9.07 25.22 19.04
N SER B 251 10.23 24.77 18.58
CA SER B 251 10.83 23.51 19.05
C SER B 251 12.29 23.70 19.45
N PRO B 252 12.55 23.97 20.72
CA PRO B 252 13.94 24.03 21.19
C PRO B 252 14.52 22.63 21.34
N HIS B 253 15.86 22.59 21.37
CA HIS B 253 16.59 21.43 21.81
C HIS B 253 17.36 21.81 23.06
N ASP B 254 17.57 20.84 23.95
CA ASP B 254 18.22 21.12 25.23
C ASP B 254 18.86 19.85 25.74
N TYR B 255 20.11 19.96 26.20
CA TYR B 255 20.91 18.79 26.55
C TYR B 255 21.66 19.03 27.86
N PRO B 256 22.22 17.98 28.49
CA PRO B 256 22.90 18.18 29.77
C PRO B 256 24.40 18.35 29.68
N ASN B 257 25.06 18.32 30.84
CA ASN B 257 26.50 18.60 30.92
C ASN B 257 27.32 17.51 30.25
N SER B 258 26.87 16.27 30.30
CA SER B 258 27.63 15.18 29.69
C SER B 258 27.75 15.35 28.18
N VAL B 259 26.73 15.95 27.55
CA VAL B 259 26.82 16.19 26.11
C VAL B 259 27.83 17.29 25.81
N TRP B 260 27.82 18.36 26.60
CA TRP B 260 28.78 19.45 26.45
C TRP B 260 28.83 20.24 27.75
N GLN B 261 30.04 20.56 28.20
CA GLN B 261 30.26 21.29 29.44
CA GLN B 261 30.25 21.28 29.44
C GLN B 261 29.97 22.77 29.18
N GLN B 262 28.69 23.09 29.15
CA GLN B 262 28.27 24.46 28.87
C GLN B 262 28.53 25.36 30.08
N PRO B 263 28.79 26.65 29.85
CA PRO B 263 29.12 27.55 30.97
C PRO B 263 27.99 27.71 31.97
N TRP B 264 26.74 27.47 31.58
CA TRP B 264 25.63 27.58 32.52
C TRP B 264 25.44 26.32 33.36
N PHE B 265 26.35 25.36 33.28
CA PHE B 265 26.40 24.23 34.20
C PHE B 265 27.49 24.39 35.24
N GLN B 266 28.19 25.52 35.27
CA GLN B 266 29.32 25.70 36.17
C GLN B 266 28.85 26.01 37.59
N GLY B 267 29.56 25.46 38.57
CA GLY B 267 29.27 25.72 39.96
C GLY B 267 28.40 24.65 40.58
N ASP B 268 28.52 24.49 41.90
CA ASP B 268 27.74 23.46 42.60
C ASP B 268 26.25 23.73 42.51
N ASN B 269 25.85 24.99 42.65
CA ASN B 269 24.44 25.38 42.66
C ASN B 269 23.91 25.79 41.29
N PHE B 270 24.46 25.23 40.22
CA PHE B 270 24.04 25.63 38.88
C PHE B 270 22.58 25.30 38.62
N GLY B 271 22.05 24.27 39.27
CA GLY B 271 20.68 23.85 39.00
C GLY B 271 19.64 24.89 39.37
N ALA B 272 19.95 25.72 40.37
CA ALA B 272 19.01 26.77 40.78
C ALA B 272 18.79 27.80 39.68
N GLY B 273 19.79 28.02 38.84
CA GLY B 273 19.67 28.94 37.72
C GLY B 273 19.17 28.34 36.43
N LEU B 274 18.90 27.04 36.40
CA LEU B 274 18.49 26.39 35.17
C LEU B 274 17.11 26.86 34.70
N PRO B 275 16.09 26.96 35.57
CA PRO B 275 14.79 27.47 35.08
C PRO B 275 14.88 28.82 34.40
N ALA B 276 15.62 29.77 34.97
CA ALA B 276 15.79 31.06 34.32
C ALA B 276 16.47 30.93 32.96
N LYS B 277 17.40 29.98 32.83
CA LYS B 277 18.08 29.80 31.56
C LYS B 277 17.13 29.23 30.50
N PHE B 278 16.32 28.23 30.86
CA PHE B 278 15.32 27.72 29.94
C PHE B 278 14.39 28.84 29.48
N ARG B 279 13.84 29.60 30.43
CA ARG B 279 12.92 30.69 30.08
C ARG B 279 13.59 31.72 29.19
N SER B 280 14.84 32.07 29.50
CA SER B 280 15.54 33.06 28.70
C SER B 280 15.69 32.62 27.25
N GLU B 281 16.00 31.35 27.02
CA GLU B 281 16.31 30.87 25.68
C GLU B 281 15.08 30.47 24.88
N TRP B 282 14.06 29.90 25.51
CA TRP B 282 12.92 29.43 24.75
C TRP B 282 11.64 29.30 25.60
N GLY B 283 11.79 29.21 26.92
CA GLY B 283 10.62 29.00 27.76
C GLY B 283 9.67 30.19 27.80
N TYR B 284 10.20 31.40 27.57
CA TYR B 284 9.36 32.59 27.58
C TYR B 284 8.22 32.50 26.56
N ILE B 285 8.44 31.76 25.47
CA ILE B 285 7.41 31.60 24.45
C ILE B 285 6.15 30.97 25.05
N TYR B 286 6.34 29.96 25.91
CA TYR B 286 5.20 29.32 26.55
C TYR B 286 4.65 30.17 27.69
N GLU B 287 5.53 30.74 28.52
CA GLU B 287 5.07 31.48 29.69
C GLU B 287 4.29 32.74 29.31
N GLN B 288 4.68 33.38 28.21
CA GLN B 288 4.01 34.59 27.74
C GLN B 288 2.88 34.27 26.77
N ASN B 289 2.55 32.99 26.59
CA ASN B 289 1.42 32.57 25.77
C ASN B 289 1.59 32.97 24.30
N ILE B 290 2.83 33.04 23.83
CA ILE B 290 3.08 33.42 22.45
C ILE B 290 2.70 32.28 21.51
N ALA B 291 3.18 31.07 21.80
CA ALA B 291 3.01 29.93 20.93
C ALA B 291 3.31 28.67 21.72
N PRO B 292 2.90 27.50 21.24
CA PRO B 292 3.22 26.26 21.96
C PRO B 292 4.71 25.97 21.92
N ILE B 293 5.15 25.20 22.92
CA ILE B 293 6.54 24.77 23.03
C ILE B 293 6.56 23.25 22.94
N TYR B 294 7.40 22.72 22.05
CA TYR B 294 7.58 21.28 21.87
C TYR B 294 9.09 21.04 21.79
N ILE B 295 9.70 20.61 22.89
CA ILE B 295 11.13 20.36 22.85
C ILE B 295 11.36 19.05 22.10
N GLY B 296 12.02 19.15 20.94
CA GLY B 296 12.11 18.02 20.04
C GLY B 296 13.19 17.02 20.40
N GLU B 297 14.20 17.45 21.15
CA GLU B 297 15.31 16.57 21.51
C GLU B 297 15.78 16.92 22.91
N PHE B 298 15.88 15.90 23.76
CA PHE B 298 16.57 15.99 25.05
C PHE B 298 16.81 14.58 25.53
N GLY B 299 17.99 14.35 26.09
CA GLY B 299 18.36 13.00 26.48
C GLY B 299 19.64 13.01 27.29
N THR B 300 19.90 11.87 27.94
CA THR B 300 21.02 11.73 28.86
C THR B 300 21.18 10.27 29.23
N LYS B 301 22.42 9.87 29.51
CA LYS B 301 22.69 8.55 30.05
C LYS B 301 22.53 8.49 31.57
N LEU B 302 22.35 9.64 32.22
CA LEU B 302 22.21 9.74 33.68
C LEU B 302 23.44 9.22 34.41
N ILE B 303 24.61 9.32 33.78
CA ILE B 303 25.87 8.99 34.44
C ILE B 303 26.46 10.20 35.14
N ASP B 304 26.51 11.33 34.44
CA ASP B 304 27.03 12.56 35.04
C ASP B 304 26.08 13.04 36.14
N PRO B 305 26.60 13.32 37.35
CA PRO B 305 25.73 13.87 38.40
C PRO B 305 24.96 15.12 37.99
N LYS B 306 25.51 15.94 37.10
CA LYS B 306 24.84 17.15 36.67
C LYS B 306 23.73 16.89 35.65
N ASP B 307 23.71 15.69 35.05
CA ASP B 307 22.60 15.34 34.16
C ASP B 307 21.32 15.16 34.96
N ALA B 308 21.40 14.45 36.08
CA ALA B 308 20.21 14.25 36.92
C ALA B 308 19.66 15.58 37.41
N VAL B 309 20.54 16.50 37.82
CA VAL B 309 20.09 17.83 38.24
C VAL B 309 19.44 18.57 37.08
N TRP B 310 20.04 18.47 35.89
CA TRP B 310 19.46 19.12 34.71
C TRP B 310 18.10 18.53 34.36
N LEU B 311 18.01 17.20 34.35
CA LEU B 311 16.77 16.55 33.93
C LEU B 311 15.64 16.78 34.93
N GLU B 312 15.96 16.85 36.23
CA GLU B 312 14.94 17.17 37.21
C GLU B 312 14.43 18.60 37.03
N ALA B 313 15.33 19.54 36.77
CA ALA B 313 14.92 20.92 36.54
C ALA B 313 14.12 21.04 35.24
N LEU B 314 14.56 20.35 34.18
CA LEU B 314 13.89 20.49 32.89
C LEU B 314 12.50 19.85 32.92
N THR B 315 12.38 18.65 33.47
CA THR B 315 11.07 18.01 33.55
C THR B 315 10.12 18.80 34.43
N SER B 316 10.64 19.45 35.48
CA SER B 316 9.80 20.32 36.29
C SER B 316 9.38 21.55 35.50
N TYR B 317 10.32 22.16 34.77
CA TYR B 317 9.98 23.33 33.97
C TYR B 317 8.95 22.97 32.90
N LEU B 318 9.13 21.83 32.23
CA LEU B 318 8.19 21.42 31.20
C LEU B 318 6.80 21.21 31.76
N SER B 319 6.71 20.70 32.99
CA SER B 319 5.41 20.42 33.60
C SER B 319 4.66 21.68 34.01
N GLY B 320 5.28 22.85 33.88
CA GLY B 320 4.64 24.10 34.26
C GLY B 320 5.12 24.67 35.58
N ASP B 321 6.04 24.01 36.26
CA ASP B 321 6.66 24.54 37.47
C ASP B 321 7.82 25.43 37.01
N PHE B 322 7.51 26.69 36.72
CA PHE B 322 8.46 27.56 36.05
C PHE B 322 9.65 27.94 36.91
N ASP B 323 9.55 27.79 38.24
CA ASP B 323 10.66 28.09 39.13
C ASP B 323 11.18 26.86 39.86
N ASN B 324 10.66 25.67 39.52
CA ASN B 324 11.12 24.41 40.12
C ASN B 324 11.01 24.42 41.65
N ASN B 325 9.95 25.04 42.16
CA ASN B 325 9.72 25.12 43.59
C ASN B 325 8.87 23.97 44.11
N GLY B 326 8.39 23.09 43.23
CA GLY B 326 7.55 21.98 43.62
C GLY B 326 6.08 22.16 43.34
N THR B 327 5.66 23.35 42.91
CA THR B 327 4.27 23.64 42.60
C THR B 327 4.13 24.06 41.15
N ILE B 328 3.11 23.55 40.48
CA ILE B 328 2.86 23.84 39.07
C ILE B 328 2.09 25.15 38.97
N ASP B 329 2.45 25.97 37.96
CA ASP B 329 1.98 27.34 37.87
C ASP B 329 1.08 27.60 36.67
N ILE B 330 0.60 26.55 35.98
CA ILE B 330 -0.23 26.76 34.80
C ILE B 330 -1.70 26.62 35.18
N PRO B 331 -2.60 27.33 34.49
CA PRO B 331 -4.02 27.24 34.84
C PRO B 331 -4.61 25.87 34.54
N ALA B 332 -5.61 25.50 35.33
CA ALA B 332 -6.29 24.23 35.14
C ALA B 332 -6.95 24.17 33.77
N GLY B 333 -7.09 22.96 33.24
CA GLY B 333 -7.60 22.78 31.90
C GLY B 333 -6.57 22.90 30.81
N THR B 334 -5.47 23.61 31.05
CA THR B 334 -4.40 23.77 30.08
C THR B 334 -3.38 22.64 30.23
N GLU B 335 -2.68 22.35 29.15
CA GLU B 335 -1.70 21.28 29.12
C GLU B 335 -0.29 21.85 29.20
N ASP B 336 0.61 21.06 29.79
CA ASP B 336 2.00 21.45 29.93
C ASP B 336 2.72 21.33 28.59
N MET B 337 4.03 21.57 28.61
CA MET B 337 4.81 21.64 27.39
C MET B 337 4.99 20.26 26.76
N SER B 338 5.04 20.23 25.43
CA SER B 338 5.19 18.99 24.68
C SER B 338 6.67 18.64 24.53
N TRP B 339 6.93 17.35 24.27
CA TRP B 339 8.32 16.90 24.20
C TRP B 339 8.41 15.56 23.47
N THR B 340 9.62 15.30 22.94
CA THR B 340 10.01 13.98 22.45
C THR B 340 11.43 13.73 22.92
N PHE B 341 11.62 12.63 23.65
CA PHE B 341 12.92 12.28 24.22
C PHE B 341 13.86 11.75 23.15
N TRP B 342 15.13 12.14 23.23
CA TRP B 342 16.18 11.58 22.37
C TRP B 342 17.01 10.62 23.21
N SER B 343 16.89 9.33 22.94
CA SER B 343 16.05 8.82 21.85
C SER B 343 15.39 7.51 22.27
N TRP B 344 14.52 6.99 21.40
CA TRP B 344 14.09 5.61 21.54
C TRP B 344 15.27 4.66 21.30
N ASN B 345 16.04 4.93 20.25
CA ASN B 345 17.17 4.09 19.89
C ASN B 345 18.18 4.03 21.03
N PRO B 346 18.84 2.89 21.24
CA PRO B 346 20.01 2.86 22.13
C PRO B 346 21.28 3.33 21.47
N ASN B 347 21.38 3.26 20.14
CA ASN B 347 22.63 3.50 19.44
C ASN B 347 22.86 4.99 19.20
N SER B 348 22.70 5.80 20.24
CA SER B 348 23.09 7.21 20.23
C SER B 348 24.28 7.36 21.18
N GLY B 349 25.42 7.79 20.63
CA GLY B 349 26.68 7.65 21.36
C GLY B 349 26.75 8.45 22.65
N ASP B 350 26.24 9.68 22.62
CA ASP B 350 26.38 10.57 23.77
C ASP B 350 25.18 10.57 24.70
N THR B 351 24.05 9.97 24.32
CA THR B 351 22.84 10.02 25.12
C THR B 351 22.26 8.66 25.49
N GLY B 352 22.56 7.61 24.74
CA GLY B 352 21.81 6.39 24.95
C GLY B 352 20.35 6.63 24.59
N GLY B 353 19.48 5.78 25.11
CA GLY B 353 18.08 5.92 24.77
C GLY B 353 17.16 5.30 25.80
N ILE B 354 15.90 5.14 25.40
CA ILE B 354 14.93 4.44 26.24
C ILE B 354 15.23 2.95 26.25
N LEU B 355 15.56 2.40 25.09
CA LEU B 355 15.95 0.99 24.99
C LEU B 355 17.42 0.83 25.33
N ALA B 356 17.75 -0.27 26.01
CA ALA B 356 19.13 -0.61 26.26
C ALA B 356 19.78 -1.14 24.98
N ASP B 357 21.06 -1.49 25.08
CA ASP B 357 21.81 -1.91 23.89
C ASP B 357 21.26 -3.18 23.26
N ASP B 358 20.52 -4.00 24.00
CA ASP B 358 19.92 -5.20 23.42
C ASP B 358 18.68 -4.91 22.59
N TRP B 359 18.30 -3.63 22.45
CA TRP B 359 17.15 -3.20 21.64
C TRP B 359 15.83 -3.76 22.17
N ARG B 360 15.79 -4.18 23.43
CA ARG B 360 14.60 -4.82 23.98
C ARG B 360 14.29 -4.33 25.38
N THR B 361 15.33 -4.09 26.18
CA THR B 361 15.16 -3.73 27.58
C THR B 361 14.91 -2.22 27.72
N ILE B 362 14.01 -1.87 28.64
CA ILE B 362 13.70 -0.48 28.92
C ILE B 362 14.62 0.03 30.02
N ASN B 363 15.18 1.23 29.82
CA ASN B 363 15.99 1.88 30.84
C ASN B 363 15.05 2.56 31.83
N GLN B 364 14.78 1.88 32.94
CA GLN B 364 13.73 2.35 33.85
C GLN B 364 14.11 3.63 34.58
N ASN B 365 15.41 3.87 34.82
CA ASN B 365 15.80 5.07 35.54
C ASN B 365 15.48 6.33 34.72
N LYS B 366 15.45 6.22 33.40
CA LYS B 366 15.03 7.34 32.58
C LYS B 366 13.51 7.50 32.55
N MET B 367 12.77 6.40 32.68
CA MET B 367 11.32 6.47 32.62
C MET B 367 10.73 7.09 33.89
N VAL B 368 11.42 6.96 35.02
CA VAL B 368 10.95 7.59 36.25
C VAL B 368 10.84 9.10 36.07
N TYR B 369 11.80 9.70 35.35
CA TYR B 369 11.74 11.14 35.09
C TYR B 369 10.60 11.49 34.14
N LEU B 370 10.37 10.65 33.13
CA LEU B 370 9.46 10.98 32.04
C LEU B 370 8.00 10.67 32.35
N LYS B 371 7.73 9.66 33.18
CA LYS B 371 6.36 9.26 33.48
C LYS B 371 5.48 10.41 33.96
N PRO B 372 5.88 11.23 34.95
CA PRO B 372 4.95 12.25 35.45
C PRO B 372 4.62 13.36 34.45
N ILE B 373 5.35 13.47 33.35
CA ILE B 373 5.10 14.53 32.37
C ILE B 373 4.59 13.95 31.04
N GLN B 374 4.12 12.71 31.05
CA GLN B 374 3.48 12.17 29.86
C GLN B 374 2.01 12.60 29.81
N TYR B 375 1.42 12.48 28.62
CA TYR B 375 0.03 12.84 28.41
C TYR B 375 -0.86 11.69 28.89
N THR B 376 -1.67 11.96 29.91
CA THR B 376 -2.47 10.91 30.54
C THR B 376 -3.95 11.07 30.20
N GLY C 14 -34.31 -17.29 -7.33
CA GLY C 14 -35.24 -16.42 -6.65
C GLY C 14 -36.31 -15.86 -7.57
N GLY C 15 -36.28 -16.30 -8.83
CA GLY C 15 -37.23 -15.79 -9.81
C GLY C 15 -38.65 -16.19 -9.48
N ILE C 16 -39.58 -15.30 -9.84
CA ILE C 16 -41.01 -15.50 -9.62
C ILE C 16 -41.72 -15.33 -10.94
N ALA C 17 -42.69 -16.20 -11.23
CA ALA C 17 -43.42 -16.17 -12.48
C ALA C 17 -44.03 -14.80 -12.72
N PRO C 18 -44.08 -14.34 -13.98
CA PRO C 18 -44.58 -12.98 -14.25
C PRO C 18 -46.01 -12.80 -13.79
N GLY C 19 -46.30 -11.61 -13.28
CA GLY C 19 -47.64 -11.27 -12.82
C GLY C 19 -47.66 -10.97 -11.33
N PHE C 20 -48.84 -10.52 -10.89
CA PHE C 20 -49.04 -10.17 -9.50
C PHE C 20 -49.16 -11.42 -8.64
N LEU C 21 -49.21 -11.22 -7.33
CA LEU C 21 -49.22 -12.30 -6.35
C LEU C 21 -50.53 -12.32 -5.59
N ARG C 22 -50.74 -13.43 -4.87
CA ARG C 22 -51.90 -13.60 -4.00
C ARG C 22 -51.49 -14.39 -2.79
N THR C 23 -52.39 -14.45 -1.81
CA THR C 23 -52.18 -15.23 -0.60
C THR C 23 -53.16 -16.39 -0.54
N SER C 24 -52.78 -17.40 0.24
CA SER C 24 -53.64 -18.56 0.48
C SER C 24 -53.13 -19.24 1.73
N GLY C 25 -53.87 -19.11 2.83
CA GLY C 25 -53.32 -19.55 4.10
C GLY C 25 -52.11 -18.71 4.46
N ASN C 26 -51.07 -19.37 4.95
CA ASN C 26 -49.83 -18.70 5.31
C ASN C 26 -48.86 -18.61 4.14
N GLN C 27 -49.34 -18.75 2.91
CA GLN C 27 -48.48 -18.82 1.74
C GLN C 27 -48.77 -17.66 0.78
N ILE C 28 -47.73 -17.18 0.12
CA ILE C 28 -47.85 -16.26 -1.00
C ILE C 28 -47.70 -17.07 -2.28
N LEU C 29 -48.64 -16.90 -3.20
CA LEU C 29 -48.66 -17.64 -4.46
C LEU C 29 -48.43 -16.70 -5.63
N ASP C 30 -47.83 -17.23 -6.69
CA ASP C 30 -47.68 -16.46 -7.92
C ASP C 30 -48.97 -16.52 -8.73
N SER C 31 -48.98 -15.84 -9.88
CA SER C 31 -50.20 -15.76 -10.68
C SER C 31 -50.62 -17.09 -11.28
N GLN C 32 -49.82 -18.15 -11.12
CA GLN C 32 -50.19 -19.49 -11.57
C GLN C 32 -50.47 -20.44 -10.40
N GLY C 33 -50.52 -19.93 -9.19
CA GLY C 33 -50.82 -20.74 -8.03
C GLY C 33 -49.64 -21.41 -7.37
N LYS C 34 -48.42 -21.13 -7.82
CA LYS C 34 -47.25 -21.75 -7.22
C LYS C 34 -46.82 -20.96 -5.99
N PRO C 35 -46.67 -21.60 -4.82
CA PRO C 35 -46.21 -20.89 -3.63
C PRO C 35 -44.78 -20.40 -3.81
N VAL C 36 -44.56 -19.12 -3.50
CA VAL C 36 -43.23 -18.52 -3.62
C VAL C 36 -42.84 -17.91 -2.28
N GLN C 37 -41.68 -17.26 -2.24
CA GLN C 37 -41.16 -16.67 -1.02
C GLN C 37 -40.36 -15.43 -1.36
N LEU C 38 -40.53 -14.38 -0.56
CA LEU C 38 -39.84 -13.11 -0.75
C LEU C 38 -38.67 -13.02 0.22
N THR C 39 -37.45 -12.95 -0.31
CA THR C 39 -36.23 -12.92 0.52
C THR C 39 -35.33 -11.82 -0.03
N GLY C 40 -35.35 -10.65 0.60
CA GLY C 40 -34.63 -9.53 0.05
C GLY C 40 -34.00 -8.59 1.07
N VAL C 41 -33.89 -7.31 0.70
CA VAL C 41 -33.16 -6.33 1.49
C VAL C 41 -33.90 -4.99 1.45
N ASN C 42 -33.61 -4.16 2.44
CA ASN C 42 -34.10 -2.79 2.48
C ASN C 42 -33.09 -1.87 1.81
N TRP C 43 -33.59 -1.00 0.93
CA TRP C 43 -32.77 0.02 0.26
C TRP C 43 -33.39 1.37 0.58
N PHE C 44 -32.97 1.98 1.68
CA PHE C 44 -33.59 3.23 2.11
C PHE C 44 -32.84 4.44 1.56
N GLY C 45 -33.43 5.62 1.77
CA GLY C 45 -32.90 6.85 1.22
C GLY C 45 -33.97 7.73 0.60
N ALA C 46 -34.93 7.11 -0.09
CA ALA C 46 -36.00 7.89 -0.72
C ALA C 46 -36.90 8.57 0.30
N GLN C 47 -36.84 8.17 1.57
CA GLN C 47 -37.54 8.87 2.64
C GLN C 47 -36.76 10.06 3.18
N SER C 48 -35.53 10.27 2.70
CA SER C 48 -34.68 11.34 3.19
C SER C 48 -34.86 12.60 2.33
N SER C 49 -34.11 13.66 2.69
CA SER C 49 -34.18 14.91 1.95
C SER C 49 -33.66 14.77 0.53
N ASN C 50 -32.86 13.73 0.25
CA ASN C 50 -32.34 13.53 -1.10
C ASN C 50 -33.43 13.03 -2.05
N GLY C 51 -34.39 12.27 -1.54
CA GLY C 51 -35.51 11.81 -2.34
C GLY C 51 -35.23 10.59 -3.19
N VAL C 52 -34.07 9.96 -3.04
CA VAL C 52 -33.72 8.77 -3.80
C VAL C 52 -33.00 7.80 -2.87
N PRO C 53 -33.04 6.50 -3.19
CA PRO C 53 -32.31 5.52 -2.37
C PRO C 53 -30.83 5.85 -2.29
N ASP C 54 -30.23 5.54 -1.14
CA ASP C 54 -28.88 5.98 -0.83
C ASP C 54 -27.84 5.24 -1.69
N GLY C 55 -26.62 5.77 -1.67
CA GLY C 55 -25.48 5.10 -2.27
C GLY C 55 -25.18 5.47 -3.69
N LEU C 56 -26.08 6.17 -4.38
CA LEU C 56 -25.83 6.57 -5.76
C LEU C 56 -24.83 7.72 -5.85
N TRP C 57 -24.24 8.16 -4.74
CA TRP C 57 -23.12 9.09 -4.81
C TRP C 57 -21.80 8.38 -5.13
N THR C 58 -21.76 7.05 -5.04
CA THR C 58 -20.52 6.31 -5.30
C THR C 58 -20.77 5.11 -6.21
N ARG C 59 -21.95 4.50 -6.12
CA ARG C 59 -22.28 3.31 -6.89
C ARG C 59 -23.26 3.65 -8.00
N ASN C 60 -23.27 2.78 -9.02
CA ASN C 60 -24.28 2.84 -10.07
C ASN C 60 -25.49 2.02 -9.66
N TYR C 61 -26.68 2.51 -10.00
CA TYR C 61 -27.89 1.87 -9.51
C TYR C 61 -28.10 0.49 -10.14
N LYS C 62 -27.74 0.33 -11.41
CA LYS C 62 -27.84 -0.99 -12.03
C LYS C 62 -26.86 -1.97 -11.40
N ASP C 63 -25.65 -1.49 -11.06
CA ASP C 63 -24.66 -2.36 -10.43
C ASP C 63 -25.14 -2.87 -9.09
N MET C 64 -25.80 -2.01 -8.31
CA MET C 64 -26.25 -2.42 -6.98
C MET C 64 -27.38 -3.43 -7.08
N ILE C 65 -28.37 -3.15 -7.93
CA ILE C 65 -29.47 -4.10 -8.14
C ILE C 65 -28.93 -5.43 -8.63
N ASP C 66 -28.02 -5.40 -9.61
CA ASP C 66 -27.39 -6.64 -10.07
C ASP C 66 -26.66 -7.34 -8.93
N GLN C 67 -26.04 -6.57 -8.03
CA GLN C 67 -25.34 -7.17 -6.90
C GLN C 67 -26.31 -7.78 -5.91
N MET C 68 -27.48 -7.16 -5.74
CA MET C 68 -28.51 -7.75 -4.89
C MET C 68 -28.94 -9.11 -5.41
N ALA C 69 -29.29 -9.17 -6.70
CA ALA C 69 -29.69 -10.44 -7.30
C ALA C 69 -28.56 -11.46 -7.22
N GLY C 70 -27.32 -11.02 -7.43
CA GLY C 70 -26.19 -11.93 -7.39
C GLY C 70 -25.92 -12.53 -6.02
N GLN C 71 -26.36 -11.87 -4.95
CA GLN C 71 -26.22 -12.39 -3.60
C GLN C 71 -27.40 -13.25 -3.17
N GLY C 72 -28.34 -13.52 -4.07
CA GLY C 72 -29.47 -14.39 -3.78
C GLY C 72 -30.75 -13.70 -3.38
N PHE C 73 -30.76 -12.37 -3.29
CA PHE C 73 -31.97 -11.65 -2.91
C PHE C 73 -32.88 -11.45 -4.11
N ASN C 74 -34.19 -11.47 -3.87
CA ASN C 74 -35.17 -11.31 -4.94
C ASN C 74 -36.18 -10.20 -4.66
N THR C 75 -36.00 -9.42 -3.60
CA THR C 75 -36.99 -8.43 -3.20
C THR C 75 -36.30 -7.19 -2.66
N ILE C 76 -36.81 -6.02 -3.03
CA ILE C 76 -36.35 -4.74 -2.49
C ILE C 76 -37.53 -4.07 -1.80
N ARG C 77 -37.42 -3.87 -0.50
CA ARG C 77 -38.31 -2.97 0.22
C ARG C 77 -37.73 -1.56 0.14
N ILE C 78 -38.50 -0.64 -0.43
CA ILE C 78 -38.03 0.72 -0.68
C ILE C 78 -38.83 1.69 0.19
N PRO C 79 -38.24 2.20 1.27
CA PRO C 79 -38.95 3.21 2.06
C PRO C 79 -39.04 4.54 1.31
N TYR C 80 -40.13 5.26 1.56
CA TYR C 80 -40.30 6.60 1.04
C TYR C 80 -41.01 7.45 2.08
N ALA C 81 -41.00 8.76 1.87
CA ALA C 81 -41.73 9.69 2.71
C ALA C 81 -42.87 10.31 1.91
N SER C 82 -43.93 10.69 2.62
CA SER C 82 -45.07 11.34 1.97
C SER C 82 -44.63 12.58 1.18
N ALA C 83 -43.59 13.26 1.65
CA ALA C 83 -43.09 14.45 0.96
C ALA C 83 -42.52 14.13 -0.42
N LEU C 84 -42.11 12.87 -0.65
CA LEU C 84 -41.60 12.48 -1.96
C LEU C 84 -42.65 12.70 -3.05
N LEU C 85 -43.93 12.49 -2.72
CA LEU C 85 -44.99 12.62 -3.70
C LEU C 85 -45.41 14.07 -3.94
N HIS C 86 -44.93 15.02 -3.15
CA HIS C 86 -45.42 16.39 -3.20
C HIS C 86 -44.29 17.41 -3.24
N THR C 87 -43.12 17.02 -3.74
CA THR C 87 -42.02 17.96 -3.88
C THR C 87 -41.60 18.07 -5.34
N ASN C 88 -41.14 19.25 -5.72
CA ASN C 88 -40.59 19.48 -7.04
C ASN C 88 -39.06 19.54 -7.01
N ALA C 89 -38.46 19.48 -5.83
CA ALA C 89 -37.00 19.55 -5.73
C ALA C 89 -36.35 18.41 -6.48
N ALA C 90 -35.34 18.74 -7.27
CA ALA C 90 -34.57 17.72 -7.96
C ALA C 90 -33.91 16.79 -6.93
N PRO C 91 -33.68 15.53 -7.27
CA PRO C 91 -32.94 14.65 -6.37
C PRO C 91 -31.54 15.20 -6.13
N SER C 92 -30.98 14.87 -4.97
CA SER C 92 -29.66 15.38 -4.59
C SER C 92 -28.76 14.23 -4.20
N GLY C 93 -27.48 14.36 -4.52
CA GLY C 93 -26.46 13.42 -4.11
C GLY C 93 -26.03 12.42 -5.15
N ILE C 94 -26.82 12.23 -6.21
CA ILE C 94 -26.49 11.23 -7.22
C ILE C 94 -25.21 11.63 -7.94
N ASN C 95 -24.33 10.66 -8.15
CA ASN C 95 -23.15 10.84 -9.00
C ASN C 95 -23.59 10.57 -10.44
N TYR C 96 -23.76 11.64 -11.22
CA TYR C 96 -24.25 11.49 -12.58
C TYR C 96 -23.17 11.03 -13.55
N ASN C 97 -21.89 11.09 -13.17
CA ASN C 97 -20.88 10.44 -13.99
C ASN C 97 -21.00 8.92 -13.91
N ALA C 98 -21.29 8.39 -12.72
CA ALA C 98 -21.52 6.96 -12.54
C ALA C 98 -22.95 6.55 -12.84
N ASN C 99 -23.90 7.49 -12.88
CA ASN C 99 -25.30 7.20 -13.18
C ASN C 99 -25.80 8.17 -14.26
N PRO C 100 -25.25 8.10 -15.47
CA PRO C 100 -25.63 9.10 -16.49
C PRO C 100 -27.07 9.00 -16.93
N ASP C 101 -27.66 7.80 -16.91
CA ASP C 101 -29.06 7.64 -17.29
C ASP C 101 -30.02 8.34 -16.34
N LEU C 102 -29.56 8.74 -15.16
CA LEU C 102 -30.41 9.39 -14.17
C LEU C 102 -30.30 10.91 -14.21
N GLN C 103 -29.41 11.47 -15.02
CA GLN C 103 -29.24 12.92 -15.07
C GLN C 103 -30.48 13.57 -15.67
N GLY C 104 -31.01 14.57 -14.98
CA GLY C 104 -32.18 15.29 -15.43
C GLY C 104 -33.51 14.68 -15.03
N LEU C 105 -33.50 13.57 -14.31
CA LEU C 105 -34.73 12.90 -13.90
C LEU C 105 -35.19 13.41 -12.53
N THR C 106 -36.50 13.49 -12.37
CA THR C 106 -37.07 13.84 -11.08
C THR C 106 -36.91 12.68 -10.09
N ARG C 107 -37.28 12.95 -8.83
CA ARG C 107 -37.20 11.92 -7.80
C ARG C 107 -38.07 10.72 -8.14
N MET C 108 -39.31 10.97 -8.58
CA MET C 108 -40.21 9.89 -8.94
C MET C 108 -39.69 9.12 -10.14
N GLN C 109 -39.11 9.83 -11.12
CA GLN C 109 -38.59 9.16 -12.31
C GLN C 109 -37.40 8.27 -11.99
N VAL C 110 -36.56 8.68 -11.03
CA VAL C 110 -35.47 7.81 -10.60
C VAL C 110 -36.04 6.55 -9.95
N LEU C 111 -37.11 6.69 -9.18
CA LEU C 111 -37.77 5.52 -8.62
C LEU C 111 -38.28 4.60 -9.72
N ASP C 112 -38.88 5.16 -10.76
CA ASP C 112 -39.33 4.35 -11.90
C ASP C 112 -38.17 3.61 -12.54
N LYS C 113 -37.03 4.28 -12.69
CA LYS C 113 -35.86 3.64 -13.29
C LYS C 113 -35.36 2.48 -12.44
N ILE C 114 -35.31 2.68 -11.12
CA ILE C 114 -34.86 1.61 -10.23
C ILE C 114 -35.83 0.44 -10.26
N ILE C 115 -37.14 0.73 -10.27
CA ILE C 115 -38.14 -0.34 -10.31
C ILE C 115 -38.08 -1.07 -11.64
N ASP C 116 -37.91 -0.33 -12.74
CA ASP C 116 -37.85 -0.97 -14.05
C ASP C 116 -36.66 -1.92 -14.15
N TYR C 117 -35.49 -1.48 -13.67
CA TYR C 117 -34.31 -2.33 -13.74
C TYR C 117 -34.40 -3.49 -12.75
N ALA C 118 -35.06 -3.28 -11.62
CA ALA C 118 -35.26 -4.37 -10.68
C ALA C 118 -36.10 -5.49 -11.31
N GLY C 119 -37.14 -5.12 -12.06
CA GLY C 119 -37.94 -6.13 -12.72
C GLY C 119 -37.17 -6.90 -13.77
N GLN C 120 -36.36 -6.19 -14.57
CA GLN C 120 -35.54 -6.86 -15.58
C GLN C 120 -34.52 -7.79 -14.94
N ALA C 121 -34.08 -7.50 -13.72
CA ALA C 121 -33.09 -8.30 -13.02
C ALA C 121 -33.70 -9.46 -12.23
N GLY C 122 -35.00 -9.68 -12.34
CA GLY C 122 -35.63 -10.79 -11.65
C GLY C 122 -35.99 -10.53 -10.20
N MET C 123 -36.19 -9.27 -9.81
CA MET C 123 -36.55 -8.93 -8.45
C MET C 123 -37.90 -8.24 -8.43
N ARG C 124 -38.51 -8.23 -7.25
CA ARG C 124 -39.76 -7.53 -7.01
C ARG C 124 -39.54 -6.43 -5.98
N VAL C 125 -40.50 -5.50 -5.91
CA VAL C 125 -40.34 -4.29 -5.12
C VAL C 125 -41.54 -4.13 -4.19
N ILE C 126 -41.27 -3.77 -2.94
CA ILE C 126 -42.29 -3.43 -1.96
C ILE C 126 -42.08 -1.97 -1.57
N LEU C 127 -43.11 -1.14 -1.80
CA LEU C 127 -43.06 0.26 -1.41
C LEU C 127 -43.53 0.41 0.03
N ASP C 128 -42.78 1.18 0.82
CA ASP C 128 -43.04 1.32 2.24
C ASP C 128 -43.16 2.80 2.58
N HIS C 129 -44.34 3.21 3.05
CA HIS C 129 -44.50 4.56 3.59
C HIS C 129 -43.78 4.62 4.92
N HIS C 130 -42.56 5.15 4.91
CA HIS C 130 -41.74 5.15 6.12
C HIS C 130 -42.10 6.29 7.07
N ARG C 131 -42.42 7.46 6.52
CA ARG C 131 -42.66 8.65 7.34
C ARG C 131 -43.37 9.69 6.49
N SER C 132 -43.72 10.82 7.11
CA SER C 132 -44.43 11.89 6.44
C SER C 132 -43.45 12.94 5.90
N THR C 133 -42.80 13.66 6.81
CA THR C 133 -41.77 14.61 6.40
C THR C 133 -40.51 13.87 5.97
N GLU C 134 -39.68 14.57 5.20
CA GLU C 134 -38.37 14.04 4.84
C GLU C 134 -37.53 13.86 6.09
N GLY C 135 -36.92 12.69 6.23
CA GLY C 135 -36.12 12.41 7.41
C GLY C 135 -35.40 11.08 7.29
N ALA C 136 -34.83 10.65 8.42
CA ALA C 136 -33.99 9.47 8.43
C ALA C 136 -34.76 8.21 8.80
N GLY C 137 -35.38 8.19 9.98
CA GLY C 137 -35.98 6.97 10.48
C GLY C 137 -37.48 6.98 10.68
N THR C 138 -37.94 6.21 11.66
CA THR C 138 -39.36 6.12 11.98
C THR C 138 -39.93 7.50 12.30
N SER C 139 -41.19 7.71 11.94
CA SER C 139 -41.84 8.99 12.16
C SER C 139 -41.75 9.40 13.63
N GLU C 140 -41.48 10.68 13.86
CA GLU C 140 -41.18 11.14 15.21
C GLU C 140 -42.37 11.04 16.15
N ASN C 141 -43.60 11.05 15.63
CA ASN C 141 -44.78 10.90 16.48
C ASN C 141 -45.27 9.47 16.58
N GLY C 142 -44.73 8.55 15.78
CA GLY C 142 -45.17 7.18 15.82
C GLY C 142 -46.48 6.90 15.11
N LEU C 143 -46.95 7.82 14.28
CA LEU C 143 -48.19 7.66 13.54
C LEU C 143 -47.91 7.74 12.04
N TRP C 144 -48.91 7.34 11.27
CA TRP C 144 -48.90 7.42 9.81
C TRP C 144 -49.27 8.80 9.29
N TYR C 145 -49.38 9.78 10.19
CA TYR C 145 -49.85 11.11 9.82
C TYR C 145 -49.41 12.10 10.89
N ASP C 146 -49.41 13.37 10.52
CA ASP C 146 -49.27 14.46 11.48
C ASP C 146 -50.26 15.55 11.08
N SER C 147 -50.10 16.74 11.68
CA SER C 147 -51.03 17.83 11.41
C SER C 147 -50.86 18.42 10.01
N GLN C 148 -49.69 18.24 9.39
CA GLN C 148 -49.48 18.70 8.03
C GLN C 148 -49.78 17.61 7.00
N TYR C 149 -49.40 16.37 7.28
CA TYR C 149 -49.62 15.23 6.38
C TYR C 149 -50.78 14.41 6.94
N THR C 150 -51.98 14.67 6.43
CA THR C 150 -53.18 14.07 6.98
C THR C 150 -53.29 12.60 6.58
N GLU C 151 -54.13 11.87 7.31
CA GLU C 151 -54.40 10.48 6.94
C GLU C 151 -55.08 10.40 5.58
N ASP C 152 -55.99 11.34 5.30
CA ASP C 152 -56.65 11.38 3.99
C ASP C 152 -55.62 11.52 2.86
N ALA C 153 -54.60 12.37 3.06
CA ALA C 153 -53.56 12.52 2.05
C ALA C 153 -52.69 11.27 1.98
N TRP C 154 -52.44 10.63 3.13
CA TRP C 154 -51.74 9.37 3.17
C TRP C 154 -52.48 8.31 2.36
N VAL C 155 -53.80 8.25 2.50
CA VAL C 155 -54.61 7.33 1.72
C VAL C 155 -54.60 7.72 0.24
N SER C 156 -54.79 9.02 -0.03
CA SER C 156 -54.77 9.49 -1.41
C SER C 156 -53.43 9.21 -2.08
N ASP C 157 -52.33 9.39 -1.35
CA ASP C 157 -51.01 9.12 -1.91
C ASP C 157 -50.84 7.66 -2.28
N TRP C 158 -51.34 6.75 -1.42
CA TRP C 158 -51.24 5.33 -1.73
C TRP C 158 -51.99 4.99 -3.01
N GLN C 159 -53.13 5.65 -3.24
CA GLN C 159 -53.86 5.44 -4.49
C GLN C 159 -53.08 5.97 -5.68
N THR C 160 -52.37 7.08 -5.52
CA THR C 160 -51.53 7.60 -6.59
C THR C 160 -50.45 6.60 -6.96
N LEU C 161 -49.78 6.02 -5.96
CA LEU C 161 -48.74 5.03 -6.23
C LEU C 161 -49.33 3.79 -6.89
N ALA C 162 -50.52 3.36 -6.44
CA ALA C 162 -51.19 2.25 -7.10
C ALA C 162 -51.48 2.57 -8.56
N THR C 163 -51.92 3.79 -8.84
CA THR C 163 -52.17 4.20 -10.22
C THR C 163 -50.90 4.20 -11.05
N ARG C 164 -49.80 4.71 -10.47
CA ARG C 164 -48.56 4.84 -11.23
C ARG C 164 -47.99 3.48 -11.63
N TYR C 165 -48.16 2.47 -10.78
CA TYR C 165 -47.61 1.14 -11.03
C TYR C 165 -48.69 0.09 -11.27
N LYS C 166 -49.90 0.53 -11.66
CA LYS C 166 -51.03 -0.39 -11.82
C LYS C 166 -50.68 -1.53 -12.76
N ASN C 167 -50.00 -1.23 -13.86
CA ASN C 167 -49.68 -2.24 -14.87
C ASN C 167 -48.24 -2.75 -14.75
N ASN C 168 -47.61 -2.54 -13.59
CA ASN C 168 -46.24 -2.98 -13.36
C ASN C 168 -46.21 -4.00 -12.25
N PRO C 169 -46.21 -5.30 -12.56
CA PRO C 169 -46.21 -6.33 -11.52
C PRO C 169 -44.90 -6.43 -10.74
N THR C 170 -43.87 -5.65 -11.10
CA THR C 170 -42.66 -5.62 -10.28
C THR C 170 -42.95 -5.06 -8.89
N VAL C 171 -43.86 -4.09 -8.81
CA VAL C 171 -44.34 -3.57 -7.53
C VAL C 171 -45.44 -4.52 -7.07
N ILE C 172 -45.10 -5.41 -6.13
CA ILE C 172 -46.00 -6.49 -5.74
C ILE C 172 -46.84 -6.16 -4.51
N GLY C 173 -46.46 -5.18 -3.71
CA GLY C 173 -47.19 -4.94 -2.48
C GLY C 173 -46.90 -3.58 -1.90
N PHE C 174 -47.82 -3.16 -1.02
CA PHE C 174 -47.73 -1.87 -0.34
C PHE C 174 -47.58 -2.11 1.16
N ASP C 175 -46.43 -1.74 1.70
CA ASP C 175 -46.20 -1.71 3.14
C ASP C 175 -46.82 -0.41 3.66
N LEU C 176 -48.04 -0.50 4.17
CA LEU C 176 -48.90 0.67 4.31
C LEU C 176 -48.27 1.75 5.20
N HIS C 177 -47.62 1.35 6.30
CA HIS C 177 -46.89 2.31 7.11
C HIS C 177 -45.86 1.59 7.96
N ASN C 178 -44.71 2.23 8.13
CA ASN C 178 -43.60 1.66 8.86
C ASN C 178 -43.73 1.95 10.36
N GLU C 179 -43.85 0.89 11.16
CA GLU C 179 -43.78 0.94 12.62
C GLU C 179 -44.75 1.96 13.21
N PRO C 180 -46.06 1.73 13.11
CA PRO C 180 -47.04 2.62 13.77
C PRO C 180 -47.15 2.34 15.26
N TYR C 181 -46.07 2.62 16.00
CA TYR C 181 -45.99 2.18 17.39
C TYR C 181 -46.83 3.02 18.33
N ASN C 182 -47.29 4.19 17.91
CA ASN C 182 -48.25 4.96 18.70
C ASN C 182 -49.69 4.70 18.27
N GLY C 183 -49.90 3.76 17.37
CA GLY C 183 -51.23 3.32 17.06
C GLY C 183 -51.66 2.15 17.93
N THR C 184 -52.97 1.91 17.94
CA THR C 184 -53.55 0.77 18.64
C THR C 184 -54.15 -0.20 17.63
N TRP C 185 -54.21 -1.47 18.00
CA TRP C 185 -54.86 -2.47 17.17
C TRP C 185 -56.31 -2.59 17.63
N GLY C 186 -57.19 -1.84 16.96
CA GLY C 186 -58.59 -1.77 17.33
C GLY C 186 -58.91 -0.48 18.06
N GLY C 187 -60.19 -0.35 18.42
CA GLY C 187 -60.70 0.80 19.16
C GLY C 187 -61.55 1.73 18.33
N GLY C 188 -61.25 1.87 17.04
CA GLY C 188 -62.04 2.67 16.14
C GLY C 188 -61.65 4.13 16.05
N GLY C 189 -60.70 4.58 16.87
CA GLY C 189 -60.34 5.99 16.93
C GLY C 189 -59.33 6.38 15.86
N ALA C 190 -58.88 7.63 15.98
CA ALA C 190 -57.96 8.20 14.99
C ALA C 190 -56.61 7.50 14.98
N ASN C 191 -56.22 6.90 16.11
CA ASN C 191 -54.96 6.16 16.20
C ASN C 191 -55.18 4.65 16.23
N ASP C 192 -56.34 4.19 15.76
CA ASP C 192 -56.58 2.77 15.54
C ASP C 192 -55.91 2.40 14.23
N TRP C 193 -54.74 1.75 14.32
CA TRP C 193 -53.99 1.40 13.13
C TRP C 193 -54.69 0.35 12.27
N ALA C 194 -55.42 -0.57 12.91
CA ALA C 194 -56.14 -1.58 12.15
C ALA C 194 -57.22 -0.94 11.28
N ARG C 195 -57.91 0.08 11.80
CA ARG C 195 -58.87 0.81 11.00
C ARG C 195 -58.19 1.56 9.87
N ALA C 196 -57.08 2.23 10.16
CA ALA C 196 -56.38 3.00 9.14
C ALA C 196 -55.80 2.09 8.06
N ALA C 197 -55.22 0.95 8.46
CA ALA C 197 -54.67 0.01 7.49
C ALA C 197 -55.75 -0.53 6.58
N GLU C 198 -56.91 -0.87 7.14
CA GLU C 198 -58.03 -1.32 6.31
C GLU C 198 -58.50 -0.22 5.37
N ARG C 199 -58.45 1.03 5.82
CA ARG C 199 -58.87 2.14 4.96
C ARG C 199 -57.94 2.32 3.78
N ALA C 200 -56.63 2.42 4.05
CA ALA C 200 -55.67 2.59 2.97
C ALA C 200 -55.55 1.34 2.10
N GLY C 201 -55.68 0.16 2.71
CA GLY C 201 -55.62 -1.06 1.93
C GLY C 201 -56.75 -1.16 0.92
N ASN C 202 -57.98 -0.89 1.36
CA ASN C 202 -59.11 -0.94 0.45
C ASN C 202 -59.02 0.14 -0.62
N ALA C 203 -58.49 1.32 -0.27
CA ALA C 203 -58.34 2.38 -1.25
C ALA C 203 -57.32 2.01 -2.32
N ALA C 204 -56.24 1.36 -1.92
CA ALA C 204 -55.25 0.91 -2.90
C ALA C 204 -55.82 -0.22 -3.74
N LEU C 205 -56.50 -1.19 -3.11
CA LEU C 205 -57.08 -2.31 -3.84
C LEU C 205 -58.18 -1.87 -4.80
N ALA C 206 -58.79 -0.70 -4.57
CA ALA C 206 -59.80 -0.20 -5.50
C ALA C 206 -59.21 0.20 -6.83
N ILE C 207 -57.91 0.52 -6.87
CA ILE C 207 -57.23 0.89 -8.11
C ILE C 207 -56.46 -0.29 -8.69
N ASN C 208 -55.70 -0.99 -7.86
CA ASN C 208 -55.05 -2.24 -8.26
C ASN C 208 -55.51 -3.34 -7.31
N PRO C 209 -56.46 -4.18 -7.72
CA PRO C 209 -56.95 -5.25 -6.83
C PRO C 209 -56.00 -6.43 -6.68
N ASN C 210 -54.87 -6.42 -7.38
CA ASN C 210 -53.93 -7.53 -7.36
C ASN C 210 -52.70 -7.24 -6.52
N LEU C 211 -52.69 -6.14 -5.78
CA LEU C 211 -51.59 -5.82 -4.89
C LEU C 211 -51.67 -6.66 -3.61
N LEU C 212 -50.52 -6.97 -3.05
CA LEU C 212 -50.46 -7.48 -1.69
C LEU C 212 -50.50 -6.30 -0.72
N ILE C 213 -51.34 -6.41 0.30
CA ILE C 213 -51.47 -5.36 1.30
C ILE C 213 -50.69 -5.81 2.53
N ILE C 214 -49.57 -5.13 2.79
CA ILE C 214 -48.64 -5.52 3.84
C ILE C 214 -48.90 -4.63 5.05
N VAL C 215 -49.34 -5.25 6.15
CA VAL C 215 -49.75 -4.52 7.35
C VAL C 215 -48.81 -4.91 8.48
N GLU C 216 -48.12 -3.91 9.03
CA GLU C 216 -47.23 -4.14 10.15
C GLU C 216 -48.02 -4.17 11.45
N GLY C 217 -47.36 -4.67 12.50
CA GLY C 217 -47.91 -4.59 13.83
C GLY C 217 -47.74 -3.22 14.43
N VAL C 218 -48.20 -3.08 15.67
CA VAL C 218 -48.04 -1.83 16.41
C VAL C 218 -46.88 -1.98 17.38
N GLY C 219 -46.94 -1.28 18.50
CA GLY C 219 -45.90 -1.40 19.52
C GLY C 219 -46.39 -2.08 20.77
N SER C 220 -47.65 -1.84 21.14
CA SER C 220 -48.20 -2.35 22.38
C SER C 220 -49.61 -2.88 22.15
N TYR C 221 -49.92 -4.01 22.78
CA TYR C 221 -51.25 -4.61 22.68
C TYR C 221 -51.56 -5.32 23.98
N LYS C 222 -52.67 -4.92 24.63
CA LYS C 222 -53.11 -5.51 25.90
C LYS C 222 -51.99 -5.49 26.95
N GLY C 223 -51.22 -4.41 26.96
CA GLY C 223 -50.13 -4.27 27.91
C GLY C 223 -48.85 -4.97 27.52
N ASP C 224 -48.82 -5.69 26.41
CA ASP C 224 -47.63 -6.42 25.99
C ASP C 224 -46.84 -5.56 25.01
N ASN C 225 -45.60 -5.25 25.38
CA ASN C 225 -44.72 -4.43 24.56
C ASN C 225 -43.77 -5.32 23.76
N TYR C 226 -43.43 -4.86 22.57
CA TYR C 226 -42.50 -5.57 21.70
C TYR C 226 -41.88 -4.56 20.74
N TRP C 227 -41.09 -5.06 19.79
CA TRP C 227 -40.49 -4.20 18.78
C TRP C 227 -41.57 -3.43 18.01
N TRP C 228 -41.27 -2.18 17.67
CA TRP C 228 -42.20 -1.38 16.89
C TRP C 228 -42.50 -2.07 15.57
N GLY C 229 -43.79 -2.26 15.29
CA GLY C 229 -44.21 -2.98 14.11
C GLY C 229 -44.24 -4.48 14.25
N GLY C 230 -43.73 -5.03 15.35
CA GLY C 230 -43.69 -6.47 15.53
C GLY C 230 -44.79 -6.99 16.44
N GLN C 231 -45.57 -6.08 17.04
CA GLN C 231 -46.66 -6.47 17.93
C GLN C 231 -47.90 -6.75 17.09
N LEU C 232 -48.09 -8.02 16.73
CA LEU C 232 -49.21 -8.44 15.90
C LEU C 232 -50.17 -9.34 16.67
N GLN C 233 -50.22 -9.20 17.99
CA GLN C 233 -51.08 -10.06 18.80
C GLN C 233 -52.56 -9.76 18.58
N GLY C 234 -52.90 -8.56 18.11
CA GLY C 234 -54.29 -8.23 17.88
C GLY C 234 -54.92 -8.90 16.68
N VAL C 235 -54.13 -9.59 15.86
CA VAL C 235 -54.65 -10.22 14.65
C VAL C 235 -55.59 -11.37 14.99
N LYS C 236 -55.29 -12.09 16.08
CA LYS C 236 -56.05 -13.30 16.40
C LYS C 236 -57.54 -13.00 16.61
N ASP C 237 -57.85 -11.93 17.34
CA ASP C 237 -59.24 -11.61 17.67
C ASP C 237 -59.82 -10.48 16.81
N ARG C 238 -58.98 -9.75 16.07
CA ARG C 238 -59.46 -8.67 15.21
C ARG C 238 -58.53 -8.57 14.00
N PRO C 239 -58.66 -9.51 13.06
CA PRO C 239 -57.77 -9.50 11.89
C PRO C 239 -58.14 -8.39 10.92
N ILE C 240 -57.19 -8.08 10.04
CA ILE C 240 -57.44 -7.16 8.95
C ILE C 240 -58.37 -7.82 7.94
N GLN C 241 -59.43 -7.11 7.55
CA GLN C 241 -60.38 -7.61 6.57
C GLN C 241 -60.57 -6.56 5.49
N LEU C 242 -60.20 -6.89 4.27
CA LEU C 242 -60.27 -5.96 3.14
C LEU C 242 -61.41 -6.35 2.22
N ASN C 243 -61.74 -5.44 1.30
CA ASN C 243 -62.86 -5.64 0.38
C ASN C 243 -62.50 -6.51 -0.82
N VAL C 244 -61.25 -6.92 -0.94
CA VAL C 244 -60.81 -7.91 -1.92
C VAL C 244 -60.09 -9.02 -1.16
N ALA C 245 -60.42 -10.26 -1.46
CA ALA C 245 -59.91 -11.38 -0.67
C ALA C 245 -58.48 -11.74 -1.07
N ASN C 246 -57.81 -12.44 -0.15
CA ASN C 246 -56.48 -13.03 -0.40
C ASN C 246 -55.42 -11.96 -0.69
N ARG C 247 -55.42 -10.91 0.12
CA ARG C 247 -54.47 -9.81 -0.07
C ARG C 247 -53.57 -9.55 1.13
N VAL C 248 -54.02 -9.87 2.34
CA VAL C 248 -53.36 -9.37 3.54
C VAL C 248 -52.10 -10.19 3.82
N VAL C 249 -50.98 -9.50 4.02
CA VAL C 249 -49.75 -10.10 4.50
C VAL C 249 -49.31 -9.31 5.72
N TYR C 250 -49.04 -10.01 6.83
CA TYR C 250 -48.64 -9.36 8.06
C TYR C 250 -47.13 -9.29 8.16
N SER C 251 -46.63 -8.14 8.60
CA SER C 251 -45.20 -7.84 8.57
C SER C 251 -44.69 -7.38 9.93
N PRO C 252 -44.07 -8.26 10.69
CA PRO C 252 -43.44 -7.83 11.93
C PRO C 252 -42.06 -7.25 11.69
N HIS C 253 -41.56 -6.55 12.71
CA HIS C 253 -40.15 -6.16 12.78
C HIS C 253 -39.56 -6.82 14.01
N ASP C 254 -38.28 -7.21 13.92
CA ASP C 254 -37.64 -7.89 15.03
C ASP C 254 -36.15 -7.55 15.01
N TYR C 255 -35.60 -7.23 16.18
CA TYR C 255 -34.24 -6.75 16.26
C TYR C 255 -33.50 -7.38 17.44
N PRO C 256 -32.17 -7.23 17.52
CA PRO C 256 -31.43 -7.89 18.61
C PRO C 256 -31.09 -6.96 19.78
N ASN C 257 -30.25 -7.46 20.69
CA ASN C 257 -29.91 -6.73 21.90
C ASN C 257 -29.17 -5.44 21.60
N SER C 258 -28.30 -5.45 20.59
CA SER C 258 -27.50 -4.26 20.28
C SER C 258 -28.35 -3.08 19.87
N VAL C 259 -29.57 -3.32 19.40
CA VAL C 259 -30.49 -2.23 19.06
C VAL C 259 -31.26 -1.75 20.29
N TRP C 260 -31.69 -2.67 21.13
CA TRP C 260 -32.33 -2.33 22.40
C TRP C 260 -32.19 -3.52 23.35
N GLN C 261 -31.85 -3.23 24.60
CA GLN C 261 -31.66 -4.27 25.61
C GLN C 261 -33.03 -4.66 26.18
N GLN C 262 -33.75 -5.45 25.39
CA GLN C 262 -35.10 -5.85 25.76
C GLN C 262 -35.08 -6.89 26.87
N PRO C 263 -36.16 -6.98 27.65
CA PRO C 263 -36.15 -7.94 28.78
C PRO C 263 -36.08 -9.39 28.35
N TRP C 264 -36.55 -9.73 27.15
CA TRP C 264 -36.45 -11.11 26.68
C TRP C 264 -35.05 -11.46 26.20
N PHE C 265 -34.06 -10.58 26.41
CA PHE C 265 -32.67 -10.87 26.11
C PHE C 265 -31.83 -11.01 27.38
N GLN C 266 -32.41 -10.81 28.56
CA GLN C 266 -31.70 -10.98 29.81
C GLN C 266 -31.84 -12.42 30.30
N GLY C 267 -30.86 -12.85 31.07
CA GLY C 267 -30.82 -14.23 31.54
C GLY C 267 -29.81 -15.05 30.77
N ASP C 268 -29.26 -16.07 31.44
CA ASP C 268 -28.21 -16.88 30.84
C ASP C 268 -28.73 -17.73 29.69
N ASN C 269 -29.96 -18.24 29.81
CA ASN C 269 -30.55 -19.11 28.81
C ASN C 269 -31.71 -18.43 28.08
N PHE C 270 -31.53 -17.15 27.72
CA PHE C 270 -32.60 -16.43 27.03
C PHE C 270 -32.83 -16.96 25.63
N GLY C 271 -31.80 -17.53 24.99
CA GLY C 271 -31.95 -18.01 23.64
C GLY C 271 -32.99 -19.10 23.49
N ALA C 272 -33.13 -19.96 24.50
CA ALA C 272 -34.13 -21.02 24.43
C ALA C 272 -35.55 -20.47 24.38
N GLY C 273 -35.78 -19.30 24.97
CA GLY C 273 -37.10 -18.70 24.99
C GLY C 273 -37.45 -17.83 23.81
N LEU C 274 -36.48 -17.56 22.93
CA LEU C 274 -36.74 -16.71 21.77
C LEU C 274 -37.77 -17.30 20.81
N PRO C 275 -37.73 -18.59 20.44
CA PRO C 275 -38.76 -19.09 19.51
C PRO C 275 -40.18 -18.93 20.02
N ALA C 276 -40.41 -19.17 21.31
CA ALA C 276 -41.73 -18.96 21.87
C ALA C 276 -42.11 -17.48 21.85
N LYS C 277 -41.13 -16.59 21.95
CA LYS C 277 -41.41 -15.15 21.92
C LYS C 277 -41.82 -14.70 20.52
N PHE C 278 -41.09 -15.15 19.50
CA PHE C 278 -41.46 -14.83 18.13
C PHE C 278 -42.87 -15.32 17.82
N ARG C 279 -43.22 -16.51 18.30
CA ARG C 279 -44.54 -17.08 18.03
C ARG C 279 -45.65 -16.28 18.71
N SER C 280 -45.42 -15.87 19.96
CA SER C 280 -46.46 -15.17 20.70
C SER C 280 -46.75 -13.80 20.07
N GLU C 281 -45.72 -13.13 19.56
CA GLU C 281 -45.89 -11.76 19.07
C GLU C 281 -46.39 -11.72 17.64
N TRP C 282 -45.96 -12.66 16.79
CA TRP C 282 -46.33 -12.63 15.38
C TRP C 282 -46.27 -14.00 14.72
N GLY C 283 -45.45 -14.90 15.27
CA GLY C 283 -45.22 -16.18 14.61
C GLY C 283 -46.46 -17.06 14.52
N TYR C 284 -47.36 -16.95 15.50
CA TYR C 284 -48.58 -17.77 15.50
C TYR C 284 -49.37 -17.58 14.21
N ILE C 285 -49.28 -16.39 13.60
CA ILE C 285 -50.06 -16.11 12.39
C ILE C 285 -49.69 -17.08 11.28
N TYR C 286 -48.39 -17.37 11.12
CA TYR C 286 -47.95 -18.37 10.14
C TYR C 286 -48.24 -19.78 10.62
N GLU C 287 -47.93 -20.06 11.90
CA GLU C 287 -48.04 -21.44 12.40
C GLU C 287 -49.47 -21.94 12.36
N GLN C 288 -50.44 -21.07 12.59
CA GLN C 288 -51.85 -21.45 12.56
C GLN C 288 -52.49 -21.21 11.20
N ASN C 289 -51.69 -20.89 10.18
CA ASN C 289 -52.15 -20.80 8.79
C ASN C 289 -53.22 -19.71 8.62
N ILE C 290 -53.07 -18.60 9.34
CA ILE C 290 -54.01 -17.49 9.20
C ILE C 290 -53.69 -16.67 7.96
N ALA C 291 -52.45 -16.25 7.83
CA ALA C 291 -52.02 -15.39 6.73
C ALA C 291 -50.51 -15.52 6.58
N PRO C 292 -49.95 -15.05 5.48
CA PRO C 292 -48.49 -15.09 5.32
C PRO C 292 -47.80 -14.13 6.27
N ILE C 293 -46.55 -14.44 6.57
CA ILE C 293 -45.71 -13.63 7.45
C ILE C 293 -44.50 -13.17 6.66
N TYR C 294 -44.28 -11.85 6.65
CA TYR C 294 -43.17 -11.22 5.93
C TYR C 294 -42.47 -10.28 6.91
N ILE C 295 -41.41 -10.74 7.57
CA ILE C 295 -40.72 -9.85 8.50
C ILE C 295 -39.96 -8.81 7.67
N GLY C 296 -40.43 -7.56 7.73
CA GLY C 296 -39.91 -6.53 6.84
C GLY C 296 -38.60 -5.93 7.25
N GLU C 297 -38.23 -6.07 8.53
CA GLU C 297 -36.99 -5.47 9.02
C GLU C 297 -36.37 -6.37 10.07
N PHE C 298 -35.09 -6.68 9.90
CA PHE C 298 -34.27 -7.30 10.92
C PHE C 298 -32.82 -7.15 10.50
N GLY C 299 -31.95 -6.87 11.47
CA GLY C 299 -30.55 -6.65 11.15
C GLY C 299 -29.71 -6.62 12.41
N THR C 300 -28.39 -6.69 12.19
CA THR C 300 -27.42 -6.72 13.27
C THR C 300 -26.04 -6.46 12.68
N LYS C 301 -25.14 -5.96 13.53
CA LYS C 301 -23.72 -5.88 13.19
C LYS C 301 -22.96 -7.15 13.59
N LEU C 302 -23.59 -8.02 14.40
CA LEU C 302 -22.96 -9.26 14.87
C LEU C 302 -21.75 -8.98 15.76
N ILE C 303 -21.84 -7.91 16.57
CA ILE C 303 -20.79 -7.57 17.51
C ILE C 303 -21.17 -8.06 18.90
N ASP C 304 -22.29 -7.57 19.41
CA ASP C 304 -22.87 -8.06 20.65
C ASP C 304 -23.08 -9.57 20.55
N PRO C 305 -22.52 -10.37 21.46
CA PRO C 305 -22.70 -11.82 21.36
C PRO C 305 -24.15 -12.25 21.43
N LYS C 306 -25.00 -11.50 22.14
CA LYS C 306 -26.41 -11.82 22.20
C LYS C 306 -27.10 -11.67 20.84
N ASP C 307 -26.53 -10.88 19.93
CA ASP C 307 -27.12 -10.72 18.61
C ASP C 307 -27.06 -12.03 17.82
N ALA C 308 -25.95 -12.75 17.92
CA ALA C 308 -25.82 -14.01 17.19
C ALA C 308 -26.84 -15.03 17.66
N VAL C 309 -27.11 -15.07 18.97
CA VAL C 309 -28.13 -15.97 19.50
C VAL C 309 -29.49 -15.62 18.91
N TRP C 310 -29.81 -14.33 18.84
CA TRP C 310 -31.08 -13.90 18.27
C TRP C 310 -31.18 -14.27 16.80
N LEU C 311 -30.12 -13.99 16.03
CA LEU C 311 -30.16 -14.24 14.60
C LEU C 311 -30.21 -15.73 14.28
N GLU C 312 -29.51 -16.55 15.07
CA GLU C 312 -29.60 -18.00 14.87
C GLU C 312 -30.99 -18.51 15.23
N ALA C 313 -31.62 -17.94 16.25
CA ALA C 313 -32.97 -18.33 16.61
C ALA C 313 -33.98 -17.84 15.57
N LEU C 314 -33.84 -16.59 15.12
CA LEU C 314 -34.80 -16.03 14.18
C LEU C 314 -34.76 -16.77 12.85
N THR C 315 -33.56 -16.94 12.28
CA THR C 315 -33.45 -17.59 10.98
C THR C 315 -33.87 -19.06 11.04
N SER C 316 -33.67 -19.72 12.18
CA SER C 316 -34.20 -21.06 12.35
C SER C 316 -35.71 -21.05 12.43
N TYR C 317 -36.28 -20.08 13.15
CA TYR C 317 -37.73 -19.98 13.24
C TYR C 317 -38.35 -19.67 11.89
N LEU C 318 -37.74 -18.76 11.13
CA LEU C 318 -38.26 -18.40 9.82
C LEU C 318 -38.28 -19.58 8.86
N SER C 319 -37.42 -20.57 9.07
CA SER C 319 -37.34 -21.73 8.18
C SER C 319 -38.38 -22.81 8.50
N GLY C 320 -39.12 -22.68 9.59
CA GLY C 320 -40.04 -23.71 10.03
C GLY C 320 -39.56 -24.52 11.20
N ASP C 321 -38.38 -24.23 11.74
CA ASP C 321 -37.91 -24.85 12.97
C ASP C 321 -38.44 -24.02 14.14
N PHE C 322 -39.73 -24.22 14.42
CA PHE C 322 -40.45 -23.35 15.34
C PHE C 322 -39.94 -23.44 16.77
N ASP C 323 -39.23 -24.52 17.12
CA ASP C 323 -38.65 -24.67 18.45
C ASP C 323 -37.14 -24.53 18.46
N ASN C 324 -36.52 -24.33 17.30
CA ASN C 324 -35.06 -24.17 17.17
C ASN C 324 -34.32 -25.39 17.71
N ASN C 325 -34.78 -26.58 17.30
CA ASN C 325 -34.14 -27.83 17.68
C ASN C 325 -33.44 -28.53 16.51
N GLY C 326 -33.41 -27.90 15.33
CA GLY C 326 -32.76 -28.50 14.19
C GLY C 326 -33.74 -29.07 13.17
N THR C 327 -34.77 -29.76 13.65
CA THR C 327 -35.76 -30.36 12.77
C THR C 327 -36.72 -29.29 12.25
N ILE C 328 -36.97 -29.30 10.94
CA ILE C 328 -37.91 -28.38 10.33
C ILE C 328 -39.32 -28.95 10.50
N ASP C 329 -40.24 -28.13 11.00
CA ASP C 329 -41.59 -28.57 11.30
C ASP C 329 -42.59 -28.32 10.17
N ILE C 330 -42.21 -27.55 9.15
CA ILE C 330 -43.13 -27.19 8.08
C ILE C 330 -43.38 -28.39 7.17
N PRO C 331 -44.56 -28.50 6.57
CA PRO C 331 -44.80 -29.54 5.57
C PRO C 331 -43.82 -29.44 4.40
N ALA C 332 -43.88 -30.46 3.54
CA ALA C 332 -42.85 -30.62 2.51
C ALA C 332 -43.01 -29.60 1.38
N GLY C 333 -44.21 -29.47 0.84
CA GLY C 333 -44.44 -28.61 -0.31
C GLY C 333 -44.70 -27.15 0.01
N THR C 334 -44.45 -26.71 1.23
CA THR C 334 -44.75 -25.34 1.65
C THR C 334 -43.47 -24.52 1.72
N GLU C 335 -43.63 -23.21 1.51
CA GLU C 335 -42.51 -22.28 1.56
C GLU C 335 -42.47 -21.59 2.92
N ASP C 336 -41.26 -21.24 3.36
CA ASP C 336 -41.06 -20.62 4.66
C ASP C 336 -41.49 -19.16 4.62
N MET C 337 -41.28 -18.46 5.73
CA MET C 337 -41.73 -17.08 5.84
C MET C 337 -40.87 -16.16 4.98
N SER C 338 -41.49 -15.09 4.48
CA SER C 338 -40.80 -14.09 3.69
C SER C 338 -40.09 -13.09 4.60
N TRP C 339 -39.07 -12.43 4.05
CA TRP C 339 -38.29 -11.49 4.85
C TRP C 339 -37.51 -10.52 3.97
N THR C 340 -37.24 -9.34 4.53
CA THR C 340 -36.29 -8.39 3.97
C THR C 340 -35.36 -7.92 5.07
N PHE C 341 -34.06 -8.03 4.80
CA PHE C 341 -33.03 -7.68 5.78
C PHE C 341 -32.84 -6.17 5.84
N TRP C 342 -32.60 -5.66 7.05
CA TRP C 342 -32.26 -4.26 7.26
C TRP C 342 -30.78 -4.18 7.62
N SER C 343 -29.98 -3.64 6.71
CA SER C 343 -30.44 -3.18 5.41
C SER C 343 -29.43 -3.54 4.33
N TRP C 344 -29.74 -3.19 3.08
CA TRP C 344 -28.70 -3.19 2.05
C TRP C 344 -27.69 -2.10 2.31
N ASN C 345 -28.16 -0.94 2.78
CA ASN C 345 -27.28 0.18 3.06
C ASN C 345 -26.33 -0.15 4.21
N PRO C 346 -25.09 0.34 4.15
CA PRO C 346 -24.24 0.30 5.34
C PRO C 346 -24.52 1.43 6.32
N ASN C 347 -25.08 2.55 5.86
CA ASN C 347 -25.23 3.72 6.72
C ASN C 347 -26.45 3.61 7.62
N SER C 348 -26.55 2.49 8.34
CA SER C 348 -27.51 2.32 9.42
C SER C 348 -26.70 2.22 10.72
N GLY C 349 -26.80 3.24 11.56
CA GLY C 349 -25.86 3.39 12.66
C GLY C 349 -25.86 2.24 13.65
N ASP C 350 -27.03 1.64 13.88
CA ASP C 350 -27.15 0.59 14.89
C ASP C 350 -27.04 -0.81 14.35
N THR C 351 -27.23 -1.01 13.04
CA THR C 351 -27.28 -2.34 12.45
C THR C 351 -26.25 -2.58 11.36
N GLY C 352 -25.73 -1.53 10.72
CA GLY C 352 -24.97 -1.81 9.54
C GLY C 352 -25.89 -2.38 8.47
N GLY C 353 -25.29 -3.07 7.51
CA GLY C 353 -26.06 -3.68 6.47
C GLY C 353 -25.34 -4.84 5.82
N ILE C 354 -25.80 -5.19 4.62
CA ILE C 354 -25.15 -6.24 3.84
C ILE C 354 -23.85 -5.70 3.24
N LEU C 355 -23.87 -4.47 2.76
CA LEU C 355 -22.66 -3.84 2.24
C LEU C 355 -21.84 -3.24 3.37
N ALA C 356 -20.52 -3.30 3.22
CA ALA C 356 -19.63 -2.61 4.13
C ALA C 356 -19.68 -1.10 3.88
N ASP C 357 -18.93 -0.34 4.67
CA ASP C 357 -18.98 1.11 4.58
C ASP C 357 -18.53 1.63 3.22
N ASP C 358 -17.73 0.86 2.47
CA ASP C 358 -17.30 1.28 1.14
C ASP C 358 -18.41 1.17 0.09
N TRP C 359 -19.61 0.75 0.49
CA TRP C 359 -20.76 0.60 -0.42
C TRP C 359 -20.50 -0.41 -1.53
N ARG C 360 -19.59 -1.37 -1.32
CA ARG C 360 -19.26 -2.34 -2.35
C ARG C 360 -18.99 -3.73 -1.77
N THR C 361 -18.20 -3.80 -0.71
CA THR C 361 -17.82 -5.08 -0.13
C THR C 361 -18.99 -5.70 0.63
N ILE C 362 -19.19 -7.00 0.43
CA ILE C 362 -20.26 -7.74 1.09
C ILE C 362 -19.77 -8.24 2.44
N ASN C 363 -20.59 -8.04 3.48
CA ASN C 363 -20.31 -8.57 4.81
C ASN C 363 -20.67 -10.05 4.82
N GLN C 364 -19.67 -10.92 4.64
CA GLN C 364 -19.95 -12.34 4.47
C GLN C 364 -20.48 -12.98 5.76
N ASN C 365 -20.11 -12.45 6.92
CA ASN C 365 -20.56 -13.06 8.17
C ASN C 365 -22.07 -12.99 8.31
N LYS C 366 -22.69 -11.91 7.83
CA LYS C 366 -24.14 -11.83 7.84
C LYS C 366 -24.76 -12.71 6.76
N MET C 367 -24.08 -12.85 5.62
CA MET C 367 -24.64 -13.65 4.53
C MET C 367 -24.69 -15.13 4.88
N VAL C 368 -23.80 -15.59 5.77
CA VAL C 368 -23.81 -17.00 6.19
C VAL C 368 -25.15 -17.35 6.83
N TYR C 369 -25.71 -16.43 7.63
CA TYR C 369 -27.02 -16.66 8.24
C TYR C 369 -28.13 -16.65 7.19
N LEU C 370 -28.03 -15.75 6.22
CA LEU C 370 -29.13 -15.45 5.31
C LEU C 370 -29.24 -16.44 4.15
N LYS C 371 -28.10 -16.88 3.60
CA LYS C 371 -28.13 -17.77 2.44
C LYS C 371 -29.03 -18.98 2.59
N PRO C 372 -29.07 -19.70 3.73
CA PRO C 372 -29.95 -20.87 3.81
C PRO C 372 -31.44 -20.55 3.78
N ILE C 373 -31.86 -19.33 4.04
CA ILE C 373 -33.28 -18.99 4.07
C ILE C 373 -33.69 -18.13 2.88
N GLN C 374 -32.82 -17.96 1.89
CA GLN C 374 -33.20 -17.28 0.67
C GLN C 374 -34.02 -18.20 -0.23
N TYR C 375 -34.90 -17.60 -1.02
CA TYR C 375 -35.75 -18.36 -1.93
C TYR C 375 -34.95 -18.81 -3.15
N THR C 376 -35.13 -20.08 -3.53
CA THR C 376 -34.43 -20.64 -4.69
C THR C 376 -35.36 -21.45 -5.58
N GLY C 377 -36.66 -21.21 -5.52
CA GLY C 377 -37.62 -21.97 -6.29
C GLY C 377 -37.70 -21.58 -7.75
N SER D 13 -11.72 -21.92 -15.59
CA SER D 13 -11.01 -20.83 -14.92
C SER D 13 -9.69 -20.52 -15.60
N GLY D 14 -9.43 -19.23 -15.82
CA GLY D 14 -8.19 -18.77 -16.41
C GLY D 14 -7.09 -18.44 -15.43
N GLY D 15 -7.25 -18.81 -14.16
CA GLY D 15 -6.22 -18.50 -13.18
C GLY D 15 -4.96 -19.33 -13.40
N ILE D 16 -3.82 -18.70 -13.14
CA ILE D 16 -2.51 -19.34 -13.29
C ILE D 16 -1.89 -19.46 -11.91
N ALA D 17 -1.22 -20.59 -11.67
CA ALA D 17 -0.63 -20.86 -10.37
C ALA D 17 0.33 -19.73 -9.99
N PRO D 18 0.37 -19.36 -8.70
CA PRO D 18 1.19 -18.20 -8.30
C PRO D 18 2.65 -18.37 -8.67
N GLY D 19 3.28 -17.26 -9.04
CA GLY D 19 4.68 -17.23 -9.41
C GLY D 19 4.89 -16.72 -10.82
N PHE D 20 6.16 -16.55 -11.15
CA PHE D 20 6.56 -16.07 -12.46
C PHE D 20 6.47 -17.19 -13.49
N LEU D 21 6.59 -16.81 -14.76
CA LEU D 21 6.43 -17.74 -15.87
C LEU D 21 7.74 -17.92 -16.62
N ARG D 22 7.75 -18.90 -17.52
CA ARG D 22 8.89 -19.17 -18.38
C ARG D 22 8.38 -19.78 -19.67
N THR D 23 9.28 -19.94 -20.64
CA THR D 23 8.93 -20.50 -21.93
C THR D 23 9.54 -21.88 -22.10
N SER D 24 8.95 -22.65 -23.00
CA SER D 24 9.47 -23.98 -23.35
C SER D 24 8.94 -24.30 -24.75
N GLY D 25 9.81 -24.17 -25.75
CA GLY D 25 9.31 -24.24 -27.12
C GLY D 25 8.32 -23.13 -27.36
N ASN D 26 7.15 -23.49 -27.89
CA ASN D 26 6.06 -22.53 -28.12
C ASN D 26 5.11 -22.43 -26.93
N GLN D 27 5.52 -22.91 -25.76
CA GLN D 27 4.64 -22.98 -24.60
C GLN D 27 5.10 -22.01 -23.53
N ILE D 28 4.13 -21.35 -22.89
CA ILE D 28 4.36 -20.55 -21.71
C ILE D 28 3.99 -21.40 -20.50
N LEU D 29 4.95 -21.63 -19.61
CA LEU D 29 4.75 -22.49 -18.45
C LEU D 29 4.58 -21.65 -17.19
N ASP D 30 3.86 -22.20 -16.22
CA ASP D 30 3.74 -21.58 -14.91
C ASP D 30 4.92 -22.02 -14.05
N SER D 31 4.91 -21.63 -12.77
CA SER D 31 6.04 -21.91 -11.89
C SER D 31 6.17 -23.40 -11.56
N GLN D 32 5.16 -24.20 -11.84
CA GLN D 32 5.24 -25.64 -11.65
C GLN D 32 5.63 -26.38 -12.93
N GLY D 33 5.88 -25.65 -14.02
CA GLY D 33 6.24 -26.26 -15.28
C GLY D 33 5.08 -26.64 -16.17
N LYS D 34 3.84 -26.32 -15.77
CA LYS D 34 2.68 -26.68 -16.57
C LYS D 34 2.41 -25.62 -17.64
N PRO D 35 2.23 -26.00 -18.89
CA PRO D 35 1.82 -25.03 -19.91
C PRO D 35 0.52 -24.33 -19.54
N VAL D 36 0.48 -23.01 -19.78
CA VAL D 36 -0.68 -22.17 -19.55
C VAL D 36 -0.87 -21.29 -20.77
N GLN D 37 -1.88 -20.41 -20.69
CA GLN D 37 -2.24 -19.56 -21.82
C GLN D 37 -2.73 -18.21 -21.30
N LEU D 38 -2.33 -17.14 -21.98
CA LEU D 38 -2.74 -15.78 -21.63
C LEU D 38 -3.81 -15.32 -22.62
N THR D 39 -5.01 -15.08 -22.11
CA THR D 39 -6.14 -14.65 -22.93
C THR D 39 -6.81 -13.48 -22.23
N GLY D 40 -6.56 -12.26 -22.69
CA GLY D 40 -7.02 -11.07 -22.02
C GLY D 40 -7.35 -9.93 -22.96
N VAL D 41 -7.22 -8.69 -22.45
CA VAL D 41 -7.62 -7.49 -23.17
C VAL D 41 -6.57 -6.41 -22.96
N ASN D 42 -6.64 -5.39 -23.81
CA ASN D 42 -5.85 -4.17 -23.63
C ASN D 42 -6.69 -3.15 -22.87
N TRP D 43 -6.07 -2.51 -21.87
CA TRP D 43 -6.70 -1.44 -21.11
C TRP D 43 -5.77 -0.24 -21.21
N PHE D 44 -6.01 0.62 -22.19
CA PHE D 44 -5.13 1.75 -22.44
C PHE D 44 -5.64 3.01 -21.76
N GLY D 45 -4.78 4.02 -21.74
CA GLY D 45 -5.06 5.26 -21.05
C GLY D 45 -3.88 5.77 -20.27
N ALA D 46 -3.11 4.86 -19.67
CA ALA D 46 -1.94 5.24 -18.90
C ALA D 46 -0.84 5.86 -19.75
N GLN D 47 -0.96 5.79 -21.08
CA GLN D 47 -0.02 6.45 -21.98
C GLN D 47 -0.48 7.82 -22.43
N SER D 48 -1.63 8.29 -21.94
CA SER D 48 -2.18 9.58 -22.31
C SER D 48 -1.85 10.63 -21.26
N SER D 49 -2.39 11.84 -21.47
CA SER D 49 -2.14 12.95 -20.56
C SER D 49 -2.72 12.70 -19.17
N ASN D 50 -3.73 11.82 -19.06
CA ASN D 50 -4.29 11.53 -17.74
C ASN D 50 -3.36 10.65 -16.92
N GLY D 51 -2.48 9.89 -17.56
CA GLY D 51 -1.53 9.07 -16.82
C GLY D 51 -2.10 7.86 -16.13
N VAL D 52 -3.38 7.58 -16.34
CA VAL D 52 -4.03 6.39 -15.77
C VAL D 52 -4.90 5.75 -16.86
N PRO D 53 -5.17 4.45 -16.74
CA PRO D 53 -6.05 3.80 -17.72
C PRO D 53 -7.42 4.45 -17.75
N ASP D 54 -8.06 4.39 -18.92
CA ASP D 54 -9.29 5.11 -19.18
C ASP D 54 -10.47 4.44 -18.48
N GLY D 55 -11.58 5.19 -18.41
CA GLY D 55 -12.83 4.68 -17.89
C GLY D 55 -13.13 5.06 -16.45
N LEU D 56 -12.12 5.46 -15.68
CA LEU D 56 -12.33 5.77 -14.27
C LEU D 56 -13.06 7.08 -14.04
N TRP D 57 -13.40 7.82 -15.10
CA TRP D 57 -14.28 8.97 -14.96
C TRP D 57 -15.74 8.55 -14.79
N THR D 58 -16.06 7.28 -15.04
CA THR D 58 -17.42 6.77 -14.85
C THR D 58 -17.50 5.43 -14.15
N ARG D 59 -16.50 4.55 -14.27
CA ARG D 59 -16.52 3.24 -13.65
C ARG D 59 -15.55 3.18 -12.47
N ASN D 60 -15.79 2.22 -11.58
CA ASN D 60 -14.85 1.88 -10.53
C ASN D 60 -13.82 0.88 -11.07
N TYR D 61 -12.57 1.05 -10.66
CA TYR D 61 -11.50 0.23 -11.24
C TYR D 61 -11.59 -1.22 -10.77
N LYS D 62 -12.03 -1.47 -9.53
CA LYS D 62 -12.26 -2.84 -9.09
C LYS D 62 -13.41 -3.47 -9.86
N ASP D 63 -14.49 -2.70 -10.10
CA ASP D 63 -15.62 -3.21 -10.86
C ASP D 63 -15.18 -3.65 -12.25
N MET D 64 -14.36 -2.85 -12.92
CA MET D 64 -13.93 -3.18 -14.27
C MET D 64 -13.05 -4.42 -14.30
N ILE D 65 -12.10 -4.53 -13.37
CA ILE D 65 -11.23 -5.69 -13.33
C ILE D 65 -12.04 -6.94 -13.02
N ASP D 66 -13.01 -6.83 -12.10
CA ASP D 66 -13.90 -7.95 -11.82
C ASP D 66 -14.73 -8.31 -13.04
N GLN D 67 -15.14 -7.32 -13.83
CA GLN D 67 -15.92 -7.61 -15.03
C GLN D 67 -15.06 -8.32 -16.07
N MET D 68 -13.80 -7.92 -16.21
CA MET D 68 -12.87 -8.63 -17.09
C MET D 68 -12.81 -10.11 -16.73
N ALA D 69 -12.49 -10.40 -15.47
CA ALA D 69 -12.40 -11.79 -15.02
C ALA D 69 -13.73 -12.50 -15.19
N GLY D 70 -14.85 -11.79 -14.99
CA GLY D 70 -16.16 -12.39 -15.19
C GLY D 70 -16.43 -12.77 -16.64
N GLN D 71 -15.83 -12.05 -17.59
CA GLN D 71 -15.96 -12.37 -18.99
C GLN D 71 -14.96 -13.43 -19.45
N GLY D 72 -14.16 -13.99 -18.54
CA GLY D 72 -13.25 -15.07 -18.88
C GLY D 72 -11.84 -14.65 -19.22
N PHE D 73 -11.51 -13.36 -19.14
CA PHE D 73 -10.16 -12.92 -19.43
C PHE D 73 -9.28 -13.06 -18.19
N ASN D 74 -7.99 -13.32 -18.43
CA ASN D 74 -7.04 -13.50 -17.34
C ASN D 74 -5.79 -12.65 -17.48
N THR D 75 -5.76 -11.69 -18.40
CA THR D 75 -4.56 -10.91 -18.67
C THR D 75 -4.96 -9.49 -19.05
N ILE D 76 -4.23 -8.52 -18.52
CA ILE D 76 -4.40 -7.11 -18.89
C ILE D 76 -3.09 -6.61 -19.48
N ARG D 77 -3.12 -6.24 -20.75
CA ARG D 77 -2.01 -5.52 -21.37
C ARG D 77 -2.24 -4.03 -21.14
N ILE D 78 -1.32 -3.40 -20.43
CA ILE D 78 -1.48 -2.02 -19.99
C ILE D 78 -0.45 -1.15 -20.72
N PRO D 79 -0.87 -0.38 -21.72
CA PRO D 79 0.07 0.57 -22.34
C PRO D 79 0.42 1.70 -21.39
N TYR D 80 1.68 2.13 -21.46
CA TYR D 80 2.13 3.33 -20.78
C TYR D 80 3.02 4.13 -21.72
N ALA D 81 3.32 5.36 -21.33
CA ALA D 81 4.23 6.22 -22.07
C ALA D 81 5.45 6.53 -21.21
N SER D 82 6.57 6.79 -21.88
CA SER D 82 7.80 7.12 -21.16
C SER D 82 7.59 8.30 -20.22
N ALA D 83 6.79 9.29 -20.65
CA ALA D 83 6.55 10.48 -19.84
C ALA D 83 5.89 10.15 -18.51
N LEU D 84 5.19 9.02 -18.42
CA LEU D 84 4.57 8.63 -17.15
C LEU D 84 5.61 8.47 -16.04
N LEU D 85 6.82 8.01 -16.39
CA LEU D 85 7.84 7.70 -15.40
C LEU D 85 8.57 8.92 -14.89
N HIS D 86 8.32 10.11 -15.44
CA HIS D 86 9.08 11.30 -15.10
C HIS D 86 8.23 12.50 -14.72
N THR D 87 6.91 12.39 -14.81
CA THR D 87 6.04 13.50 -14.45
C THR D 87 5.68 13.45 -12.97
N ASN D 88 5.53 14.63 -12.37
CA ASN D 88 4.99 14.76 -11.02
C ASN D 88 3.54 15.21 -11.02
N ALA D 89 2.92 15.31 -12.19
CA ALA D 89 1.54 15.74 -12.27
C ALA D 89 0.61 14.71 -11.65
N ALA D 90 -0.36 15.19 -10.88
CA ALA D 90 -1.41 14.32 -10.40
C ALA D 90 -2.20 13.75 -11.58
N PRO D 91 -2.78 12.58 -11.43
CA PRO D 91 -3.67 12.06 -12.48
C PRO D 91 -4.86 12.99 -12.69
N SER D 92 -5.49 12.87 -13.86
CA SER D 92 -6.67 13.65 -14.17
C SER D 92 -7.75 12.73 -14.73
N GLY D 93 -9.00 13.12 -14.50
CA GLY D 93 -10.14 12.44 -15.05
C GLY D 93 -10.81 11.45 -14.12
N ILE D 94 -10.10 10.91 -13.14
CA ILE D 94 -10.68 9.91 -12.25
C ILE D 94 -11.87 10.50 -11.51
N ASN D 95 -12.99 9.79 -11.54
CA ASN D 95 -14.12 10.09 -10.66
C ASN D 95 -13.79 9.53 -9.28
N TYR D 96 -13.50 10.42 -8.33
CA TYR D 96 -13.07 10.00 -7.01
C TYR D 96 -14.23 9.62 -6.10
N ASN D 97 -15.47 9.98 -6.46
CA ASN D 97 -16.61 9.43 -5.75
C ASN D 97 -16.77 7.94 -6.01
N ALA D 98 -16.57 7.52 -7.25
CA ALA D 98 -16.62 6.10 -7.60
C ALA D 98 -15.31 5.39 -7.30
N ASN D 99 -14.19 6.11 -7.23
CA ASN D 99 -12.87 5.53 -6.99
C ASN D 99 -12.22 6.20 -5.78
N PRO D 100 -12.83 6.11 -4.59
CA PRO D 100 -12.26 6.83 -3.43
C PRO D 100 -10.91 6.30 -2.98
N ASP D 101 -10.62 5.02 -3.24
CA ASP D 101 -9.34 4.45 -2.86
C ASP D 101 -8.18 5.01 -3.68
N LEU D 102 -8.46 5.76 -4.74
CA LEU D 102 -7.43 6.38 -5.57
C LEU D 102 -7.21 7.85 -5.24
N GLN D 103 -7.88 8.38 -4.23
CA GLN D 103 -7.73 9.79 -3.90
C GLN D 103 -6.32 10.05 -3.38
N GLY D 104 -5.73 11.16 -3.82
CA GLY D 104 -4.41 11.56 -3.39
C GLY D 104 -3.27 10.73 -3.94
N LEU D 105 -3.54 9.72 -4.75
CA LEU D 105 -2.49 8.85 -5.27
C LEU D 105 -1.86 9.45 -6.53
N THR D 106 -0.58 9.17 -6.70
CA THR D 106 0.13 9.56 -7.91
C THR D 106 -0.22 8.61 -9.06
N ARG D 107 0.16 9.01 -10.28
CA ARG D 107 -0.11 8.20 -11.45
C ARG D 107 0.44 6.79 -11.31
N MET D 108 1.67 6.66 -10.82
CA MET D 108 2.24 5.34 -10.62
C MET D 108 1.58 4.60 -9.46
N GLN D 109 1.11 5.33 -8.45
CA GLN D 109 0.45 4.68 -7.32
C GLN D 109 -0.93 4.16 -7.71
N VAL D 110 -1.57 4.78 -8.70
CA VAL D 110 -2.82 4.23 -9.22
C VAL D 110 -2.55 2.95 -10.02
N LEU D 111 -1.46 2.94 -10.80
CA LEU D 111 -1.08 1.72 -11.51
C LEU D 111 -0.81 0.58 -10.53
N ASP D 112 -0.11 0.88 -9.43
CA ASP D 112 0.11 -0.12 -8.40
C ASP D 112 -1.21 -0.69 -7.88
N LYS D 113 -2.19 0.19 -7.66
CA LYS D 113 -3.50 -0.26 -7.19
C LYS D 113 -4.17 -1.17 -8.20
N ILE D 114 -4.13 -0.79 -9.48
CA ILE D 114 -4.73 -1.60 -10.52
C ILE D 114 -4.03 -2.96 -10.61
N ILE D 115 -2.71 -2.96 -10.52
CA ILE D 115 -1.95 -4.21 -10.58
C ILE D 115 -2.24 -5.06 -9.35
N ASP D 116 -2.32 -4.43 -8.17
CA ASP D 116 -2.60 -5.17 -6.95
C ASP D 116 -3.96 -5.88 -7.04
N TYR D 117 -5.01 -5.14 -7.41
CA TYR D 117 -6.33 -5.74 -7.47
C TYR D 117 -6.45 -6.77 -8.58
N ALA D 118 -5.77 -6.54 -9.71
CA ALA D 118 -5.77 -7.52 -10.79
C ALA D 118 -5.22 -8.87 -10.31
N GLY D 119 -4.16 -8.84 -9.50
CA GLY D 119 -3.64 -10.08 -8.94
C GLY D 119 -4.62 -10.75 -8.00
N GLN D 120 -5.32 -9.96 -7.19
CA GLN D 120 -6.34 -10.52 -6.31
C GLN D 120 -7.51 -11.10 -7.10
N ALA D 121 -7.78 -10.56 -8.29
CA ALA D 121 -8.87 -11.03 -9.12
C ALA D 121 -8.47 -12.22 -9.99
N GLY D 122 -7.27 -12.76 -9.79
CA GLY D 122 -6.84 -13.91 -10.56
C GLY D 122 -6.35 -13.58 -11.96
N MET D 123 -5.76 -12.40 -12.14
CA MET D 123 -5.32 -11.95 -13.45
C MET D 123 -3.85 -11.54 -13.39
N ARG D 124 -3.20 -11.62 -14.55
CA ARG D 124 -1.82 -11.16 -14.72
C ARG D 124 -1.80 -9.92 -15.60
N VAL D 125 -0.66 -9.23 -15.56
CA VAL D 125 -0.52 -7.91 -16.18
C VAL D 125 0.72 -7.89 -17.05
N ILE D 126 0.60 -7.29 -18.23
CA ILE D 126 1.72 -7.05 -19.12
C ILE D 126 1.86 -5.55 -19.31
N LEU D 127 3.05 -5.01 -19.04
CA LEU D 127 3.33 -3.61 -19.26
C LEU D 127 3.90 -3.42 -20.66
N ASP D 128 3.40 -2.42 -21.38
CA ASP D 128 3.76 -2.20 -22.77
C ASP D 128 4.15 -0.74 -22.94
N HIS D 129 5.39 -0.49 -23.36
CA HIS D 129 5.84 0.86 -23.68
C HIS D 129 5.20 1.27 -25.00
N HIS D 130 4.09 2.00 -24.91
CA HIS D 130 3.29 2.28 -26.10
C HIS D 130 3.88 3.44 -26.91
N ARG D 131 4.55 4.37 -26.26
CA ARG D 131 5.05 5.58 -26.91
C ARG D 131 5.95 6.32 -25.91
N SER D 132 6.51 7.43 -26.37
CA SER D 132 7.42 8.22 -25.53
C SER D 132 6.65 9.35 -24.85
N THR D 133 6.17 10.31 -25.62
CA THR D 133 5.36 11.38 -25.06
C THR D 133 3.96 10.86 -24.74
N GLU D 134 3.26 11.60 -23.88
CA GLU D 134 1.86 11.29 -23.60
C GLU D 134 1.03 11.48 -24.86
N GLY D 135 0.18 10.50 -25.15
CA GLY D 135 -0.63 10.57 -26.34
C GLY D 135 -1.62 9.44 -26.42
N ALA D 136 -2.13 9.21 -27.63
CA ALA D 136 -3.16 8.21 -27.83
C ALA D 136 -2.57 6.87 -28.29
N GLY D 137 -2.11 6.80 -29.52
CA GLY D 137 -1.71 5.51 -30.09
C GLY D 137 -0.23 5.33 -30.36
N THR D 138 0.07 4.65 -31.47
CA THR D 138 1.45 4.33 -31.81
C THR D 138 2.28 5.59 -32.01
N SER D 139 3.56 5.52 -31.62
CA SER D 139 4.47 6.63 -31.78
C SER D 139 4.47 7.11 -33.23
N GLU D 140 4.46 8.43 -33.40
CA GLU D 140 4.27 9.00 -34.74
C GLU D 140 5.45 8.72 -35.65
N ASN D 141 6.65 8.54 -35.10
CA ASN D 141 7.83 8.28 -35.91
C ASN D 141 8.09 6.79 -36.12
N GLY D 142 7.24 5.92 -35.59
CA GLY D 142 7.44 4.49 -35.74
C GLY D 142 8.63 3.95 -35.00
N LEU D 143 9.05 4.61 -33.93
CA LEU D 143 10.25 4.23 -33.20
C LEU D 143 9.99 4.22 -31.71
N TRP D 144 10.91 3.58 -30.98
CA TRP D 144 10.88 3.50 -29.52
C TRP D 144 11.62 4.65 -28.86
N TYR D 145 11.98 5.67 -29.63
CA TYR D 145 12.71 6.83 -29.14
C TYR D 145 12.38 8.01 -30.03
N ASP D 146 12.75 9.21 -29.57
CA ASP D 146 12.68 10.39 -30.41
C ASP D 146 13.80 11.34 -29.99
N SER D 147 13.77 12.56 -30.55
CA SER D 147 14.86 13.51 -30.32
C SER D 147 15.02 13.89 -28.85
N GLN D 148 14.00 13.69 -28.02
CA GLN D 148 14.08 14.03 -26.62
C GLN D 148 13.93 12.85 -25.68
N TYR D 149 13.36 11.73 -26.13
CA TYR D 149 13.28 10.50 -25.35
C TYR D 149 14.25 9.50 -26.00
N THR D 150 15.42 9.37 -25.40
CA THR D 150 16.48 8.55 -25.97
C THR D 150 16.24 7.07 -25.68
N GLU D 151 16.94 6.22 -26.45
CA GLU D 151 16.90 4.79 -26.19
C GLU D 151 17.56 4.44 -24.86
N ASP D 152 18.57 5.20 -24.45
CA ASP D 152 19.18 5.00 -23.14
C ASP D 152 18.16 5.20 -22.03
N ALA D 153 17.42 6.30 -22.09
CA ALA D 153 16.38 6.55 -21.09
C ALA D 153 15.30 5.47 -21.14
N TRP D 154 15.00 4.98 -22.34
CA TRP D 154 14.02 3.91 -22.48
C TRP D 154 14.52 2.62 -21.82
N VAL D 155 15.81 2.32 -21.99
CA VAL D 155 16.41 1.18 -21.31
C VAL D 155 16.40 1.39 -19.80
N SER D 156 16.77 2.59 -19.36
CA SER D 156 16.76 2.89 -17.93
C SER D 156 15.35 2.84 -17.37
N ASP D 157 14.37 3.29 -18.15
CA ASP D 157 12.99 3.28 -17.68
C ASP D 157 12.49 1.85 -17.47
N TRP D 158 12.89 0.94 -18.34
CA TRP D 158 12.51 -0.47 -18.17
C TRP D 158 13.15 -1.04 -16.91
N GLN D 159 14.39 -0.66 -16.61
CA GLN D 159 15.01 -1.07 -15.36
C GLN D 159 14.23 -0.53 -14.16
N THR D 160 13.78 0.73 -14.26
CA THR D 160 12.97 1.31 -13.19
C THR D 160 11.71 0.48 -12.93
N LEU D 161 11.02 0.08 -14.00
CA LEU D 161 9.81 -0.71 -13.82
C LEU D 161 10.12 -2.12 -13.33
N ALA D 162 11.21 -2.71 -13.84
CA ALA D 162 11.62 -4.02 -13.36
C ALA D 162 11.87 -4.02 -11.85
N THR D 163 12.51 -2.96 -11.36
CA THR D 163 12.72 -2.84 -9.92
C THR D 163 11.40 -2.70 -9.18
N ARG D 164 10.47 -1.91 -9.72
CA ARG D 164 9.22 -1.63 -9.02
C ARG D 164 8.40 -2.89 -8.81
N TYR D 165 8.39 -3.79 -9.78
CA TYR D 165 7.53 -4.97 -9.74
C TYR D 165 8.32 -6.27 -9.67
N LYS D 166 9.59 -6.22 -9.23
CA LYS D 166 10.40 -7.43 -9.16
C LYS D 166 9.83 -8.44 -8.17
N ASN D 167 9.12 -7.97 -7.15
CA ASN D 167 8.57 -8.84 -6.12
C ASN D 167 7.10 -9.15 -6.35
N ASN D 168 6.50 -8.65 -7.43
CA ASN D 168 5.09 -8.89 -7.72
C ASN D 168 4.96 -9.74 -8.97
N PRO D 169 4.71 -11.05 -8.84
CA PRO D 169 4.56 -11.91 -10.03
C PRO D 169 3.29 -11.65 -10.82
N THR D 170 2.41 -10.76 -10.37
CA THR D 170 1.28 -10.35 -11.19
C THR D 170 1.77 -9.74 -12.50
N VAL D 171 2.85 -8.96 -12.46
CA VAL D 171 3.46 -8.41 -13.65
C VAL D 171 4.37 -9.46 -14.26
N ILE D 172 3.84 -10.22 -15.23
CA ILE D 172 4.53 -11.38 -15.75
C ILE D 172 5.48 -11.08 -16.89
N GLY D 173 5.30 -9.97 -17.60
CA GLY D 173 6.10 -9.74 -18.79
C GLY D 173 6.16 -8.29 -19.19
N PHE D 174 7.19 -7.97 -19.98
CA PHE D 174 7.45 -6.61 -20.47
C PHE D 174 7.35 -6.62 -21.98
N ASP D 175 6.35 -5.92 -22.53
CA ASP D 175 6.25 -5.68 -23.96
C ASP D 175 7.14 -4.48 -24.27
N LEU D 176 8.35 -4.75 -24.79
CA LEU D 176 9.41 -3.76 -24.78
C LEU D 176 9.05 -2.50 -25.58
N HIS D 177 8.31 -2.63 -26.67
CA HIS D 177 7.83 -1.45 -27.38
C HIS D 177 6.69 -1.84 -28.31
N ASN D 178 5.75 -0.90 -28.49
CA ASN D 178 4.57 -1.10 -29.31
C ASN D 178 4.86 -0.71 -30.75
N GLU D 179 4.67 -1.65 -31.68
CA GLU D 179 4.72 -1.43 -33.12
C GLU D 179 5.93 -0.62 -33.57
N PRO D 180 7.14 -1.16 -33.47
CA PRO D 180 8.33 -0.44 -33.97
C PRO D 180 8.47 -0.55 -35.49
N TYR D 181 7.49 0.01 -36.21
CA TYR D 181 7.37 -0.29 -37.63
C TYR D 181 8.41 0.44 -38.48
N ASN D 182 9.08 1.46 -37.95
CA ASN D 182 10.21 2.06 -38.66
C ASN D 182 11.54 1.51 -38.18
N GLY D 183 11.53 0.49 -37.33
CA GLY D 183 12.72 -0.26 -37.02
C GLY D 183 12.98 -1.37 -38.03
N THR D 184 14.19 -1.90 -37.98
CA THR D 184 14.59 -3.03 -38.82
C THR D 184 14.88 -4.23 -37.95
N TRP D 185 14.54 -5.42 -38.43
CA TRP D 185 14.90 -6.65 -37.73
C TRP D 185 16.31 -7.04 -38.19
N GLY D 186 17.30 -6.36 -37.63
CA GLY D 186 18.69 -6.57 -37.97
C GLY D 186 19.33 -5.31 -38.51
N GLY D 187 20.62 -5.43 -38.82
CA GLY D 187 21.37 -4.32 -39.36
C GLY D 187 22.38 -3.74 -38.39
N GLY D 188 22.00 -3.60 -37.13
CA GLY D 188 22.90 -3.13 -36.10
C GLY D 188 22.91 -1.62 -35.88
N GLY D 189 22.19 -0.86 -36.71
CA GLY D 189 22.15 0.58 -36.55
C GLY D 189 21.23 1.01 -35.42
N ALA D 190 21.05 2.33 -35.32
CA ALA D 190 20.18 2.88 -34.29
C ALA D 190 18.73 2.46 -34.47
N ASN D 191 18.34 2.07 -35.68
CA ASN D 191 16.97 1.64 -35.97
C ASN D 191 16.84 0.12 -36.06
N ASP D 192 17.87 -0.62 -35.66
CA ASP D 192 17.77 -2.07 -35.54
C ASP D 192 16.94 -2.40 -34.31
N TRP D 193 15.69 -2.82 -34.54
CA TRP D 193 14.79 -3.11 -33.42
C TRP D 193 15.24 -4.35 -32.65
N ALA D 194 15.77 -5.35 -33.35
CA ALA D 194 16.23 -6.56 -32.66
C ALA D 194 17.36 -6.24 -31.69
N ARG D 195 18.31 -5.39 -32.11
CA ARG D 195 19.37 -4.97 -31.20
C ARG D 195 18.80 -4.20 -30.02
N ALA D 196 17.87 -3.28 -30.27
CA ALA D 196 17.27 -2.50 -29.18
C ALA D 196 16.48 -3.40 -28.24
N ALA D 197 15.77 -4.38 -28.78
CA ALA D 197 14.97 -5.26 -27.93
C ALA D 197 15.86 -6.12 -27.04
N GLU D 198 16.96 -6.65 -27.59
CA GLU D 198 17.88 -7.42 -26.77
C GLU D 198 18.52 -6.55 -25.69
N ARG D 199 18.77 -5.27 -25.99
CA ARG D 199 19.37 -4.38 -25.02
C ARG D 199 18.43 -4.12 -23.85
N ALA D 200 17.18 -3.75 -24.14
CA ALA D 200 16.22 -3.49 -23.08
C ALA D 200 15.84 -4.77 -22.36
N GLY D 201 15.72 -5.88 -23.09
CA GLY D 201 15.39 -7.15 -22.46
C GLY D 201 16.43 -7.58 -21.46
N ASN D 202 17.71 -7.51 -21.86
CA ASN D 202 18.79 -7.88 -20.94
C ASN D 202 18.84 -6.94 -19.75
N ALA D 203 18.59 -5.64 -19.97
CA ALA D 203 18.63 -4.69 -18.87
C ALA D 203 17.55 -4.98 -17.84
N ALA D 204 16.35 -5.36 -18.29
CA ALA D 204 15.29 -5.69 -17.35
C ALA D 204 15.57 -7.01 -16.64
N LEU D 205 16.14 -7.97 -17.36
CA LEU D 205 16.44 -9.28 -16.76
C LEU D 205 17.57 -9.18 -15.75
N ALA D 206 18.45 -8.18 -15.87
CA ALA D 206 19.47 -7.96 -14.87
C ALA D 206 18.88 -7.56 -13.52
N ILE D 207 17.61 -7.14 -13.51
CA ILE D 207 16.92 -6.79 -12.29
C ILE D 207 15.88 -7.85 -11.90
N ASN D 208 15.14 -8.35 -12.89
CA ASN D 208 14.18 -9.44 -12.67
C ASN D 208 14.42 -10.49 -13.76
N PRO D 209 15.18 -11.55 -13.46
CA PRO D 209 15.41 -12.60 -14.47
C PRO D 209 14.23 -13.52 -14.67
N ASN D 210 13.10 -13.28 -14.00
CA ASN D 210 11.92 -14.13 -14.12
C ASN D 210 10.86 -13.54 -15.03
N LEU D 211 11.13 -12.39 -15.65
CA LEU D 211 10.14 -11.75 -16.52
C LEU D 211 10.12 -12.40 -17.90
N LEU D 212 8.93 -12.57 -18.44
CA LEU D 212 8.81 -12.83 -19.87
C LEU D 212 9.17 -11.55 -20.62
N ILE D 213 9.96 -11.69 -21.67
CA ILE D 213 10.36 -10.56 -22.50
C ILE D 213 9.58 -10.66 -23.80
N ILE D 214 8.60 -9.77 -23.96
CA ILE D 214 7.69 -9.80 -25.09
C ILE D 214 8.21 -8.87 -26.17
N VAL D 215 8.51 -9.44 -27.34
CA VAL D 215 9.15 -8.71 -28.43
C VAL D 215 8.23 -8.70 -29.63
N GLU D 216 7.77 -7.51 -30.00
CA GLU D 216 6.91 -7.34 -31.16
C GLU D 216 7.73 -7.36 -32.45
N GLY D 217 7.04 -7.65 -33.55
CA GLY D 217 7.65 -7.54 -34.86
C GLY D 217 7.74 -6.09 -35.32
N VAL D 218 8.28 -5.92 -36.52
CA VAL D 218 8.37 -4.60 -37.14
C VAL D 218 7.25 -4.46 -38.15
N GLY D 219 7.48 -3.67 -39.20
CA GLY D 219 6.49 -3.49 -40.24
C GLY D 219 6.88 -4.14 -41.56
N SER D 220 8.16 -4.09 -41.90
CA SER D 220 8.65 -4.60 -43.17
C SER D 220 9.93 -5.40 -42.97
N TYR D 221 10.09 -6.42 -43.81
CA TYR D 221 11.29 -7.28 -43.75
C TYR D 221 11.42 -7.99 -45.09
N LYS D 222 12.57 -7.84 -45.73
CA LYS D 222 12.86 -8.45 -47.04
C LYS D 222 11.80 -8.06 -48.06
N GLY D 223 11.46 -6.77 -48.10
CA GLY D 223 10.47 -6.26 -49.02
C GLY D 223 9.04 -6.65 -48.70
N ASP D 224 8.81 -7.41 -47.64
CA ASP D 224 7.49 -7.88 -47.26
C ASP D 224 6.94 -6.98 -46.17
N ASN D 225 5.80 -6.33 -46.43
CA ASN D 225 5.15 -5.47 -45.46
C ASN D 225 3.93 -6.18 -44.87
N TYR D 226 3.69 -5.96 -43.59
CA TYR D 226 2.54 -6.51 -42.90
C TYR D 226 2.04 -5.47 -41.90
N TRP D 227 1.10 -5.88 -41.05
CA TRP D 227 0.63 -5.02 -39.98
C TRP D 227 1.79 -4.59 -39.09
N TRP D 228 1.75 -3.34 -38.63
CA TRP D 228 2.76 -2.85 -37.72
C TRP D 228 2.83 -3.73 -36.48
N GLY D 229 4.02 -4.27 -36.20
CA GLY D 229 4.21 -5.19 -35.11
C GLY D 229 3.97 -6.64 -35.44
N GLY D 230 3.44 -6.94 -36.62
CA GLY D 230 3.17 -8.32 -37.00
C GLY D 230 4.20 -8.92 -37.92
N GLN D 231 5.16 -8.11 -38.37
CA GLN D 231 6.23 -8.57 -39.26
C GLN D 231 7.29 -9.25 -38.41
N LEU D 232 7.13 -10.57 -38.22
CA LEU D 232 8.05 -11.37 -37.42
C LEU D 232 8.82 -12.37 -38.27
N GLN D 233 9.00 -12.08 -39.57
CA GLN D 233 9.69 -13.00 -40.45
C GLN D 233 11.18 -13.09 -40.16
N GLY D 234 11.76 -12.09 -39.49
CA GLY D 234 13.19 -12.11 -39.23
C GLY D 234 13.60 -13.08 -38.15
N VAL D 235 12.65 -13.56 -37.35
CA VAL D 235 12.98 -14.45 -36.23
C VAL D 235 13.69 -15.70 -36.71
N LYS D 236 13.23 -16.27 -37.82
CA LYS D 236 13.86 -17.49 -38.34
C LYS D 236 15.29 -17.24 -38.78
N ASP D 237 15.63 -16.01 -39.15
CA ASP D 237 16.99 -15.68 -39.59
C ASP D 237 17.86 -15.15 -38.47
N ARG D 238 17.29 -14.41 -37.53
CA ARG D 238 18.05 -13.73 -36.48
C ARG D 238 17.18 -13.64 -35.23
N PRO D 239 17.09 -14.74 -34.47
CA PRO D 239 16.22 -14.73 -33.29
C PRO D 239 16.76 -13.83 -32.18
N ILE D 240 15.84 -13.41 -31.32
CA ILE D 240 16.22 -12.64 -30.14
C ILE D 240 16.94 -13.54 -29.15
N GLN D 241 18.14 -13.15 -28.75
CA GLN D 241 18.93 -13.90 -27.77
C GLN D 241 19.18 -13.00 -26.57
N LEU D 242 18.81 -13.49 -25.37
CA LEU D 242 18.93 -12.72 -24.14
C LEU D 242 19.88 -13.42 -23.17
N ASN D 243 20.30 -12.67 -22.15
CA ASN D 243 21.23 -13.19 -21.16
C ASN D 243 20.63 -14.29 -20.28
N VAL D 244 19.30 -14.36 -20.19
CA VAL D 244 18.61 -15.37 -19.40
C VAL D 244 17.79 -16.23 -20.35
N ALA D 245 17.86 -17.55 -20.18
CA ALA D 245 17.22 -18.48 -21.10
C ALA D 245 15.72 -18.58 -20.83
N ASN D 246 14.98 -18.97 -21.86
CA ASN D 246 13.56 -19.33 -21.76
C ASN D 246 12.71 -18.14 -21.31
N ARG D 247 12.95 -16.97 -21.89
CA ARG D 247 12.20 -15.77 -21.54
C ARG D 247 11.53 -15.09 -22.71
N VAL D 248 11.91 -15.41 -23.95
CA VAL D 248 11.45 -14.67 -25.12
C VAL D 248 10.06 -15.13 -25.51
N VAL D 249 9.16 -14.17 -25.73
CA VAL D 249 7.83 -14.42 -26.27
C VAL D 249 7.60 -13.40 -27.38
N TYR D 250 7.29 -13.89 -28.59
CA TYR D 250 7.08 -13.00 -29.72
C TYR D 250 5.62 -12.58 -29.80
N SER D 251 5.40 -11.35 -30.25
CA SER D 251 4.09 -10.71 -30.16
C SER D 251 3.74 -10.00 -31.46
N PRO D 252 2.95 -10.63 -32.33
CA PRO D 252 2.44 -9.93 -33.51
C PRO D 252 1.19 -9.14 -33.20
N HIS D 253 0.92 -8.16 -34.06
CA HIS D 253 -0.37 -7.49 -34.13
C HIS D 253 -1.02 -7.84 -35.46
N ASP D 254 -2.35 -7.96 -35.45
CA ASP D 254 -3.07 -8.34 -36.65
C ASP D 254 -4.46 -7.72 -36.62
N TYR D 255 -4.90 -7.19 -37.76
CA TYR D 255 -6.12 -6.39 -37.80
C TYR D 255 -6.92 -6.68 -39.08
N PRO D 256 -8.20 -6.26 -39.16
CA PRO D 256 -8.99 -6.58 -40.34
C PRO D 256 -9.06 -5.45 -41.37
N ASN D 257 -9.92 -5.64 -42.37
CA ASN D 257 -10.01 -4.70 -43.49
C ASN D 257 -10.50 -3.33 -43.05
N SER D 258 -11.36 -3.27 -42.03
CA SER D 258 -11.86 -1.98 -41.57
C SER D 258 -10.76 -1.13 -40.95
N VAL D 259 -9.70 -1.73 -40.44
CA VAL D 259 -8.58 -0.95 -39.94
C VAL D 259 -7.71 -0.46 -41.08
N TRP D 260 -7.48 -1.30 -42.09
CA TRP D 260 -6.74 -0.90 -43.29
C TRP D 260 -7.09 -1.86 -44.41
N GLN D 261 -7.22 -1.34 -45.62
CA GLN D 261 -7.58 -2.14 -46.80
C GLN D 261 -6.32 -2.77 -47.38
N GLN D 262 -5.83 -3.77 -46.65
CA GLN D 262 -4.60 -4.45 -47.05
C GLN D 262 -4.83 -5.29 -48.30
N PRO D 263 -3.77 -5.55 -49.08
CA PRO D 263 -3.96 -6.32 -50.32
C PRO D 263 -4.44 -7.74 -50.09
N TRP D 264 -4.06 -8.37 -48.97
CA TRP D 264 -4.48 -9.74 -48.70
C TRP D 264 -5.92 -9.83 -48.21
N PHE D 265 -6.65 -8.72 -48.17
CA PHE D 265 -8.09 -8.74 -47.90
C PHE D 265 -8.92 -8.58 -49.17
N GLN D 266 -8.30 -8.25 -50.28
CA GLN D 266 -8.99 -8.08 -51.55
C GLN D 266 -8.90 -9.35 -52.37
N GLY D 267 -9.88 -9.55 -53.21
CA GLY D 267 -10.01 -10.80 -53.96
C GLY D 267 -11.22 -11.58 -53.51
N ASP D 268 -11.74 -12.41 -54.42
CA ASP D 268 -12.97 -13.15 -54.15
C ASP D 268 -12.82 -14.03 -52.90
N ASN D 269 -11.85 -14.93 -52.91
CA ASN D 269 -11.64 -15.82 -51.77
C ASN D 269 -10.38 -15.43 -51.00
N PHE D 270 -10.36 -14.20 -50.47
CA PHE D 270 -9.22 -13.78 -49.66
C PHE D 270 -9.14 -14.56 -48.35
N GLY D 271 -10.28 -15.03 -47.85
CA GLY D 271 -10.29 -15.74 -46.58
C GLY D 271 -9.55 -17.06 -46.64
N ALA D 272 -9.55 -17.72 -47.80
CA ALA D 272 -8.85 -18.98 -47.92
C ALA D 272 -7.35 -18.82 -47.75
N GLY D 273 -6.79 -17.67 -48.14
CA GLY D 273 -5.38 -17.43 -48.02
C GLY D 273 -4.92 -16.83 -46.70
N LEU D 274 -5.84 -16.59 -45.77
CA LEU D 274 -5.49 -15.96 -44.50
C LEU D 274 -4.66 -16.86 -43.59
N PRO D 275 -4.96 -18.15 -43.45
CA PRO D 275 -4.10 -19.01 -42.61
C PRO D 275 -2.65 -19.02 -43.05
N ALA D 276 -2.40 -19.14 -44.36
CA ALA D 276 -1.02 -19.12 -44.84
C ALA D 276 -0.37 -17.76 -44.60
N LYS D 277 -1.17 -16.70 -44.57
CA LYS D 277 -0.60 -15.37 -44.31
C LYS D 277 -0.19 -15.22 -42.86
N PHE D 278 -1.04 -15.67 -41.92
CA PHE D 278 -0.65 -15.66 -40.51
C PHE D 278 0.62 -16.46 -40.29
N ARG D 279 0.66 -17.69 -40.82
CA ARG D 279 1.84 -18.53 -40.67
C ARG D 279 3.07 -17.87 -41.27
N SER D 280 2.93 -17.25 -42.44
CA SER D 280 4.07 -16.65 -43.11
C SER D 280 4.67 -15.52 -42.29
N GLU D 281 3.81 -14.70 -41.66
CA GLU D 281 4.28 -13.49 -40.99
C GLU D 281 4.71 -13.72 -39.56
N TRP D 282 4.04 -14.61 -38.83
CA TRP D 282 4.37 -14.80 -37.41
C TRP D 282 4.00 -16.18 -36.90
N GLY D 283 3.00 -16.81 -37.53
CA GLY D 283 2.50 -18.08 -37.03
C GLY D 283 3.50 -19.21 -37.10
N TYR D 284 4.44 -19.14 -38.06
CA TYR D 284 5.44 -20.18 -38.19
C TYR D 284 6.26 -20.35 -36.91
N ILE D 285 6.45 -19.26 -36.16
CA ILE D 285 7.22 -19.33 -34.93
C ILE D 285 6.60 -20.33 -33.96
N TYR D 286 5.29 -20.28 -33.81
CA TYR D 286 4.59 -21.24 -32.95
C TYR D 286 4.55 -22.62 -33.60
N GLU D 287 4.23 -22.68 -34.89
CA GLU D 287 4.02 -23.96 -35.55
C GLU D 287 5.30 -24.80 -35.57
N GLN D 288 6.46 -24.16 -35.65
CA GLN D 288 7.73 -24.87 -35.67
C GLN D 288 8.36 -24.99 -34.28
N ASN D 289 7.60 -24.68 -33.23
CA ASN D 289 8.06 -24.83 -31.84
C ASN D 289 9.34 -24.01 -31.58
N ILE D 290 9.40 -22.81 -32.16
CA ILE D 290 10.56 -21.95 -31.94
C ILE D 290 10.42 -21.18 -30.64
N ALA D 291 9.32 -20.45 -30.49
CA ALA D 291 9.06 -19.66 -29.29
C ALA D 291 7.55 -19.47 -29.18
N PRO D 292 7.07 -19.02 -28.02
CA PRO D 292 5.63 -18.75 -27.90
C PRO D 292 5.21 -17.55 -28.72
N ILE D 293 3.96 -17.58 -29.18
CA ILE D 293 3.34 -16.47 -29.89
C ILE D 293 2.21 -15.93 -29.02
N TYR D 294 2.18 -14.62 -28.84
CA TYR D 294 1.16 -13.95 -28.03
C TYR D 294 0.69 -12.73 -28.80
N ILE D 295 -0.53 -12.78 -29.34
CA ILE D 295 -1.08 -11.67 -30.10
C ILE D 295 -1.37 -10.51 -29.16
N GLY D 296 -0.51 -9.49 -29.19
CA GLY D 296 -0.70 -8.35 -28.32
C GLY D 296 -1.94 -7.53 -28.64
N GLU D 297 -2.31 -7.46 -29.92
CA GLU D 297 -3.42 -6.63 -30.36
C GLU D 297 -4.16 -7.27 -31.52
N PHE D 298 -5.47 -7.38 -31.40
CA PHE D 298 -6.36 -7.66 -32.52
C PHE D 298 -7.75 -7.22 -32.13
N GLY D 299 -8.49 -6.65 -33.08
CA GLY D 299 -9.81 -6.11 -32.77
C GLY D 299 -10.57 -5.73 -34.02
N THR D 300 -11.86 -5.50 -33.84
CA THR D 300 -12.77 -5.19 -34.94
C THR D 300 -14.12 -4.79 -34.37
N LYS D 301 -14.86 -4.00 -35.15
CA LYS D 301 -16.23 -3.65 -34.82
C LYS D 301 -17.25 -4.61 -35.41
N LEU D 302 -16.82 -5.53 -36.28
CA LEU D 302 -17.72 -6.51 -36.91
C LEU D 302 -18.80 -5.82 -37.74
N ILE D 303 -18.44 -4.71 -38.39
CA ILE D 303 -19.32 -4.01 -39.32
C ILE D 303 -18.97 -4.35 -40.76
N ASP D 304 -17.70 -4.27 -41.11
CA ASP D 304 -17.24 -4.65 -42.44
C ASP D 304 -17.32 -6.16 -42.56
N PRO D 305 -18.04 -6.71 -43.54
CA PRO D 305 -18.11 -8.17 -43.68
C PRO D 305 -16.75 -8.84 -43.83
N LYS D 306 -15.76 -8.13 -44.36
CA LYS D 306 -14.42 -8.69 -44.47
C LYS D 306 -13.76 -8.88 -43.10
N ASP D 307 -14.24 -8.18 -42.08
CA ASP D 307 -13.69 -8.36 -40.74
C ASP D 307 -14.07 -9.72 -40.16
N ALA D 308 -15.32 -10.15 -40.37
CA ALA D 308 -15.77 -11.41 -39.79
C ALA D 308 -14.99 -12.59 -40.36
N VAL D 309 -14.73 -12.58 -41.66
CA VAL D 309 -13.93 -13.64 -42.27
C VAL D 309 -12.52 -13.63 -41.68
N TRP D 310 -11.96 -12.45 -41.44
CA TRP D 310 -10.63 -12.36 -40.85
C TRP D 310 -10.62 -12.87 -39.42
N LEU D 311 -11.65 -12.54 -38.64
CA LEU D 311 -11.69 -12.96 -37.25
C LEU D 311 -11.93 -14.46 -37.12
N GLU D 312 -12.81 -15.01 -37.97
CA GLU D 312 -13.06 -16.44 -37.93
C GLU D 312 -11.80 -17.23 -38.28
N ALA D 313 -11.05 -16.76 -39.27
CA ALA D 313 -9.80 -17.42 -39.64
C ALA D 313 -8.73 -17.20 -38.59
N LEU D 314 -8.72 -16.05 -37.93
CA LEU D 314 -7.70 -15.77 -36.92
C LEU D 314 -7.94 -16.58 -35.65
N THR D 315 -9.15 -16.50 -35.10
CA THR D 315 -9.48 -17.28 -33.91
C THR D 315 -9.28 -18.78 -34.15
N SER D 316 -9.54 -19.24 -35.38
CA SER D 316 -9.31 -20.65 -35.69
C SER D 316 -7.81 -20.95 -35.76
N TYR D 317 -7.03 -20.06 -36.37
CA TYR D 317 -5.58 -20.24 -36.38
C TYR D 317 -5.01 -20.18 -34.97
N LEU D 318 -5.52 -19.25 -34.15
CA LEU D 318 -5.04 -19.14 -32.77
C LEU D 318 -5.33 -20.39 -31.97
N SER D 319 -6.40 -21.12 -32.31
CA SER D 319 -6.79 -22.32 -31.58
C SER D 319 -5.94 -23.52 -31.94
N GLY D 320 -5.16 -23.45 -33.02
CA GLY D 320 -4.39 -24.59 -33.51
C GLY D 320 -4.85 -25.11 -34.85
N ASP D 321 -5.96 -24.60 -35.38
CA ASP D 321 -6.45 -25.00 -36.70
C ASP D 321 -5.67 -24.22 -37.76
N PHE D 322 -4.43 -24.67 -37.98
CA PHE D 322 -3.48 -23.93 -38.81
C PHE D 322 -3.92 -23.79 -40.26
N ASP D 323 -4.89 -24.57 -40.71
CA ASP D 323 -5.44 -24.45 -42.06
C ASP D 323 -6.89 -24.02 -42.08
N ASN D 324 -7.50 -23.78 -40.93
CA ASN D 324 -8.90 -23.36 -40.82
C ASN D 324 -9.83 -24.37 -41.50
N ASN D 325 -9.67 -25.64 -41.13
CA ASN D 325 -10.51 -26.72 -41.66
C ASN D 325 -11.39 -27.38 -40.61
N GLY D 326 -11.33 -26.94 -39.36
CA GLY D 326 -12.12 -27.51 -38.30
C GLY D 326 -11.38 -28.44 -37.36
N THR D 327 -10.09 -28.66 -37.58
CA THR D 327 -9.29 -29.53 -36.72
C THR D 327 -8.02 -28.83 -36.26
N PRO D 331 -2.37 -30.46 -30.41
CA PRO D 331 -1.29 -31.42 -30.12
C PRO D 331 -1.25 -31.83 -28.64
N ALA D 332 -2.27 -32.58 -28.21
CA ALA D 332 -2.33 -33.16 -26.85
C ALA D 332 -2.31 -32.08 -25.78
N GLY D 333 -1.46 -32.22 -24.77
CA GLY D 333 -1.38 -31.42 -23.61
C GLY D 333 -0.85 -30.02 -23.81
N THR D 334 -0.54 -29.62 -25.04
CA THR D 334 -0.06 -28.26 -25.27
C THR D 334 -1.21 -27.26 -25.21
N GLU D 335 -0.86 -25.99 -25.07
CA GLU D 335 -1.83 -24.90 -25.07
C GLU D 335 -1.76 -24.15 -26.39
N ASP D 336 -2.91 -23.61 -26.81
CA ASP D 336 -2.95 -22.80 -28.02
C ASP D 336 -2.30 -21.44 -27.77
N MET D 337 -2.27 -20.61 -28.81
CA MET D 337 -1.55 -19.35 -28.74
C MET D 337 -2.22 -18.37 -27.79
N SER D 338 -1.42 -17.48 -27.22
CA SER D 338 -1.89 -16.45 -26.31
C SER D 338 -2.28 -15.19 -27.10
N TRP D 339 -3.07 -14.34 -26.45
CA TRP D 339 -3.60 -13.16 -27.12
C TRP D 339 -4.20 -12.20 -26.10
N THR D 340 -4.25 -10.92 -26.48
CA THR D 340 -5.01 -9.91 -25.75
C THR D 340 -5.75 -9.05 -26.77
N PHE D 341 -7.06 -8.92 -26.56
CA PHE D 341 -7.91 -8.19 -27.50
C PHE D 341 -7.67 -6.69 -27.39
N TRP D 342 -7.78 -6.00 -28.52
CA TRP D 342 -7.81 -4.55 -28.56
C TRP D 342 -9.24 -4.13 -28.90
N SER D 343 -9.95 -3.57 -27.94
CA SER D 343 -9.46 -3.31 -26.58
C SER D 343 -10.58 -3.54 -25.58
N TRP D 344 -10.25 -3.47 -24.28
CA TRP D 344 -11.31 -3.37 -23.28
C TRP D 344 -12.07 -2.07 -23.45
N ASN D 345 -11.33 -0.98 -23.67
CA ASN D 345 -11.93 0.34 -23.80
C ASN D 345 -12.90 0.38 -24.98
N PRO D 346 -14.01 1.12 -24.87
CA PRO D 346 -14.81 1.40 -26.06
C PRO D 346 -14.30 2.56 -26.90
N ASN D 347 -13.45 3.43 -26.34
CA ASN D 347 -13.04 4.66 -27.02
C ASN D 347 -11.82 4.44 -27.92
N SER D 348 -11.90 3.42 -28.76
CA SER D 348 -10.93 3.20 -29.84
C SER D 348 -11.68 3.38 -31.15
N GLY D 349 -11.35 4.45 -31.88
CA GLY D 349 -12.20 4.90 -32.97
C GLY D 349 -12.42 3.86 -34.06
N ASP D 350 -11.41 3.05 -34.36
CA ASP D 350 -11.47 2.16 -35.51
C ASP D 350 -11.94 0.74 -35.16
N THR D 351 -11.76 0.29 -33.91
CA THR D 351 -12.08 -1.07 -33.55
C THR D 351 -13.17 -1.21 -32.50
N GLY D 352 -13.48 -0.15 -31.76
CA GLY D 352 -14.35 -0.36 -30.62
C GLY D 352 -13.65 -1.24 -29.60
N GLY D 353 -14.46 -1.89 -28.77
CA GLY D 353 -13.89 -2.74 -27.74
C GLY D 353 -14.87 -3.78 -27.27
N ILE D 354 -14.50 -4.42 -26.15
CA ILE D 354 -15.42 -5.35 -25.50
C ILE D 354 -16.60 -4.59 -24.89
N LEU D 355 -16.31 -3.53 -24.16
CA LEU D 355 -17.36 -2.68 -23.61
C LEU D 355 -17.95 -1.79 -24.70
N ALA D 356 -19.23 -1.47 -24.55
CA ALA D 356 -19.89 -0.52 -25.43
C ALA D 356 -19.58 0.91 -24.98
N ASP D 357 -20.10 1.88 -25.72
CA ASP D 357 -19.79 3.28 -25.45
C ASP D 357 -20.19 3.72 -24.05
N ASP D 358 -21.14 3.03 -23.41
CA ASP D 358 -21.52 3.37 -22.05
C ASP D 358 -20.52 2.89 -21.01
N TRP D 359 -19.42 2.27 -21.44
CA TRP D 359 -18.36 1.77 -20.55
C TRP D 359 -18.86 0.68 -19.60
N ARG D 360 -19.95 -0.01 -19.96
CA ARG D 360 -20.56 -0.99 -19.06
C ARG D 360 -21.07 -2.22 -19.81
N THR D 361 -21.70 -2.03 -20.96
CA THR D 361 -22.37 -3.12 -21.66
C THR D 361 -21.39 -3.91 -22.52
N ILE D 362 -21.36 -5.23 -22.32
CA ILE D 362 -20.48 -6.11 -23.08
C ILE D 362 -21.01 -6.24 -24.51
N ASN D 363 -20.11 -6.18 -25.48
CA ASN D 363 -20.45 -6.44 -26.88
C ASN D 363 -20.42 -7.94 -27.10
N GLN D 364 -21.59 -8.57 -27.02
CA GLN D 364 -21.65 -10.03 -26.99
C GLN D 364 -21.27 -10.66 -28.33
N ASN D 365 -21.45 -9.94 -29.44
CA ASN D 365 -21.10 -10.51 -30.73
C ASN D 365 -19.59 -10.71 -30.87
N LYS D 366 -18.80 -9.92 -30.15
CA LYS D 366 -17.35 -10.13 -30.15
C LYS D 366 -16.97 -11.28 -29.23
N MET D 367 -17.64 -11.41 -28.10
CA MET D 367 -17.33 -12.47 -27.15
C MET D 367 -17.60 -13.86 -27.71
N VAL D 368 -18.55 -13.96 -28.64
CA VAL D 368 -18.84 -15.25 -29.28
C VAL D 368 -17.59 -15.76 -29.99
N TYR D 369 -16.84 -14.86 -30.62
CA TYR D 369 -15.58 -15.27 -31.26
C TYR D 369 -14.50 -15.57 -30.22
N LEU D 370 -14.54 -14.90 -29.07
CA LEU D 370 -13.43 -14.96 -28.12
C LEU D 370 -13.56 -16.09 -27.12
N LYS D 371 -14.78 -16.43 -26.71
CA LYS D 371 -14.96 -17.45 -25.67
C LYS D 371 -14.33 -18.80 -26.01
N PRO D 372 -14.41 -19.33 -27.24
CA PRO D 372 -13.79 -20.64 -27.49
C PRO D 372 -12.27 -20.66 -27.32
N ILE D 373 -11.58 -19.54 -27.51
CA ILE D 373 -10.12 -19.51 -27.42
C ILE D 373 -9.61 -18.94 -26.12
N GLN D 374 -10.49 -18.57 -25.19
CA GLN D 374 -10.04 -18.15 -23.87
C GLN D 374 -9.46 -19.34 -23.11
N TYR D 375 -8.58 -19.02 -22.16
CA TYR D 375 -7.93 -20.06 -21.35
C TYR D 375 -8.88 -20.55 -20.26
N THR D 376 -8.96 -21.87 -20.09
CA THR D 376 -9.85 -22.45 -19.10
C THR D 376 -9.20 -23.56 -18.29
N GLY D 377 -7.88 -23.72 -18.37
CA GLY D 377 -7.19 -24.78 -17.66
C GLY D 377 -6.88 -24.45 -16.21
N SER E 13 31.56 -32.44 -17.97
CA SER E 13 30.25 -31.88 -17.64
C SER E 13 29.22 -32.97 -17.43
N GLY E 14 28.33 -32.77 -16.46
CA GLY E 14 27.30 -33.74 -16.17
C GLY E 14 25.98 -33.43 -16.85
N GLY E 15 26.02 -32.57 -17.86
CA GLY E 15 24.80 -32.19 -18.56
C GLY E 15 24.24 -33.35 -19.36
N ILE E 16 22.91 -33.45 -19.36
CA ILE E 16 22.18 -34.46 -20.12
C ILE E 16 21.32 -33.73 -21.14
N ALA E 17 21.24 -34.29 -22.35
CA ALA E 17 20.47 -33.67 -23.41
C ALA E 17 19.02 -33.49 -22.96
N PRO E 18 18.36 -32.41 -23.39
CA PRO E 18 17.00 -32.13 -22.89
C PRO E 18 16.03 -33.26 -23.23
N GLY E 19 15.07 -33.46 -22.34
CA GLY E 19 14.09 -34.50 -22.47
C GLY E 19 14.23 -35.57 -21.39
N PHE E 20 13.21 -36.42 -21.33
CA PHE E 20 13.17 -37.46 -20.31
C PHE E 20 14.18 -38.56 -20.62
N LEU E 21 14.27 -39.54 -19.72
CA LEU E 21 15.25 -40.59 -19.81
C LEU E 21 14.59 -41.94 -20.05
N ARG E 22 15.39 -42.86 -20.60
CA ARG E 22 14.97 -44.23 -20.87
C ARG E 22 16.04 -45.18 -20.37
N THR E 23 15.70 -46.47 -20.34
CA THR E 23 16.65 -47.52 -19.99
C THR E 23 16.76 -48.50 -21.15
N SER E 24 17.95 -49.07 -21.29
CA SER E 24 18.20 -50.12 -22.30
C SER E 24 19.23 -51.07 -21.69
N GLY E 25 18.78 -52.23 -21.23
CA GLY E 25 19.67 -53.11 -20.51
C GLY E 25 20.02 -52.50 -19.16
N ASN E 26 21.30 -52.45 -18.85
CA ASN E 26 21.77 -51.84 -17.61
C ASN E 26 22.15 -50.37 -17.77
N GLN E 27 21.81 -49.76 -18.90
CA GLN E 27 22.21 -48.40 -19.21
C GLN E 27 21.02 -47.45 -19.18
N ILE E 28 21.25 -46.23 -18.70
CA ILE E 28 20.29 -45.15 -18.79
C ILE E 28 20.60 -44.33 -20.04
N LEU E 29 19.62 -44.16 -20.90
CA LEU E 29 19.78 -43.43 -22.14
C LEU E 29 18.99 -42.13 -22.10
N ASP E 30 19.49 -41.12 -22.82
CA ASP E 30 18.77 -39.86 -22.94
C ASP E 30 17.75 -39.95 -24.07
N SER E 31 17.08 -38.84 -24.34
CA SER E 31 16.04 -38.81 -25.38
C SER E 31 16.61 -39.10 -26.76
N GLN E 32 17.92 -38.95 -26.94
CA GLN E 32 18.58 -39.27 -28.20
C GLN E 32 19.20 -40.66 -28.21
N GLY E 33 19.00 -41.44 -27.14
CA GLY E 33 19.55 -42.78 -27.07
C GLY E 33 21.01 -42.86 -26.67
N LYS E 34 21.60 -41.77 -26.20
CA LYS E 34 23.00 -41.78 -25.77
C LYS E 34 23.10 -42.20 -24.31
N PRO E 35 24.02 -43.11 -23.97
CA PRO E 35 24.16 -43.52 -22.58
C PRO E 35 24.61 -42.36 -21.69
N VAL E 36 23.83 -42.10 -20.64
CA VAL E 36 24.13 -41.05 -19.68
C VAL E 36 24.35 -41.68 -18.31
N GLN E 37 24.67 -40.86 -17.32
CA GLN E 37 24.93 -41.34 -15.98
C GLN E 37 24.49 -40.28 -14.98
N LEU E 38 23.85 -40.74 -13.90
CA LEU E 38 23.38 -39.87 -12.83
C LEU E 38 24.35 -39.94 -11.67
N THR E 39 25.01 -38.82 -11.37
CA THR E 39 26.01 -38.75 -10.31
C THR E 39 25.76 -37.48 -9.52
N GLY E 40 25.12 -37.60 -8.36
CA GLY E 40 24.71 -36.44 -7.58
C GLY E 40 24.76 -36.68 -6.09
N VAL E 41 23.90 -35.95 -5.37
CA VAL E 41 23.89 -35.94 -3.92
C VAL E 41 22.45 -35.94 -3.40
N ASN E 42 22.29 -36.36 -2.15
CA ASN E 42 21.02 -36.29 -1.45
C ASN E 42 20.91 -34.95 -0.73
N TRP E 43 19.77 -34.28 -0.88
CA TRP E 43 19.48 -33.03 -0.19
C TRP E 43 18.17 -33.24 0.59
N PHE E 44 18.28 -33.61 1.86
CA PHE E 44 17.10 -33.93 2.65
C PHE E 44 16.66 -32.73 3.49
N GLY E 45 15.43 -32.82 3.99
CA GLY E 45 14.84 -31.73 4.74
C GLY E 45 13.35 -31.62 4.48
N ALA E 46 12.95 -31.77 3.22
CA ALA E 46 11.54 -31.68 2.86
C ALA E 46 10.70 -32.80 3.45
N GLN E 47 11.34 -33.83 4.03
CA GLN E 47 10.63 -34.88 4.75
C GLN E 47 10.41 -34.53 6.21
N SER E 48 11.02 -33.45 6.70
CA SER E 48 10.92 -33.04 8.09
C SER E 48 9.72 -32.13 8.30
N SER E 49 9.57 -31.64 9.53
CA SER E 49 8.46 -30.75 9.86
C SER E 49 8.64 -29.36 9.25
N ASN E 50 9.85 -29.02 8.81
CA ASN E 50 10.03 -27.75 8.11
C ASN E 50 9.41 -27.79 6.72
N GLY E 51 9.32 -28.98 6.11
CA GLY E 51 8.72 -29.11 4.80
C GLY E 51 9.56 -28.61 3.65
N VAL E 52 10.82 -28.27 3.89
CA VAL E 52 11.72 -27.78 2.84
C VAL E 52 13.11 -28.35 3.07
N PRO E 53 13.89 -28.48 2.00
CA PRO E 53 15.26 -28.98 2.16
C PRO E 53 16.07 -28.13 3.13
N ASP E 54 16.99 -28.78 3.83
CA ASP E 54 17.73 -28.17 4.93
C ASP E 54 18.76 -27.17 4.42
N GLY E 55 19.26 -26.36 5.35
CA GLY E 55 20.36 -25.45 5.09
C GLY E 55 19.96 -24.05 4.66
N LEU E 56 18.70 -23.83 4.28
CA LEU E 56 18.26 -22.50 3.88
C LEU E 56 18.15 -21.54 5.05
N TRP E 57 18.39 -22.00 6.28
CA TRP E 57 18.51 -21.08 7.40
C TRP E 57 19.81 -20.29 7.36
N THR E 58 20.77 -20.69 6.52
CA THR E 58 22.05 -20.00 6.44
C THR E 58 22.62 -19.89 5.04
N ARG E 59 22.22 -20.73 4.09
CA ARG E 59 22.67 -20.63 2.70
C ARG E 59 21.52 -20.20 1.79
N ASN E 60 21.89 -19.60 0.66
CA ASN E 60 20.94 -19.33 -0.40
C ASN E 60 20.75 -20.59 -1.26
N TYR E 61 19.50 -20.86 -1.65
CA TYR E 61 19.22 -22.11 -2.35
C TYR E 61 19.87 -22.15 -3.72
N LYS E 62 19.95 -21.02 -4.41
CA LYS E 62 20.66 -20.99 -5.70
C LYS E 62 22.16 -21.16 -5.51
N ASP E 63 22.71 -20.56 -4.46
CA ASP E 63 24.13 -20.72 -4.16
C ASP E 63 24.48 -22.19 -3.98
N MET E 64 23.65 -22.94 -3.28
CA MET E 64 23.97 -24.33 -2.97
C MET E 64 23.82 -25.22 -4.20
N ILE E 65 22.78 -24.98 -5.01
CA ILE E 65 22.65 -25.72 -6.27
C ILE E 65 23.84 -25.44 -7.17
N ASP E 66 24.27 -24.18 -7.24
CA ASP E 66 25.45 -23.83 -8.03
C ASP E 66 26.69 -24.54 -7.49
N GLN E 67 26.79 -24.65 -6.17
CA GLN E 67 27.92 -25.35 -5.57
C GLN E 67 27.90 -26.83 -5.94
N MET E 68 26.72 -27.43 -5.99
CA MET E 68 26.59 -28.82 -6.43
C MET E 68 27.13 -29.01 -7.83
N ALA E 69 26.65 -28.18 -8.78
CA ALA E 69 27.08 -28.29 -10.17
C ALA E 69 28.58 -28.02 -10.29
N GLY E 70 29.07 -26.98 -9.61
CA GLY E 70 30.49 -26.68 -9.63
C GLY E 70 31.35 -27.81 -9.07
N GLN E 71 30.78 -28.63 -8.19
CA GLN E 71 31.50 -29.77 -7.62
C GLN E 71 31.42 -31.03 -8.48
N GLY E 72 30.66 -31.00 -9.57
CA GLY E 72 30.58 -32.10 -10.49
C GLY E 72 29.35 -32.98 -10.38
N PHE E 73 28.42 -32.64 -9.50
CA PHE E 73 27.19 -33.42 -9.34
C PHE E 73 26.13 -32.93 -10.32
N ASN E 74 25.39 -33.88 -10.90
CA ASN E 74 24.36 -33.55 -11.88
C ASN E 74 22.97 -34.00 -11.47
N THR E 75 22.80 -34.57 -10.28
CA THR E 75 21.51 -35.09 -9.84
C THR E 75 21.27 -34.71 -8.39
N ILE E 76 20.01 -34.47 -8.04
CA ILE E 76 19.60 -34.26 -6.66
C ILE E 76 18.50 -35.26 -6.33
N ARG E 77 18.73 -36.09 -5.32
CA ARG E 77 17.67 -36.92 -4.75
C ARG E 77 17.05 -36.13 -3.59
N ILE E 78 15.77 -35.84 -3.70
CA ILE E 78 15.08 -35.01 -2.71
C ILE E 78 14.11 -35.88 -1.91
N PRO E 79 14.44 -36.26 -0.69
CA PRO E 79 13.47 -36.96 0.15
C PRO E 79 12.30 -36.06 0.50
N TYR E 80 11.12 -36.68 0.60
CA TYR E 80 9.93 -35.97 1.05
C TYR E 80 9.10 -36.92 1.90
N ALA E 81 8.19 -36.33 2.67
CA ALA E 81 7.25 -37.09 3.48
C ALA E 81 5.85 -36.96 2.89
N SER E 82 5.01 -37.96 3.16
CA SER E 82 3.64 -37.94 2.66
C SER E 82 2.89 -36.72 3.19
N ALA E 83 3.16 -36.31 4.43
CA ALA E 83 2.46 -35.18 5.03
C ALA E 83 2.74 -33.88 4.28
N LEU E 84 3.81 -33.81 3.50
CA LEU E 84 4.11 -32.61 2.74
C LEU E 84 2.99 -32.29 1.76
N LEU E 85 2.37 -33.31 1.18
CA LEU E 85 1.33 -33.13 0.17
C LEU E 85 -0.04 -32.85 0.75
N HIS E 86 -0.18 -32.75 2.08
CA HIS E 86 -1.47 -32.57 2.71
C HIS E 86 -1.49 -31.48 3.76
N THR E 87 -0.40 -30.73 3.92
CA THR E 87 -0.30 -29.73 4.97
C THR E 87 -0.50 -28.33 4.39
N ASN E 88 -1.17 -27.47 5.16
CA ASN E 88 -1.32 -26.06 4.83
C ASN E 88 -0.35 -25.17 5.60
N ALA E 89 0.45 -25.75 6.48
CA ALA E 89 1.38 -24.96 7.27
C ALA E 89 2.43 -24.31 6.39
N ALA E 90 2.82 -23.09 6.75
CA ALA E 90 3.90 -22.42 6.04
C ALA E 90 5.21 -23.15 6.28
N PRO E 91 6.17 -23.00 5.37
CA PRO E 91 7.52 -23.50 5.65
C PRO E 91 8.10 -22.78 6.87
N SER E 92 9.12 -23.40 7.46
CA SER E 92 9.78 -22.82 8.63
C SER E 92 11.28 -23.01 8.51
N GLY E 93 12.02 -22.07 9.09
CA GLY E 93 13.45 -22.15 9.16
C GLY E 93 14.19 -21.44 8.05
N ILE E 94 13.52 -21.11 6.95
CA ILE E 94 14.19 -20.40 5.86
C ILE E 94 14.57 -19.01 6.32
N ASN E 95 15.82 -18.63 6.07
CA ASN E 95 16.26 -17.25 6.26
C ASN E 95 15.92 -16.48 4.98
N TYR E 96 14.96 -15.58 5.07
CA TYR E 96 14.45 -14.90 3.89
C TYR E 96 15.29 -13.70 3.47
N ASN E 97 16.17 -13.20 4.34
CA ASN E 97 17.14 -12.20 3.89
C ASN E 97 18.12 -12.81 2.91
N ALA E 98 18.54 -14.04 3.15
CA ALA E 98 19.42 -14.76 2.23
C ALA E 98 18.67 -15.40 1.08
N ASN E 99 17.38 -15.66 1.25
CA ASN E 99 16.55 -16.32 0.22
C ASN E 99 15.31 -15.48 -0.07
N PRO E 100 15.48 -14.29 -0.65
CA PRO E 100 14.32 -13.42 -0.88
C PRO E 100 13.32 -13.99 -1.86
N ASP E 101 13.76 -14.78 -2.84
CA ASP E 101 12.85 -15.37 -3.81
C ASP E 101 11.83 -16.30 -3.17
N LEU E 102 12.12 -16.84 -1.99
CA LEU E 102 11.27 -17.82 -1.36
C LEU E 102 10.25 -17.23 -0.40
N GLN E 103 10.28 -15.91 -0.18
CA GLN E 103 9.38 -15.31 0.81
C GLN E 103 7.92 -15.44 0.36
N GLY E 104 7.06 -15.84 1.30
CA GLY E 104 5.66 -16.03 1.04
C GLY E 104 5.31 -17.31 0.31
N LEU E 105 6.29 -18.14 -0.03
CA LEU E 105 6.03 -19.34 -0.79
C LEU E 105 5.59 -20.49 0.12
N THR E 106 4.73 -21.35 -0.42
CA THR E 106 4.34 -22.55 0.31
C THR E 106 5.46 -23.59 0.23
N ARG E 107 5.30 -24.67 1.01
CA ARG E 107 6.28 -25.75 0.99
C ARG E 107 6.42 -26.34 -0.40
N MET E 108 5.31 -26.63 -1.06
CA MET E 108 5.36 -27.17 -2.42
C MET E 108 5.90 -26.14 -3.40
N GLN E 109 5.60 -24.85 -3.19
CA GLN E 109 6.12 -23.84 -4.08
C GLN E 109 7.63 -23.68 -3.95
N VAL E 110 8.18 -23.91 -2.75
CA VAL E 110 9.63 -23.91 -2.59
C VAL E 110 10.24 -25.08 -3.35
N LEU E 111 9.62 -26.26 -3.26
CA LEU E 111 10.10 -27.41 -4.02
C LEU E 111 10.05 -27.16 -5.52
N ASP E 112 8.97 -26.52 -5.98
CA ASP E 112 8.88 -26.14 -7.39
C ASP E 112 9.99 -25.18 -7.78
N LYS E 113 10.35 -24.29 -6.86
CA LYS E 113 11.40 -23.31 -7.14
C LYS E 113 12.77 -23.97 -7.20
N ILE E 114 13.05 -24.91 -6.29
CA ILE E 114 14.31 -25.64 -6.31
C ILE E 114 14.42 -26.48 -7.58
N ILE E 115 13.32 -27.15 -7.95
CA ILE E 115 13.32 -27.95 -9.18
C ILE E 115 13.57 -27.05 -10.39
N ASP E 116 12.94 -25.87 -10.40
CA ASP E 116 13.18 -24.91 -11.48
C ASP E 116 14.65 -24.60 -11.62
N TYR E 117 15.29 -24.15 -10.53
CA TYR E 117 16.67 -23.70 -10.63
C TYR E 117 17.62 -24.86 -10.90
N ALA E 118 17.33 -26.03 -10.33
CA ALA E 118 18.16 -27.20 -10.62
C ALA E 118 18.19 -27.49 -12.12
N GLY E 119 17.05 -27.32 -12.80
CA GLY E 119 17.03 -27.54 -14.24
C GLY E 119 17.83 -26.50 -14.99
N GLN E 120 17.76 -25.23 -14.57
CA GLN E 120 18.57 -24.20 -15.21
C GLN E 120 20.06 -24.42 -14.96
N ALA E 121 20.40 -25.02 -13.83
CA ALA E 121 21.79 -25.34 -13.51
C ALA E 121 22.27 -26.63 -14.17
N GLY E 122 21.44 -27.25 -15.02
CA GLY E 122 21.85 -28.46 -15.69
C GLY E 122 21.85 -29.69 -14.81
N MET E 123 20.95 -29.77 -13.84
CA MET E 123 20.84 -30.90 -12.95
C MET E 123 19.44 -31.51 -13.05
N ARG E 124 19.36 -32.80 -12.73
CA ARG E 124 18.11 -33.52 -12.72
C ARG E 124 17.72 -33.86 -11.28
N VAL E 125 16.43 -34.09 -11.06
CA VAL E 125 15.88 -34.27 -9.73
C VAL E 125 15.19 -35.62 -9.65
N ILE E 126 15.45 -36.34 -8.56
CA ILE E 126 14.77 -37.59 -8.25
C ILE E 126 13.98 -37.37 -6.96
N LEU E 127 12.67 -37.55 -7.03
CA LEU E 127 11.81 -37.43 -5.87
C LEU E 127 11.79 -38.76 -5.12
N ASP E 128 11.89 -38.69 -3.79
CA ASP E 128 12.03 -39.87 -2.96
C ASP E 128 11.02 -39.81 -1.83
N HIS E 129 10.09 -40.76 -1.81
CA HIS E 129 9.18 -40.91 -0.67
C HIS E 129 9.98 -41.52 0.48
N HIS E 130 10.41 -40.66 1.41
CA HIS E 130 11.29 -41.10 2.47
C HIS E 130 10.52 -41.68 3.65
N ARG E 131 9.32 -41.18 3.91
CA ARG E 131 8.54 -41.59 5.08
C ARG E 131 7.13 -41.02 4.94
N SER E 132 6.27 -41.39 5.88
CA SER E 132 4.87 -40.95 5.85
C SER E 132 4.71 -39.66 6.65
N THR E 133 4.83 -39.75 7.97
CA THR E 133 4.75 -38.57 8.81
C THR E 133 6.01 -37.72 8.66
N GLU E 134 5.89 -36.45 9.07
CA GLU E 134 7.05 -35.57 9.07
C GLU E 134 8.07 -36.08 10.09
N GLY E 135 9.31 -36.19 9.67
CA GLY E 135 10.34 -36.74 10.54
C GLY E 135 11.71 -36.63 9.93
N ALA E 136 12.64 -37.43 10.45
CA ALA E 136 14.05 -37.32 10.08
C ALA E 136 14.47 -38.39 9.07
N GLY E 137 14.38 -39.66 9.44
CA GLY E 137 14.94 -40.70 8.61
C GLY E 137 13.96 -41.74 8.10
N THR E 138 14.43 -42.98 8.00
CA THR E 138 13.58 -44.08 7.55
C THR E 138 12.36 -44.20 8.45
N SER E 139 11.22 -44.57 7.85
CA SER E 139 10.00 -44.74 8.61
C SER E 139 10.20 -45.78 9.71
N GLU E 140 9.59 -45.52 10.87
CA GLU E 140 9.87 -46.32 12.05
C GLU E 140 9.33 -47.75 11.94
N ASN E 141 8.35 -47.99 11.07
CA ASN E 141 7.79 -49.33 10.90
C ASN E 141 8.40 -50.07 9.71
N GLY E 142 9.42 -49.49 9.06
CA GLY E 142 10.02 -50.11 7.91
C GLY E 142 9.11 -50.32 6.73
N LEU E 143 7.99 -49.60 6.69
CA LEU E 143 6.99 -49.77 5.65
C LEU E 143 6.67 -48.43 5.01
N TRP E 144 6.09 -48.49 3.82
CA TRP E 144 5.64 -47.31 3.09
C TRP E 144 4.26 -46.85 3.53
N TYR E 145 3.75 -47.35 4.66
CA TYR E 145 2.44 -46.98 5.16
C TYR E 145 2.41 -47.23 6.66
N ASP E 146 1.40 -46.67 7.32
CA ASP E 146 1.14 -46.95 8.73
C ASP E 146 -0.37 -46.96 8.93
N SER E 147 -0.80 -46.97 10.20
CA SER E 147 -2.22 -47.04 10.52
C SER E 147 -2.97 -45.77 10.17
N GLN E 148 -2.27 -44.72 9.72
CA GLN E 148 -2.90 -43.46 9.36
C GLN E 148 -2.56 -42.97 7.96
N TYR E 149 -1.43 -43.40 7.38
CA TYR E 149 -1.09 -43.10 6.01
C TYR E 149 -1.17 -44.40 5.22
N THR E 150 -2.21 -44.52 4.38
CA THR E 150 -2.50 -45.77 3.71
C THR E 150 -1.67 -45.93 2.43
N GLU E 151 -1.55 -47.18 1.98
CA GLU E 151 -0.91 -47.44 0.69
C GLU E 151 -1.70 -46.81 -0.45
N ASP E 152 -3.03 -46.84 -0.36
CA ASP E 152 -3.85 -46.18 -1.36
C ASP E 152 -3.56 -44.69 -1.41
N ALA E 153 -3.42 -44.05 -0.25
CA ALA E 153 -3.03 -42.64 -0.21
C ALA E 153 -1.61 -42.46 -0.75
N TRP E 154 -0.72 -43.41 -0.45
CA TRP E 154 0.64 -43.36 -0.98
C TRP E 154 0.64 -43.43 -2.52
N VAL E 155 -0.26 -44.24 -3.08
CA VAL E 155 -0.34 -44.36 -4.54
C VAL E 155 -0.89 -43.08 -5.16
N SER E 156 -1.97 -42.55 -4.59
CA SER E 156 -2.57 -41.35 -5.16
C SER E 156 -1.67 -40.13 -4.98
N ASP E 157 -0.79 -40.14 -3.96
CA ASP E 157 0.19 -39.07 -3.82
C ASP E 157 1.18 -39.11 -4.96
N TRP E 158 1.70 -40.30 -5.28
CA TRP E 158 2.59 -40.44 -6.43
C TRP E 158 1.89 -40.00 -7.71
N GLN E 159 0.58 -40.28 -7.81
CA GLN E 159 -0.20 -39.78 -8.94
C GLN E 159 -0.22 -38.26 -8.97
N THR E 160 -0.41 -37.64 -7.80
CA THR E 160 -0.41 -36.18 -7.72
C THR E 160 0.91 -35.61 -8.21
N LEU E 161 2.03 -36.17 -7.73
CA LEU E 161 3.33 -35.68 -8.15
C LEU E 161 3.55 -35.93 -9.65
N ALA E 162 3.10 -37.08 -10.15
CA ALA E 162 3.20 -37.35 -11.58
C ALA E 162 2.49 -36.28 -12.39
N THR E 163 1.28 -35.91 -11.96
CA THR E 163 0.53 -34.85 -12.65
C THR E 163 1.26 -33.52 -12.54
N ARG E 164 1.76 -33.19 -11.35
CA ARG E 164 2.36 -31.88 -11.11
C ARG E 164 3.56 -31.65 -12.02
N TYR E 165 4.45 -32.64 -12.13
CA TYR E 165 5.70 -32.49 -12.85
C TYR E 165 5.71 -33.23 -14.18
N LYS E 166 4.52 -33.54 -14.72
CA LYS E 166 4.46 -34.32 -15.96
C LYS E 166 5.22 -33.65 -17.09
N ASN E 167 5.20 -32.33 -17.15
CA ASN E 167 5.78 -31.60 -18.27
C ASN E 167 7.23 -31.18 -18.02
N ASN E 168 7.75 -31.32 -16.80
CA ASN E 168 9.11 -30.90 -16.53
C ASN E 168 10.04 -32.11 -16.57
N PRO E 169 10.87 -32.27 -17.61
CA PRO E 169 11.82 -33.39 -17.63
C PRO E 169 12.93 -33.29 -16.61
N THR E 170 13.01 -32.20 -15.84
CA THR E 170 13.99 -32.12 -14.77
C THR E 170 13.73 -33.19 -13.71
N VAL E 171 12.46 -33.47 -13.44
CA VAL E 171 12.09 -34.56 -12.54
C VAL E 171 12.12 -35.86 -13.33
N ILE E 172 13.26 -36.53 -13.33
CA ILE E 172 13.46 -37.68 -14.21
C ILE E 172 12.95 -39.00 -13.63
N GLY E 173 12.86 -39.11 -12.31
CA GLY E 173 12.59 -40.41 -11.72
C GLY E 173 11.87 -40.30 -10.39
N PHE E 174 11.15 -41.36 -10.05
CA PHE E 174 10.41 -41.47 -8.79
C PHE E 174 10.99 -42.62 -7.99
N ASP E 175 11.57 -42.30 -6.83
CA ASP E 175 12.04 -43.31 -5.88
C ASP E 175 10.85 -43.69 -5.00
N LEU E 176 10.21 -44.81 -5.32
CA LEU E 176 8.85 -45.07 -4.82
C LEU E 176 8.79 -45.10 -3.30
N HIS E 177 9.74 -45.76 -2.65
CA HIS E 177 9.82 -45.70 -1.19
C HIS E 177 11.26 -45.93 -0.74
N ASN E 178 11.63 -45.24 0.33
CA ASN E 178 12.97 -45.34 0.90
C ASN E 178 13.03 -46.51 1.88
N GLU E 179 13.91 -47.47 1.60
CA GLU E 179 14.26 -48.58 2.49
C GLU E 179 13.03 -49.30 3.04
N PRO E 180 12.33 -50.08 2.21
CA PRO E 180 11.18 -50.86 2.73
C PRO E 180 11.62 -52.17 3.36
N TYR E 181 12.33 -52.07 4.48
CA TYR E 181 13.03 -53.22 5.04
C TYR E 181 12.13 -54.17 5.80
N ASN E 182 10.93 -53.74 6.21
CA ASN E 182 9.96 -54.65 6.79
C ASN E 182 9.03 -55.25 5.75
N GLY E 183 9.33 -55.05 4.46
CA GLY E 183 8.61 -55.69 3.39
C GLY E 183 9.40 -56.83 2.78
N THR E 184 8.72 -57.60 1.95
CA THR E 184 9.32 -58.75 1.27
C THR E 184 9.27 -58.54 -0.24
N TRP E 185 10.19 -59.20 -0.94
CA TRP E 185 10.21 -59.17 -2.40
C TRP E 185 9.42 -60.37 -2.91
N GLY E 186 8.11 -60.20 -2.93
CA GLY E 186 7.18 -61.25 -3.34
C GLY E 186 6.22 -61.60 -2.22
N GLY E 187 5.51 -62.70 -2.42
CA GLY E 187 4.53 -63.19 -1.47
C GLY E 187 3.11 -62.70 -1.72
N GLY E 188 2.96 -61.51 -2.29
CA GLY E 188 1.65 -61.00 -2.66
C GLY E 188 0.85 -60.37 -1.54
N GLY E 189 1.36 -60.37 -0.31
CA GLY E 189 0.62 -59.83 0.81
C GLY E 189 0.62 -58.31 0.84
N ALA E 190 0.12 -57.77 1.95
CA ALA E 190 0.14 -56.33 2.14
C ALA E 190 1.55 -55.79 2.31
N ASN E 191 2.49 -56.63 2.72
CA ASN E 191 3.88 -56.24 2.90
C ASN E 191 4.76 -56.65 1.73
N ASP E 192 4.16 -56.99 0.59
CA ASP E 192 4.90 -57.31 -0.63
C ASP E 192 5.35 -56.00 -1.26
N TRP E 193 6.64 -55.67 -1.10
CA TRP E 193 7.15 -54.42 -1.65
C TRP E 193 7.22 -54.47 -3.18
N ALA E 194 7.54 -55.64 -3.73
CA ALA E 194 7.55 -55.79 -5.18
C ALA E 194 6.17 -55.55 -5.77
N ARG E 195 5.12 -55.98 -5.07
CA ARG E 195 3.76 -55.72 -5.52
C ARG E 195 3.41 -54.24 -5.37
N ALA E 196 3.76 -53.64 -4.23
CA ALA E 196 3.46 -52.23 -4.03
C ALA E 196 4.22 -51.34 -5.00
N ALA E 197 5.47 -51.70 -5.29
CA ALA E 197 6.26 -50.90 -6.23
C ALA E 197 5.65 -50.93 -7.63
N GLU E 198 5.25 -52.11 -8.09
CA GLU E 198 4.62 -52.20 -9.41
C GLU E 198 3.30 -51.44 -9.45
N ARG E 199 2.57 -51.41 -8.33
CA ARG E 199 1.31 -50.68 -8.28
C ARG E 199 1.54 -49.18 -8.43
N ALA E 200 2.51 -48.63 -7.70
CA ALA E 200 2.77 -47.20 -7.79
C ALA E 200 3.47 -46.85 -9.09
N GLY E 201 4.38 -47.72 -9.56
CA GLY E 201 5.04 -47.48 -10.83
C GLY E 201 4.06 -47.39 -11.98
N ASN E 202 3.15 -48.36 -12.09
CA ASN E 202 2.13 -48.31 -13.12
C ASN E 202 1.21 -47.10 -12.94
N ALA E 203 0.83 -46.81 -11.70
CA ALA E 203 -0.03 -45.66 -11.44
C ALA E 203 0.67 -44.35 -11.81
N ALA E 204 1.98 -44.29 -11.63
CA ALA E 204 2.73 -43.09 -12.02
C ALA E 204 2.97 -43.06 -13.53
N LEU E 205 3.32 -44.21 -14.12
CA LEU E 205 3.57 -44.26 -15.55
C LEU E 205 2.30 -44.04 -16.37
N ALA E 206 1.12 -44.29 -15.79
CA ALA E 206 -0.12 -44.00 -16.51
C ALA E 206 -0.30 -42.51 -16.75
N ILE E 207 0.21 -41.68 -15.85
CA ILE E 207 0.13 -40.23 -16.01
C ILE E 207 1.31 -39.69 -16.80
N ASN E 208 2.53 -40.12 -16.46
CA ASN E 208 3.73 -39.76 -17.20
C ASN E 208 4.49 -41.02 -17.54
N PRO E 209 4.43 -41.50 -18.79
CA PRO E 209 5.10 -42.75 -19.16
C PRO E 209 6.58 -42.60 -19.46
N ASN E 210 7.16 -41.41 -19.28
CA ASN E 210 8.57 -41.18 -19.52
C ASN E 210 9.38 -41.09 -18.23
N LEU E 211 8.78 -41.47 -17.10
CA LEU E 211 9.47 -41.42 -15.83
C LEU E 211 10.32 -42.67 -15.62
N LEU E 212 11.53 -42.48 -15.11
CA LEU E 212 12.30 -43.59 -14.59
C LEU E 212 11.72 -44.02 -13.26
N ILE E 213 11.23 -45.25 -13.17
CA ILE E 213 10.65 -45.75 -11.93
C ILE E 213 11.76 -46.41 -11.13
N ILE E 214 12.13 -45.80 -10.01
CA ILE E 214 13.27 -46.21 -9.20
C ILE E 214 12.76 -47.08 -8.07
N VAL E 215 13.21 -48.33 -8.03
CA VAL E 215 12.72 -49.32 -7.07
C VAL E 215 13.89 -49.80 -6.22
N GLU E 216 13.81 -49.56 -4.92
CA GLU E 216 14.84 -50.00 -3.99
C GLU E 216 14.61 -51.45 -3.59
N GLY E 217 15.66 -52.06 -3.05
CA GLY E 217 15.54 -53.39 -2.50
C GLY E 217 14.91 -53.37 -1.12
N VAL E 218 14.77 -54.56 -0.55
CA VAL E 218 14.24 -54.71 0.79
C VAL E 218 15.40 -54.84 1.77
N GLY E 219 15.16 -55.55 2.88
CA GLY E 219 16.20 -55.76 3.87
C GLY E 219 16.63 -57.20 3.99
N SER E 220 15.72 -58.14 3.71
CA SER E 220 16.00 -59.55 3.88
C SER E 220 15.33 -60.34 2.77
N TYR E 221 16.04 -61.33 2.24
CA TYR E 221 15.51 -62.19 1.19
C TYR E 221 16.08 -63.59 1.34
N LYS E 222 15.21 -64.57 1.61
CA LYS E 222 15.59 -65.97 1.72
C LYS E 222 16.69 -66.17 2.78
N GLY E 223 16.56 -65.47 3.90
CA GLY E 223 17.48 -65.60 5.00
C GLY E 223 18.70 -64.70 4.92
N ASP E 224 19.02 -64.16 3.74
CA ASP E 224 20.17 -63.30 3.57
C ASP E 224 19.77 -61.86 3.86
N ASN E 225 20.43 -61.23 4.82
CA ASN E 225 20.16 -59.87 5.22
C ASN E 225 21.27 -58.94 4.73
N TYR E 226 20.89 -57.70 4.42
CA TYR E 226 21.83 -56.70 3.93
C TYR E 226 21.37 -55.33 4.40
N TRP E 227 22.02 -54.29 3.88
CA TRP E 227 21.61 -52.92 4.17
C TRP E 227 20.18 -52.70 3.71
N TRP E 228 19.44 -51.91 4.50
CA TRP E 228 18.07 -51.56 4.14
C TRP E 228 18.06 -50.89 2.76
N GLY E 229 17.37 -51.52 1.81
CA GLY E 229 17.29 -51.04 0.46
C GLY E 229 18.28 -51.67 -0.50
N GLY E 230 19.33 -52.30 0.02
CA GLY E 230 20.31 -52.97 -0.83
C GLY E 230 20.06 -54.43 -1.09
N GLN E 231 19.09 -55.03 -0.41
CA GLN E 231 18.73 -56.44 -0.61
C GLN E 231 17.90 -56.54 -1.89
N LEU E 232 18.59 -56.76 -3.01
CA LEU E 232 17.96 -56.80 -4.32
C LEU E 232 18.09 -58.16 -4.99
N GLN E 233 18.25 -59.23 -4.20
CA GLN E 233 18.45 -60.54 -4.79
C GLN E 233 17.16 -61.10 -5.39
N GLY E 234 16.00 -60.67 -4.87
CA GLY E 234 14.73 -61.19 -5.36
C GLY E 234 14.44 -60.83 -6.81
N VAL E 235 15.17 -59.88 -7.37
CA VAL E 235 14.95 -59.48 -8.76
C VAL E 235 15.24 -60.62 -9.72
N LYS E 236 16.22 -61.47 -9.38
CA LYS E 236 16.63 -62.54 -10.28
C LYS E 236 15.46 -63.45 -10.65
N ASP E 237 14.63 -63.80 -9.66
CA ASP E 237 13.51 -64.71 -9.90
C ASP E 237 12.16 -64.01 -9.98
N ARG E 238 12.05 -62.79 -9.47
CA ARG E 238 10.80 -62.02 -9.53
C ARG E 238 11.12 -60.56 -9.78
N PRO E 239 11.51 -60.20 -11.00
CA PRO E 239 11.84 -58.81 -11.29
C PRO E 239 10.59 -57.93 -11.35
N ILE E 240 10.82 -56.63 -11.36
CA ILE E 240 9.72 -55.66 -11.45
C ILE E 240 9.29 -55.54 -12.90
N GLN E 241 7.98 -55.64 -13.14
CA GLN E 241 7.42 -55.58 -14.49
C GLN E 241 6.36 -54.48 -14.53
N LEU E 242 6.54 -53.52 -15.42
CA LEU E 242 5.64 -52.38 -15.55
C LEU E 242 4.85 -52.44 -16.84
N ASN E 243 3.74 -51.70 -16.87
CA ASN E 243 2.92 -51.62 -18.07
C ASN E 243 3.69 -51.00 -19.24
N VAL E 244 4.51 -49.99 -18.94
CA VAL E 244 5.38 -49.36 -19.94
C VAL E 244 6.80 -49.87 -19.73
N ALA E 245 7.47 -50.19 -20.82
CA ALA E 245 8.76 -50.87 -20.76
C ALA E 245 9.91 -49.85 -20.68
N ASN E 246 11.09 -50.38 -20.34
CA ASN E 246 12.35 -49.63 -20.38
C ASN E 246 12.34 -48.45 -19.42
N ARG E 247 11.72 -48.63 -18.25
CA ARG E 247 11.64 -47.58 -17.24
C ARG E 247 12.19 -47.96 -15.87
N VAL E 248 12.33 -49.25 -15.56
CA VAL E 248 12.70 -49.67 -14.21
C VAL E 248 14.18 -49.38 -13.95
N VAL E 249 14.47 -48.80 -12.79
CA VAL E 249 15.83 -48.66 -12.29
C VAL E 249 15.85 -49.20 -10.86
N TYR E 250 16.77 -50.11 -10.58
CA TYR E 250 16.91 -50.68 -9.26
C TYR E 250 17.92 -49.87 -8.45
N SER E 251 17.57 -49.60 -7.20
CA SER E 251 18.33 -48.66 -6.36
C SER E 251 18.69 -49.28 -5.03
N PRO E 252 19.92 -49.77 -4.88
CA PRO E 252 20.36 -50.26 -3.57
C PRO E 252 20.93 -49.13 -2.72
N HIS E 253 20.99 -49.40 -1.42
CA HIS E 253 21.71 -48.58 -0.46
C HIS E 253 22.83 -49.40 0.13
N ASP E 254 24.00 -48.79 0.27
CA ASP E 254 25.18 -49.48 0.78
C ASP E 254 25.95 -48.54 1.70
N TYR E 255 26.41 -49.05 2.82
CA TYR E 255 26.98 -48.23 3.88
C TYR E 255 28.19 -48.92 4.48
N PRO E 256 29.05 -48.18 5.20
CA PRO E 256 30.29 -48.78 5.71
C PRO E 256 30.20 -49.31 7.14
N ASN E 257 31.35 -49.70 7.69
CA ASN E 257 31.41 -50.27 9.02
C ASN E 257 31.02 -49.27 10.10
N SER E 258 31.24 -47.96 9.85
CA SER E 258 30.92 -46.96 10.86
C SER E 258 29.43 -46.90 11.13
N VAL E 259 28.59 -47.15 10.12
CA VAL E 259 27.15 -47.10 10.31
C VAL E 259 26.68 -48.33 11.07
N TRP E 260 27.14 -49.52 10.66
CA TRP E 260 26.85 -50.73 11.40
C TRP E 260 27.96 -51.74 11.16
N GLN E 261 28.40 -52.39 12.23
CA GLN E 261 29.49 -53.36 12.19
C GLN E 261 28.94 -54.68 11.65
N GLN E 262 28.78 -54.73 10.34
CA GLN E 262 28.18 -55.88 9.67
C GLN E 262 29.17 -57.02 9.56
N PRO E 263 28.68 -58.27 9.40
CA PRO E 263 29.60 -59.41 9.33
C PRO E 263 30.55 -59.38 8.14
N TRP E 264 30.16 -58.76 7.02
CA TRP E 264 31.04 -58.74 5.86
C TRP E 264 32.15 -57.71 5.99
N PHE E 265 32.25 -57.01 7.12
CA PHE E 265 33.38 -56.15 7.44
C PHE E 265 34.28 -56.76 8.51
N GLN E 266 33.93 -57.92 9.06
CA GLN E 266 34.58 -58.46 10.24
C GLN E 266 35.93 -59.11 9.94
N GLY E 267 36.36 -59.15 8.69
CA GLY E 267 37.62 -59.76 8.33
C GLY E 267 38.82 -59.14 9.04
N ASN E 269 41.14 -59.39 5.98
CA ASN E 269 41.09 -59.07 4.55
C ASN E 269 39.65 -59.03 4.04
N PHE E 270 38.78 -58.37 4.82
CA PHE E 270 37.39 -58.24 4.42
C PHE E 270 37.22 -57.47 3.11
N GLY E 271 38.17 -56.57 2.81
CA GLY E 271 38.04 -55.73 1.64
C GLY E 271 38.04 -56.53 0.34
N ALA E 272 38.87 -57.57 0.26
CA ALA E 272 38.92 -58.39 -0.94
C ALA E 272 37.60 -59.09 -1.22
N GLY E 273 36.76 -59.27 -0.21
CA GLY E 273 35.46 -59.90 -0.40
C GLY E 273 34.32 -58.96 -0.73
N LEU E 274 34.55 -57.64 -0.61
CA LEU E 274 33.46 -56.70 -0.84
C LEU E 274 32.95 -56.68 -2.28
N PRO E 275 33.79 -56.74 -3.33
CA PRO E 275 33.22 -56.76 -4.69
C PRO E 275 32.23 -57.90 -4.90
N ALA E 276 32.52 -59.10 -4.40
CA ALA E 276 31.57 -60.19 -4.49
C ALA E 276 30.33 -59.92 -3.64
N LYS E 277 30.49 -59.22 -2.52
CA LYS E 277 29.35 -58.87 -1.69
C LYS E 277 28.41 -57.91 -2.41
N PHE E 278 28.97 -56.88 -3.04
CA PHE E 278 28.14 -55.94 -3.80
C PHE E 278 27.40 -56.64 -4.93
N ARG E 279 28.12 -57.48 -5.68
CA ARG E 279 27.51 -58.19 -6.81
C ARG E 279 26.39 -59.11 -6.34
N SER E 280 26.59 -59.78 -5.21
CA SER E 280 25.60 -60.75 -4.73
C SER E 280 24.29 -60.06 -4.36
N GLU E 281 24.35 -58.91 -3.71
CA GLU E 281 23.14 -58.28 -3.19
C GLU E 281 22.42 -57.46 -4.25
N TRP E 282 23.15 -56.79 -5.13
CA TRP E 282 22.50 -55.91 -6.11
C TRP E 282 23.33 -55.71 -7.37
N GLY E 283 24.65 -55.86 -7.26
CA GLY E 283 25.52 -55.58 -8.40
C GLY E 283 25.32 -56.51 -9.58
N TYR E 284 24.78 -57.72 -9.34
CA TYR E 284 24.54 -58.66 -10.43
C TYR E 284 23.54 -58.13 -11.44
N ILE E 285 22.68 -57.19 -11.05
CA ILE E 285 21.72 -56.62 -11.99
C ILE E 285 22.45 -55.84 -13.08
N TYR E 286 23.47 -55.08 -12.70
CA TYR E 286 24.28 -54.37 -13.70
C TYR E 286 25.13 -55.35 -14.51
N GLU E 287 25.84 -56.25 -13.82
CA GLU E 287 26.77 -57.14 -14.50
C GLU E 287 26.07 -58.01 -15.53
N GLN E 288 24.89 -58.52 -15.19
CA GLN E 288 24.13 -59.36 -16.10
C GLN E 288 23.25 -58.57 -17.06
N ASN E 289 23.46 -57.25 -17.15
CA ASN E 289 22.76 -56.39 -18.09
C ASN E 289 21.24 -56.49 -17.95
N ILE E 290 20.77 -56.81 -16.75
CA ILE E 290 19.32 -56.94 -16.52
C ILE E 290 18.66 -55.57 -16.53
N ALA E 291 19.13 -54.68 -15.66
CA ALA E 291 18.53 -53.36 -15.49
C ALA E 291 19.61 -52.42 -14.99
N PRO E 292 19.40 -51.10 -15.10
CA PRO E 292 20.38 -50.16 -14.55
C PRO E 292 20.40 -50.20 -13.04
N ILE E 293 21.52 -49.77 -12.46
CA ILE E 293 21.66 -49.63 -11.03
C ILE E 293 21.96 -48.17 -10.72
N TYR E 294 21.22 -47.63 -9.75
CA TYR E 294 21.46 -46.29 -9.24
C TYR E 294 21.47 -46.42 -7.72
N ILE E 295 22.65 -46.49 -7.12
CA ILE E 295 22.73 -46.62 -5.67
C ILE E 295 22.28 -45.28 -5.06
N GLY E 296 21.10 -45.31 -4.43
CA GLY E 296 20.48 -44.06 -4.00
C GLY E 296 21.15 -43.41 -2.81
N GLU E 297 21.77 -44.21 -1.95
CA GLU E 297 22.44 -43.69 -0.76
C GLU E 297 23.73 -44.44 -0.51
N PHE E 298 24.79 -43.68 -0.19
CA PHE E 298 26.03 -44.20 0.35
C PHE E 298 26.84 -43.02 0.86
N GLY E 299 27.43 -43.18 2.04
CA GLY E 299 28.16 -42.08 2.66
C GLY E 299 29.03 -42.59 3.77
N THR E 300 29.91 -41.70 4.25
CA THR E 300 30.88 -42.03 5.28
C THR E 300 31.54 -40.75 5.77
N LYS E 301 31.93 -40.75 7.04
CA LYS E 301 32.73 -39.66 7.58
C LYS E 301 34.21 -39.82 7.31
N LEU E 302 34.63 -40.96 6.79
CA LEU E 302 36.05 -41.26 6.55
C LEU E 302 36.87 -41.12 7.83
N ILE E 303 36.31 -41.63 8.92
CA ILE E 303 37.01 -41.72 10.19
C ILE E 303 37.46 -43.15 10.47
N ASP E 304 36.55 -44.09 10.38
CA ASP E 304 36.88 -45.50 10.53
C ASP E 304 37.85 -45.93 9.43
N PRO E 305 38.97 -46.59 9.77
CA PRO E 305 39.82 -47.15 8.71
C PRO E 305 39.10 -48.11 7.80
N LYS E 306 38.07 -48.80 8.29
CA LYS E 306 37.31 -49.72 7.45
C LYS E 306 36.37 -48.99 6.49
N ASP E 307 36.12 -47.71 6.72
CA ASP E 307 35.29 -46.95 5.79
C ASP E 307 36.03 -46.67 4.49
N ALA E 308 37.31 -46.31 4.58
CA ALA E 308 38.10 -46.05 3.37
C ALA E 308 38.22 -47.32 2.52
N VAL E 309 38.40 -48.48 3.17
CA VAL E 309 38.46 -49.73 2.44
C VAL E 309 37.15 -49.98 1.70
N TRP E 310 36.03 -49.74 2.38
CA TRP E 310 34.72 -49.95 1.76
C TRP E 310 34.48 -48.95 0.62
N LEU E 311 34.79 -47.68 0.85
CA LEU E 311 34.52 -46.66 -0.16
C LEU E 311 35.38 -46.85 -1.40
N GLU E 312 36.67 -47.18 -1.21
CA GLU E 312 37.55 -47.42 -2.35
C GLU E 312 37.07 -48.63 -3.16
N ALA E 313 36.60 -49.68 -2.47
CA ALA E 313 36.10 -50.85 -3.18
C ALA E 313 34.79 -50.55 -3.88
N LEU E 314 33.90 -49.79 -3.23
CA LEU E 314 32.61 -49.46 -3.84
C LEU E 314 32.80 -48.57 -5.06
N THR E 315 33.60 -47.51 -4.93
CA THR E 315 33.86 -46.62 -6.06
C THR E 315 34.49 -47.39 -7.22
N SER E 316 35.35 -48.36 -6.92
CA SER E 316 35.90 -49.20 -7.97
C SER E 316 34.81 -50.05 -8.62
N TYR E 317 33.89 -50.58 -7.81
CA TYR E 317 32.82 -51.41 -8.36
C TYR E 317 31.88 -50.60 -9.24
N LEU E 318 31.49 -49.40 -8.79
CA LEU E 318 30.57 -48.57 -9.55
C LEU E 318 31.17 -48.15 -10.88
N SER E 319 32.48 -47.93 -10.92
CA SER E 319 33.15 -47.53 -12.16
C SER E 319 33.12 -48.61 -13.21
N GLY E 320 32.96 -49.88 -12.82
CA GLY E 320 33.05 -51.00 -13.73
C GLY E 320 34.16 -51.99 -13.39
N ASP E 321 35.04 -51.66 -12.44
CA ASP E 321 36.08 -52.57 -11.97
C ASP E 321 35.43 -53.53 -10.97
N PHE E 322 34.83 -54.59 -11.51
CA PHE E 322 34.06 -55.53 -10.72
C PHE E 322 34.92 -56.38 -9.80
N ASP E 323 36.24 -56.38 -9.98
CA ASP E 323 37.15 -57.18 -9.17
C ASP E 323 38.07 -56.34 -8.30
N ASN E 324 37.99 -55.01 -8.41
CA ASN E 324 38.87 -54.09 -7.68
C ASN E 324 40.34 -54.41 -7.95
N ILE E 328 39.01 -51.75 -15.08
CA ILE E 328 37.62 -51.57 -15.48
C ILE E 328 37.22 -52.66 -16.47
N ASP E 329 36.05 -53.26 -16.27
CA ASP E 329 35.60 -54.42 -17.04
C ASP E 329 34.36 -54.13 -17.88
N ILE E 330 34.08 -52.87 -18.18
CA ILE E 330 32.90 -52.53 -18.99
C ILE E 330 33.35 -52.06 -20.36
N PRO E 331 32.53 -52.20 -21.40
CA PRO E 331 32.95 -51.78 -22.74
C PRO E 331 33.00 -50.26 -22.86
N ALA E 332 33.75 -49.82 -23.88
CA ALA E 332 33.79 -48.40 -24.20
C ALA E 332 32.48 -47.97 -24.86
N GLY E 333 32.13 -46.70 -24.68
CA GLY E 333 30.82 -46.23 -25.06
C GLY E 333 29.73 -46.57 -24.08
N THR E 334 30.04 -47.30 -23.02
CA THR E 334 29.10 -47.69 -21.98
C THR E 334 29.35 -46.86 -20.73
N GLU E 335 28.27 -46.44 -20.07
CA GLU E 335 28.38 -45.62 -18.87
C GLU E 335 28.38 -46.49 -17.62
N ASP E 336 29.16 -46.07 -16.63
CA ASP E 336 29.24 -46.81 -15.38
C ASP E 336 27.96 -46.60 -14.55
N MET E 337 27.95 -47.20 -13.37
CA MET E 337 26.76 -47.19 -12.52
C MET E 337 26.49 -45.79 -11.97
N SER E 338 25.21 -45.46 -11.84
CA SER E 338 24.77 -44.17 -11.35
C SER E 338 24.67 -44.17 -9.83
N TRP E 339 24.70 -42.98 -9.24
CA TRP E 339 24.79 -42.91 -7.78
C TRP E 339 24.44 -41.51 -7.29
N THR E 340 23.94 -41.45 -6.06
CA THR E 340 23.82 -40.21 -5.30
C THR E 340 24.41 -40.42 -3.92
N PHE E 341 25.26 -39.49 -3.50
CA PHE E 341 25.92 -39.58 -2.21
C PHE E 341 25.00 -39.09 -1.10
N TRP E 342 24.99 -39.81 0.02
CA TRP E 342 24.30 -39.37 1.23
C TRP E 342 25.32 -38.82 2.20
N SER E 343 25.34 -37.49 2.36
CA SER E 343 24.42 -36.58 1.67
C SER E 343 25.11 -35.28 1.33
N TRP E 344 24.38 -34.36 0.69
CA TRP E 344 24.86 -33.00 0.58
C TRP E 344 24.84 -32.31 1.95
N ASN E 345 23.78 -32.53 2.72
CA ASN E 345 23.66 -31.94 4.04
C ASN E 345 24.79 -32.41 4.95
N PRO E 346 25.25 -31.55 5.88
CA PRO E 346 26.14 -32.03 6.93
C PRO E 346 25.43 -32.64 8.13
N ASN E 347 24.15 -32.31 8.35
CA ASN E 347 23.48 -32.72 9.58
C ASN E 347 22.94 -34.15 9.49
N SER E 348 23.78 -35.08 9.06
CA SER E 348 23.49 -36.50 9.11
C SER E 348 24.39 -37.12 10.18
N GLY E 349 23.79 -37.74 11.19
CA GLY E 349 24.53 -38.09 12.39
C GLY E 349 25.67 -39.06 12.14
N ASP E 350 25.44 -40.10 11.34
CA ASP E 350 26.40 -41.18 11.20
C ASP E 350 27.17 -41.17 9.89
N THR E 351 26.98 -40.16 9.04
CA THR E 351 27.67 -40.14 7.76
C THR E 351 28.35 -38.79 7.49
N GLY E 352 27.80 -37.73 8.06
CA GLY E 352 28.25 -36.43 7.60
C GLY E 352 27.78 -36.21 6.17
N GLY E 353 28.42 -35.26 5.51
CA GLY E 353 28.05 -34.96 4.14
C GLY E 353 29.16 -34.43 3.28
N ILE E 354 28.79 -33.88 2.12
CA ILE E 354 29.76 -33.18 1.28
C ILE E 354 30.13 -31.85 1.91
N LEU E 355 29.15 -31.15 2.49
CA LEU E 355 29.40 -29.90 3.20
C LEU E 355 29.79 -30.19 4.64
N ALA E 356 30.68 -29.36 5.16
CA ALA E 356 31.05 -29.43 6.57
C ALA E 356 29.94 -28.82 7.43
N ASP E 357 30.16 -28.82 8.74
CA ASP E 357 29.15 -28.36 9.68
C ASP E 357 28.79 -26.88 9.45
N ASP E 358 29.69 -26.09 8.88
CA ASP E 358 29.37 -24.70 8.58
C ASP E 358 28.47 -24.54 7.36
N TRP E 359 28.00 -25.65 6.79
CA TRP E 359 27.09 -25.64 5.64
C TRP E 359 27.71 -24.92 4.44
N ARG E 360 29.05 -24.89 4.36
CA ARG E 360 29.69 -24.11 3.31
C ARG E 360 31.00 -24.73 2.83
N THR E 361 31.79 -25.28 3.74
CA THR E 361 33.10 -25.82 3.39
C THR E 361 32.94 -27.24 2.83
N ILE E 362 33.59 -27.50 1.70
CA ILE E 362 33.50 -28.80 1.05
C ILE E 362 34.47 -29.76 1.72
N ASN E 363 34.01 -30.97 2.02
CA ASN E 363 34.86 -32.03 2.57
C ASN E 363 35.67 -32.62 1.41
N GLN E 364 36.90 -32.15 1.25
CA GLN E 364 37.69 -32.54 0.09
C GLN E 364 38.09 -34.01 0.13
N ASN E 365 38.27 -34.58 1.32
CA ASN E 365 38.70 -35.97 1.41
C ASN E 365 37.65 -36.91 0.83
N LYS E 366 36.37 -36.55 0.91
CA LYS E 366 35.33 -37.35 0.28
C LYS E 366 35.25 -37.10 -1.22
N MET E 367 35.54 -35.88 -1.66
CA MET E 367 35.47 -35.56 -3.09
C MET E 367 36.53 -36.33 -3.88
N VAL E 368 37.69 -36.62 -3.27
CA VAL E 368 38.73 -37.38 -3.95
C VAL E 368 38.21 -38.75 -4.35
N TYR E 369 37.34 -39.34 -3.53
CA TYR E 369 36.75 -40.64 -3.86
C TYR E 369 35.65 -40.54 -4.90
N LEU E 370 35.03 -39.36 -5.06
CA LEU E 370 33.84 -39.21 -5.89
C LEU E 370 34.14 -38.71 -7.29
N LYS E 371 35.13 -37.84 -7.46
CA LYS E 371 35.39 -37.24 -8.77
C LYS E 371 35.70 -38.27 -9.86
N PRO E 372 36.49 -39.33 -9.63
CA PRO E 372 36.74 -40.29 -10.71
C PRO E 372 35.50 -41.00 -11.23
N ILE E 373 34.39 -41.00 -10.48
CA ILE E 373 33.19 -41.70 -10.92
C ILE E 373 32.02 -40.75 -11.15
N GLN E 374 32.29 -39.44 -11.22
CA GLN E 374 31.25 -38.49 -11.59
C GLN E 374 31.05 -38.48 -13.10
N TYR E 375 29.82 -38.24 -13.52
CA TYR E 375 29.53 -38.24 -14.95
C TYR E 375 30.13 -37.02 -15.63
N THR E 376 30.93 -37.26 -16.66
CA THR E 376 31.56 -36.18 -17.41
C THR E 376 31.22 -36.29 -18.89
N ILE F 16 -16.45 43.51 9.43
CA ILE F 16 -16.44 43.44 10.88
C ILE F 16 -15.02 43.20 11.37
N ALA F 17 -14.62 43.97 12.39
CA ALA F 17 -13.27 43.88 12.92
C ALA F 17 -13.02 42.49 13.51
N PRO F 18 -11.77 42.01 13.49
CA PRO F 18 -11.49 40.67 14.02
C PRO F 18 -11.79 40.58 15.51
N GLY F 19 -12.21 39.40 15.93
CA GLY F 19 -12.56 39.15 17.31
C GLY F 19 -14.05 38.91 17.47
N PHE F 20 -14.43 38.61 18.72
CA PHE F 20 -15.81 38.30 19.03
C PHE F 20 -16.64 39.58 19.06
N LEU F 21 -17.94 39.41 19.30
CA LEU F 21 -18.88 40.51 19.30
C LEU F 21 -19.53 40.65 20.67
N ARG F 22 -20.28 41.74 20.83
CA ARG F 22 -21.04 41.99 22.03
C ARG F 22 -22.22 42.87 21.67
N THR F 23 -23.13 43.07 22.62
CA THR F 23 -24.30 43.90 22.42
C THR F 23 -24.23 45.13 23.32
N SER F 24 -25.03 46.13 22.95
CA SER F 24 -25.16 47.35 23.74
C SER F 24 -26.44 48.03 23.28
N GLY F 25 -27.47 48.02 24.13
CA GLY F 25 -28.78 48.45 23.67
C GLY F 25 -29.24 47.54 22.55
N ASN F 26 -29.73 48.13 21.47
CA ASN F 26 -30.18 47.38 20.31
C ASN F 26 -29.09 47.22 19.27
N GLN F 27 -27.83 47.41 19.64
CA GLN F 27 -26.71 47.43 18.71
C GLN F 27 -25.76 46.28 18.99
N ILE F 28 -25.22 45.70 17.91
CA ILE F 28 -24.15 44.71 17.99
C ILE F 28 -22.84 45.43 17.68
N LEU F 29 -21.87 45.30 18.59
CA LEU F 29 -20.59 45.96 18.47
C LEU F 29 -19.48 44.92 18.20
N ASP F 30 -18.46 45.33 17.46
CA ASP F 30 -17.31 44.48 17.25
C ASP F 30 -16.33 44.66 18.42
N SER F 31 -15.14 44.08 18.30
CA SER F 31 -14.15 44.16 19.38
C SER F 31 -13.55 45.56 19.51
N GLN F 32 -13.96 46.52 18.68
CA GLN F 32 -13.50 47.90 18.79
C GLN F 32 -14.63 48.85 19.15
N GLY F 33 -15.78 48.35 19.55
CA GLY F 33 -16.91 49.19 19.90
C GLY F 33 -17.65 49.78 18.71
N LYS F 34 -17.27 49.44 17.50
CA LYS F 34 -17.94 49.98 16.32
C LYS F 34 -19.23 49.21 16.06
N PRO F 35 -20.39 49.88 16.00
CA PRO F 35 -21.62 49.17 15.67
C PRO F 35 -21.54 48.46 14.33
N VAL F 36 -21.93 47.19 14.32
CA VAL F 36 -21.91 46.38 13.10
C VAL F 36 -23.31 45.84 12.83
N GLN F 37 -23.45 45.06 11.76
CA GLN F 37 -24.75 44.53 11.36
C GLN F 37 -24.53 43.21 10.62
N LEU F 38 -25.33 42.21 10.96
CA LEU F 38 -25.26 40.90 10.33
C LEU F 38 -26.32 40.81 9.25
N THR F 39 -25.89 40.64 8.01
CA THR F 39 -26.81 40.57 6.86
C THR F 39 -26.35 39.41 5.98
N GLY F 40 -26.98 38.25 6.17
CA GLY F 40 -26.55 37.07 5.46
C GLY F 40 -27.64 36.14 4.98
N VAL F 41 -27.32 34.84 4.91
CA VAL F 41 -28.22 33.84 4.36
C VAL F 41 -28.19 32.59 5.24
N ASN F 42 -29.24 31.78 5.10
CA ASN F 42 -29.29 30.47 5.71
C ASN F 42 -28.76 29.43 4.73
N TRP F 43 -27.81 28.61 5.18
CA TRP F 43 -27.24 27.52 4.38
C TRP F 43 -27.55 26.22 5.12
N PHE F 44 -28.65 25.56 4.76
CA PHE F 44 -29.08 24.38 5.48
C PHE F 44 -28.61 23.11 4.77
N GLY F 45 -28.85 21.98 5.43
CA GLY F 45 -28.39 20.70 4.95
C GLY F 45 -27.71 19.88 6.02
N ALA F 46 -26.95 20.54 6.90
CA ALA F 46 -26.28 19.84 7.99
C ALA F 46 -27.26 19.26 9.01
N GLN F 47 -28.52 19.67 8.97
CA GLN F 47 -29.56 19.09 9.81
C GLN F 47 -30.22 17.86 9.19
N SER F 48 -29.78 17.47 8.00
CA SER F 48 -30.38 16.36 7.27
C SER F 48 -29.54 15.09 7.42
N SER F 49 -29.98 14.03 6.74
CA SER F 49 -29.29 12.74 6.80
C SER F 49 -27.91 12.81 6.17
N ASN F 50 -27.62 13.82 5.35
CA ASN F 50 -26.31 13.94 4.74
C ASN F 50 -25.27 14.49 5.71
N GLY F 51 -25.69 15.25 6.72
CA GLY F 51 -24.79 15.75 7.72
C GLY F 51 -23.94 16.93 7.31
N VAL F 52 -24.16 17.49 6.13
CA VAL F 52 -23.37 18.61 5.62
C VAL F 52 -24.29 19.56 4.87
N PRO F 53 -23.91 20.82 4.77
CA PRO F 53 -24.71 21.78 4.00
C PRO F 53 -24.93 21.33 2.56
N ASP F 54 -26.11 21.62 2.04
CA ASP F 54 -26.53 21.17 0.71
C ASP F 54 -25.71 21.85 -0.37
N GLY F 55 -25.84 21.34 -1.59
CA GLY F 55 -25.24 21.94 -2.76
C GLY F 55 -23.85 21.44 -3.10
N LEU F 56 -23.21 20.68 -2.22
CA LEU F 56 -21.86 20.21 -2.49
C LEU F 56 -21.85 19.01 -3.44
N TRP F 57 -23.02 18.56 -3.89
CA TRP F 57 -23.09 17.57 -4.96
C TRP F 57 -22.85 18.18 -6.33
N THR F 58 -22.83 19.51 -6.43
CA THR F 58 -22.59 20.19 -7.71
C THR F 58 -21.71 21.43 -7.60
N ARG F 59 -21.75 22.18 -6.50
CA ARG F 59 -20.90 23.34 -6.31
C ARG F 59 -19.73 22.99 -5.39
N ASN F 60 -18.69 23.80 -5.46
CA ASN F 60 -17.58 23.73 -4.53
C ASN F 60 -17.87 24.67 -3.36
N TYR F 61 -17.53 24.23 -2.14
CA TYR F 61 -17.95 24.97 -0.95
C TYR F 61 -17.27 26.32 -0.85
N LYS F 62 -16.02 26.42 -1.28
CA LYS F 62 -15.35 27.73 -1.29
C LYS F 62 -16.00 28.66 -2.29
N ASP F 63 -16.39 28.14 -3.46
CA ASP F 63 -17.02 28.96 -4.48
C ASP F 63 -18.32 29.57 -3.98
N MET F 64 -19.11 28.79 -3.24
CA MET F 64 -20.39 29.31 -2.75
C MET F 64 -20.18 30.39 -1.70
N ILE F 65 -19.23 30.19 -0.78
CA ILE F 65 -18.95 31.19 0.25
C ILE F 65 -18.47 32.48 -0.40
N ASP F 66 -17.62 32.38 -1.43
CA ASP F 66 -17.19 33.56 -2.16
C ASP F 66 -18.35 34.22 -2.90
N GLN F 67 -19.33 33.44 -3.34
CA GLN F 67 -20.48 34.01 -4.03
C GLN F 67 -21.41 34.72 -3.05
N MET F 68 -21.57 34.18 -1.84
CA MET F 68 -22.33 34.88 -0.82
C MET F 68 -21.71 36.25 -0.53
N ALA F 69 -20.40 36.27 -0.30
CA ALA F 69 -19.72 37.54 -0.01
C ALA F 69 -19.81 38.50 -1.18
N GLY F 70 -19.65 38.00 -2.41
CA GLY F 70 -19.77 38.86 -3.57
C GLY F 70 -21.14 39.48 -3.73
N GLN F 71 -22.17 38.84 -3.18
CA GLN F 71 -23.53 39.36 -3.24
C GLN F 71 -23.84 40.31 -2.10
N GLY F 72 -22.89 40.59 -1.21
CA GLY F 72 -23.08 41.52 -0.12
C GLY F 72 -23.41 40.89 1.22
N PHE F 73 -23.48 39.56 1.30
CA PHE F 73 -23.77 38.89 2.57
C PHE F 73 -22.50 38.70 3.37
N ASN F 74 -22.62 38.85 4.70
CA ASN F 74 -21.46 38.74 5.59
C ASN F 74 -21.66 37.72 6.70
N THR F 75 -22.76 36.97 6.69
CA THR F 75 -23.07 36.03 7.76
C THR F 75 -23.73 34.79 7.17
N ILE F 76 -23.37 33.63 7.70
CA ILE F 76 -24.01 32.36 7.35
C ILE F 76 -24.65 31.80 8.62
N ARG F 77 -25.96 31.58 8.57
CA ARG F 77 -26.65 30.80 9.59
C ARG F 77 -26.68 29.35 9.13
N ILE F 78 -26.11 28.45 9.93
CA ILE F 78 -25.91 27.06 9.55
C ILE F 78 -26.74 26.19 10.48
N PRO F 79 -27.89 25.69 10.03
CA PRO F 79 -28.65 24.75 10.84
C PRO F 79 -27.92 23.42 11.00
N TYR F 80 -28.15 22.77 12.14
CA TYR F 80 -27.63 21.44 12.38
C TYR F 80 -28.65 20.67 13.22
N ALA F 81 -28.48 19.35 13.26
CA ALA F 81 -29.31 18.49 14.07
C ALA F 81 -28.47 17.88 15.19
N SER F 82 -29.15 17.53 16.29
CA SER F 82 -28.46 16.92 17.41
C SER F 82 -27.73 15.65 17.00
N ALA F 83 -28.27 14.91 16.03
CA ALA F 83 -27.64 13.67 15.60
C ALA F 83 -26.28 13.91 14.96
N LEU F 84 -26.06 15.11 14.40
CA LEU F 84 -24.78 15.42 13.78
C LEU F 84 -23.63 15.27 14.78
N LEU F 85 -23.88 15.60 16.05
CA LEU F 85 -22.84 15.55 17.07
C LEU F 85 -22.62 14.15 17.63
N HIS F 86 -23.41 13.17 17.22
CA HIS F 86 -23.34 11.84 17.81
C HIS F 86 -23.26 10.73 16.78
N THR F 87 -23.20 11.04 15.49
CA THR F 87 -23.15 10.03 14.44
C THR F 87 -21.71 9.72 14.06
N ASN F 88 -21.49 8.48 13.63
CA ASN F 88 -20.21 8.06 13.07
C ASN F 88 -20.27 7.90 11.56
N ALA F 89 -21.42 8.15 10.96
CA ALA F 89 -21.58 7.95 9.52
C ALA F 89 -20.86 9.04 8.74
N ALA F 90 -20.18 8.63 7.68
CA ALA F 90 -19.54 9.58 6.79
C ALA F 90 -20.59 10.50 6.16
N PRO F 91 -20.21 11.72 5.79
CA PRO F 91 -21.12 12.56 5.01
C PRO F 91 -21.49 11.90 3.70
N SER F 92 -22.67 12.22 3.19
CA SER F 92 -23.15 11.67 1.94
C SER F 92 -23.57 12.78 1.00
N GLY F 93 -23.34 12.56 -0.29
CA GLY F 93 -23.81 13.44 -1.33
C GLY F 93 -22.78 14.43 -1.84
N ILE F 94 -21.67 14.62 -1.13
CA ILE F 94 -20.64 15.55 -1.60
C ILE F 94 -20.03 15.03 -2.89
N ASN F 95 -19.78 15.94 -3.83
CA ASN F 95 -19.00 15.62 -5.02
C ASN F 95 -17.54 15.93 -4.70
N TYR F 96 -16.74 14.88 -4.50
CA TYR F 96 -15.36 15.04 -4.08
C TYR F 96 -14.44 15.44 -5.22
N ASN F 97 -14.88 15.34 -6.47
CA ASN F 97 -14.10 15.93 -7.56
C ASN F 97 -14.18 17.45 -7.53
N ALA F 98 -15.33 17.99 -7.14
CA ALA F 98 -15.48 19.44 -6.98
C ALA F 98 -15.05 19.92 -5.60
N ASN F 99 -15.03 19.05 -4.60
CA ASN F 99 -14.65 19.40 -3.22
C ASN F 99 -13.57 18.46 -2.72
N PRO F 100 -12.39 18.43 -3.35
CA PRO F 100 -11.38 17.43 -2.97
C PRO F 100 -10.83 17.64 -1.57
N ASP F 101 -10.83 18.86 -1.06
CA ASP F 101 -10.36 19.11 0.30
C ASP F 101 -11.26 18.46 1.35
N LEU F 102 -12.46 18.03 0.99
CA LEU F 102 -13.41 17.46 1.93
C LEU F 102 -13.39 15.94 1.99
N GLN F 103 -12.70 15.27 1.06
CA GLN F 103 -12.76 13.82 1.01
C GLN F 103 -12.02 13.21 2.21
N GLY F 104 -12.60 12.15 2.76
CA GLY F 104 -12.07 11.50 3.95
C GLY F 104 -12.44 12.17 5.26
N LEU F 105 -13.11 13.30 5.23
CA LEU F 105 -13.41 14.06 6.43
C LEU F 105 -14.76 13.66 7.01
N THR F 106 -14.86 13.77 8.33
CA THR F 106 -16.13 13.51 9.00
C THR F 106 -17.10 14.67 8.77
N ARG F 107 -18.34 14.49 9.22
CA ARG F 107 -19.34 15.53 9.08
C ARG F 107 -18.95 16.79 9.85
N MET F 108 -18.49 16.62 11.09
CA MET F 108 -18.05 17.77 11.88
C MET F 108 -16.78 18.38 11.31
N GLN F 109 -15.95 17.58 10.64
CA GLN F 109 -14.74 18.11 10.02
C GLN F 109 -15.04 18.88 8.75
N VAL F 110 -16.10 18.49 8.02
CA VAL F 110 -16.54 19.29 6.88
C VAL F 110 -17.03 20.65 7.35
N LEU F 111 -17.80 20.67 8.44
CA LEU F 111 -18.24 21.93 9.03
C LEU F 111 -17.05 22.81 9.41
N ASP F 112 -16.01 22.20 9.98
CA ASP F 112 -14.80 22.96 10.31
C ASP F 112 -14.19 23.62 9.07
N LYS F 113 -14.16 22.89 7.96
CA LYS F 113 -13.59 23.43 6.73
C LYS F 113 -14.40 24.61 6.22
N ILE F 114 -15.72 24.50 6.26
CA ILE F 114 -16.58 25.60 5.82
C ILE F 114 -16.40 26.81 6.75
N ILE F 115 -16.34 26.58 8.05
CA ILE F 115 -16.14 27.67 9.00
C ILE F 115 -14.77 28.31 8.78
N ASP F 116 -13.75 27.49 8.49
CA ASP F 116 -12.41 28.03 8.22
C ASP F 116 -12.43 28.97 7.03
N TYR F 117 -13.02 28.53 5.91
CA TYR F 117 -12.99 29.36 4.71
C TYR F 117 -13.91 30.56 4.83
N ALA F 118 -15.03 30.42 5.54
CA ALA F 118 -15.92 31.56 5.77
C ALA F 118 -15.18 32.69 6.47
N GLY F 119 -14.35 32.35 7.45
CA GLY F 119 -13.55 33.37 8.12
C GLY F 119 -12.54 34.02 7.18
N GLN F 120 -11.97 33.23 6.27
CA GLN F 120 -11.03 33.79 5.30
C GLN F 120 -11.73 34.68 4.27
N ALA F 121 -13.01 34.44 4.04
CA ALA F 121 -13.79 35.22 3.08
C ALA F 121 -14.46 36.43 3.72
N GLY F 122 -14.10 36.77 4.95
CA GLY F 122 -14.69 37.91 5.63
C GLY F 122 -16.10 37.72 6.11
N MET F 123 -16.52 36.47 6.35
CA MET F 123 -17.88 36.18 6.79
C MET F 123 -17.85 35.57 8.19
N ARG F 124 -18.97 35.71 8.89
CA ARG F 124 -19.14 35.15 10.22
C ARG F 124 -20.24 34.10 10.20
N VAL F 125 -20.22 33.21 11.17
CA VAL F 125 -21.07 32.02 11.18
C VAL F 125 -21.90 32.00 12.45
N ILE F 126 -23.18 31.66 12.31
CA ILE F 126 -24.08 31.41 13.43
C ILE F 126 -24.51 29.94 13.36
N LEU F 127 -24.36 29.23 14.47
CA LEU F 127 -24.81 27.84 14.57
C LEU F 127 -26.22 27.81 15.13
N ASP F 128 -27.09 27.03 14.50
CA ASP F 128 -28.50 26.96 14.86
C ASP F 128 -28.89 25.50 15.07
N HIS F 129 -29.31 25.17 16.29
CA HIS F 129 -29.85 23.84 16.56
C HIS F 129 -31.25 23.78 15.98
N HIS F 130 -31.37 23.14 14.82
CA HIS F 130 -32.62 23.18 14.05
C HIS F 130 -33.61 22.09 14.42
N ARG F 131 -33.12 20.95 14.91
CA ARG F 131 -33.97 19.81 15.23
C ARG F 131 -33.11 18.79 15.98
N SER F 132 -33.74 17.70 16.40
CA SER F 132 -33.04 16.63 17.11
C SER F 132 -32.62 15.52 16.16
N THR F 133 -33.58 14.79 15.60
CA THR F 133 -33.26 13.77 14.61
C THR F 133 -32.83 14.43 13.30
N GLU F 134 -32.18 13.64 12.45
CA GLU F 134 -31.87 14.10 11.10
C GLU F 134 -33.15 14.27 10.31
N GLY F 135 -33.30 15.42 9.67
CA GLY F 135 -34.52 15.69 8.93
C GLY F 135 -34.41 16.97 8.14
N ALA F 136 -35.58 17.50 7.76
CA ALA F 136 -35.66 18.65 6.87
C ALA F 136 -35.92 19.95 7.63
N GLY F 137 -37.08 20.07 8.28
CA GLY F 137 -37.48 21.33 8.85
C GLY F 137 -37.56 21.39 10.37
N THR F 138 -38.47 22.22 10.87
CA THR F 138 -38.65 22.40 12.31
C THR F 138 -38.97 21.06 12.97
N SER F 139 -38.50 20.90 14.21
CA SER F 139 -38.72 19.67 14.97
C SER F 139 -40.20 19.33 15.02
N GLU F 140 -40.50 18.05 14.84
CA GLU F 140 -41.90 17.63 14.66
C GLU F 140 -42.75 17.92 15.89
N ASN F 141 -42.15 17.97 17.08
CA ASN F 141 -42.90 18.20 18.30
C ASN F 141 -42.84 19.64 18.78
N GLY F 142 -42.20 20.53 18.02
CA GLY F 142 -42.12 21.92 18.41
C GLY F 142 -41.25 22.18 19.62
N LEU F 143 -40.34 21.27 19.94
CA LEU F 143 -39.51 21.37 21.13
C LEU F 143 -38.05 21.12 20.76
N TRP F 144 -37.16 21.60 21.62
CA TRP F 144 -35.72 21.41 21.50
C TRP F 144 -35.26 20.05 22.01
N TYR F 145 -36.19 19.18 22.38
CA TYR F 145 -35.87 17.88 22.96
C TYR F 145 -37.00 16.91 22.65
N ASP F 146 -36.71 15.63 22.78
CA ASP F 146 -37.76 14.61 22.67
C ASP F 146 -37.40 13.45 23.60
N SER F 147 -37.96 12.27 23.31
CA SER F 147 -37.73 11.11 24.16
C SER F 147 -36.27 10.64 24.09
N GLN F 148 -35.68 10.66 22.90
CA GLN F 148 -34.31 10.18 22.72
C GLN F 148 -33.27 11.27 22.89
N TYR F 149 -33.60 12.51 22.53
CA TYR F 149 -32.67 13.64 22.58
C TYR F 149 -33.10 14.56 23.71
N THR F 150 -32.45 14.43 24.86
CA THR F 150 -32.86 15.13 26.06
C THR F 150 -32.36 16.58 26.06
N GLU F 151 -33.03 17.41 26.87
CA GLU F 151 -32.54 18.77 27.07
C GLU F 151 -31.18 18.77 27.74
N ASP F 152 -30.90 17.78 28.59
CA ASP F 152 -29.58 17.63 29.17
C ASP F 152 -28.52 17.45 28.09
N ALA F 153 -28.80 16.57 27.12
CA ALA F 153 -27.87 16.38 26.01
C ALA F 153 -27.88 17.57 25.07
N TRP F 154 -29.00 18.29 24.99
CA TRP F 154 -29.05 19.52 24.20
C TRP F 154 -28.13 20.59 24.80
N VAL F 155 -28.13 20.69 26.13
CA VAL F 155 -27.20 21.59 26.80
C VAL F 155 -25.77 21.10 26.64
N SER F 156 -25.54 19.79 26.82
CA SER F 156 -24.21 19.23 26.66
C SER F 156 -23.67 19.43 25.25
N ASP F 157 -24.55 19.30 24.25
CA ASP F 157 -24.12 19.48 22.86
C ASP F 157 -23.70 20.92 22.62
N TRP F 158 -24.43 21.89 23.19
CA TRP F 158 -24.02 23.28 23.08
C TRP F 158 -22.71 23.55 23.80
N GLN F 159 -22.45 22.84 24.89
CA GLN F 159 -21.15 22.93 25.55
C GLN F 159 -20.05 22.38 24.65
N THR F 160 -20.34 21.28 23.97
CA THR F 160 -19.36 20.70 23.04
C THR F 160 -19.03 21.67 21.92
N LEU F 161 -20.05 22.29 21.32
CA LEU F 161 -19.82 23.25 20.26
C LEU F 161 -19.09 24.49 20.78
N ALA F 162 -19.45 24.95 21.98
CA ALA F 162 -18.75 26.07 22.58
C ALA F 162 -17.25 25.78 22.72
N THR F 163 -16.92 24.61 23.28
CA THR F 163 -15.52 24.22 23.41
C THR F 163 -14.85 24.11 22.04
N ARG F 164 -15.57 23.57 21.05
CA ARG F 164 -14.95 23.31 19.75
C ARG F 164 -14.53 24.60 19.06
N TYR F 165 -15.34 25.64 19.15
CA TYR F 165 -15.07 26.91 18.48
C TYR F 165 -14.73 28.02 19.46
N LYS F 166 -14.31 27.66 20.67
CA LYS F 166 -14.01 28.66 21.71
C LYS F 166 -12.97 29.67 21.22
N ASN F 167 -11.99 29.22 20.44
CA ASN F 167 -10.92 30.08 19.97
C ASN F 167 -11.06 30.43 18.49
N ASN F 168 -12.28 30.49 18.00
CA ASN F 168 -12.57 30.85 16.61
C ASN F 168 -13.65 31.91 16.58
N PRO F 169 -13.27 33.19 16.48
CA PRO F 169 -14.29 34.27 16.47
C PRO F 169 -15.15 34.29 15.23
N THR F 170 -14.83 33.49 14.19
CA THR F 170 -15.73 33.38 13.06
C THR F 170 -17.12 32.91 13.49
N VAL F 171 -17.17 31.95 14.42
CA VAL F 171 -18.42 31.51 15.02
C VAL F 171 -18.83 32.52 16.08
N ILE F 172 -19.67 33.47 15.70
CA ILE F 172 -19.96 34.60 16.57
C ILE F 172 -21.14 34.36 17.51
N GLY F 173 -22.04 33.45 17.18
CA GLY F 173 -23.29 33.34 17.92
C GLY F 173 -23.88 31.97 17.87
N PHE F 174 -24.65 31.64 18.90
CA PHE F 174 -25.36 30.37 19.03
C PHE F 174 -26.85 30.65 19.00
N ASP F 175 -27.53 30.13 17.98
CA ASP F 175 -28.99 30.19 17.89
C ASP F 175 -29.52 28.95 18.60
N LEU F 176 -29.96 29.12 19.84
CA LEU F 176 -30.08 27.99 20.77
C LEU F 176 -31.04 26.92 20.26
N HIS F 177 -32.16 27.32 19.68
CA HIS F 177 -33.06 26.33 19.07
C HIS F 177 -33.95 27.02 18.04
N ASN F 178 -34.24 26.29 16.96
CA ASN F 178 -35.06 26.82 15.88
C ASN F 178 -36.54 26.64 16.22
N GLU F 179 -37.24 27.77 16.37
CA GLU F 179 -38.70 27.84 16.49
C GLU F 179 -39.24 26.89 17.56
N PRO F 180 -39.08 27.21 18.84
CA PRO F 180 -39.70 26.39 19.91
C PRO F 180 -41.17 26.71 20.07
N TYR F 181 -41.96 26.39 19.03
CA TYR F 181 -43.33 26.87 18.98
C TYR F 181 -44.26 26.16 19.94
N ASN F 182 -43.89 24.98 20.44
CA ASN F 182 -44.67 24.32 21.47
C ASN F 182 -44.16 24.63 22.88
N GLY F 183 -43.20 25.55 23.00
CA GLY F 183 -42.76 26.03 24.28
C GLY F 183 -43.47 27.31 24.66
N THR F 184 -43.49 27.59 25.95
CA THR F 184 -44.06 28.83 26.48
C THR F 184 -42.94 29.79 26.86
N TRP F 185 -43.22 31.08 26.79
CA TRP F 185 -42.29 32.10 27.27
C TRP F 185 -42.59 32.32 28.75
N GLY F 186 -41.92 31.54 29.60
CA GLY F 186 -42.16 31.58 31.03
C GLY F 186 -42.95 30.37 31.49
N GLY F 187 -43.19 30.33 32.79
CA GLY F 187 -43.95 29.23 33.37
C GLY F 187 -43.14 28.34 34.28
N GLY F 188 -41.89 28.06 33.90
CA GLY F 188 -40.98 27.30 34.73
C GLY F 188 -40.93 25.81 34.45
N GLY F 189 -41.87 25.27 33.70
CA GLY F 189 -41.91 23.84 33.46
C GLY F 189 -40.81 23.39 32.51
N ALA F 190 -40.92 22.13 32.10
CA ALA F 190 -39.99 21.58 31.12
C ALA F 190 -40.20 22.17 29.73
N ASN F 191 -41.37 22.73 29.46
CA ASN F 191 -41.66 23.38 28.19
C ASN F 191 -41.53 24.90 28.27
N ASP F 192 -41.00 25.43 29.37
CA ASP F 192 -40.67 26.85 29.46
C ASP F 192 -39.43 27.09 28.60
N TRP F 193 -39.61 27.78 27.46
CA TRP F 193 -38.49 28.02 26.57
C TRP F 193 -37.53 29.05 27.15
N ALA F 194 -38.05 30.06 27.85
CA ALA F 194 -37.18 31.07 28.44
C ALA F 194 -36.24 30.44 29.46
N ARG F 195 -36.73 29.48 30.25
CA ARG F 195 -35.87 28.80 31.20
C ARG F 195 -34.80 27.98 30.51
N ALA F 196 -35.20 27.19 29.50
CA ALA F 196 -34.24 26.33 28.81
C ALA F 196 -33.21 27.16 28.05
N ALA F 197 -33.63 28.26 27.45
CA ALA F 197 -32.69 29.13 26.74
C ALA F 197 -31.64 29.68 27.70
N GLU F 198 -32.07 30.14 28.88
CA GLU F 198 -31.13 30.63 29.87
C GLU F 198 -30.20 29.53 30.36
N ARG F 199 -30.69 28.29 30.45
CA ARG F 199 -29.86 27.18 30.89
C ARG F 199 -28.78 26.88 29.86
N ALA F 200 -29.17 26.75 28.58
CA ALA F 200 -28.20 26.46 27.54
C ALA F 200 -27.29 27.66 27.28
N GLY F 201 -27.83 28.87 27.38
CA GLY F 201 -27.01 30.06 27.18
C GLY F 201 -25.94 30.22 28.25
N ASN F 202 -26.32 30.01 29.51
CA ASN F 202 -25.33 30.09 30.59
C ASN F 202 -24.29 28.99 30.45
N ALA F 203 -24.71 27.79 30.05
CA ALA F 203 -23.77 26.69 29.91
C ALA F 203 -22.72 26.97 28.85
N ALA F 204 -23.13 27.59 27.73
CA ALA F 204 -22.19 27.93 26.68
C ALA F 204 -21.29 29.09 27.10
N LEU F 205 -21.88 30.13 27.69
CA LEU F 205 -21.09 31.30 28.11
C LEU F 205 -20.07 30.93 29.18
N ALA F 206 -20.36 29.91 29.99
CA ALA F 206 -19.36 29.43 30.95
C ALA F 206 -18.11 28.94 30.25
N ILE F 207 -18.24 28.44 29.03
CA ILE F 207 -17.09 27.96 28.27
C ILE F 207 -16.52 29.07 27.38
N ASN F 208 -17.37 29.79 26.68
CA ASN F 208 -16.96 30.93 25.84
C ASN F 208 -17.84 32.12 26.18
N PRO F 209 -17.40 32.98 27.12
CA PRO F 209 -18.21 34.13 27.50
C PRO F 209 -18.31 35.21 26.45
N ASN F 210 -17.63 35.07 25.32
CA ASN F 210 -17.66 36.06 24.25
C ASN F 210 -18.71 35.73 23.19
N LEU F 211 -19.48 34.66 23.36
CA LEU F 211 -20.45 34.26 22.36
C LEU F 211 -21.70 35.14 22.44
N LEU F 212 -22.23 35.50 21.28
CA LEU F 212 -23.60 36.01 21.22
C LEU F 212 -24.57 34.86 21.43
N ILE F 213 -25.50 35.03 22.36
CA ILE F 213 -26.51 34.02 22.63
C ILE F 213 -27.79 34.47 21.95
N ILE F 214 -28.14 33.81 20.85
CA ILE F 214 -29.26 34.20 20.01
C ILE F 214 -30.48 33.39 20.44
N VAL F 215 -31.54 34.09 20.84
CA VAL F 215 -32.74 33.45 21.41
C VAL F 215 -33.94 33.82 20.54
N GLU F 216 -34.61 32.80 20.02
CA GLU F 216 -35.81 33.00 19.23
C GLU F 216 -37.04 33.10 20.13
N GLY F 217 -38.13 33.58 19.55
CA GLY F 217 -39.41 33.61 20.24
C GLY F 217 -40.09 32.26 20.18
N VAL F 218 -41.30 32.22 20.76
CA VAL F 218 -42.12 31.01 20.71
C VAL F 218 -43.19 31.21 19.66
N GLY F 219 -44.32 30.51 19.80
CA GLY F 219 -45.39 30.63 18.84
C GLY F 219 -46.58 31.42 19.34
N SER F 220 -46.85 31.32 20.64
CA SER F 220 -48.02 31.95 21.24
C SER F 220 -47.67 32.48 22.62
N TYR F 221 -48.23 33.63 22.97
CA TYR F 221 -48.01 34.25 24.27
C TYR F 221 -49.22 35.11 24.62
N LYS F 222 -49.90 34.76 25.72
CA LYS F 222 -51.09 35.48 26.18
C LYS F 222 -52.16 35.53 25.10
N GLY F 223 -52.41 34.38 24.48
CA GLY F 223 -53.44 34.27 23.47
C GLY F 223 -53.13 34.93 22.14
N ASP F 224 -51.89 35.35 21.92
CA ASP F 224 -51.49 36.01 20.69
C ASP F 224 -50.58 35.05 19.92
N ASN F 225 -51.09 34.49 18.83
CA ASN F 225 -50.32 33.61 17.97
C ASN F 225 -49.55 34.42 16.92
N TYR F 226 -48.40 33.90 16.51
CA TYR F 226 -47.61 34.51 15.45
C TYR F 226 -46.77 33.43 14.80
N TRP F 227 -45.90 33.84 13.87
CA TRP F 227 -44.96 32.92 13.24
C TRP F 227 -44.14 32.20 14.30
N TRP F 228 -43.86 30.93 14.04
CA TRP F 228 -42.99 30.16 14.92
C TRP F 228 -41.64 30.87 15.05
N GLY F 229 -41.22 31.08 16.30
CA GLY F 229 -40.00 31.81 16.58
C GLY F 229 -40.13 33.32 16.57
N GLY F 230 -41.24 33.86 16.07
CA GLY F 230 -41.40 35.29 15.94
C GLY F 230 -42.20 35.92 17.06
N GLN F 231 -42.80 35.12 17.93
CA GLN F 231 -43.58 35.63 19.05
C GLN F 231 -42.62 35.99 20.18
N LEU F 232 -42.25 37.27 20.25
CA LEU F 232 -41.29 37.75 21.25
C LEU F 232 -41.92 38.74 22.22
N GLN F 233 -43.24 38.74 22.34
CA GLN F 233 -43.91 39.67 23.24
C GLN F 233 -43.60 39.39 24.71
N GLY F 234 -43.03 38.23 25.02
CA GLY F 234 -42.69 37.93 26.41
C GLY F 234 -41.46 38.62 26.93
N VAL F 235 -40.64 39.18 26.04
CA VAL F 235 -39.42 39.86 26.47
C VAL F 235 -39.74 41.08 27.32
N LYS F 236 -40.86 41.73 27.06
CA LYS F 236 -41.26 42.89 27.86
C LYS F 236 -41.62 42.49 29.28
N ASP F 237 -42.23 41.32 29.46
CA ASP F 237 -42.64 40.85 30.78
C ASP F 237 -41.55 40.03 31.46
N ARG F 238 -40.82 39.22 30.70
CA ARG F 238 -39.81 38.32 31.26
C ARG F 238 -38.66 38.22 30.28
N PRO F 239 -37.69 39.13 30.37
CA PRO F 239 -36.53 39.07 29.46
C PRO F 239 -35.54 37.99 29.88
N ILE F 240 -34.77 37.54 28.89
CA ILE F 240 -33.71 36.58 29.15
C ILE F 240 -32.61 37.25 29.94
N GLN F 241 -32.19 36.62 31.04
CA GLN F 241 -31.10 37.10 31.88
C GLN F 241 -30.03 36.02 31.95
N LEU F 242 -28.83 36.36 31.49
CA LEU F 242 -27.70 35.43 31.46
C LEU F 242 -26.64 35.83 32.47
N ASN F 243 -25.72 34.89 32.73
CA ASN F 243 -24.67 35.13 33.71
C ASN F 243 -23.61 36.09 33.20
N VAL F 244 -23.48 36.26 31.89
CA VAL F 244 -22.58 37.24 31.29
C VAL F 244 -23.43 38.29 30.60
N ALA F 245 -23.12 39.55 30.87
CA ALA F 245 -23.95 40.65 30.38
C ALA F 245 -23.63 40.97 28.92
N ASN F 246 -24.62 41.59 28.26
CA ASN F 246 -24.46 42.13 26.91
C ASN F 246 -24.16 41.03 25.88
N ARG F 247 -24.89 39.91 25.99
CA ARG F 247 -24.71 38.80 25.07
C ARG F 247 -25.98 38.37 24.37
N VAL F 248 -27.16 38.75 24.86
CA VAL F 248 -28.42 38.22 24.35
C VAL F 248 -28.83 38.98 23.10
N VAL F 249 -29.04 38.25 22.01
CA VAL F 249 -29.63 38.77 20.79
C VAL F 249 -30.95 38.04 20.57
N TYR F 250 -32.02 38.80 20.37
CA TYR F 250 -33.34 38.20 20.14
C TYR F 250 -33.56 38.02 18.64
N SER F 251 -34.12 36.86 18.27
CA SER F 251 -34.22 36.47 16.87
C SER F 251 -35.64 36.05 16.50
N PRO F 252 -36.40 36.93 15.86
CA PRO F 252 -37.71 36.51 15.34
C PRO F 252 -37.58 35.85 13.98
N HIS F 253 -38.64 35.12 13.62
CA HIS F 253 -38.84 34.59 12.28
C HIS F 253 -40.13 35.19 11.73
N ASP F 254 -40.10 35.61 10.47
CA ASP F 254 -41.25 36.24 9.84
C ASP F 254 -41.34 35.80 8.39
N TYR F 255 -42.56 35.61 7.90
CA TYR F 255 -42.79 35.01 6.60
C TYR F 255 -44.02 35.64 5.98
N PRO F 256 -44.25 35.41 4.67
CA PRO F 256 -45.42 36.01 4.01
C PRO F 256 -46.62 35.08 3.85
N ASN F 257 -47.62 35.57 3.11
CA ASN F 257 -48.88 34.85 2.95
C ASN F 257 -48.68 33.50 2.28
N SER F 258 -47.75 33.41 1.33
CA SER F 258 -47.55 32.16 0.59
C SER F 258 -47.07 31.04 1.50
N VAL F 259 -46.41 31.37 2.61
CA VAL F 259 -46.01 30.34 3.57
C VAL F 259 -47.18 29.92 4.43
N TRP F 260 -47.97 30.89 4.91
CA TRP F 260 -49.21 30.60 5.62
C TRP F 260 -50.16 31.77 5.47
N GLN F 261 -51.43 31.48 5.17
CA GLN F 261 -52.47 32.49 5.04
C GLN F 261 -52.84 32.99 6.42
N GLN F 262 -52.02 33.89 6.95
CA GLN F 262 -52.18 34.38 8.31
C GLN F 262 -53.30 35.42 8.38
N PRO F 263 -53.96 35.56 9.54
CA PRO F 263 -55.06 36.51 9.65
C PRO F 263 -54.66 37.95 9.40
N TRP F 264 -53.39 38.31 9.67
CA TRP F 264 -52.95 39.69 9.46
C TRP F 264 -52.55 39.97 8.02
N PHE F 265 -52.83 39.07 7.09
CA PHE F 265 -52.63 39.30 5.66
C PHE F 265 -53.94 39.38 4.90
N GLN F 266 -55.08 39.15 5.55
CA GLN F 266 -56.34 38.95 4.84
C GLN F 266 -57.11 40.23 4.59
N GLY F 267 -56.75 41.33 5.24
CA GLY F 267 -57.46 42.57 5.02
C GLY F 267 -57.20 43.16 3.66
N ASP F 268 -58.06 44.11 3.27
CA ASP F 268 -57.89 44.77 1.97
C ASP F 268 -56.72 45.73 2.00
N ASN F 269 -56.50 46.41 3.13
CA ASN F 269 -55.34 47.28 3.30
C ASN F 269 -54.40 46.69 4.35
N PHE F 270 -54.10 45.39 4.22
CA PHE F 270 -53.35 44.69 5.25
C PHE F 270 -51.92 45.20 5.39
N GLY F 271 -51.33 45.69 4.30
CA GLY F 271 -49.94 46.15 4.37
C GLY F 271 -49.74 47.36 5.26
N ALA F 272 -50.79 48.16 5.43
CA ALA F 272 -50.68 49.36 6.26
C ALA F 272 -50.48 49.01 7.73
N GLY F 273 -51.01 47.88 8.18
CA GLY F 273 -50.88 47.45 9.54
C GLY F 273 -49.72 46.52 9.82
N LEU F 274 -48.91 46.21 8.82
CA LEU F 274 -47.79 45.29 9.03
C LEU F 274 -46.69 45.89 9.91
N PRO F 275 -46.26 47.15 9.71
CA PRO F 275 -45.25 47.69 10.63
C PRO F 275 -45.67 47.65 12.09
N ALA F 276 -46.95 47.91 12.38
CA ALA F 276 -47.44 47.76 13.74
C ALA F 276 -47.41 46.30 14.18
N LYS F 277 -47.67 45.36 13.25
CA LYS F 277 -47.59 43.95 13.59
C LYS F 277 -46.17 43.53 13.93
N PHE F 278 -45.19 44.00 13.14
CA PHE F 278 -43.79 43.71 13.45
C PHE F 278 -43.42 44.25 14.82
N ARG F 279 -43.72 45.52 15.07
CA ARG F 279 -43.36 46.16 16.33
C ARG F 279 -43.98 45.44 17.52
N SER F 280 -45.24 45.00 17.37
CA SER F 280 -45.92 44.35 18.47
C SER F 280 -45.32 42.99 18.79
N GLU F 281 -44.91 42.24 17.76
CA GLU F 281 -44.46 40.87 17.98
C GLU F 281 -42.99 40.80 18.38
N TRP F 282 -42.14 41.65 17.80
CA TRP F 282 -40.72 41.58 18.11
C TRP F 282 -40.00 42.91 17.91
N GLY F 283 -40.55 43.78 17.05
CA GLY F 283 -39.84 45.00 16.71
C GLY F 283 -39.62 45.93 17.89
N TYR F 284 -40.54 45.90 18.88
CA TYR F 284 -40.43 46.78 20.04
C TYR F 284 -39.11 46.58 20.78
N ILE F 285 -38.51 45.39 20.67
CA ILE F 285 -37.24 45.12 21.33
C ILE F 285 -36.17 46.09 20.83
N TYR F 286 -36.12 46.30 19.51
CA TYR F 286 -35.13 47.20 18.93
C TYR F 286 -35.53 48.66 19.13
N GLU F 287 -36.79 48.99 18.85
CA GLU F 287 -37.22 50.38 18.90
C GLU F 287 -37.02 50.99 20.29
N GLN F 288 -37.17 50.18 21.34
CA GLN F 288 -37.03 50.65 22.71
C GLN F 288 -35.64 50.40 23.29
N ASN F 289 -34.69 50.00 22.44
CA ASN F 289 -33.29 49.87 22.84
C ASN F 289 -33.09 48.83 23.95
N ILE F 290 -33.91 47.77 23.94
CA ILE F 290 -33.78 46.73 24.96
C ILE F 290 -32.64 45.78 24.60
N ALA F 291 -32.66 45.23 23.39
CA ALA F 291 -31.65 44.29 22.93
C ALA F 291 -31.65 44.30 21.41
N PRO F 292 -30.58 43.82 20.78
CA PRO F 292 -30.58 43.77 19.31
C PRO F 292 -31.58 42.76 18.78
N ILE F 293 -32.04 43.01 17.55
CA ILE F 293 -32.93 42.10 16.85
C ILE F 293 -32.21 41.58 15.61
N TYR F 294 -32.18 40.26 15.46
CA TYR F 294 -31.60 39.61 14.29
C TYR F 294 -32.64 38.62 13.79
N ILE F 295 -33.37 38.98 12.75
CA ILE F 295 -34.38 38.07 12.21
C ILE F 295 -33.67 36.96 11.45
N GLY F 296 -33.67 35.76 12.03
CA GLY F 296 -32.91 34.65 11.49
C GLY F 296 -33.51 33.98 10.27
N GLU F 297 -34.78 34.23 9.97
CA GLU F 297 -35.44 33.56 8.87
C GLU F 297 -36.51 34.47 8.27
N PHE F 298 -36.43 34.67 6.96
CA PHE F 298 -37.49 35.28 6.17
C PHE F 298 -37.16 35.05 4.70
N GLY F 299 -38.19 34.80 3.90
CA GLY F 299 -37.98 34.49 2.50
C GLY F 299 -39.30 34.41 1.78
N THR F 300 -39.21 34.42 0.45
CA THR F 300 -40.39 34.40 -0.40
C THR F 300 -39.98 34.06 -1.83
N LYS F 301 -40.90 33.47 -2.57
CA LYS F 301 -40.75 33.27 -4.00
C LYS F 301 -41.21 34.46 -4.82
N LEU F 302 -41.86 35.44 -4.17
CA LEU F 302 -42.35 36.65 -4.84
C LEU F 302 -43.33 36.33 -5.95
N ILE F 303 -44.21 35.35 -5.70
CA ILE F 303 -45.27 34.97 -6.62
C ILE F 303 -46.63 35.46 -6.13
N ASP F 304 -47.01 35.08 -4.92
CA ASP F 304 -48.22 35.60 -4.30
C ASP F 304 -48.08 37.11 -4.12
N PRO F 305 -48.98 37.91 -4.70
CA PRO F 305 -48.85 39.38 -4.58
C PRO F 305 -48.76 39.87 -3.15
N LYS F 306 -49.27 39.11 -2.19
CA LYS F 306 -49.20 39.52 -0.79
C LYS F 306 -47.80 39.35 -0.22
N ASP F 307 -46.94 38.54 -0.86
CA ASP F 307 -45.56 38.41 -0.41
C ASP F 307 -44.80 39.71 -0.62
N ALA F 308 -44.96 40.33 -1.78
CA ALA F 308 -44.21 41.55 -2.09
C ALA F 308 -44.59 42.68 -1.15
N VAL F 309 -45.87 42.77 -0.76
CA VAL F 309 -46.29 43.78 0.21
C VAL F 309 -45.61 43.53 1.55
N TRP F 310 -45.56 42.27 1.99
CA TRP F 310 -44.93 41.95 3.26
C TRP F 310 -43.43 42.24 3.22
N LEU F 311 -42.75 41.84 2.13
CA LEU F 311 -41.31 42.03 2.05
C LEU F 311 -40.95 43.52 2.00
N GLU F 312 -41.72 44.31 1.25
CA GLU F 312 -41.46 45.74 1.19
C GLU F 312 -41.63 46.39 2.56
N ALA F 313 -42.72 46.05 3.26
CA ALA F 313 -42.94 46.59 4.60
C ALA F 313 -41.90 46.07 5.59
N LEU F 314 -41.47 44.82 5.45
CA LEU F 314 -40.49 44.26 6.37
C LEU F 314 -39.11 44.86 6.11
N THR F 315 -38.69 44.95 4.85
CA THR F 315 -37.40 45.52 4.53
C THR F 315 -37.33 46.99 4.94
N SER F 316 -38.45 47.70 4.87
CA SER F 316 -38.48 49.07 5.37
C SER F 316 -38.39 49.10 6.89
N TYR F 317 -39.06 48.16 7.56
CA TYR F 317 -39.04 48.12 9.01
C TYR F 317 -37.66 47.76 9.54
N LEU F 318 -36.96 46.84 8.87
CA LEU F 318 -35.61 46.48 9.30
C LEU F 318 -34.63 47.63 9.09
N SER F 319 -34.90 48.50 8.12
CA SER F 319 -34.01 49.61 7.79
C SER F 319 -34.19 50.82 8.69
N GLY F 320 -35.08 50.75 9.68
CA GLY F 320 -35.32 51.87 10.57
C GLY F 320 -36.57 52.66 10.30
N ASP F 321 -37.21 52.45 9.15
CA ASP F 321 -38.47 53.11 8.82
C ASP F 321 -39.59 52.33 9.49
N PHE F 322 -39.86 52.67 10.75
CA PHE F 322 -40.82 51.92 11.56
C PHE F 322 -42.27 52.13 11.12
N ASP F 323 -42.55 53.15 10.31
CA ASP F 323 -43.91 53.42 9.84
C ASP F 323 -44.07 53.23 8.35
N ASN F 324 -43.00 52.86 7.63
CA ASN F 324 -43.04 52.60 6.19
C ASN F 324 -43.54 53.83 5.42
N ASN F 325 -42.80 54.93 5.60
CA ASN F 325 -43.10 56.18 4.93
C ASN F 325 -41.95 56.72 4.08
N GLY F 326 -40.77 56.11 4.16
CA GLY F 326 -39.60 56.57 3.46
C GLY F 326 -38.57 57.25 4.34
N THR F 327 -38.92 57.59 5.58
CA THR F 327 -38.02 58.27 6.49
C THR F 327 -37.45 57.28 7.49
N ILE F 328 -36.13 57.11 7.46
CA ILE F 328 -35.46 56.25 8.44
C ILE F 328 -35.48 56.95 9.80
N ASP F 329 -35.96 56.25 10.82
CA ASP F 329 -36.11 56.83 12.14
C ASP F 329 -34.89 56.61 13.03
N ILE F 330 -33.90 55.84 12.58
CA ILE F 330 -32.72 55.55 13.38
C ILE F 330 -31.78 56.75 13.35
N PRO F 331 -31.03 56.99 14.42
CA PRO F 331 -30.04 58.09 14.39
C PRO F 331 -28.77 57.68 13.67
N ALA F 332 -28.02 58.69 13.25
CA ALA F 332 -26.75 58.44 12.58
C ALA F 332 -25.76 57.78 13.52
N GLY F 333 -25.01 56.81 12.99
CA GLY F 333 -24.04 56.08 13.77
C GLY F 333 -24.53 54.75 14.32
N THR F 334 -25.84 54.52 14.33
CA THR F 334 -26.40 53.25 14.79
C THR F 334 -26.78 52.40 13.59
N GLU F 335 -26.54 51.10 13.71
CA GLU F 335 -26.84 50.16 12.63
C GLU F 335 -28.30 49.72 12.69
N ASP F 336 -28.83 49.34 11.53
CA ASP F 336 -30.18 48.83 11.45
C ASP F 336 -30.21 47.36 11.90
N MET F 337 -31.40 46.76 11.88
CA MET F 337 -31.57 45.41 12.37
C MET F 337 -30.81 44.40 11.52
N SER F 338 -30.35 43.33 12.17
CA SER F 338 -29.63 42.26 11.50
C SER F 338 -30.61 41.22 10.95
N TRP F 339 -30.14 40.44 9.98
CA TRP F 339 -31.01 39.49 9.32
C TRP F 339 -30.21 38.44 8.55
N THR F 340 -30.81 37.26 8.39
CA THR F 340 -30.34 36.24 7.47
C THR F 340 -31.53 35.73 6.66
N PHE F 341 -31.44 35.85 5.34
CA PHE F 341 -32.51 35.42 4.45
C PHE F 341 -32.59 33.90 4.42
N TRP F 342 -33.81 33.39 4.29
CA TRP F 342 -34.06 31.96 4.06
C TRP F 342 -34.53 31.79 2.62
N SER F 343 -33.68 31.21 1.79
CA SER F 343 -32.35 30.73 2.16
C SER F 343 -31.37 30.93 1.02
N TRP F 344 -30.10 30.64 1.27
CA TRP F 344 -29.15 30.52 0.17
C TRP F 344 -29.55 29.36 -0.74
N ASN F 345 -29.97 28.25 -0.14
CA ASN F 345 -30.35 27.07 -0.89
C ASN F 345 -31.53 27.36 -1.81
N PRO F 346 -31.56 26.78 -3.02
CA PRO F 346 -32.80 26.82 -3.81
C PRO F 346 -33.82 25.79 -3.38
N ASN F 347 -33.40 24.69 -2.75
CA ASN F 347 -34.28 23.59 -2.43
C ASN F 347 -35.08 23.83 -1.16
N SER F 348 -35.72 25.00 -1.06
CA SER F 348 -36.74 25.27 -0.07
C SER F 348 -38.08 25.25 -0.78
N GLY F 349 -38.97 24.34 -0.37
CA GLY F 349 -40.18 24.10 -1.15
C GLY F 349 -41.09 25.30 -1.20
N ASP F 350 -41.25 26.00 -0.09
CA ASP F 350 -42.23 27.08 -0.01
C ASP F 350 -41.65 28.44 -0.37
N THR F 351 -40.36 28.66 -0.13
CA THR F 351 -39.77 29.99 -0.31
C THR F 351 -38.74 30.07 -1.43
N GLY F 352 -38.23 28.94 -1.91
CA GLY F 352 -37.09 29.05 -2.81
C GLY F 352 -35.92 29.65 -2.06
N GLY F 353 -34.99 30.24 -2.82
CA GLY F 353 -33.82 30.83 -2.20
C GLY F 353 -33.17 31.93 -3.00
N ILE F 354 -31.93 32.26 -2.59
CA ILE F 354 -31.16 33.26 -3.34
C ILE F 354 -30.69 32.67 -4.66
N LEU F 355 -30.20 31.43 -4.64
CA LEU F 355 -29.77 30.77 -5.86
C LEU F 355 -30.97 30.13 -6.56
N ALA F 356 -30.89 30.08 -7.89
CA ALA F 356 -31.91 29.39 -8.66
C ALA F 356 -31.75 27.88 -8.51
N ASP F 357 -32.65 27.13 -9.13
CA ASP F 357 -32.61 25.67 -9.04
C ASP F 357 -31.31 25.09 -9.58
N ASP F 358 -30.59 25.84 -10.41
CA ASP F 358 -29.32 25.37 -10.95
C ASP F 358 -28.16 25.51 -9.97
N TRP F 359 -28.42 25.99 -8.75
CA TRP F 359 -27.41 26.18 -7.72
C TRP F 359 -26.31 27.15 -8.15
N ARG F 360 -26.58 28.01 -9.12
CA ARG F 360 -25.55 28.90 -9.64
C ARG F 360 -26.06 30.32 -9.88
N THR F 361 -27.25 30.43 -10.47
CA THR F 361 -27.79 31.72 -10.86
C THR F 361 -28.51 32.39 -9.70
N ILE F 362 -28.27 33.69 -9.53
CA ILE F 362 -28.84 34.47 -8.44
C ILE F 362 -30.22 34.98 -8.85
N ASN F 363 -31.17 34.89 -7.94
CA ASN F 363 -32.52 35.42 -8.15
C ASN F 363 -32.47 36.93 -7.92
N GLN F 364 -32.26 37.68 -9.00
CA GLN F 364 -32.16 39.13 -8.88
C GLN F 364 -33.45 39.75 -8.38
N ASN F 365 -34.60 39.11 -8.66
CA ASN F 365 -35.87 39.66 -8.22
C ASN F 365 -35.96 39.76 -6.70
N LYS F 366 -35.19 38.92 -5.99
CA LYS F 366 -35.13 39.02 -4.54
C LYS F 366 -34.01 39.93 -4.06
N MET F 367 -32.92 40.04 -4.82
CA MET F 367 -31.78 40.85 -4.38
C MET F 367 -32.11 42.34 -4.36
N VAL F 368 -33.02 42.80 -5.21
CA VAL F 368 -33.39 44.20 -5.21
C VAL F 368 -33.99 44.60 -3.86
N TYR F 369 -34.63 43.65 -3.16
CA TYR F 369 -35.15 43.92 -1.83
C TYR F 369 -34.06 43.88 -0.77
N LEU F 370 -33.03 43.04 -0.96
CA LEU F 370 -32.05 42.77 0.08
C LEU F 370 -30.86 43.72 0.04
N LYS F 371 -30.41 44.10 -1.16
CA LYS F 371 -29.24 44.96 -1.28
C LYS F 371 -29.33 46.27 -0.50
N PRO F 372 -30.46 46.99 -0.46
CA PRO F 372 -30.49 48.25 0.28
C PRO F 372 -30.34 48.10 1.79
N ILE F 373 -30.48 46.90 2.36
CA ILE F 373 -30.40 46.72 3.80
C ILE F 373 -29.23 45.82 4.19
N GLN F 374 -28.30 45.58 3.29
CA GLN F 374 -27.09 44.85 3.65
C GLN F 374 -26.14 45.77 4.40
N TYR F 375 -25.21 45.16 5.14
CA TYR F 375 -24.23 45.92 5.92
C TYR F 375 -23.10 46.40 5.03
N GLY G 15 1.74 -17.54 39.38
CA GLY G 15 2.78 -17.21 40.34
C GLY G 15 2.80 -18.13 41.54
N ILE G 16 3.85 -18.94 41.65
CA ILE G 16 3.97 -19.96 42.68
C ILE G 16 5.24 -19.70 43.48
N ALA G 17 5.18 -19.97 44.79
CA ALA G 17 6.30 -19.72 45.67
C ALA G 17 7.51 -20.55 45.25
N PRO G 18 8.72 -20.05 45.48
CA PRO G 18 9.92 -20.76 45.00
C PRO G 18 10.06 -22.14 45.63
N GLY G 19 10.65 -23.05 44.88
CA GLY G 19 10.84 -24.42 45.30
C GLY G 19 9.99 -25.38 44.50
N PHE G 20 10.20 -26.66 44.77
CA PHE G 20 9.47 -27.71 44.09
C PHE G 20 8.07 -27.85 44.67
N LEU G 21 7.25 -28.65 43.99
CA LEU G 21 5.87 -28.89 44.39
C LEU G 21 5.70 -30.31 44.92
N ARG G 22 4.51 -30.57 45.45
CA ARG G 22 4.12 -31.89 45.92
C ARG G 22 2.63 -32.06 45.66
N THR G 23 2.14 -33.26 45.94
CA THR G 23 0.72 -33.55 45.84
C THR G 23 0.16 -33.91 47.21
N SER G 24 -1.15 -33.70 47.38
CA SER G 24 -1.83 -34.04 48.62
C SER G 24 -3.32 -34.11 48.29
N GLY G 25 -3.83 -35.33 48.12
CA GLY G 25 -5.16 -35.48 47.57
C GLY G 25 -5.18 -35.07 46.11
N ASN G 26 -6.25 -34.41 45.70
CA ASN G 26 -6.36 -33.91 44.33
C ASN G 26 -5.67 -32.56 44.14
N GLN G 27 -4.88 -32.11 45.11
CA GLN G 27 -4.27 -30.79 45.09
C GLN G 27 -2.78 -30.88 44.82
N ILE G 28 -2.27 -29.87 44.11
CA ILE G 28 -0.84 -29.64 43.98
C ILE G 28 -0.48 -28.50 44.93
N LEU G 29 0.50 -28.72 45.78
CA LEU G 29 0.92 -27.74 46.78
C LEU G 29 2.31 -27.23 46.47
N ASP G 30 2.59 -26.00 46.90
CA ASP G 30 3.92 -25.44 46.78
C ASP G 30 4.78 -25.89 47.95
N SER G 31 6.02 -25.38 48.00
CA SER G 31 6.94 -25.77 49.06
C SER G 31 6.51 -25.23 50.43
N GLN G 32 5.62 -24.25 50.46
CA GLN G 32 5.08 -23.75 51.72
C GLN G 32 3.79 -24.44 52.13
N GLY G 33 3.24 -25.32 51.28
CA GLY G 33 2.03 -26.04 51.60
C GLY G 33 0.75 -25.43 51.05
N LYS G 34 0.83 -24.27 50.41
CA LYS G 34 -0.37 -23.65 49.86
C LYS G 34 -0.78 -24.33 48.56
N PRO G 35 -2.08 -24.61 48.38
CA PRO G 35 -2.53 -25.20 47.11
C PRO G 35 -2.33 -24.24 45.95
N VAL G 36 -1.86 -24.77 44.83
CA VAL G 36 -1.58 -23.99 43.63
C VAL G 36 -2.19 -24.70 42.43
N GLN G 37 -2.06 -24.07 41.27
CA GLN G 37 -2.66 -24.58 40.04
C GLN G 37 -1.76 -24.28 38.86
N LEU G 38 -1.68 -25.22 37.93
CA LEU G 38 -0.88 -25.07 36.72
C LEU G 38 -1.81 -24.77 35.55
N THR G 39 -1.66 -23.59 34.95
CA THR G 39 -2.50 -23.14 33.85
C THR G 39 -1.59 -22.52 32.81
N GLY G 40 -1.24 -23.27 31.78
CA GLY G 40 -0.26 -22.83 30.81
C GLY G 40 -0.54 -23.35 29.41
N VAL G 41 0.53 -23.48 28.62
CA VAL G 41 0.42 -23.79 27.20
C VAL G 41 1.51 -24.78 26.80
N ASN G 42 1.24 -25.54 25.76
CA ASN G 42 2.26 -26.36 25.11
C ASN G 42 3.05 -25.50 24.12
N TRP G 43 4.37 -25.68 24.12
CA TRP G 43 5.26 -25.01 23.19
C TRP G 43 6.13 -26.08 22.54
N PHE G 44 5.63 -26.70 21.48
CA PHE G 44 6.32 -27.82 20.88
C PHE G 44 7.32 -27.36 19.82
N GLY G 45 8.14 -28.30 19.36
CA GLY G 45 9.18 -28.01 18.40
C GLY G 45 10.50 -28.70 18.73
N ALA G 46 10.79 -28.86 20.02
CA ALA G 46 12.03 -29.53 20.43
C ALA G 46 12.00 -31.03 20.18
N GLN G 47 10.84 -31.59 19.87
CA GLN G 47 10.74 -32.99 19.46
C GLN G 47 11.00 -33.19 17.97
N SER G 48 11.20 -32.10 17.23
CA SER G 48 11.36 -32.14 15.79
C SER G 48 12.84 -32.20 15.40
N SER G 49 13.09 -32.27 14.09
CA SER G 49 14.46 -32.27 13.59
C SER G 49 15.19 -30.98 13.93
N ASN G 50 14.47 -29.90 14.24
CA ASN G 50 15.12 -28.64 14.57
C ASN G 50 15.74 -28.66 15.96
N GLY G 51 15.20 -29.48 16.86
CA GLY G 51 15.77 -29.61 18.19
C GLY G 51 15.58 -28.40 19.09
N VAL G 52 14.62 -27.53 18.76
CA VAL G 52 14.35 -26.31 19.52
C VAL G 52 12.85 -26.03 19.40
N PRO G 53 12.20 -25.50 20.44
CA PRO G 53 10.79 -25.12 20.29
C PRO G 53 10.58 -24.16 19.13
N ASP G 54 9.38 -24.23 18.56
CA ASP G 54 9.08 -23.59 17.28
C ASP G 54 8.93 -22.09 17.42
N GLY G 55 9.02 -21.40 16.28
CA GLY G 55 8.73 -19.99 16.20
C GLY G 55 9.92 -19.06 16.34
N LEU G 56 11.08 -19.58 16.72
CA LEU G 56 12.26 -18.74 16.85
C LEU G 56 12.86 -18.36 15.51
N TRP G 57 12.28 -18.83 14.39
CA TRP G 57 12.65 -18.31 13.09
C TRP G 57 12.08 -16.92 12.84
N THR G 58 11.20 -16.44 13.71
CA THR G 58 10.60 -15.11 13.57
C THR G 58 10.39 -14.38 14.89
N ARG G 59 10.23 -15.06 16.01
CA ARG G 59 10.05 -14.42 17.31
C ARG G 59 11.29 -14.60 18.17
N ASN G 60 11.45 -13.69 19.13
CA ASN G 60 12.48 -13.80 20.14
C ASN G 60 11.92 -14.60 21.32
N TYR G 61 12.74 -15.51 21.87
CA TYR G 61 12.22 -16.45 22.84
C TYR G 61 11.82 -15.79 24.15
N LYS G 62 12.51 -14.71 24.54
CA LYS G 62 12.07 -13.96 25.72
C LYS G 62 10.76 -13.24 25.45
N ASP G 63 10.60 -12.70 24.23
CA ASP G 63 9.37 -12.01 23.87
C ASP G 63 8.17 -12.95 24.00
N MET G 64 8.31 -14.19 23.55
CA MET G 64 7.19 -15.13 23.58
C MET G 64 6.86 -15.53 25.01
N ILE G 65 7.88 -15.79 25.83
CA ILE G 65 7.63 -16.17 27.22
C ILE G 65 6.99 -15.00 27.97
N ASP G 66 7.44 -13.78 27.69
CA ASP G 66 6.78 -12.61 28.26
C ASP G 66 5.32 -12.52 27.82
N GLN G 67 5.07 -12.78 26.54
CA GLN G 67 3.69 -12.78 26.04
C GLN G 67 2.87 -13.88 26.70
N MET G 68 3.49 -15.02 27.00
CA MET G 68 2.80 -16.09 27.70
C MET G 68 2.34 -15.64 29.08
N ALA G 69 3.28 -15.09 29.87
CA ALA G 69 2.94 -14.62 31.21
C ALA G 69 1.92 -13.48 31.14
N GLY G 70 2.04 -12.62 30.12
CA GLY G 70 1.09 -11.54 29.97
C GLY G 70 -0.33 -12.02 29.71
N GLN G 71 -0.47 -13.15 29.03
CA GLN G 71 -1.77 -13.73 28.75
C GLN G 71 -2.33 -14.53 29.92
N GLY G 72 -1.63 -14.59 31.04
CA GLY G 72 -2.12 -15.24 32.24
C GLY G 72 -1.68 -16.67 32.45
N PHE G 73 -0.78 -17.18 31.62
CA PHE G 73 -0.29 -18.55 31.76
C PHE G 73 0.92 -18.59 32.69
N ASN G 74 1.09 -19.71 33.38
CA ASN G 74 2.17 -19.87 34.34
C ASN G 74 2.94 -21.18 34.16
N THR G 75 2.66 -21.94 33.12
CA THR G 75 3.29 -23.24 32.91
C THR G 75 3.56 -23.44 31.43
N ILE G 76 4.71 -24.02 31.11
CA ILE G 76 5.06 -24.39 29.74
C ILE G 76 5.35 -25.88 29.72
N ARG G 77 4.50 -26.64 29.03
CA ARG G 77 4.81 -28.02 28.72
C ARG G 77 5.69 -28.04 27.47
N ILE G 78 6.87 -28.64 27.58
CA ILE G 78 7.82 -28.65 26.47
C ILE G 78 7.97 -30.08 25.97
N PRO G 79 7.34 -30.44 24.85
CA PRO G 79 7.60 -31.75 24.25
C PRO G 79 9.04 -31.84 23.75
N TYR G 80 9.65 -32.99 23.95
CA TYR G 80 10.97 -33.27 23.42
C TYR G 80 11.00 -34.70 22.90
N ALA G 81 11.98 -34.97 22.05
CA ALA G 81 12.22 -36.32 21.55
C ALA G 81 13.47 -36.89 22.22
N SER G 82 13.53 -38.22 22.29
CA SER G 82 14.71 -38.88 22.83
C SER G 82 15.97 -38.46 22.08
N ALA G 83 15.86 -38.23 20.77
CA ALA G 83 17.01 -37.85 19.96
C ALA G 83 17.58 -36.49 20.34
N LEU G 84 16.79 -35.64 21.01
CA LEU G 84 17.28 -34.33 21.42
C LEU G 84 18.48 -34.44 22.34
N LEU G 85 18.48 -35.46 23.20
CA LEU G 85 19.52 -35.60 24.22
C LEU G 85 20.81 -36.19 23.68
N HIS G 86 20.86 -36.57 22.41
CA HIS G 86 21.98 -37.31 21.87
C HIS G 86 22.54 -36.78 20.55
N THR G 87 21.78 -35.99 19.81
CA THR G 87 22.24 -35.54 18.50
C THR G 87 23.33 -34.48 18.65
N ASN G 88 24.30 -34.52 17.73
CA ASN G 88 25.37 -33.54 17.70
C ASN G 88 25.09 -32.37 16.77
N ALA G 89 24.05 -32.47 15.95
CA ALA G 89 23.73 -31.40 15.01
C ALA G 89 23.36 -30.12 15.75
N ALA G 90 23.78 -28.99 15.20
CA ALA G 90 23.37 -27.71 15.73
C ALA G 90 21.85 -27.57 15.61
N PRO G 91 21.22 -26.84 16.53
CA PRO G 91 19.80 -26.50 16.32
C PRO G 91 19.64 -25.72 15.03
N SER G 92 18.49 -25.89 14.38
CA SER G 92 18.22 -25.25 13.10
C SER G 92 16.95 -24.43 13.18
N GLY G 93 16.91 -23.36 12.38
CA GLY G 93 15.74 -22.53 12.23
C GLY G 93 15.77 -21.23 13.01
N ILE G 94 16.54 -21.17 14.11
CA ILE G 94 16.55 -19.97 14.94
C ILE G 94 17.05 -18.77 14.15
N ASN G 95 16.35 -17.65 14.28
CA ASN G 95 16.80 -16.38 13.72
C ASN G 95 17.72 -15.73 14.77
N TYR G 96 19.03 -15.83 14.54
CA TYR G 96 19.98 -15.36 15.55
C TYR G 96 20.07 -13.84 15.61
N ASN G 97 19.55 -13.13 14.62
CA ASN G 97 19.41 -11.68 14.75
C ASN G 97 18.35 -11.33 15.79
N ALA G 98 17.27 -12.11 15.84
CA ALA G 98 16.24 -11.92 16.84
C ALA G 98 16.54 -12.65 18.15
N ASN G 99 17.41 -13.66 18.12
CA ASN G 99 17.78 -14.42 19.31
C ASN G 99 19.30 -14.47 19.45
N PRO G 100 19.95 -13.32 19.67
CA PRO G 100 21.42 -13.33 19.73
C PRO G 100 21.99 -14.13 20.88
N ASP G 101 21.28 -14.21 22.01
CA ASP G 101 21.77 -14.96 23.16
C ASP G 101 21.77 -16.46 22.93
N LEU G 102 21.11 -16.95 21.88
CA LEU G 102 21.11 -18.37 21.57
C LEU G 102 22.19 -18.76 20.57
N GLN G 103 22.91 -17.80 20.01
CA GLN G 103 23.93 -18.09 19.02
C GLN G 103 25.02 -18.97 19.62
N GLY G 104 25.50 -19.92 18.82
CA GLY G 104 26.57 -20.82 19.23
C GLY G 104 26.18 -21.88 20.24
N LEU G 105 24.91 -21.97 20.60
CA LEU G 105 24.47 -22.89 21.63
C LEU G 105 23.97 -24.20 21.03
N THR G 106 24.20 -25.30 21.75
CA THR G 106 23.67 -26.59 21.37
C THR G 106 22.16 -26.64 21.64
N ARG G 107 21.53 -27.71 21.16
CA ARG G 107 20.09 -27.87 21.35
C ARG G 107 19.73 -27.92 22.83
N MET G 108 20.49 -28.68 23.62
CA MET G 108 20.20 -28.77 25.05
C MET G 108 20.47 -27.45 25.75
N GLN G 109 21.52 -26.74 25.33
CA GLN G 109 21.82 -25.45 25.94
C GLN G 109 20.75 -24.41 25.63
N VAL G 110 20.11 -24.50 24.46
CA VAL G 110 18.98 -23.63 24.16
C VAL G 110 17.81 -23.96 25.05
N LEU G 111 17.58 -25.26 25.31
CA LEU G 111 16.54 -25.66 26.25
C LEU G 111 16.81 -25.09 27.64
N ASP G 112 18.08 -25.13 28.09
CA ASP G 112 18.45 -24.55 29.36
C ASP G 112 18.15 -23.06 29.39
N LYS G 113 18.49 -22.34 28.32
CA LYS G 113 18.23 -20.91 28.25
C LYS G 113 16.74 -20.61 28.32
N ILE G 114 15.92 -21.42 27.63
CA ILE G 114 14.48 -21.20 27.65
C ILE G 114 13.93 -21.44 29.05
N ILE G 115 14.39 -22.51 29.71
CA ILE G 115 13.92 -22.82 31.05
C ILE G 115 14.37 -21.74 32.03
N ASP G 116 15.58 -21.23 31.86
CA ASP G 116 16.08 -20.18 32.75
C ASP G 116 15.23 -18.92 32.64
N TYR G 117 14.92 -18.49 31.42
CA TYR G 117 14.11 -17.28 31.28
C TYR G 117 12.66 -17.53 31.67
N ALA G 118 12.17 -18.77 31.52
CA ALA G 118 10.83 -19.08 31.98
C ALA G 118 10.71 -18.92 33.50
N GLY G 119 11.76 -19.31 34.23
CA GLY G 119 11.75 -19.13 35.67
C GLY G 119 11.82 -17.67 36.06
N GLN G 120 12.65 -16.89 35.37
CA GLN G 120 12.71 -15.45 35.62
C GLN G 120 11.37 -14.78 35.37
N ALA G 121 10.61 -15.27 34.40
CA ALA G 121 9.29 -14.70 34.06
C ALA G 121 8.18 -15.21 34.96
N GLY G 122 8.51 -15.99 36.00
CA GLY G 122 7.49 -16.48 36.91
C GLY G 122 6.71 -17.67 36.39
N MET G 123 7.28 -18.45 35.49
CA MET G 123 6.63 -19.61 34.92
C MET G 123 7.37 -20.88 35.32
N ARG G 124 6.66 -22.00 35.28
CA ARG G 124 7.21 -23.31 35.57
C ARG G 124 7.16 -24.17 34.31
N VAL G 125 8.00 -25.20 34.27
CA VAL G 125 8.22 -25.99 33.06
C VAL G 125 7.94 -27.44 33.35
N ILE G 126 7.21 -28.09 32.43
CA ILE G 126 6.95 -29.52 32.47
C ILE G 126 7.60 -30.13 31.23
N LEU G 127 8.51 -31.07 31.44
CA LEU G 127 9.17 -31.76 30.33
C LEU G 127 8.33 -32.96 29.90
N ASP G 128 8.12 -33.09 28.59
CA ASP G 128 7.25 -34.12 28.04
C ASP G 128 8.04 -34.93 27.00
N HIS G 129 8.23 -36.22 27.27
CA HIS G 129 8.82 -37.12 26.30
C HIS G 129 7.76 -37.44 25.26
N HIS G 130 7.81 -36.73 24.14
CA HIS G 130 6.75 -36.82 23.14
C HIS G 130 6.94 -38.00 22.19
N ARG G 131 8.16 -38.34 21.87
CA ARG G 131 8.45 -39.40 20.90
C ARG G 131 9.93 -39.76 21.01
N SER G 132 10.33 -40.78 20.26
CA SER G 132 11.72 -41.26 20.28
C SER G 132 12.55 -40.58 19.20
N THR G 133 12.22 -40.84 17.94
CA THR G 133 12.91 -40.18 16.84
C THR G 133 12.41 -38.75 16.69
N GLU G 134 13.19 -37.95 15.97
CA GLU G 134 12.76 -36.60 15.63
C GLU G 134 11.54 -36.66 14.72
N GLY G 135 10.51 -35.88 15.06
CA GLY G 135 9.29 -35.93 14.29
C GLY G 135 8.33 -34.85 14.72
N ALA G 136 7.12 -34.91 14.16
CA ALA G 136 6.14 -33.85 14.35
C ALA G 136 5.25 -34.08 15.57
N GLY G 137 4.63 -35.26 15.68
CA GLY G 137 3.60 -35.48 16.68
C GLY G 137 3.84 -36.74 17.48
N THR G 138 2.74 -37.41 17.83
CA THR G 138 2.79 -38.61 18.65
C THR G 138 3.56 -39.71 17.94
N SER G 139 4.27 -40.53 18.73
CA SER G 139 5.04 -41.63 18.19
C SER G 139 4.16 -42.53 17.32
N GLU G 140 4.71 -42.96 16.19
CA GLU G 140 3.92 -43.68 15.19
C GLU G 140 3.48 -45.05 15.67
N ASN G 141 4.20 -45.66 16.61
CA ASN G 141 3.85 -46.99 17.10
C ASN G 141 3.04 -46.94 18.40
N GLY G 142 2.73 -45.75 18.90
CA GLY G 142 1.95 -45.62 20.12
C GLY G 142 2.65 -46.06 21.38
N LEU G 143 3.97 -46.22 21.34
CA LEU G 143 4.74 -46.68 22.49
C LEU G 143 5.82 -45.66 22.83
N TRP G 144 6.40 -45.82 24.02
CA TRP G 144 7.51 -45.01 24.48
C TRP G 144 8.86 -45.58 24.07
N TYR G 145 8.87 -46.52 23.14
CA TYR G 145 10.09 -47.18 22.69
C TYR G 145 9.83 -47.79 21.32
N ASP G 146 10.92 -48.10 20.62
CA ASP G 146 10.84 -48.84 19.37
C ASP G 146 12.04 -49.78 19.31
N SER G 147 12.33 -50.30 18.12
CA SER G 147 13.40 -51.28 17.98
C SER G 147 14.79 -50.69 18.23
N GLN G 148 14.94 -49.38 18.12
CA GLN G 148 16.24 -48.73 18.32
C GLN G 148 16.31 -47.89 19.58
N TYR G 149 15.20 -47.28 19.99
CA TYR G 149 15.13 -46.52 21.25
C TYR G 149 14.45 -47.43 22.28
N THR G 150 15.24 -48.00 23.17
CA THR G 150 14.73 -48.98 24.12
C THR G 150 14.13 -48.29 25.35
N GLU G 151 13.32 -49.05 26.09
CA GLU G 151 12.80 -48.53 27.36
C GLU G 151 13.93 -48.28 28.34
N ASP G 152 14.98 -49.10 28.31
CA ASP G 152 16.14 -48.85 29.15
C ASP G 152 16.76 -47.50 28.85
N ALA G 153 16.93 -47.18 27.56
CA ALA G 153 17.45 -45.87 27.17
C ALA G 153 16.49 -44.75 27.58
N TRP G 154 15.20 -45.00 27.47
CA TRP G 154 14.19 -44.03 27.87
C TRP G 154 14.30 -43.72 29.36
N VAL G 155 14.50 -44.74 30.18
CA VAL G 155 14.68 -44.53 31.62
C VAL G 155 16.00 -43.81 31.89
N SER G 156 17.06 -44.19 31.19
CA SER G 156 18.36 -43.55 31.41
C SER G 156 18.32 -42.08 31.03
N ASP G 157 17.56 -41.73 30.00
CA ASP G 157 17.40 -40.32 29.63
C ASP G 157 16.67 -39.55 30.72
N TRP G 158 15.60 -40.13 31.27
CA TRP G 158 14.88 -39.48 32.36
C TRP G 158 15.77 -39.27 33.58
N GLN G 159 16.66 -40.24 33.84
CA GLN G 159 17.62 -40.06 34.93
C GLN G 159 18.59 -38.92 34.63
N THR G 160 19.05 -38.82 33.38
CA THR G 160 19.94 -37.73 32.99
C THR G 160 19.25 -36.38 33.15
N LEU G 161 17.99 -36.29 32.72
CA LEU G 161 17.26 -35.03 32.85
C LEU G 161 17.00 -34.70 34.31
N ALA G 162 16.77 -35.70 35.15
CA ALA G 162 16.60 -35.45 36.58
C ALA G 162 17.87 -34.86 37.17
N THR G 163 19.04 -35.35 36.75
CA THR G 163 20.30 -34.80 37.23
C THR G 163 20.51 -33.38 36.69
N ARG G 164 20.24 -33.17 35.40
CA ARG G 164 20.49 -31.86 34.79
C ARG G 164 19.75 -30.75 35.52
N TYR G 165 18.53 -31.01 35.98
CA TYR G 165 17.66 -30.00 36.56
C TYR G 165 17.37 -30.24 38.03
N LYS G 166 18.19 -31.07 38.70
CA LYS G 166 17.95 -31.39 40.10
C LYS G 166 17.91 -30.15 40.98
N ASN G 167 18.70 -29.13 40.65
CA ASN G 167 18.76 -27.90 41.43
C ASN G 167 17.99 -26.76 40.77
N ASN G 168 17.13 -27.05 39.80
CA ASN G 168 16.33 -26.04 39.11
C ASN G 168 14.86 -26.29 39.41
N PRO G 169 14.30 -25.64 40.43
CA PRO G 169 12.88 -25.85 40.75
C PRO G 169 11.91 -25.33 39.70
N THR G 170 12.40 -24.61 38.67
CA THR G 170 11.52 -24.22 37.58
C THR G 170 11.00 -25.44 36.82
N VAL G 171 11.81 -26.50 36.74
CA VAL G 171 11.38 -27.77 36.16
C VAL G 171 10.62 -28.52 37.25
N ILE G 172 9.29 -28.46 37.20
CA ILE G 172 8.48 -28.98 38.29
C ILE G 172 8.04 -30.43 38.10
N GLY G 173 7.97 -30.91 36.86
CA GLY G 173 7.39 -32.22 36.61
C GLY G 173 7.92 -32.87 35.35
N PHE G 174 7.88 -34.20 35.33
CA PHE G 174 8.29 -35.02 34.20
C PHE G 174 7.05 -35.73 33.65
N ASP G 175 6.59 -35.28 32.49
CA ASP G 175 5.53 -36.00 31.77
C ASP G 175 6.20 -37.18 31.07
N LEU G 176 6.02 -38.38 31.65
CA LEU G 176 6.90 -39.50 31.33
C LEU G 176 6.83 -39.90 29.86
N HIS G 177 5.63 -39.93 29.29
CA HIS G 177 5.52 -40.15 27.85
C HIS G 177 4.19 -39.66 27.35
N ASN G 178 4.20 -39.14 26.12
CA ASN G 178 3.02 -38.57 25.50
C ASN G 178 2.20 -39.66 24.81
N GLU G 179 0.94 -39.78 25.23
CA GLU G 179 -0.09 -40.61 24.61
C GLU G 179 0.39 -42.02 24.30
N PRO G 180 0.61 -42.85 25.32
CA PRO G 180 0.99 -44.26 25.08
C PRO G 180 -0.21 -45.13 24.74
N TYR G 181 -0.86 -44.82 23.62
CA TYR G 181 -2.17 -45.39 23.33
C TYR G 181 -2.10 -46.85 22.91
N ASN G 182 -0.97 -47.32 22.40
CA ASN G 182 -0.79 -48.73 22.11
C ASN G 182 -0.27 -49.50 23.32
N GLY G 183 -0.20 -48.85 24.48
CA GLY G 183 0.11 -49.52 25.73
C GLY G 183 -1.15 -49.87 26.50
N THR G 184 -1.03 -50.87 27.37
CA THR G 184 -2.12 -51.30 28.21
C THR G 184 -1.87 -50.85 29.65
N TRP G 185 -2.96 -50.64 30.39
CA TRP G 185 -2.85 -50.27 31.80
C TRP G 185 -2.85 -51.56 32.62
N GLY G 186 -1.66 -52.07 32.90
CA GLY G 186 -1.50 -53.33 33.60
C GLY G 186 -1.18 -54.47 32.65
N GLY G 187 -0.83 -55.61 33.24
CA GLY G 187 -0.44 -56.81 32.51
C GLY G 187 0.99 -57.25 32.79
N GLY G 188 1.87 -56.30 33.08
CA GLY G 188 3.24 -56.62 33.49
C GLY G 188 4.23 -56.81 32.37
N GLY G 189 3.83 -56.61 31.11
CA GLY G 189 4.68 -56.88 29.98
C GLY G 189 5.39 -55.64 29.45
N ALA G 190 5.93 -55.78 28.24
CA ALA G 190 6.68 -54.70 27.62
C ALA G 190 5.78 -53.49 27.33
N ASN G 191 4.52 -53.72 26.98
CA ASN G 191 3.60 -52.64 26.64
C ASN G 191 2.71 -52.23 27.81
N ASP G 192 3.03 -52.66 29.02
CA ASP G 192 2.31 -52.22 30.22
C ASP G 192 2.79 -50.82 30.57
N TRP G 193 1.94 -49.82 30.32
CA TRP G 193 2.32 -48.44 30.59
C TRP G 193 2.39 -48.14 32.08
N ALA G 194 1.51 -48.76 32.88
CA ALA G 194 1.55 -48.54 34.31
C ALA G 194 2.86 -49.02 34.91
N ARG G 195 3.38 -50.14 34.40
CA ARG G 195 4.67 -50.64 34.88
C ARG G 195 5.82 -49.73 34.46
N ALA G 196 5.83 -49.31 33.19
CA ALA G 196 6.91 -48.47 32.70
C ALA G 196 6.88 -47.10 33.36
N ALA G 197 5.69 -46.55 33.61
CA ALA G 197 5.59 -45.27 34.30
C ALA G 197 6.17 -45.36 35.70
N GLU G 198 5.93 -46.47 36.40
CA GLU G 198 6.50 -46.63 37.73
C GLU G 198 8.01 -46.81 37.68
N ARG G 199 8.51 -47.48 36.63
CA ARG G 199 9.95 -47.63 36.49
C ARG G 199 10.64 -46.28 36.31
N ALA G 200 10.17 -45.49 35.34
CA ALA G 200 10.77 -44.18 35.10
C ALA G 200 10.54 -43.23 36.27
N GLY G 201 9.34 -43.28 36.87
CA GLY G 201 9.05 -42.39 37.97
C GLY G 201 9.95 -42.63 39.17
N ASN G 202 10.11 -43.90 39.55
CA ASN G 202 10.98 -44.21 40.69
C ASN G 202 12.44 -43.86 40.39
N ALA G 203 12.89 -44.13 39.16
CA ALA G 203 14.26 -43.79 38.79
C ALA G 203 14.48 -42.28 38.81
N ALA G 204 13.49 -41.51 38.37
CA ALA G 204 13.63 -40.06 38.40
C ALA G 204 13.58 -39.53 39.82
N LEU G 205 12.72 -40.10 40.66
CA LEU G 205 12.58 -39.62 42.03
C LEU G 205 13.77 -40.03 42.90
N ALA G 206 14.44 -41.14 42.57
CA ALA G 206 15.62 -41.53 43.31
C ALA G 206 16.77 -40.55 43.12
N ILE G 207 16.72 -39.73 42.08
CA ILE G 207 17.70 -38.68 41.84
C ILE G 207 17.20 -37.35 42.38
N ASN G 208 15.95 -37.00 42.10
CA ASN G 208 15.33 -35.77 42.58
C ASN G 208 13.97 -36.15 43.16
N PRO G 209 13.90 -36.37 44.48
CA PRO G 209 12.63 -36.82 45.09
C PRO G 209 11.57 -35.73 45.17
N ASN G 210 11.84 -34.52 44.68
CA ASN G 210 10.90 -33.41 44.76
C ASN G 210 10.20 -33.14 43.43
N LEU G 211 10.43 -33.98 42.43
CA LEU G 211 9.76 -33.83 41.15
C LEU G 211 8.32 -34.32 41.22
N LEU G 212 7.45 -33.66 40.44
CA LEU G 212 6.15 -34.22 40.17
C LEU G 212 6.26 -35.23 39.04
N ILE G 213 5.62 -36.38 39.19
CA ILE G 213 5.65 -37.44 38.20
C ILE G 213 4.30 -37.45 37.51
N ILE G 214 4.29 -36.99 36.26
CA ILE G 214 3.06 -36.80 35.49
C ILE G 214 2.85 -38.01 34.61
N VAL G 215 1.77 -38.74 34.85
CA VAL G 215 1.48 -40.01 34.18
C VAL G 215 0.20 -39.83 33.37
N GLU G 216 0.31 -40.03 32.07
CA GLU G 216 -0.86 -39.97 31.19
C GLU G 216 -1.57 -41.31 31.16
N GLY G 217 -2.81 -41.28 30.69
CA GLY G 217 -3.56 -42.50 30.46
C GLY G 217 -3.11 -43.19 29.19
N VAL G 218 -3.84 -44.24 28.84
CA VAL G 218 -3.58 -44.96 27.60
C VAL G 218 -4.68 -44.63 26.60
N GLY G 219 -5.03 -45.59 25.75
CA GLY G 219 -6.04 -45.37 24.74
C GLY G 219 -7.30 -46.21 24.93
N SER G 220 -7.12 -47.45 25.38
CA SER G 220 -8.24 -48.35 25.60
C SER G 220 -8.02 -49.11 26.90
N TYR G 221 -9.08 -49.24 27.69
CA TYR G 221 -9.04 -50.00 28.93
C TYR G 221 -10.31 -50.84 29.04
N LYS G 222 -10.14 -52.16 29.07
CA LYS G 222 -11.25 -53.10 29.26
C LYS G 222 -12.34 -52.90 28.22
N GLY G 223 -11.94 -52.71 26.97
CA GLY G 223 -12.87 -52.55 25.87
C GLY G 223 -13.32 -51.12 25.62
N ASP G 224 -13.15 -50.23 26.59
CA ASP G 224 -13.57 -48.84 26.46
C ASP G 224 -12.44 -48.02 25.86
N ASN G 225 -12.71 -47.34 24.75
CA ASN G 225 -11.74 -46.52 24.06
C ASN G 225 -12.03 -45.04 24.30
N TYR G 226 -10.98 -44.23 24.32
CA TYR G 226 -11.11 -42.80 24.54
C TYR G 226 -9.99 -42.08 23.80
N TRP G 227 -9.90 -40.77 24.01
CA TRP G 227 -8.79 -39.99 23.48
C TRP G 227 -7.46 -40.58 23.92
N TRP G 228 -6.48 -40.55 23.02
CA TRP G 228 -5.15 -41.05 23.34
C TRP G 228 -4.59 -40.29 24.53
N GLY G 229 -4.21 -41.03 25.58
CA GLY G 229 -3.72 -40.45 26.80
C GLY G 229 -4.77 -40.03 27.79
N GLY G 230 -6.04 -39.98 27.38
CA GLY G 230 -7.12 -39.62 28.26
C GLY G 230 -7.80 -40.77 28.96
N GLN G 231 -7.43 -42.01 28.64
CA GLN G 231 -8.05 -43.20 29.24
C GLN G 231 -7.33 -43.51 30.53
N LEU G 232 -7.88 -43.01 31.65
CA LEU G 232 -7.31 -43.23 32.97
C LEU G 232 -8.22 -44.08 33.86
N GLN G 233 -9.12 -44.86 33.25
CA GLN G 233 -10.05 -45.66 34.04
C GLN G 233 -9.33 -46.70 34.88
N GLY G 234 -8.16 -47.16 34.43
CA GLY G 234 -7.45 -48.22 35.13
C GLY G 234 -6.87 -47.79 36.47
N VAL G 235 -6.80 -46.48 36.74
CA VAL G 235 -6.25 -46.00 38.00
C VAL G 235 -7.09 -46.50 39.18
N LYS G 236 -8.38 -46.75 38.96
CA LYS G 236 -9.26 -47.18 40.04
C LYS G 236 -8.77 -48.49 40.67
N ASP G 237 -8.47 -49.48 39.84
CA ASP G 237 -8.10 -50.80 40.35
C ASP G 237 -6.59 -50.99 40.46
N ARG G 238 -5.80 -50.24 39.70
CA ARG G 238 -4.34 -50.36 39.72
C ARG G 238 -3.72 -48.97 39.60
N PRO G 239 -3.75 -48.20 40.68
CA PRO G 239 -3.14 -46.86 40.64
C PRO G 239 -1.62 -46.94 40.57
N ILE G 240 -1.03 -45.88 40.01
CA ILE G 240 0.42 -45.76 40.04
C ILE G 240 0.87 -45.61 41.48
N GLN G 241 1.90 -46.38 41.87
CA GLN G 241 2.50 -46.27 43.18
C GLN G 241 4.01 -46.12 43.02
N LEU G 242 4.56 -45.05 43.59
CA LEU G 242 5.98 -44.78 43.54
C LEU G 242 6.59 -44.91 44.93
N ASN G 243 7.91 -45.13 44.95
CA ASN G 243 8.60 -45.30 46.22
C ASN G 243 8.50 -44.05 47.09
N VAL G 244 8.67 -42.88 46.49
CA VAL G 244 8.48 -41.62 47.19
C VAL G 244 7.02 -41.20 47.03
N ALA G 245 6.37 -40.90 48.15
CA ALA G 245 4.94 -40.65 48.15
C ALA G 245 4.61 -39.22 47.72
N ASN G 246 3.37 -39.04 47.25
CA ASN G 246 2.78 -37.72 47.03
C ASN G 246 3.46 -36.96 45.90
N ARG G 247 3.74 -37.64 44.79
CA ARG G 247 4.35 -37.01 43.62
C ARG G 247 3.60 -37.26 42.32
N VAL G 248 2.57 -38.09 42.31
CA VAL G 248 1.95 -38.55 41.08
C VAL G 248 0.83 -37.61 40.69
N VAL G 249 0.88 -37.12 39.45
CA VAL G 249 -0.19 -36.32 38.85
C VAL G 249 -0.64 -37.05 37.59
N TYR G 250 -1.92 -37.36 37.51
CA TYR G 250 -2.48 -38.00 36.33
C TYR G 250 -2.87 -36.94 35.30
N SER G 251 -2.53 -37.21 34.04
CA SER G 251 -2.67 -36.23 32.97
C SER G 251 -3.46 -36.79 31.80
N PRO G 252 -4.74 -36.49 31.72
CA PRO G 252 -5.52 -36.90 30.55
C PRO G 252 -5.36 -35.92 29.40
N HIS G 253 -5.66 -36.42 28.19
CA HIS G 253 -5.79 -35.59 27.01
C HIS G 253 -7.23 -35.68 26.51
N ASP G 254 -7.72 -34.58 25.96
CA ASP G 254 -9.09 -34.51 25.51
C ASP G 254 -9.20 -33.50 24.37
N TYR G 255 -9.97 -33.86 23.34
CA TYR G 255 -10.03 -33.06 22.13
C TYR G 255 -11.46 -32.96 21.63
N PRO G 256 -11.77 -32.08 20.65
CA PRO G 256 -13.16 -31.94 20.20
C PRO G 256 -13.50 -32.77 18.97
N ASN G 257 -14.67 -32.47 18.41
CA ASN G 257 -15.15 -33.17 17.22
C ASN G 257 -14.28 -32.88 16.01
N SER G 258 -13.71 -31.67 15.92
CA SER G 258 -12.89 -31.31 14.77
C SER G 258 -11.64 -32.17 14.70
N VAL G 259 -11.16 -32.68 15.83
CA VAL G 259 -10.03 -33.59 15.82
C VAL G 259 -10.48 -35.00 15.45
N TRP G 260 -11.58 -35.46 16.04
CA TRP G 260 -12.14 -36.77 15.69
C TRP G 260 -13.62 -36.80 16.03
N GLN G 261 -14.39 -37.49 15.19
CA GLN G 261 -15.84 -37.59 15.33
C GLN G 261 -16.16 -38.89 16.05
N GLN G 262 -16.10 -38.83 17.38
CA GLN G 262 -16.26 -40.03 18.26
C GLN G 262 -17.75 -40.31 18.47
N PRO G 263 -18.21 -41.54 18.72
CA PRO G 263 -19.56 -41.66 19.41
C PRO G 263 -20.11 -40.51 20.42
N TRP G 264 -19.36 -40.01 21.40
CA TRP G 264 -19.88 -39.17 22.47
C TRP G 264 -20.06 -37.69 22.09
N PHE G 265 -19.87 -37.33 20.82
CA PHE G 265 -20.14 -35.95 20.40
C PHE G 265 -21.49 -35.85 19.70
N GLY G 271 -23.70 -34.23 24.16
CA GLY G 271 -23.44 -32.89 24.66
C GLY G 271 -23.68 -32.75 26.16
N ALA G 272 -24.91 -33.08 26.58
CA ALA G 272 -25.26 -32.98 27.99
C ALA G 272 -24.54 -34.03 28.84
N GLY G 273 -24.15 -35.15 28.24
CA GLY G 273 -23.41 -36.18 28.94
C GLY G 273 -21.91 -35.98 28.96
N LEU G 274 -21.43 -34.87 28.39
CA LEU G 274 -19.99 -34.61 28.39
C LEU G 274 -19.38 -34.58 29.78
N PRO G 275 -19.97 -33.93 30.80
CA PRO G 275 -19.37 -34.02 32.14
C PRO G 275 -19.30 -35.43 32.67
N ALA G 276 -20.32 -36.25 32.40
CA ALA G 276 -20.26 -37.66 32.81
C ALA G 276 -19.19 -38.41 32.04
N LYS G 277 -18.92 -38.04 30.79
CA LYS G 277 -17.85 -38.68 30.03
C LYS G 277 -16.48 -38.30 30.59
N PHE G 278 -16.29 -37.01 30.91
CA PHE G 278 -15.03 -36.58 31.51
C PHE G 278 -14.78 -37.29 32.83
N ARG G 279 -15.82 -37.41 33.66
CA ARG G 279 -15.67 -38.08 34.94
C ARG G 279 -15.39 -39.57 34.77
N SER G 280 -16.00 -40.19 33.77
CA SER G 280 -15.86 -41.63 33.59
C SER G 280 -14.45 -42.02 33.16
N GLU G 281 -13.77 -41.18 32.38
CA GLU G 281 -12.47 -41.54 31.82
C GLU G 281 -11.29 -41.07 32.66
N TRP G 282 -11.44 -39.98 33.42
CA TRP G 282 -10.31 -39.46 34.17
C TRP G 282 -10.75 -38.53 35.30
N GLY G 283 -11.90 -37.86 35.14
CA GLY G 283 -12.32 -36.87 36.12
C GLY G 283 -12.53 -37.44 37.50
N TYR G 284 -12.87 -38.73 37.59
CA TYR G 284 -13.15 -39.34 38.89
C TYR G 284 -11.95 -39.25 39.82
N ILE G 285 -10.74 -39.19 39.27
CA ILE G 285 -9.53 -39.12 40.10
C ILE G 285 -9.54 -37.86 40.95
N TYR G 286 -9.95 -36.73 40.35
CA TYR G 286 -9.98 -35.47 41.10
C TYR G 286 -11.13 -35.45 42.10
N GLU G 287 -12.34 -35.79 41.65
CA GLU G 287 -13.52 -35.67 42.51
C GLU G 287 -13.41 -36.55 43.74
N GLN G 288 -12.85 -37.76 43.58
CA GLN G 288 -12.69 -38.68 44.70
C GLN G 288 -11.46 -38.37 45.55
N ASN G 289 -10.77 -37.25 45.28
CA ASN G 289 -9.60 -36.83 46.05
C ASN G 289 -8.51 -37.90 46.05
N ILE G 290 -8.35 -38.58 44.92
CA ILE G 290 -7.31 -39.60 44.80
C ILE G 290 -5.96 -38.96 44.49
N ALA G 291 -5.91 -38.13 43.45
CA ALA G 291 -4.67 -37.54 42.98
C ALA G 291 -5.02 -36.33 42.13
N PRO G 292 -4.09 -35.40 41.94
CA PRO G 292 -4.38 -34.23 41.09
C PRO G 292 -4.57 -34.63 39.65
N ILE G 293 -5.28 -33.75 38.92
CA ILE G 293 -5.56 -33.93 37.50
C ILE G 293 -4.97 -32.74 36.76
N TYR G 294 -4.21 -33.02 35.71
CA TYR G 294 -3.58 -31.98 34.89
C TYR G 294 -3.77 -32.39 33.43
N ILE G 295 -4.79 -31.82 32.78
CA ILE G 295 -5.04 -32.17 31.38
C ILE G 295 -3.96 -31.50 30.53
N GLY G 296 -3.02 -32.32 30.04
CA GLY G 296 -1.83 -31.80 29.40
C GLY G 296 -2.03 -31.31 27.98
N GLU G 297 -3.11 -31.71 27.33
CA GLU G 297 -3.36 -31.31 25.95
C GLU G 297 -4.85 -31.16 25.73
N PHE G 298 -5.26 -30.01 25.20
CA PHE G 298 -6.62 -29.80 24.73
C PHE G 298 -6.67 -28.50 23.92
N GLY G 299 -7.31 -28.54 22.76
CA GLY G 299 -7.33 -27.38 21.88
C GLY G 299 -8.38 -27.52 20.81
N THR G 300 -8.61 -26.40 20.11
CA THR G 300 -9.61 -26.35 19.05
C THR G 300 -9.40 -25.08 18.24
N LYS G 301 -9.94 -25.09 17.02
CA LYS G 301 -9.99 -23.90 16.18
C LYS G 301 -11.25 -23.09 16.40
N LEU G 302 -12.24 -23.64 17.10
CA LEU G 302 -13.51 -22.97 17.38
C LEU G 302 -14.28 -22.62 16.10
N ILE G 303 -14.16 -23.46 15.08
CA ILE G 303 -14.97 -23.34 13.87
C ILE G 303 -16.05 -24.41 13.82
N ASP G 304 -15.72 -25.64 14.18
CA ASP G 304 -16.73 -26.68 14.33
C ASP G 304 -17.68 -26.29 15.45
N PRO G 305 -18.99 -26.22 15.20
CA PRO G 305 -19.91 -25.84 16.28
C PRO G 305 -19.89 -26.79 17.46
N LYS G 306 -19.66 -28.09 17.23
CA LYS G 306 -19.56 -29.04 18.33
C LYS G 306 -18.34 -28.77 19.22
N ASP G 307 -17.31 -28.11 18.68
CA ASP G 307 -16.13 -27.80 19.49
C ASP G 307 -16.49 -26.86 20.64
N ALA G 308 -17.29 -25.83 20.35
CA ALA G 308 -17.62 -24.83 21.37
C ALA G 308 -18.42 -25.43 22.52
N VAL G 309 -19.23 -26.44 22.25
CA VAL G 309 -19.96 -27.11 23.33
C VAL G 309 -19.00 -27.94 24.17
N TRP G 310 -18.08 -28.66 23.52
CA TRP G 310 -17.08 -29.44 24.25
C TRP G 310 -16.21 -28.55 25.10
N LEU G 311 -15.74 -27.43 24.55
CA LEU G 311 -14.90 -26.51 25.30
C LEU G 311 -15.66 -25.89 26.46
N GLU G 312 -16.94 -25.55 26.25
CA GLU G 312 -17.74 -24.98 27.33
C GLU G 312 -17.94 -25.97 28.46
N ALA G 313 -18.22 -27.24 28.13
CA ALA G 313 -18.38 -28.26 29.16
C ALA G 313 -17.06 -28.57 29.84
N LEU G 314 -15.99 -28.72 29.05
CA LEU G 314 -14.68 -29.00 29.62
C LEU G 314 -14.28 -27.92 30.62
N THR G 315 -14.14 -26.67 30.15
CA THR G 315 -13.69 -25.57 31.00
C THR G 315 -14.52 -25.46 32.27
N SER G 316 -15.82 -25.76 32.20
CA SER G 316 -16.63 -25.78 33.41
C SER G 316 -16.28 -26.98 34.28
N TYR G 317 -15.92 -28.11 33.67
CA TYR G 317 -15.58 -29.29 34.45
C TYR G 317 -14.27 -29.10 35.20
N LEU G 318 -13.25 -28.53 34.54
CA LEU G 318 -11.99 -28.27 35.24
C LEU G 318 -12.19 -27.28 36.38
N SER G 319 -13.07 -26.29 36.19
CA SER G 319 -13.29 -25.29 37.23
C SER G 319 -13.99 -25.89 38.45
N GLY G 320 -14.80 -26.92 38.24
CA GLY G 320 -15.52 -27.56 39.33
C GLY G 320 -17.01 -27.64 39.07
N GLY G 333 -10.80 -23.52 50.00
CA GLY G 333 -9.35 -23.53 49.97
C GLY G 333 -8.76 -24.42 48.90
N THR G 334 -9.64 -25.14 48.20
CA THR G 334 -9.20 -26.06 47.16
C THR G 334 -9.06 -25.34 45.83
N GLU G 335 -8.13 -25.83 45.01
CA GLU G 335 -7.90 -25.29 43.67
C GLU G 335 -8.53 -26.22 42.63
N ASP G 336 -8.83 -25.64 41.47
CA ASP G 336 -9.42 -26.41 40.39
C ASP G 336 -8.34 -27.19 39.64
N MET G 337 -8.77 -27.98 38.66
CA MET G 337 -7.86 -28.84 37.93
C MET G 337 -6.85 -28.03 37.13
N SER G 338 -5.65 -28.58 36.99
CA SER G 338 -4.57 -27.95 36.22
C SER G 338 -4.70 -28.31 34.75
N TRP G 339 -4.07 -27.50 33.89
CA TRP G 339 -4.20 -27.71 32.46
C TRP G 339 -3.11 -26.96 31.70
N THR G 340 -2.80 -27.49 30.52
CA THR G 340 -2.01 -26.78 29.51
C THR G 340 -2.73 -26.91 28.17
N PHE G 341 -3.00 -25.78 27.54
CA PHE G 341 -3.72 -25.76 26.27
C PHE G 341 -2.79 -26.12 25.13
N TRP G 342 -3.31 -26.85 24.14
CA TRP G 342 -2.58 -27.19 22.93
C TRP G 342 -3.14 -26.37 21.78
N SER G 343 -2.36 -25.39 21.30
CA SER G 343 -1.02 -25.11 21.79
C SER G 343 -0.75 -23.61 21.81
N TRP G 344 0.44 -23.22 22.28
CA TRP G 344 0.88 -21.85 22.06
C TRP G 344 1.20 -21.63 20.59
N ASN G 345 1.80 -22.63 19.95
CA ASN G 345 2.15 -22.55 18.54
C ASN G 345 0.90 -22.43 17.68
N PRO G 346 0.97 -21.69 16.58
CA PRO G 346 -0.11 -21.71 15.59
C PRO G 346 -0.02 -22.90 14.65
N ASN G 347 1.18 -23.42 14.44
CA ASN G 347 1.43 -24.44 13.41
C ASN G 347 1.07 -25.83 13.91
N SER G 348 -0.19 -25.97 14.33
CA SER G 348 -0.79 -27.26 14.63
C SER G 348 -2.00 -27.42 13.73
N GLY G 349 -1.97 -28.44 12.86
CA GLY G 349 -2.86 -28.47 11.71
C GLY G 349 -4.34 -28.47 12.07
N ASP G 350 -4.71 -29.22 13.10
CA ASP G 350 -6.13 -29.42 13.40
C ASP G 350 -6.65 -28.49 14.48
N THR G 351 -5.82 -28.09 15.45
CA THR G 351 -6.29 -27.31 16.58
C THR G 351 -5.96 -25.83 16.48
N GLY G 352 -5.00 -25.45 15.63
CA GLY G 352 -4.49 -24.11 15.74
C GLY G 352 -3.80 -23.94 17.09
N GLY G 353 -3.77 -22.71 17.56
CA GLY G 353 -3.15 -22.43 18.83
C GLY G 353 -3.64 -21.14 19.43
N ILE G 354 -2.87 -20.62 20.39
CA ILE G 354 -3.18 -19.32 20.96
C ILE G 354 -2.70 -18.21 20.02
N LEU G 355 -1.53 -18.37 19.44
CA LEU G 355 -1.03 -17.43 18.45
C LEU G 355 -1.65 -17.69 17.09
N ALA G 356 -1.87 -16.62 16.33
CA ALA G 356 -2.30 -16.76 14.95
C ALA G 356 -1.10 -17.13 14.08
N ASP G 357 -1.36 -17.33 12.78
CA ASP G 357 -0.31 -17.79 11.89
C ASP G 357 0.88 -16.83 11.78
N ASP G 358 0.70 -15.56 12.15
CA ASP G 358 1.79 -14.61 12.13
C ASP G 358 2.72 -14.72 13.33
N TRP G 359 2.47 -15.69 14.23
CA TRP G 359 3.31 -15.98 15.39
C TRP G 359 3.37 -14.81 16.38
N ARG G 360 2.44 -13.85 16.29
CA ARG G 360 2.39 -12.79 17.29
C ARG G 360 1.00 -12.35 17.69
N THR G 361 -0.02 -12.51 16.84
CA THR G 361 -1.37 -12.08 17.17
C THR G 361 -2.07 -13.15 18.00
N ILE G 362 -2.71 -12.73 19.09
CA ILE G 362 -3.42 -13.65 19.97
C ILE G 362 -4.82 -13.90 19.43
N ASN G 363 -5.24 -15.16 19.45
CA ASN G 363 -6.62 -15.54 19.10
C ASN G 363 -7.50 -15.30 20.32
N GLN G 364 -8.12 -14.11 20.35
CA GLN G 364 -8.88 -13.72 21.55
C GLN G 364 -10.10 -14.60 21.77
N ASN G 365 -10.63 -15.19 20.70
CA ASN G 365 -11.82 -16.05 20.85
C ASN G 365 -11.54 -17.23 21.76
N LYS G 366 -10.33 -17.77 21.73
CA LYS G 366 -9.97 -18.88 22.61
C LYS G 366 -9.65 -18.41 24.02
N MET G 367 -9.18 -17.16 24.17
CA MET G 367 -8.76 -16.69 25.49
C MET G 367 -9.93 -16.39 26.40
N VAL G 368 -11.10 -16.04 25.83
CA VAL G 368 -12.27 -15.82 26.66
C VAL G 368 -12.72 -17.11 27.33
N TYR G 369 -12.41 -18.26 26.71
CA TYR G 369 -12.72 -19.54 27.32
C TYR G 369 -11.73 -19.88 28.43
N LEU G 370 -10.45 -19.58 28.23
CA LEU G 370 -9.39 -20.03 29.13
C LEU G 370 -9.19 -19.11 30.33
N LYS G 371 -9.38 -17.81 30.16
CA LYS G 371 -9.15 -16.86 31.25
C LYS G 371 -9.89 -17.20 32.54
N PRO G 372 -11.17 -17.61 32.54
CA PRO G 372 -11.84 -17.90 33.82
C PRO G 372 -11.31 -19.11 34.57
N ILE G 373 -10.35 -19.87 34.02
CA ILE G 373 -9.80 -21.02 34.72
C ILE G 373 -8.29 -20.94 34.88
N GLN G 374 -7.70 -19.77 34.65
CA GLN G 374 -6.28 -19.58 34.88
C GLN G 374 -6.00 -19.32 36.35
N TYR G 375 -4.80 -19.67 36.79
CA TYR G 375 -4.43 -19.50 38.19
C TYR G 375 -4.14 -18.03 38.49
N THR G 376 -4.83 -17.49 39.51
CA THR G 376 -4.68 -16.10 39.90
C THR G 376 -4.10 -15.93 41.30
N GLY G 377 -3.89 -17.00 42.04
CA GLY G 377 -3.36 -16.92 43.39
C GLY G 377 -1.93 -16.42 43.45
N GLY H 14 46.38 -13.52 -9.92
CA GLY H 14 46.44 -12.23 -9.27
C GLY H 14 47.22 -12.24 -7.97
N GLY H 15 47.65 -13.43 -7.54
CA GLY H 15 48.39 -13.55 -6.30
C GLY H 15 49.74 -12.86 -6.36
N ILE H 16 50.13 -12.31 -5.22
CA ILE H 16 51.39 -11.59 -5.09
C ILE H 16 52.22 -12.29 -4.02
N ALA H 17 53.53 -12.33 -4.22
CA ALA H 17 54.43 -12.97 -3.27
C ALA H 17 54.20 -12.40 -1.87
N PRO H 18 54.22 -13.24 -0.83
CA PRO H 18 53.89 -12.75 0.51
C PRO H 18 54.89 -11.71 0.98
N GLY H 19 54.39 -10.77 1.78
CA GLY H 19 55.19 -9.66 2.28
C GLY H 19 54.68 -8.34 1.74
N PHE H 20 55.34 -7.27 2.19
CA PHE H 20 54.93 -5.92 1.84
C PHE H 20 55.47 -5.53 0.47
N LEU H 21 55.00 -4.40 -0.03
CA LEU H 21 55.33 -3.92 -1.37
C LEU H 21 56.11 -2.62 -1.29
N ARG H 22 56.75 -2.28 -2.41
CA ARG H 22 57.47 -1.03 -2.56
C ARG H 22 57.19 -0.47 -3.96
N THR H 23 57.74 0.70 -4.25
CA THR H 23 57.64 1.28 -5.57
C THR H 23 59.02 1.39 -6.20
N SER H 24 59.03 1.41 -7.53
CA SER H 24 60.27 1.61 -8.29
C SER H 24 59.86 2.25 -9.62
N GLY H 25 60.10 3.55 -9.74
CA GLY H 25 59.56 4.26 -10.88
C GLY H 25 58.04 4.22 -10.84
N ASN H 26 57.43 3.88 -11.97
CA ASN H 26 55.99 3.74 -12.06
C ASN H 26 55.52 2.32 -11.74
N GLN H 27 56.40 1.48 -11.19
CA GLN H 27 56.12 0.08 -10.94
C GLN H 27 55.99 -0.19 -9.44
N ILE H 28 55.04 -1.04 -9.09
CA ILE H 28 54.90 -1.55 -7.73
C ILE H 28 55.54 -2.93 -7.69
N LEU H 29 56.50 -3.12 -6.78
CA LEU H 29 57.25 -4.36 -6.67
C LEU H 29 56.79 -5.14 -5.44
N ASP H 30 56.84 -6.47 -5.55
CA ASP H 30 56.62 -7.30 -4.38
C ASP H 30 57.90 -7.37 -3.56
N SER H 31 57.87 -8.17 -2.49
CA SER H 31 59.03 -8.26 -1.60
C SER H 31 60.25 -8.85 -2.29
N GLN H 32 60.07 -9.55 -3.40
CA GLN H 32 61.18 -10.15 -4.14
C GLN H 32 61.63 -9.29 -5.31
N GLY H 33 61.07 -8.09 -5.48
CA GLY H 33 61.46 -7.20 -6.54
C GLY H 33 60.74 -7.41 -7.86
N LYS H 34 59.83 -8.37 -7.93
CA LYS H 34 59.08 -8.58 -9.17
C LYS H 34 57.98 -7.54 -9.31
N PRO H 35 57.82 -6.92 -10.47
CA PRO H 35 56.69 -6.00 -10.67
C PRO H 35 55.36 -6.72 -10.55
N VAL H 36 54.44 -6.12 -9.80
CA VAL H 36 53.11 -6.65 -9.62
C VAL H 36 52.10 -5.55 -9.92
N GLN H 37 50.82 -5.92 -9.90
CA GLN H 37 49.75 -5.01 -10.25
C GLN H 37 48.53 -5.27 -9.36
N LEU H 38 47.90 -4.20 -8.91
CA LEU H 38 46.70 -4.27 -8.08
C LEU H 38 45.50 -4.03 -8.97
N THR H 39 44.59 -5.01 -9.03
CA THR H 39 43.40 -4.94 -9.88
C THR H 39 42.23 -5.53 -9.09
N GLY H 40 41.45 -4.67 -8.46
CA GLY H 40 40.38 -5.10 -7.58
C GLY H 40 39.18 -4.18 -7.60
N VAL H 41 38.48 -4.11 -6.47
CA VAL H 41 37.20 -3.40 -6.38
C VAL H 41 37.11 -2.65 -5.06
N ASN H 42 36.18 -1.71 -5.00
CA ASN H 42 35.80 -1.04 -3.77
C ASN H 42 34.67 -1.81 -3.10
N TRP H 43 34.77 -1.96 -1.78
CA TRP H 43 33.71 -2.57 -0.97
C TRP H 43 33.40 -1.61 0.16
N PHE H 44 32.42 -0.74 -0.05
CA PHE H 44 32.12 0.32 0.90
C PHE H 44 31.00 -0.09 1.84
N GLY H 45 30.87 0.69 2.92
CA GLY H 45 29.90 0.41 3.96
C GLY H 45 30.44 0.75 5.33
N ALA H 46 31.71 0.45 5.57
CA ALA H 46 32.34 0.72 6.86
C ALA H 46 32.46 2.21 7.16
N GLN H 47 32.23 3.07 6.18
CA GLN H 47 32.17 4.51 6.41
C GLN H 47 30.77 4.97 6.81
N SER H 48 29.79 4.07 6.80
CA SER H 48 28.41 4.41 7.13
C SER H 48 28.11 4.15 8.60
N SER H 49 26.89 4.48 9.01
CA SER H 49 26.49 4.27 10.40
C SER H 49 26.46 2.80 10.79
N ASN H 50 26.39 1.89 9.82
CA ASN H 50 26.45 0.47 10.13
C ASN H 50 27.84 0.06 10.63
N GLY H 51 28.88 0.71 10.14
CA GLY H 51 30.22 0.39 10.59
C GLY H 51 30.84 -0.84 9.97
N VAL H 52 30.18 -1.46 8.99
CA VAL H 52 30.73 -2.63 8.31
C VAL H 52 30.43 -2.52 6.82
N PRO H 53 31.26 -3.16 6.00
CA PRO H 53 30.99 -3.18 4.55
C PRO H 53 29.61 -3.75 4.24
N ASP H 54 29.00 -3.18 3.20
CA ASP H 54 27.61 -3.47 2.87
C ASP H 54 27.42 -4.91 2.38
N GLY H 55 26.16 -5.32 2.32
CA GLY H 55 25.80 -6.58 1.68
C GLY H 55 25.75 -7.78 2.62
N LEU H 56 26.25 -7.65 3.85
CA LEU H 56 26.21 -8.76 4.79
C LEU H 56 24.83 -8.98 5.39
N TRP H 57 23.86 -8.14 5.05
CA TRP H 57 22.47 -8.40 5.42
C TRP H 57 21.85 -9.50 4.57
N THR H 58 22.49 -9.89 3.47
CA THR H 58 22.02 -11.00 2.65
C THR H 58 23.12 -11.96 2.20
N ARG H 59 24.37 -11.52 2.09
CA ARG H 59 25.46 -12.37 1.66
C ARG H 59 26.38 -12.70 2.83
N ASN H 60 27.11 -13.81 2.68
CA ASN H 60 28.15 -14.19 3.62
C ASN H 60 29.47 -13.60 3.16
N TYR H 61 30.23 -13.05 4.11
CA TYR H 61 31.41 -12.25 3.75
C TYR H 61 32.49 -13.12 3.11
N LYS H 62 32.64 -14.37 3.56
CA LYS H 62 33.58 -15.27 2.91
C LYS H 62 33.15 -15.58 1.49
N ASP H 63 31.84 -15.81 1.28
CA ASP H 63 31.33 -16.06 -0.07
C ASP H 63 31.68 -14.92 -1.01
N MET H 64 31.54 -13.68 -0.53
CA MET H 64 31.75 -12.53 -1.41
C MET H 64 33.22 -12.32 -1.71
N ILE H 65 34.09 -12.57 -0.73
CA ILE H 65 35.53 -12.47 -0.98
C ILE H 65 35.97 -13.57 -1.93
N ASP H 66 35.47 -14.80 -1.72
CA ASP H 66 35.71 -15.88 -2.69
C ASP H 66 35.26 -15.46 -4.08
N GLN H 67 34.07 -14.87 -4.19
CA GLN H 67 33.55 -14.45 -5.47
C GLN H 67 34.43 -13.38 -6.10
N MET H 68 34.98 -12.48 -5.27
CA MET H 68 35.88 -11.45 -5.78
C MET H 68 37.10 -12.07 -6.46
N ALA H 69 37.77 -12.99 -5.76
CA ALA H 69 38.94 -13.65 -6.33
C ALA H 69 38.56 -14.51 -7.53
N GLY H 70 37.37 -15.12 -7.51
CA GLY H 70 36.95 -15.93 -8.65
C GLY H 70 36.73 -15.11 -9.91
N GLN H 71 36.42 -13.82 -9.75
CA GLN H 71 36.23 -12.94 -10.89
C GLN H 71 37.53 -12.33 -11.40
N GLY H 72 38.66 -12.66 -10.79
CA GLY H 72 39.95 -12.16 -11.22
C GLY H 72 40.49 -10.97 -10.44
N PHE H 73 39.77 -10.50 -9.41
CA PHE H 73 40.22 -9.37 -8.62
C PHE H 73 41.16 -9.82 -7.52
N ASN H 74 42.17 -8.99 -7.21
CA ASN H 74 43.14 -9.31 -6.19
C ASN H 74 43.32 -8.25 -5.12
N THR H 75 42.51 -7.19 -5.14
CA THR H 75 42.65 -6.10 -4.17
C THR H 75 41.27 -5.60 -3.77
N ILE H 76 41.13 -5.24 -2.50
CA ILE H 76 39.90 -4.63 -1.97
C ILE H 76 40.27 -3.29 -1.37
N ARG H 77 39.70 -2.22 -1.92
CA ARG H 77 39.76 -0.90 -1.29
C ARG H 77 38.57 -0.79 -0.34
N ILE H 78 38.85 -0.53 0.93
CA ILE H 78 37.84 -0.54 1.99
C ILE H 78 37.74 0.87 2.56
N PRO H 79 36.72 1.63 2.16
CA PRO H 79 36.47 2.93 2.81
C PRO H 79 36.07 2.76 4.26
N TYR H 80 36.51 3.70 5.09
CA TYR H 80 36.10 3.76 6.48
C TYR H 80 35.95 5.20 6.91
N ALA H 81 35.20 5.42 7.98
CA ALA H 81 35.03 6.72 8.58
C ALA H 81 35.87 6.83 9.85
N SER H 82 36.30 8.04 10.17
CA SER H 82 37.02 8.27 11.43
C SER H 82 36.23 7.75 12.61
N ALA H 83 34.91 7.95 12.59
CA ALA H 83 34.06 7.51 13.69
C ALA H 83 34.12 6.00 13.92
N LEU H 84 34.48 5.22 12.91
CA LEU H 84 34.59 3.78 13.08
C LEU H 84 35.58 3.41 14.17
N LEU H 85 36.68 4.16 14.29
CA LEU H 85 37.77 3.80 15.17
C LEU H 85 37.49 4.10 16.64
N HIS H 86 36.43 4.85 16.94
CA HIS H 86 36.18 5.30 18.31
C HIS H 86 34.80 4.98 18.85
N THR H 87 33.87 4.54 18.01
CA THR H 87 32.53 4.24 18.49
C THR H 87 32.51 2.87 19.17
N ASN H 88 31.68 2.76 20.20
CA ASN H 88 31.44 1.50 20.88
C ASN H 88 30.13 0.86 20.46
N ALA H 89 29.40 1.49 19.55
CA ALA H 89 28.15 0.92 19.07
C ALA H 89 28.41 -0.38 18.33
N ALA H 90 27.58 -1.38 18.58
CA ALA H 90 27.65 -2.62 17.84
C ALA H 90 27.40 -2.34 16.35
N PRO H 91 27.99 -3.14 15.45
CA PRO H 91 27.63 -3.02 14.04
C PRO H 91 26.17 -3.37 13.84
N SER H 92 25.59 -2.83 12.77
CA SER H 92 24.19 -3.05 12.46
C SER H 92 24.04 -3.57 11.04
N GLY H 93 23.01 -4.39 10.83
CA GLY H 93 22.63 -4.84 9.51
C GLY H 93 23.14 -6.21 9.13
N ILE H 94 24.18 -6.71 9.78
CA ILE H 94 24.70 -8.03 9.44
C ILE H 94 23.62 -9.08 9.69
N ASN H 95 23.47 -10.01 8.74
CA ASN H 95 22.65 -11.19 8.94
C ASN H 95 23.54 -12.26 9.56
N TYR H 96 23.36 -12.50 10.86
CA TYR H 96 24.24 -13.43 11.58
C TYR H 96 23.88 -14.89 11.35
N ASN H 97 22.73 -15.18 10.73
CA ASN H 97 22.48 -16.55 10.28
C ASN H 97 23.36 -16.88 9.08
N ALA H 98 23.62 -15.90 8.22
CA ALA H 98 24.51 -16.08 7.08
C ALA H 98 25.96 -15.76 7.43
N ASN H 99 26.21 -15.01 8.50
CA ASN H 99 27.56 -14.67 8.95
C ASN H 99 27.74 -15.01 10.43
N PRO H 100 27.64 -16.29 10.79
CA PRO H 100 27.73 -16.64 12.22
C PRO H 100 29.07 -16.29 12.84
N ASP H 101 30.16 -16.35 12.07
CA ASP H 101 31.48 -16.02 12.60
C ASP H 101 31.64 -14.55 12.98
N LEU H 102 30.70 -13.69 12.58
CA LEU H 102 30.75 -12.28 12.89
C LEU H 102 29.91 -11.91 14.11
N GLN H 103 29.18 -12.86 14.69
CA GLN H 103 28.31 -12.54 15.80
C GLN H 103 29.12 -12.24 17.05
N GLY H 104 28.72 -11.19 17.76
CA GLY H 104 29.41 -10.76 18.95
C GLY H 104 30.65 -9.93 18.70
N LEU H 105 31.03 -9.71 17.45
CA LEU H 105 32.24 -8.97 17.12
C LEU H 105 31.93 -7.48 16.99
N THR H 106 32.91 -6.67 17.39
CA THR H 106 32.81 -5.23 17.23
C THR H 106 33.03 -4.85 15.76
N ARG H 107 32.84 -3.56 15.47
CA ARG H 107 33.04 -3.07 14.11
C ARG H 107 34.49 -3.28 13.67
N MET H 108 35.45 -2.95 14.54
CA MET H 108 36.85 -3.16 14.21
C MET H 108 37.18 -4.64 14.06
N GLN H 109 36.53 -5.50 14.85
CA GLN H 109 36.80 -6.92 14.76
C GLN H 109 36.22 -7.52 13.47
N VAL H 110 35.06 -7.02 13.03
CA VAL H 110 34.51 -7.47 11.76
C VAL H 110 35.46 -7.12 10.62
N LEU H 111 36.02 -5.91 10.65
CA LEU H 111 37.00 -5.53 9.64
C LEU H 111 38.23 -6.43 9.68
N ASP H 112 38.70 -6.76 10.90
CA ASP H 112 39.80 -7.70 11.03
C ASP H 112 39.47 -9.03 10.36
N LYS H 113 38.24 -9.54 10.58
CA LYS H 113 37.84 -10.80 9.97
C LYS H 113 37.84 -10.71 8.45
N ILE H 114 37.41 -9.57 7.91
CA ILE H 114 37.39 -9.40 6.47
C ILE H 114 38.82 -9.38 5.91
N ILE H 115 39.70 -8.63 6.56
CA ILE H 115 41.10 -8.58 6.12
C ILE H 115 41.74 -9.95 6.23
N ASP H 116 41.44 -10.67 7.32
CA ASP H 116 42.03 -12.01 7.51
C ASP H 116 41.62 -12.95 6.39
N TYR H 117 40.33 -12.97 6.04
CA TYR H 117 39.90 -13.88 4.99
C TYR H 117 40.36 -13.43 3.61
N ALA H 118 40.44 -12.12 3.38
CA ALA H 118 40.94 -11.63 2.10
C ALA H 118 42.35 -12.10 1.84
N GLY H 119 43.20 -12.13 2.88
CA GLY H 119 44.54 -12.65 2.72
C GLY H 119 44.56 -14.15 2.46
N GLN H 120 43.69 -14.90 3.14
CA GLN H 120 43.61 -16.33 2.90
C GLN H 120 43.13 -16.64 1.49
N ALA H 121 42.27 -15.78 0.92
CA ALA H 121 41.79 -15.94 -0.44
C ALA H 121 42.73 -15.36 -1.47
N GLY H 122 43.91 -14.89 -1.06
CA GLY H 122 44.87 -14.37 -2.01
C GLY H 122 44.62 -12.95 -2.48
N MET H 123 44.00 -12.12 -1.65
CA MET H 123 43.76 -10.74 -1.97
C MET H 123 44.50 -9.82 -1.00
N ARG H 124 44.74 -8.60 -1.45
CA ARG H 124 45.32 -7.55 -0.61
C ARG H 124 44.26 -6.49 -0.32
N VAL H 125 44.49 -5.73 0.74
CA VAL H 125 43.53 -4.75 1.24
C VAL H 125 44.16 -3.36 1.23
N ILE H 126 43.40 -2.37 0.80
CA ILE H 126 43.78 -0.97 0.86
C ILE H 126 42.77 -0.24 1.71
N LEU H 127 43.23 0.39 2.79
CA LEU H 127 42.35 1.15 3.67
C LEU H 127 42.23 2.58 3.16
N ASP H 128 41.00 3.09 3.16
CA ASP H 128 40.69 4.41 2.61
C ASP H 128 39.92 5.20 3.65
N HIS H 129 40.51 6.28 4.14
CA HIS H 129 39.79 7.22 5.00
C HIS H 129 38.81 8.00 4.13
N HIS H 130 37.55 7.56 4.13
CA HIS H 130 36.56 8.14 3.23
C HIS H 130 35.96 9.43 3.78
N ARG H 131 35.78 9.54 5.09
CA ARG H 131 35.11 10.68 5.69
C ARG H 131 35.36 10.67 7.19
N SER H 132 34.88 11.71 7.86
CA SER H 132 35.03 11.84 9.32
C SER H 132 33.82 11.26 10.03
N THR H 133 32.66 11.89 9.85
CA THR H 133 31.43 11.37 10.42
C THR H 133 30.96 10.14 9.64
N GLU H 134 30.06 9.38 10.27
CA GLU H 134 29.45 8.26 9.58
C GLU H 134 28.48 8.78 8.52
N GLY H 135 28.54 8.19 7.33
CA GLY H 135 27.72 8.67 6.23
C GLY H 135 27.91 7.82 5.00
N ALA H 136 27.37 8.31 3.88
CA ALA H 136 27.34 7.55 2.63
C ALA H 136 28.58 7.80 1.78
N GLY H 137 28.73 9.03 1.29
CA GLY H 137 29.76 9.30 0.29
C GLY H 137 30.88 10.21 0.74
N THR H 138 31.43 10.97 -0.21
CA THR H 138 32.52 11.88 0.06
C THR H 138 32.14 12.86 1.18
N SER H 139 33.14 13.21 2.00
CA SER H 139 32.90 14.17 3.08
C SER H 139 32.28 15.44 2.53
N GLU H 140 31.29 15.95 3.27
CA GLU H 140 30.46 17.04 2.76
C GLU H 140 31.22 18.35 2.60
N ASN H 141 32.34 18.53 3.31
CA ASN H 141 33.11 19.77 3.23
C ASN H 141 34.31 19.65 2.30
N GLY H 142 34.46 18.53 1.60
CA GLY H 142 35.59 18.35 0.72
C GLY H 142 36.92 18.29 1.41
N LEU H 143 36.95 18.03 2.72
CA LEU H 143 38.16 18.04 3.51
C LEU H 143 38.28 16.74 4.28
N TRP H 144 39.47 16.53 4.86
CA TRP H 144 39.78 15.38 5.68
C TRP H 144 39.59 15.66 7.17
N TYR H 145 38.96 16.78 7.51
CA TYR H 145 38.81 17.19 8.90
C TYR H 145 37.62 18.13 9.00
N ASP H 146 37.20 18.39 10.24
CA ASP H 146 36.18 19.40 10.51
C ASP H 146 36.34 19.83 11.97
N SER H 147 35.32 20.51 12.50
CA SER H 147 35.40 21.04 13.85
C SER H 147 35.57 19.94 14.89
N GLN H 148 34.78 18.87 14.77
CA GLN H 148 34.87 17.77 15.73
C GLN H 148 36.03 16.84 15.41
N TYR H 149 36.23 16.53 14.14
CA TYR H 149 37.28 15.60 13.71
C TYR H 149 38.45 16.42 13.19
N THR H 150 39.49 16.53 14.00
CA THR H 150 40.65 17.35 13.68
C THR H 150 41.65 16.56 12.85
N GLU H 151 42.49 17.29 12.12
CA GLU H 151 43.58 16.66 11.39
C GLU H 151 44.53 15.92 12.35
N ASP H 152 44.73 16.48 13.54
CA ASP H 152 45.54 15.81 14.56
C ASP H 152 45.01 14.41 14.85
N ALA H 153 43.71 14.30 15.08
CA ALA H 153 43.11 12.99 15.32
C ALA H 153 43.18 12.10 14.08
N TRP H 154 43.04 12.71 12.90
CA TRP H 154 43.16 11.96 11.65
C TRP H 154 44.56 11.38 11.48
N VAL H 155 45.58 12.07 12.00
CA VAL H 155 46.94 11.54 11.96
C VAL H 155 47.11 10.41 12.97
N SER H 156 46.61 10.62 14.19
CA SER H 156 46.73 9.58 15.23
C SER H 156 45.96 8.33 14.84
N ASP H 157 44.80 8.49 14.22
CA ASP H 157 44.02 7.33 13.78
C ASP H 157 44.79 6.53 12.73
N TRP H 158 45.46 7.22 11.79
CA TRP H 158 46.30 6.51 10.84
C TRP H 158 47.45 5.80 11.53
N GLN H 159 47.98 6.40 12.61
CA GLN H 159 49.01 5.73 13.40
C GLN H 159 48.46 4.49 14.08
N THR H 160 47.25 4.58 14.64
CA THR H 160 46.62 3.43 15.26
C THR H 160 46.43 2.29 14.27
N LEU H 161 46.01 2.63 13.04
CA LEU H 161 45.80 1.60 12.03
C LEU H 161 47.11 0.97 11.59
N ALA H 162 48.17 1.77 11.48
CA ALA H 162 49.47 1.21 11.14
C ALA H 162 49.94 0.22 12.20
N THR H 163 49.72 0.55 13.47
CA THR H 163 50.07 -0.38 14.55
C THR H 163 49.23 -1.65 14.48
N ARG H 164 47.93 -1.50 14.20
CA ARG H 164 47.03 -2.64 14.20
C ARG H 164 47.41 -3.66 13.14
N TYR H 165 47.91 -3.21 11.99
CA TYR H 165 48.19 -4.10 10.87
C TYR H 165 49.67 -4.10 10.50
N LYS H 166 50.55 -3.73 11.43
CA LYS H 166 51.98 -3.65 11.12
C LYS H 166 52.54 -5.01 10.72
N ASN H 167 52.11 -6.08 11.40
CA ASN H 167 52.58 -7.43 11.12
C ASN H 167 51.68 -8.15 10.12
N ASN H 168 50.87 -7.42 9.36
CA ASN H 168 49.88 -8.01 8.46
C ASN H 168 50.09 -7.45 7.06
N PRO H 169 50.90 -8.13 6.23
CA PRO H 169 51.14 -7.66 4.86
C PRO H 169 49.92 -7.73 3.95
N THR H 170 48.80 -8.28 4.41
CA THR H 170 47.58 -8.22 3.60
C THR H 170 47.17 -6.77 3.35
N VAL H 171 47.33 -5.92 4.36
CA VAL H 171 47.06 -4.48 4.24
C VAL H 171 48.30 -3.84 3.63
N ILE H 172 48.27 -3.56 2.33
CA ILE H 172 49.46 -3.13 1.62
C ILE H 172 49.61 -1.61 1.55
N GLY H 173 48.55 -0.85 1.74
CA GLY H 173 48.62 0.58 1.53
C GLY H 173 47.53 1.34 2.25
N PHE H 174 47.81 2.61 2.55
CA PHE H 174 46.87 3.51 3.20
C PHE H 174 46.50 4.60 2.20
N ASP H 175 45.23 4.61 1.78
CA ASP H 175 44.67 5.71 0.99
C ASP H 175 44.32 6.82 1.97
N LEU H 176 45.14 7.88 2.00
CA LEU H 176 45.14 8.79 3.15
C LEU H 176 43.83 9.54 3.30
N HIS H 177 43.25 10.01 2.20
CA HIS H 177 41.92 10.61 2.28
C HIS H 177 41.24 10.53 0.93
N ASN H 178 39.94 10.30 0.95
CA ASN H 178 39.15 10.18 -0.27
C ASN H 178 38.74 11.55 -0.78
N GLU H 179 39.14 11.87 -2.02
CA GLU H 179 38.69 13.04 -2.77
C GLU H 179 38.76 14.31 -1.95
N PRO H 180 39.96 14.80 -1.62
CA PRO H 180 40.09 16.08 -0.89
C PRO H 180 39.95 17.28 -1.82
N TYR H 181 38.75 17.44 -2.40
CA TYR H 181 38.57 18.41 -3.48
C TYR H 181 38.55 19.85 -3.00
N ASN H 182 38.29 20.08 -1.71
CA ASN H 182 38.38 21.43 -1.17
C ASN H 182 39.76 21.73 -0.60
N GLY H 183 40.75 20.88 -0.86
CA GLY H 183 42.12 21.15 -0.50
C GLY H 183 42.95 21.57 -1.70
N THR H 184 44.07 22.21 -1.41
CA THR H 184 45.00 22.65 -2.45
C THR H 184 46.23 21.76 -2.46
N TRP H 185 46.92 21.77 -3.60
CA TRP H 185 48.20 21.06 -3.75
C TRP H 185 49.32 22.07 -3.51
N GLY H 186 49.60 22.31 -2.24
CA GLY H 186 50.58 23.30 -1.83
C GLY H 186 49.93 24.45 -1.08
N GLY H 187 50.77 25.40 -0.68
CA GLY H 187 50.36 26.57 0.07
C GLY H 187 50.78 26.53 1.52
N GLY H 188 50.83 25.35 2.12
CA GLY H 188 51.29 25.20 3.49
C GLY H 188 50.25 25.46 4.56
N GLY H 189 48.99 25.64 4.19
CA GLY H 189 47.94 25.96 5.14
C GLY H 189 47.18 24.73 5.61
N ALA H 190 46.07 25.00 6.31
CA ALA H 190 45.22 23.92 6.81
C ALA H 190 44.62 23.10 5.67
N ASN H 191 44.34 23.74 4.54
CA ASN H 191 43.73 23.07 3.39
C ASN H 191 44.76 22.63 2.36
N ASP H 192 46.04 22.54 2.74
CA ASP H 192 47.08 22.06 1.85
C ASP H 192 47.12 20.54 1.93
N TRP H 193 46.55 19.88 0.92
CA TRP H 193 46.47 18.42 0.94
C TRP H 193 47.84 17.79 0.82
N ALA H 194 48.74 18.39 0.04
CA ALA H 194 50.09 17.85 -0.10
C ALA H 194 50.81 17.82 1.25
N ARG H 195 50.68 18.91 2.01
CA ARG H 195 51.28 18.94 3.35
C ARG H 195 50.61 17.93 4.28
N ALA H 196 49.28 17.82 4.21
CA ALA H 196 48.58 16.89 5.09
C ALA H 196 48.92 15.44 4.76
N ALA H 197 49.04 15.11 3.47
CA ALA H 197 49.37 13.75 3.09
C ALA H 197 50.78 13.38 3.52
N GLU H 198 51.72 14.32 3.41
CA GLU H 198 53.08 14.05 3.85
C GLU H 198 53.14 13.86 5.36
N ARG H 199 52.36 14.62 6.11
CA ARG H 199 52.34 14.48 7.56
C ARG H 199 51.79 13.11 7.96
N ALA H 200 50.64 12.72 7.39
CA ALA H 200 50.05 11.43 7.74
C ALA H 200 50.88 10.27 7.22
N GLY H 201 51.39 10.38 5.99
CA GLY H 201 52.25 9.34 5.46
C GLY H 201 53.49 9.12 6.31
N ASN H 202 54.13 10.22 6.73
CA ASN H 202 55.32 10.11 7.58
C ASN H 202 54.99 9.46 8.92
N ALA H 203 53.84 9.81 9.50
CA ALA H 203 53.45 9.23 10.78
C ALA H 203 53.20 7.73 10.66
N ALA H 204 52.47 7.31 9.62
CA ALA H 204 52.23 5.89 9.43
C ALA H 204 53.52 5.15 9.11
N LEU H 205 54.39 5.75 8.31
CA LEU H 205 55.65 5.09 7.94
C LEU H 205 56.57 4.94 9.13
N ALA H 206 56.48 5.84 10.12
CA ALA H 206 57.31 5.70 11.31
C ALA H 206 56.98 4.41 12.07
N ILE H 207 55.73 3.95 11.96
CA ILE H 207 55.32 2.71 12.62
C ILE H 207 55.52 1.50 11.71
N ASN H 208 55.00 1.58 10.48
CA ASN H 208 55.22 0.54 9.47
C ASN H 208 55.87 1.18 8.25
N PRO H 209 57.20 1.12 8.13
CA PRO H 209 57.87 1.73 6.97
C PRO H 209 57.69 0.95 5.68
N ASN H 210 56.98 -0.18 5.71
CA ASN H 210 56.77 -1.02 4.54
C ASN H 210 55.44 -0.75 3.85
N LEU H 211 54.68 0.24 4.32
CA LEU H 211 53.38 0.54 3.75
C LEU H 211 53.53 1.36 2.47
N LEU H 212 52.71 1.04 1.48
CA LEU H 212 52.48 1.97 0.38
C LEU H 212 51.64 3.14 0.88
N ILE H 213 52.06 4.35 0.56
CA ILE H 213 51.31 5.54 0.93
C ILE H 213 50.58 6.03 -0.32
N ILE H 214 49.26 5.83 -0.33
CA ILE H 214 48.44 6.13 -1.49
C ILE H 214 47.85 7.52 -1.31
N VAL H 215 48.21 8.43 -2.23
CA VAL H 215 47.87 9.84 -2.13
C VAL H 215 47.02 10.21 -3.34
N GLU H 216 45.77 10.59 -3.08
CA GLU H 216 44.89 11.03 -4.14
C GLU H 216 45.18 12.48 -4.52
N GLY H 217 44.61 12.89 -5.66
CA GLY H 217 44.69 14.27 -6.09
C GLY H 217 43.60 15.13 -5.46
N VAL H 218 43.61 16.41 -5.83
CA VAL H 218 42.61 17.35 -5.34
C VAL H 218 41.53 17.51 -6.39
N GLY H 219 40.85 18.66 -6.39
CA GLY H 219 39.80 18.92 -7.36
C GLY H 219 40.20 19.92 -8.43
N SER H 220 40.92 20.97 -8.03
CA SER H 220 41.35 21.99 -8.97
C SER H 220 42.80 22.36 -8.68
N TYR H 221 43.51 22.77 -9.73
CA TYR H 221 44.91 23.17 -9.61
C TYR H 221 45.20 24.17 -10.73
N LYS H 222 45.44 25.43 -10.33
CA LYS H 222 45.77 26.50 -11.28
C LYS H 222 44.67 26.68 -12.33
N GLY H 223 43.42 26.67 -11.88
CA GLY H 223 42.29 26.92 -12.75
C GLY H 223 41.84 25.74 -13.57
N ASP H 224 42.46 24.56 -13.41
CA ASP H 224 42.06 23.36 -14.12
C ASP H 224 41.25 22.48 -13.19
N ASN H 225 39.97 22.29 -13.49
CA ASN H 225 39.09 21.45 -12.70
C ASN H 225 38.95 20.08 -13.34
N TYR H 226 38.95 19.05 -12.50
CA TYR H 226 38.80 17.67 -12.95
C TYR H 226 38.01 16.90 -11.91
N TRP H 227 37.84 15.60 -12.14
CA TRP H 227 37.19 14.73 -11.18
C TRP H 227 37.85 14.87 -9.82
N TRP H 228 37.03 14.88 -8.77
CA TRP H 228 37.55 14.90 -7.41
C TRP H 228 38.49 13.72 -7.20
N GLY H 229 39.72 14.01 -6.77
CA GLY H 229 40.73 13.01 -6.61
C GLY H 229 41.58 12.74 -7.84
N GLY H 230 41.13 13.19 -9.01
CA GLY H 230 41.86 12.99 -10.25
C GLY H 230 42.80 14.10 -10.65
N GLN H 231 42.73 15.26 -9.99
CA GLN H 231 43.60 16.38 -10.32
C GLN H 231 44.95 16.18 -9.64
N LEU H 232 45.92 15.69 -10.40
CA LEU H 232 47.27 15.47 -9.90
C LEU H 232 48.31 16.25 -10.69
N GLN H 233 47.89 17.36 -11.33
CA GLN H 233 48.83 18.18 -12.08
C GLN H 233 49.88 18.82 -11.19
N GLY H 234 49.62 18.92 -9.88
CA GLY H 234 50.58 19.50 -8.97
C GLY H 234 51.76 18.62 -8.63
N VAL H 235 51.70 17.34 -8.97
CA VAL H 235 52.80 16.43 -8.66
C VAL H 235 54.05 16.82 -9.45
N LYS H 236 53.87 17.33 -10.67
CA LYS H 236 55.01 17.61 -11.54
C LYS H 236 55.97 18.62 -10.91
N ASP H 237 55.42 19.67 -10.29
CA ASP H 237 56.25 20.71 -9.69
C ASP H 237 56.42 20.55 -8.18
N ARG H 238 55.44 19.96 -7.49
CA ARG H 238 55.50 19.77 -6.04
C ARG H 238 55.08 18.35 -5.72
N PRO H 239 55.97 17.37 -5.94
CA PRO H 239 55.60 15.98 -5.65
C PRO H 239 55.57 15.71 -4.16
N ILE H 240 54.86 14.64 -3.79
CA ILE H 240 54.84 14.19 -2.41
C ILE H 240 56.21 13.63 -2.04
N GLN H 241 56.69 13.99 -0.86
CA GLN H 241 58.03 13.58 -0.41
C GLN H 241 57.94 13.09 1.02
N LEU H 242 58.27 11.82 1.24
CA LEU H 242 58.20 11.17 2.53
C LEU H 242 59.59 10.85 3.06
N ASN H 243 59.66 10.53 4.36
CA ASN H 243 60.94 10.20 4.98
C ASN H 243 61.45 8.82 4.62
N VAL H 244 60.58 7.94 4.11
CA VAL H 244 60.97 6.63 3.62
C VAL H 244 60.74 6.59 2.12
N ALA H 245 61.76 6.20 1.37
CA ALA H 245 61.69 6.23 -0.08
C ALA H 245 60.88 5.04 -0.62
N ASN H 246 60.45 5.17 -1.87
CA ASN H 246 59.81 4.09 -2.62
C ASN H 246 58.48 3.66 -1.99
N ARG H 247 57.73 4.62 -1.45
CA ARG H 247 56.47 4.33 -0.80
C ARG H 247 55.27 5.05 -1.39
N VAL H 248 55.47 6.10 -2.18
CA VAL H 248 54.38 6.97 -2.62
C VAL H 248 53.72 6.39 -3.86
N VAL H 249 52.40 6.25 -3.81
CA VAL H 249 51.58 5.83 -4.95
C VAL H 249 50.48 6.86 -5.13
N TYR H 250 50.42 7.45 -6.32
CA TYR H 250 49.42 8.47 -6.60
C TYR H 250 48.15 7.83 -7.14
N SER H 251 47.01 8.29 -6.63
CA SER H 251 45.72 7.66 -6.92
C SER H 251 44.72 8.66 -7.48
N PRO H 252 44.50 8.65 -8.79
CA PRO H 252 43.43 9.46 -9.36
C PRO H 252 42.07 8.73 -9.31
N HIS H 253 41.02 9.53 -9.43
CA HIS H 253 39.68 9.03 -9.65
C HIS H 253 39.19 9.53 -11.01
N ASP H 254 38.43 8.70 -11.71
CA ASP H 254 37.95 9.06 -13.04
C ASP H 254 36.59 8.42 -13.26
N TYR H 255 35.68 9.16 -13.89
CA TYR H 255 34.29 8.76 -14.02
C TYR H 255 33.75 9.18 -15.38
N PRO H 256 32.61 8.60 -15.80
CA PRO H 256 32.10 8.92 -17.14
C PRO H 256 30.99 9.95 -17.17
N ASN H 257 30.36 10.09 -18.34
CA ASN H 257 29.33 11.11 -18.54
C ASN H 257 28.11 10.87 -17.65
N SER H 258 27.79 9.61 -17.37
CA SER H 258 26.61 9.31 -16.55
C SER H 258 26.75 9.84 -15.13
N VAL H 259 27.98 9.89 -14.61
CA VAL H 259 28.18 10.45 -13.27
C VAL H 259 28.07 11.97 -13.32
N TRP H 260 28.60 12.59 -14.37
CA TRP H 260 28.46 14.03 -14.57
C TRP H 260 28.84 14.36 -16.01
N GLN H 261 28.07 15.25 -16.62
CA GLN H 261 28.34 15.71 -17.98
C GLN H 261 29.38 16.83 -17.90
N GLN H 262 30.63 16.50 -18.15
CA GLN H 262 31.73 17.45 -18.11
C GLN H 262 32.15 17.84 -19.52
N PRO H 263 32.81 18.98 -19.68
CA PRO H 263 33.10 19.47 -21.04
C PRO H 263 33.87 18.50 -21.92
N TRP H 264 34.74 17.66 -21.37
CA TRP H 264 35.51 16.76 -22.22
C TRP H 264 34.69 15.57 -22.72
N PHE H 265 33.39 15.54 -22.45
CA PHE H 265 32.49 14.55 -23.02
C PHE H 265 31.61 15.12 -24.14
N GLN H 266 31.71 16.42 -24.40
CA GLN H 266 30.92 17.06 -25.46
C GLN H 266 31.62 16.95 -26.80
N PHE H 270 34.65 13.23 -28.99
CA PHE H 270 35.28 13.55 -27.72
C PHE H 270 36.25 12.45 -27.29
N GLY H 271 35.98 11.22 -27.75
CA GLY H 271 36.78 10.08 -27.32
C GLY H 271 38.23 10.16 -27.74
N ALA H 272 38.50 10.77 -28.90
CA ALA H 272 39.88 10.91 -29.35
C ALA H 272 40.69 11.81 -28.43
N GLY H 273 40.03 12.74 -27.74
CA GLY H 273 40.70 13.59 -26.78
C GLY H 273 40.83 13.02 -25.38
N LEU H 274 40.19 11.87 -25.13
CA LEU H 274 40.25 11.30 -23.79
C LEU H 274 41.65 10.84 -23.39
N PRO H 275 42.41 10.13 -24.24
CA PRO H 275 43.77 9.74 -23.82
C PRO H 275 44.64 10.91 -23.39
N ALA H 276 44.56 12.04 -24.11
CA ALA H 276 45.33 13.21 -23.70
C ALA H 276 44.80 13.82 -22.41
N LYS H 277 43.48 13.72 -22.18
CA LYS H 277 42.92 14.24 -20.94
C LYS H 277 43.43 13.44 -19.74
N PHE H 278 43.41 12.11 -19.84
CA PHE H 278 43.94 11.28 -18.78
C PHE H 278 45.39 11.63 -18.45
N ARG H 279 46.21 11.81 -19.50
CA ARG H 279 47.63 12.09 -19.29
C ARG H 279 47.82 13.47 -18.66
N SER H 280 47.04 14.46 -19.10
CA SER H 280 47.21 15.82 -18.60
C SER H 280 46.89 15.93 -17.12
N GLU H 281 46.00 15.08 -16.61
CA GLU H 281 45.56 15.19 -15.24
C GLU H 281 46.38 14.32 -14.28
N TRP H 282 46.75 13.11 -14.69
CA TRP H 282 47.44 12.19 -13.79
C TRP H 282 48.28 11.16 -14.53
N GLY H 283 47.91 10.87 -15.78
CA GLY H 283 48.59 9.81 -16.52
C GLY H 283 50.06 10.11 -16.77
N TYR H 284 50.42 11.40 -16.84
CA TYR H 284 51.82 11.76 -17.05
C TYR H 284 52.73 11.20 -15.97
N ILE H 285 52.20 11.01 -14.76
CA ILE H 285 53.01 10.49 -13.66
C ILE H 285 53.56 9.12 -14.01
N TYR H 286 52.72 8.25 -14.58
CA TYR H 286 53.16 6.91 -14.97
C TYR H 286 54.02 6.95 -16.23
N GLU H 287 53.60 7.72 -17.24
CA GLU H 287 54.29 7.70 -18.53
C GLU H 287 55.73 8.20 -18.41
N GLN H 288 56.01 9.05 -17.42
CA GLN H 288 57.34 9.59 -17.23
C GLN H 288 58.10 8.90 -16.10
N ASN H 289 57.63 7.73 -15.66
CA ASN H 289 58.31 6.92 -14.64
C ASN H 289 58.51 7.69 -13.34
N ILE H 290 57.60 8.60 -13.03
CA ILE H 290 57.72 9.39 -11.81
C ILE H 290 57.34 8.56 -10.59
N ALA H 291 56.19 7.90 -10.65
CA ALA H 291 55.66 7.13 -9.53
C ALA H 291 54.53 6.25 -10.06
N PRO H 292 54.16 5.20 -9.33
CA PRO H 292 53.03 4.36 -9.78
C PRO H 292 51.73 5.13 -9.77
N ILE H 293 50.80 4.65 -10.60
CA ILE H 293 49.45 5.20 -10.66
C ILE H 293 48.47 4.10 -10.28
N TYR H 294 47.55 4.42 -9.38
CA TYR H 294 46.53 3.47 -8.93
C TYR H 294 45.19 4.22 -8.92
N ILE H 295 44.40 4.02 -9.98
CA ILE H 295 43.07 4.63 -10.03
C ILE H 295 42.21 3.99 -8.95
N GLY H 296 41.93 4.74 -7.89
CA GLY H 296 41.17 4.20 -6.78
C GLY H 296 39.71 4.01 -7.08
N GLU H 297 39.16 4.81 -8.01
CA GLU H 297 37.73 4.76 -8.28
C GLU H 297 37.45 5.00 -9.75
N PHE H 298 36.64 4.12 -10.34
CA PHE H 298 36.03 4.33 -11.64
C PHE H 298 34.92 3.32 -11.81
N GLY H 299 33.80 3.76 -12.39
CA GLY H 299 32.64 2.90 -12.52
C GLY H 299 31.62 3.49 -13.47
N THR H 300 30.70 2.63 -13.91
CA THR H 300 29.67 3.02 -14.87
C THR H 300 28.63 1.91 -14.95
N LYS H 301 27.42 2.29 -15.34
CA LYS H 301 26.36 1.34 -15.62
C LYS H 301 26.36 0.87 -17.07
N LEU H 302 27.18 1.49 -17.94
CA LEU H 302 27.27 1.15 -19.35
C LEU H 302 25.91 1.27 -20.05
N ILE H 303 25.10 2.23 -19.63
CA ILE H 303 23.84 2.54 -20.29
C ILE H 303 23.93 3.81 -21.12
N ASP H 304 24.55 4.85 -20.57
CA ASP H 304 24.89 6.04 -21.32
C ASP H 304 25.92 5.67 -22.39
N PRO H 305 25.66 5.95 -23.67
CA PRO H 305 26.63 5.55 -24.71
C PRO H 305 28.00 6.19 -24.54
N LYS H 306 28.06 7.41 -23.99
CA LYS H 306 29.35 8.05 -23.77
C LYS H 306 30.15 7.36 -22.67
N ASP H 307 29.51 6.53 -21.85
CA ASP H 307 30.24 5.77 -20.83
C ASP H 307 31.14 4.72 -21.48
N ALA H 308 30.60 3.95 -22.44
CA ALA H 308 31.38 2.90 -23.07
C ALA H 308 32.57 3.45 -23.84
N VAL H 309 32.43 4.63 -24.44
CA VAL H 309 33.56 5.29 -25.08
C VAL H 309 34.61 5.66 -24.04
N TRP H 310 34.17 6.20 -22.91
CA TRP H 310 35.10 6.58 -21.85
C TRP H 310 35.82 5.38 -21.27
N LEU H 311 35.10 4.28 -21.05
CA LEU H 311 35.70 3.10 -20.45
C LEU H 311 36.64 2.38 -21.42
N GLU H 312 36.28 2.34 -22.70
CA GLU H 312 37.16 1.73 -23.69
C GLU H 312 38.48 2.50 -23.80
N ALA H 313 38.40 3.83 -23.75
CA ALA H 313 39.62 4.63 -23.79
C ALA H 313 40.38 4.56 -22.48
N LEU H 314 39.66 4.54 -21.35
CA LEU H 314 40.33 4.43 -20.06
C LEU H 314 41.05 3.10 -19.94
N THR H 315 40.34 1.99 -20.15
CA THR H 315 40.96 0.67 -20.07
C THR H 315 42.14 0.54 -21.02
N SER H 316 42.10 1.23 -22.16
CA SER H 316 43.23 1.18 -23.09
C SER H 316 44.40 1.99 -22.56
N TYR H 317 44.14 3.18 -22.01
CA TYR H 317 45.21 3.96 -21.41
C TYR H 317 45.86 3.20 -20.25
N LEU H 318 45.04 2.50 -19.46
CA LEU H 318 45.58 1.77 -18.31
C LEU H 318 46.47 0.62 -18.76
N SER H 319 46.09 -0.05 -19.86
CA SER H 319 46.87 -1.18 -20.34
C SER H 319 48.24 -0.77 -20.86
N GLY H 320 48.48 0.52 -21.08
CA GLY H 320 49.70 1.01 -21.67
C GLY H 320 49.55 1.60 -23.04
N ASP H 321 48.35 1.60 -23.60
CA ASP H 321 48.07 2.17 -24.92
C ASP H 321 47.67 3.63 -24.71
N PHE H 322 48.68 4.50 -24.64
CA PHE H 322 48.46 5.89 -24.26
C PHE H 322 47.74 6.71 -25.33
N ASP H 323 47.65 6.22 -26.56
CA ASP H 323 46.91 6.90 -27.61
C ASP H 323 45.76 6.06 -28.15
N ASN H 324 45.49 4.91 -27.55
CA ASN H 324 44.33 4.07 -27.87
C ASN H 324 44.32 3.65 -29.34
N ASN H 325 45.49 3.41 -29.92
CA ASN H 325 45.54 2.92 -31.30
C ASN H 325 45.37 1.41 -31.40
N GLY H 326 45.57 0.69 -30.30
CA GLY H 326 45.45 -0.76 -30.30
C GLY H 326 46.65 -1.48 -29.75
N THR H 327 47.83 -0.87 -29.86
CA THR H 327 49.07 -1.47 -29.41
C THR H 327 49.49 -0.91 -28.06
N ILE H 328 50.11 -1.76 -27.25
CA ILE H 328 50.64 -1.34 -25.96
C ILE H 328 51.98 -0.64 -26.17
N ASP H 329 52.19 0.46 -25.45
CA ASP H 329 53.37 1.31 -25.64
C ASP H 329 54.38 1.17 -24.51
N ILE H 330 54.26 0.13 -23.68
CA ILE H 330 55.14 -0.04 -22.53
C ILE H 330 55.98 -1.31 -22.72
N PRO H 331 57.20 -1.37 -22.16
CA PRO H 331 58.04 -2.57 -22.27
C PRO H 331 57.53 -3.73 -21.40
N THR H 334 56.76 -2.84 -17.30
CA THR H 334 56.51 -4.27 -17.38
C THR H 334 55.07 -4.59 -17.00
N GLU H 335 54.57 -3.92 -15.97
CA GLU H 335 53.17 -4.05 -15.55
C GLU H 335 52.44 -2.73 -15.77
N ASP H 336 51.16 -2.84 -16.11
CA ASP H 336 50.35 -1.67 -16.39
C ASP H 336 49.81 -1.06 -15.10
N MET H 337 49.07 0.05 -15.24
CA MET H 337 48.60 0.80 -14.08
C MET H 337 47.66 -0.03 -13.23
N SER H 338 47.66 0.27 -11.93
CA SER H 338 46.77 -0.38 -10.98
C SER H 338 45.43 0.36 -10.91
N TRP H 339 44.41 -0.34 -10.42
CA TRP H 339 43.08 0.23 -10.36
C TRP H 339 42.19 -0.60 -9.44
N THR H 340 41.19 0.06 -8.87
CA THR H 340 40.10 -0.62 -8.16
C THR H 340 38.78 -0.06 -8.67
N PHE H 341 37.92 -0.95 -9.16
CA PHE H 341 36.64 -0.55 -9.74
C PHE H 341 35.66 -0.12 -8.67
N TRP H 342 34.86 0.91 -8.97
CA TRP H 342 33.78 1.35 -8.11
C TRP H 342 32.46 0.91 -8.75
N SER H 343 31.80 -0.09 -8.16
CA SER H 343 32.23 -0.75 -6.93
C SER H 343 31.84 -2.21 -6.96
N TRP H 344 32.26 -2.96 -5.93
CA TRP H 344 31.70 -4.29 -5.73
C TRP H 344 30.21 -4.20 -5.43
N ASN H 345 29.83 -3.25 -4.59
CA ASN H 345 28.45 -3.07 -4.19
C ASN H 345 27.57 -2.74 -5.40
N PRO H 346 26.31 -3.15 -5.36
CA PRO H 346 25.35 -2.63 -6.35
C PRO H 346 24.69 -1.34 -5.89
N ASN H 347 24.69 -1.09 -4.58
CA ASN H 347 23.90 0.01 -4.02
C ASN H 347 24.61 1.36 -4.15
N SER H 348 25.16 1.64 -5.33
CA SER H 348 25.64 2.97 -5.69
C SER H 348 24.75 3.46 -6.83
N GLY H 349 23.93 4.47 -6.55
CA GLY H 349 22.84 4.81 -7.45
C GLY H 349 23.30 5.22 -8.84
N ASP H 350 24.42 5.95 -8.91
CA ASP H 350 24.84 6.48 -10.21
C ASP H 350 25.57 5.45 -11.04
N THR H 351 26.42 4.63 -10.42
CA THR H 351 27.30 3.73 -11.16
C THR H 351 26.89 2.27 -11.11
N GLY H 352 26.07 1.87 -10.15
CA GLY H 352 25.91 0.44 -9.95
C GLY H 352 27.24 -0.18 -9.53
N GLY H 353 27.42 -1.45 -9.85
CA GLY H 353 28.67 -2.09 -9.54
C GLY H 353 28.86 -3.40 -10.25
N ILE H 354 29.80 -4.19 -9.74
CA ILE H 354 30.04 -5.53 -10.30
C ILE H 354 28.87 -6.44 -10.00
N LEU H 355 28.36 -6.41 -8.77
CA LEU H 355 27.21 -7.21 -8.39
C LEU H 355 25.92 -6.52 -8.83
N ALA H 356 24.95 -7.32 -9.24
CA ALA H 356 23.62 -6.81 -9.53
C ALA H 356 22.89 -6.51 -8.22
N ASP H 357 21.68 -5.97 -8.34
CA ASP H 357 20.93 -5.56 -7.15
C ASP H 357 20.55 -6.74 -6.25
N ASP H 358 20.57 -7.97 -6.78
CA ASP H 358 20.34 -9.14 -5.93
C ASP H 358 21.56 -9.48 -5.07
N TRP H 359 22.63 -8.69 -5.17
CA TRP H 359 23.86 -8.89 -4.41
C TRP H 359 24.52 -10.23 -4.68
N ARG H 360 24.14 -10.89 -5.79
CA ARG H 360 24.62 -12.23 -6.11
C ARG H 360 25.07 -12.38 -7.55
N THR H 361 24.35 -11.81 -8.50
CA THR H 361 24.65 -11.99 -9.91
C THR H 361 25.67 -10.96 -10.38
N ILE H 362 26.58 -11.40 -11.24
CA ILE H 362 27.66 -10.56 -11.75
C ILE H 362 27.19 -9.88 -13.04
N ASN H 363 27.46 -8.59 -13.15
CA ASN H 363 27.23 -7.85 -14.39
C ASN H 363 28.35 -8.19 -15.37
N GLN H 364 28.05 -9.10 -16.30
CA GLN H 364 29.13 -9.66 -17.14
C GLN H 364 29.65 -8.65 -18.14
N ASN H 365 28.81 -7.71 -18.61
CA ASN H 365 29.29 -6.75 -19.61
C ASN H 365 30.35 -5.83 -19.04
N LYS H 366 30.32 -5.57 -17.72
CA LYS H 366 31.39 -4.80 -17.09
C LYS H 366 32.67 -5.61 -17.02
N MET H 367 32.55 -6.92 -16.76
CA MET H 367 33.73 -7.77 -16.67
C MET H 367 34.45 -7.89 -18.00
N VAL H 368 33.70 -7.82 -19.12
CA VAL H 368 34.31 -7.88 -20.44
C VAL H 368 35.35 -6.76 -20.60
N TYR H 369 35.07 -5.59 -20.00
CA TYR H 369 36.02 -4.49 -20.04
C TYR H 369 37.20 -4.71 -19.10
N LEU H 370 36.92 -5.22 -17.90
CA LEU H 370 37.95 -5.27 -16.85
C LEU H 370 38.87 -6.48 -16.99
N LYS H 371 38.38 -7.59 -17.55
CA LYS H 371 39.19 -8.80 -17.62
C LYS H 371 40.53 -8.61 -18.32
N PRO H 372 40.65 -7.89 -19.44
CA PRO H 372 41.97 -7.77 -20.08
C PRO H 372 43.00 -7.00 -19.28
N ILE H 373 42.59 -6.22 -18.28
CA ILE H 373 43.52 -5.39 -17.52
C ILE H 373 43.63 -5.84 -16.07
N GLN H 374 43.14 -7.04 -15.74
CA GLN H 374 43.35 -7.59 -14.42
C GLN H 374 44.73 -8.21 -14.33
N TYR H 375 45.31 -8.19 -13.12
CA TYR H 375 46.62 -8.78 -12.90
C TYR H 375 46.53 -10.30 -12.98
N THR H 376 47.30 -10.89 -13.89
CA THR H 376 47.36 -12.34 -14.05
C THR H 376 48.78 -12.87 -13.89
N GLY H 377 49.65 -12.12 -13.23
CA GLY H 377 51.02 -12.55 -13.03
C GLY H 377 51.19 -13.57 -11.92
BR BR I . -23.04 23.97 -16.58
BR BR J . -3.05 12.58 -24.60
BR BR K . 5.61 -7.73 10.07
BR BR L . 24.94 6.53 7.22
BR BR M . -26.68 4.65 -15.78
BR BR N . -33.16 13.98 5.84
BR BR O . -12.22 2.41 -4.75
BR BR P . 16.78 -15.91 -3.59
BR BR Q . -11.84 22.01 -2.08
BR BR R . 10.85 -33.39 12.04
BR BR S . 18.08 -12.97 22.98
BR BR T . 30.77 -16.91 8.74
#